data_8CYB
#
_entry.id   8CYB
#
_cell.length_a   1.00
_cell.length_b   1.00
_cell.length_c   1.00
_cell.angle_alpha   90.00
_cell.angle_beta   90.00
_cell.angle_gamma   90.00
#
_symmetry.space_group_name_H-M   'P 1'
#
loop_
_entity.id
_entity.type
_entity.pdbx_description
1 polymer 'Spike glycoprotein'
2 polymer 'pan-sarbecovirus nanobody 1-8'
3 branched 2-acetamido-2-deoxy-beta-D-glucopyranose-(1-4)-2-acetamido-2-deoxy-beta-D-glucopyranose
4 branched alpha-D-mannopyranose-(1-3)-[alpha-D-mannopyranose-(1-6)]beta-D-mannopyranose-(1-4)-2-acetamido-2-deoxy-beta-D-glucopyranose-(1-4)-2-acetamido-2-deoxy-beta-D-glucopyranose
5 branched alpha-L-fucopyranose-(1-2)-beta-D-galactopyranose-(1-4)-alpha-L-fucopyranose-(1-6)-[beta-D-mannopyranose-(1-4)-2-acetamido-2-deoxy-beta-D-glucopyranose-(1-4)]2-acetamido-2-deoxy-beta-D-glucopyranose
6 branched beta-D-mannopyranose-(1-4)-2-acetamido-2-deoxy-beta-D-glucopyranose-(1-4)-2-acetamido-2-deoxy-beta-D-glucopyranose
7 branched beta-D-mannopyranose-(1-4)-2-acetamido-2-deoxy-beta-D-glucopyranose-(1-4)-[alpha-L-fucopyranose-(1-3)]2-acetamido-2-deoxy-beta-D-glucopyranose
8 branched alpha-D-mannopyranose-(1-3)-beta-D-mannopyranose-(1-4)-2-acetamido-2-deoxy-beta-D-glucopyranose-(1-4)-2-acetamido-2-deoxy-beta-D-glucopyranose
9 branched alpha-L-fucopyranose-(1-3)-[2-acetamido-2-deoxy-beta-D-glucopyranose-(1-4)]2-acetamido-2-deoxy-beta-D-glucopyranose
10 non-polymer 2-acetamido-2-deoxy-beta-D-glucopyranose
11 non-polymer 1-deoxy-alpha-D-mannopyranose
#
loop_
_entity_poly.entity_id
_entity_poly.type
_entity_poly.pdbx_seq_one_letter_code
_entity_poly.pdbx_strand_id
1 'polypeptide(L)'
;MFVFLVLLPLVSSQCVNLTTRTQLPPAYTNSFTRGVYYPDKVFRSSVLHSTQDLFLPFFSNVTWFHAIHVSGTNGTKRFD
NPVLPFNDGVYFASTEKSNIIRGWIFGTTLDSKTQSLLIVNNATNVVIKVCEFQFCNDPFLGVYYHKNNKSWMESEFRVY
SSANNCTFEYVSQPFLMDLEGKQGNFKNLREFVFKNIDGYFKIYSKHTPINLVRDLPQGFSALEPLVDLPIGINITRFQT
LLALHRSYLTPGDSSSGWTAGAAAYYVGYLQPRTFLLKYNENGTITDAVDCALDPLSETKCTLKSFTVEKGIYQTSNFRV
QPTESIVRFPNITNLCPFGEVFNATRFASVYAWNRKRISNCVADYSVLYNSASFSTFKCYGVSPTKLNDLCFTNVYADSF
VIRGDEVRQIAPGQTGKIADYNYKLPDDFTGCVIAWNSNNLDSKVGGNYNYLYRLFRKSNLKPFERDISTEIYQAGSTPC
NGVEGFNCYFPLQSYGFQPTNGVGYQPYRVVVLSFELLHAPATVCGPKKSTNLVKNKCVNFNFNGLTGTGVLTESNKKFL
PFQQFGRDIADTTDAVRDPQTLEILDITPCSFGGVSVITPGTNTSNQVAVLYQDVNCTEVPVAIHADQLTPTWRVYSTGS
NVFQTRAGCLIGAEHVNNSYECDIPIGAGICASYQTQTNSPRRARSVASQSIIAYTMSLGAENSVAYSNNSIAIPTNFTI
SVTTEILPVSMTKTSVDCTMYICGDSTECSNLLLQYGSFCTQLNRALTGIAVEQDKNTQEVFAQVKQIYKTPPIKDFGGF
NFSQILPDPSKPSKRSFIEDLLFNKVTLADAGFIKQYGDCLGDIAARDLICAQKFNGLTVLPPLLTDEMIAQYTSALLAG
TITSGWTFGAGAALQIPFAMQMAYRFNGIGVTQNVLYENQKLIANQFNSAIGKIQDSLSSTASALGKLQDVVNQNAQALN
TLVKQLSSNFGAISSVLNDILSRLDPPEAEVQIDRLITGRLQSLQTYVTQQLIRAAEIRASANLAATKMSECVLGQSKRV
DFCGKGYHLMSFPQSAPHGVVFLHVTYVPAQEKNFTTAPAICHDGKAHFPREGVFVSNGTHWFVTQRNFYEPQIITTDNT
FVSGNCDVVIGIVNNTVYDPLQPELDSFKEELDKYFKNHTSPDVDLGDISGINASVVNIQKEIDRLNEVAKNLNESLIDL
QELGKYEQYIKWPWYIWLGFIAGLIAIVMVTIMLCCMTSCCSCLKGCCSCGSCCKFDEDDSEPVLKGVKLHYT
;
A,B,C
2 'polypeptide(L)'
;NSQVQLVESGGGLVQTGGSLRLSCAASGRTFSNYVMGWFRQAPGKEREFVSSIEWNSENTFYANSVKGRFTISRDNAKNT
VYLQMNSLKAEDTAVYYCAADRGSSYYYTRASEYTYWGQGTQVTVSS
;
D
#
loop_
_chem_comp.id
_chem_comp.type
_chem_comp.name
_chem_comp.formula
AH2 D-saccharide 1-deoxy-alpha-D-mannopyranose 'C6 H12 O5'
BMA D-saccharide, beta linking beta-D-mannopyranose 'C6 H12 O6'
FUC L-saccharide, alpha linking alpha-L-fucopyranose 'C6 H12 O5'
GAL D-saccharide, beta linking beta-D-galactopyranose 'C6 H12 O6'
MAN D-saccharide, alpha linking alpha-D-mannopyranose 'C6 H12 O6'
NAG D-saccharide, beta linking 2-acetamido-2-deoxy-beta-D-glucopyranose 'C8 H15 N O6'
#
# COMPACT_ATOMS: atom_id res chain seq x y z
N SER A 13 -57.79 -22.92 32.41
CA SER A 13 -57.64 -21.51 32.05
C SER A 13 -57.72 -20.62 33.29
N GLN A 14 -58.53 -21.05 34.27
CA GLN A 14 -58.67 -20.29 35.50
C GLN A 14 -57.34 -20.22 36.25
N CYS A 15 -57.11 -19.09 36.89
CA CYS A 15 -55.85 -18.87 37.62
C CYS A 15 -55.94 -19.51 38.99
N VAL A 16 -54.97 -20.38 39.30
CA VAL A 16 -54.89 -21.05 40.59
C VAL A 16 -53.47 -20.86 41.11
N ASN A 17 -53.34 -20.25 42.29
CA ASN A 17 -52.04 -20.00 42.87
C ASN A 17 -51.44 -21.28 43.43
N LEU A 18 -50.13 -21.43 43.26
CA LEU A 18 -49.41 -22.60 43.76
C LEU A 18 -48.99 -22.34 45.20
N THR A 19 -49.60 -23.05 46.14
CA THR A 19 -49.31 -22.88 47.55
C THR A 19 -48.24 -23.87 48.00
N THR A 20 -47.82 -23.73 49.25
CA THR A 20 -46.81 -24.60 49.86
C THR A 20 -45.51 -24.56 49.04
N ARG A 21 -44.93 -23.37 48.96
CA ARG A 21 -43.68 -23.13 48.24
C ARG A 21 -42.56 -22.99 49.26
N THR A 22 -41.76 -24.03 49.42
CA THR A 22 -40.62 -24.01 50.33
C THR A 22 -39.43 -23.41 49.60
N GLN A 23 -39.20 -22.11 49.81
CA GLN A 23 -38.12 -21.43 49.13
C GLN A 23 -36.77 -21.99 49.57
N LEU A 24 -35.85 -22.11 48.62
CA LEU A 24 -34.51 -22.60 48.87
C LEU A 24 -33.49 -21.66 48.24
N PRO A 25 -32.27 -21.61 48.77
CA PRO A 25 -31.27 -20.71 48.22
C PRO A 25 -30.93 -21.10 46.80
N PRO A 26 -30.59 -20.13 45.94
CA PRO A 26 -30.23 -20.46 44.56
C PRO A 26 -28.97 -21.32 44.50
N ALA A 27 -28.92 -22.18 43.49
CA ALA A 27 -27.81 -23.10 43.30
C ALA A 27 -27.22 -22.91 41.90
N TYR A 28 -25.89 -22.93 41.82
CA TYR A 28 -25.17 -22.81 40.56
C TYR A 28 -24.33 -24.05 40.33
N THR A 29 -24.35 -24.57 39.10
CA THR A 29 -23.63 -25.78 38.75
C THR A 29 -22.76 -25.51 37.53
N ASN A 30 -21.56 -26.11 37.53
CA ASN A 30 -20.64 -25.92 36.43
C ASN A 30 -21.23 -26.47 35.14
N SER A 31 -21.15 -25.69 34.07
CA SER A 31 -21.69 -26.09 32.78
C SER A 31 -20.70 -26.92 31.96
N PHE A 32 -19.44 -26.99 32.36
CA PHE A 32 -18.42 -27.74 31.62
C PHE A 32 -18.41 -27.21 30.18
N THR A 33 -18.27 -28.07 29.18
CA THR A 33 -18.26 -27.69 27.78
C THR A 33 -19.55 -28.09 27.08
N ARG A 34 -20.66 -28.04 27.81
CA ARG A 34 -21.96 -28.45 27.29
C ARG A 34 -22.70 -27.22 26.74
N GLY A 35 -23.28 -27.38 25.56
CA GLY A 35 -24.03 -26.32 24.93
C GLY A 35 -23.28 -25.64 23.80
N VAL A 36 -23.58 -26.05 22.57
CA VAL A 36 -22.96 -25.48 21.37
C VAL A 36 -23.91 -25.72 20.21
N TYR A 37 -23.99 -24.74 19.30
CA TYR A 37 -24.91 -24.82 18.17
C TYR A 37 -24.22 -24.29 16.92
N TYR A 38 -24.77 -24.67 15.78
CA TYR A 38 -24.23 -24.22 14.50
C TYR A 38 -24.68 -22.79 14.24
N PRO A 39 -23.76 -21.83 14.11
CA PRO A 39 -24.20 -20.47 13.75
C PRO A 39 -24.90 -20.40 12.42
N ASP A 40 -24.48 -21.21 11.45
CA ASP A 40 -25.11 -21.26 10.13
C ASP A 40 -25.14 -22.71 9.67
N LYS A 41 -26.07 -22.99 8.76
CA LYS A 41 -26.25 -24.34 8.23
C LYS A 41 -25.50 -24.49 6.91
N VAL A 42 -24.17 -24.54 7.03
CA VAL A 42 -23.28 -24.70 5.89
C VAL A 42 -22.39 -25.90 6.16
N PHE A 43 -22.29 -26.80 5.19
CA PHE A 43 -21.47 -28.00 5.36
C PHE A 43 -20.00 -27.64 5.39
N ARG A 44 -19.26 -28.29 6.29
CA ARG A 44 -17.83 -28.11 6.41
C ARG A 44 -17.20 -29.46 6.74
N SER A 45 -16.09 -29.78 6.07
CA SER A 45 -15.45 -31.09 6.18
C SER A 45 -14.03 -30.90 6.69
N SER A 46 -13.73 -31.52 7.83
CA SER A 46 -12.37 -31.59 8.38
C SER A 46 -11.69 -30.22 8.33
N VAL A 47 -12.27 -29.27 9.07
CA VAL A 47 -11.76 -27.91 9.08
C VAL A 47 -12.07 -27.27 10.43
N LEU A 48 -11.15 -26.42 10.88
CA LEU A 48 -11.34 -25.63 12.09
C LEU A 48 -11.78 -24.22 11.70
N HIS A 49 -13.01 -23.85 12.07
CA HIS A 49 -13.59 -22.59 11.69
C HIS A 49 -13.83 -21.73 12.92
N SER A 50 -13.42 -20.47 12.85
CA SER A 50 -13.59 -19.52 13.94
C SER A 50 -14.78 -18.62 13.64
N THR A 51 -15.73 -18.54 14.57
CA THR A 51 -16.94 -17.77 14.39
C THR A 51 -17.26 -17.00 15.66
N GLN A 52 -17.63 -15.73 15.51
CA GLN A 52 -18.01 -14.88 16.62
C GLN A 52 -19.54 -14.75 16.64
N ASP A 53 -20.14 -15.09 17.77
CA ASP A 53 -21.59 -15.08 17.90
C ASP A 53 -21.93 -15.31 19.37
N LEU A 54 -23.23 -15.34 19.66
CA LEU A 54 -23.69 -15.66 21.01
C LEU A 54 -23.39 -17.11 21.33
N PHE A 55 -22.75 -17.36 22.47
CA PHE A 55 -22.43 -18.71 22.88
C PHE A 55 -22.38 -18.78 24.41
N LEU A 56 -22.52 -19.98 24.93
CA LEU A 56 -22.44 -20.20 26.37
C LEU A 56 -20.98 -20.33 26.78
N PRO A 57 -20.49 -19.50 27.71
CA PRO A 57 -19.09 -19.62 28.11
C PRO A 57 -18.78 -21.00 28.68
N PHE A 58 -17.58 -21.48 28.38
CA PHE A 58 -17.16 -22.78 28.87
C PHE A 58 -16.98 -22.76 30.38
N PHE A 59 -17.40 -23.83 31.03
CA PHE A 59 -17.28 -23.99 32.48
C PHE A 59 -18.04 -22.90 33.25
N SER A 60 -19.05 -22.30 32.62
CA SER A 60 -19.84 -21.29 33.30
C SER A 60 -20.77 -21.92 34.33
N ASN A 61 -21.11 -21.14 35.35
CA ASN A 61 -22.03 -21.58 36.40
C ASN A 61 -23.45 -21.24 35.96
N VAL A 62 -24.28 -22.26 35.77
CA VAL A 62 -25.66 -22.10 35.33
C VAL A 62 -26.58 -22.38 36.51
N THR A 63 -27.73 -21.71 36.50
CA THR A 63 -28.67 -21.85 37.61
C THR A 63 -29.37 -23.21 37.56
N TRP A 64 -29.52 -23.83 38.73
CA TRP A 64 -30.08 -25.16 38.88
C TRP A 64 -31.49 -25.03 39.45
N PHE A 65 -32.44 -25.77 38.88
CA PHE A 65 -33.80 -25.81 39.38
C PHE A 65 -34.28 -27.25 39.46
N HIS A 66 -34.93 -27.59 40.56
CA HIS A 66 -35.36 -28.95 40.85
C HIS A 66 -36.87 -29.09 40.64
N ALA A 67 -37.31 -30.34 40.60
CA ALA A 67 -38.74 -30.67 40.59
C ALA A 67 -38.87 -32.05 41.22
N ILE A 68 -39.23 -32.08 42.50
CA ILE A 68 -39.33 -33.31 43.28
C ILE A 68 -40.38 -33.10 44.36
N HIS A 69 -40.73 -34.20 45.04
CA HIS A 69 -41.71 -34.14 46.13
C HIS A 69 -41.34 -35.22 47.14
N VAL A 70 -40.70 -34.81 48.23
CA VAL A 70 -40.35 -35.75 49.29
C VAL A 70 -41.62 -36.16 50.04
N SER A 71 -41.54 -37.32 50.70
CA SER A 71 -42.70 -37.92 51.36
C SER A 71 -42.71 -37.71 52.87
N GLY A 72 -41.65 -38.11 53.57
CA GLY A 72 -41.73 -38.22 55.01
C GLY A 72 -41.85 -36.91 55.79
N THR A 73 -40.75 -36.17 55.91
CA THR A 73 -40.76 -34.96 56.74
C THR A 73 -40.04 -33.77 56.12
N ASN A 74 -39.24 -33.96 55.06
CA ASN A 74 -38.45 -32.86 54.54
C ASN A 74 -39.35 -31.75 53.99
N GLY A 75 -40.46 -32.11 53.35
CA GLY A 75 -41.37 -31.11 52.82
C GLY A 75 -40.75 -30.20 51.80
N THR A 76 -39.99 -30.75 50.85
CA THR A 76 -39.36 -29.93 49.83
C THR A 76 -40.40 -29.18 49.01
N LYS A 77 -41.38 -29.90 48.45
CA LYS A 77 -42.48 -29.32 47.70
C LYS A 77 -42.00 -28.19 46.80
N ARG A 78 -41.04 -28.53 45.94
CA ARG A 78 -40.39 -27.55 45.08
C ARG A 78 -41.07 -27.53 43.72
N PHE A 79 -41.65 -26.38 43.36
CA PHE A 79 -42.22 -26.12 42.06
C PHE A 79 -41.54 -24.87 41.52
N ASP A 80 -40.43 -25.05 40.82
CA ASP A 80 -39.60 -23.93 40.37
C ASP A 80 -40.21 -23.33 39.11
N ASN A 81 -40.90 -22.20 39.26
CA ASN A 81 -41.42 -21.44 38.13
C ASN A 81 -41.17 -19.95 38.34
N PRO A 82 -39.89 -19.51 38.33
CA PRO A 82 -39.61 -18.08 38.43
C PRO A 82 -39.71 -17.37 37.09
N VAL A 83 -39.32 -16.10 37.05
CA VAL A 83 -39.54 -15.24 35.90
C VAL A 83 -38.20 -14.76 35.33
N LEU A 84 -37.18 -15.63 35.38
CA LEU A 84 -35.81 -15.29 34.96
C LEU A 84 -35.79 -14.39 33.74
N PRO A 85 -34.96 -13.34 33.73
CA PRO A 85 -34.86 -12.50 32.53
C PRO A 85 -34.24 -13.25 31.37
N PHE A 86 -34.60 -12.83 30.15
CA PHE A 86 -34.16 -13.51 28.94
C PHE A 86 -32.83 -13.01 28.42
N ASN A 87 -32.60 -11.70 28.49
CA ASN A 87 -31.34 -11.09 28.00
C ASN A 87 -31.25 -11.36 26.50
N ASP A 88 -30.06 -11.63 25.95
CA ASP A 88 -29.88 -11.81 24.52
C ASP A 88 -30.12 -13.24 24.06
N GLY A 89 -30.23 -14.19 24.98
CA GLY A 89 -30.45 -15.58 24.61
C GLY A 89 -30.54 -16.44 25.84
N VAL A 90 -30.99 -17.67 25.65
CA VAL A 90 -31.18 -18.61 26.74
C VAL A 90 -30.71 -19.99 26.32
N TYR A 91 -30.01 -20.66 27.22
CA TYR A 91 -29.66 -22.08 27.08
C TYR A 91 -30.35 -22.84 28.20
N PHE A 92 -31.17 -23.82 27.84
CA PHE A 92 -32.04 -24.51 28.78
C PHE A 92 -31.79 -26.01 28.65
N ALA A 93 -31.24 -26.62 29.69
CA ALA A 93 -31.05 -28.06 29.75
C ALA A 93 -32.05 -28.66 30.70
N SER A 94 -32.58 -29.83 30.36
CA SER A 94 -33.60 -30.48 31.17
C SER A 94 -33.32 -31.98 31.24
N THR A 95 -33.14 -32.48 32.45
CA THR A 95 -32.95 -33.91 32.70
C THR A 95 -34.20 -34.45 33.38
N GLU A 96 -34.79 -35.49 32.77
CA GLU A 96 -36.02 -36.05 33.29
C GLU A 96 -36.24 -37.43 32.67
N LYS A 97 -37.32 -38.08 33.10
CA LYS A 97 -37.73 -39.38 32.57
C LYS A 97 -39.17 -39.35 32.12
N SER A 98 -40.01 -38.61 32.84
CA SER A 98 -41.45 -38.56 32.59
C SER A 98 -41.87 -37.31 31.82
N ASN A 99 -40.93 -36.52 31.31
CA ASN A 99 -41.24 -35.30 30.57
C ASN A 99 -42.04 -34.33 31.43
N ILE A 100 -41.52 -34.05 32.63
CA ILE A 100 -42.21 -33.15 33.55
C ILE A 100 -42.31 -31.76 32.95
N ILE A 101 -41.22 -31.27 32.37
CA ILE A 101 -41.23 -29.96 31.72
C ILE A 101 -41.96 -30.08 30.39
N ARG A 102 -42.91 -29.18 30.14
CA ARG A 102 -43.78 -29.28 28.99
C ARG A 102 -43.65 -28.13 28.00
N GLY A 103 -43.03 -27.02 28.37
CA GLY A 103 -42.92 -25.91 27.45
C GLY A 103 -42.30 -24.69 28.10
N TRP A 104 -42.42 -23.57 27.39
CA TRP A 104 -41.83 -22.31 27.81
C TRP A 104 -42.73 -21.15 27.42
N ILE A 105 -42.54 -20.03 28.10
CA ILE A 105 -43.28 -18.80 27.84
C ILE A 105 -42.26 -17.66 27.74
N PHE A 106 -42.39 -16.84 26.70
CA PHE A 106 -41.52 -15.70 26.47
C PHE A 106 -42.38 -14.43 26.38
N GLY A 107 -41.89 -13.35 26.97
CA GLY A 107 -42.61 -12.10 26.92
C GLY A 107 -41.89 -11.04 27.73
N THR A 108 -42.40 -9.80 27.60
CA THR A 108 -41.85 -8.67 28.33
C THR A 108 -42.61 -8.41 29.63
N THR A 109 -43.91 -8.18 29.52
CA THR A 109 -44.75 -7.93 30.69
C THR A 109 -45.63 -9.12 31.06
N LEU A 110 -45.74 -10.12 30.19
CA LEU A 110 -46.55 -11.30 30.46
C LEU A 110 -47.99 -10.92 30.82
N ASP A 111 -48.52 -9.95 30.08
CA ASP A 111 -49.90 -9.48 30.26
C ASP A 111 -50.58 -9.39 28.91
N SER A 112 -51.82 -8.90 28.91
CA SER A 112 -52.59 -8.78 27.68
C SER A 112 -52.25 -7.53 26.89
N LYS A 113 -51.46 -6.61 27.44
CA LYS A 113 -51.11 -5.38 26.74
C LYS A 113 -49.97 -5.56 25.74
N THR A 114 -49.24 -6.67 25.81
CA THR A 114 -48.13 -6.94 24.90
C THR A 114 -48.21 -8.38 24.42
N GLN A 115 -47.82 -8.59 23.17
CA GLN A 115 -47.82 -9.93 22.61
C GLN A 115 -46.79 -10.80 23.30
N SER A 116 -47.14 -12.06 23.53
CA SER A 116 -46.26 -13.01 24.20
C SER A 116 -46.33 -14.35 23.51
N LEU A 117 -45.24 -15.10 23.58
CA LEU A 117 -45.09 -16.38 22.90
C LEU A 117 -45.17 -17.52 23.91
N LEU A 118 -45.79 -18.62 23.50
CA LEU A 118 -45.97 -19.78 24.35
C LEU A 118 -45.77 -21.03 23.52
N ILE A 119 -44.83 -21.88 23.94
CA ILE A 119 -44.62 -23.20 23.34
C ILE A 119 -45.01 -24.22 24.40
N VAL A 120 -45.83 -25.20 24.02
CA VAL A 120 -46.32 -26.17 24.98
C VAL A 120 -46.61 -27.50 24.28
N ASN A 121 -46.28 -28.59 24.95
CA ASN A 121 -46.62 -29.93 24.47
C ASN A 121 -47.95 -30.33 25.10
N ASN A 122 -48.97 -30.49 24.25
CA ASN A 122 -50.32 -30.80 24.71
C ASN A 122 -50.52 -32.29 25.00
N ALA A 123 -49.44 -33.06 25.08
CA ALA A 123 -49.50 -34.50 25.32
C ALA A 123 -49.97 -35.25 24.08
N THR A 124 -50.34 -34.52 23.03
CA THR A 124 -50.72 -35.12 21.76
C THR A 124 -49.99 -34.43 20.62
N ASN A 125 -49.70 -33.14 20.79
CA ASN A 125 -49.02 -32.37 19.76
C ASN A 125 -48.37 -31.16 20.41
N VAL A 126 -47.41 -30.58 19.69
CA VAL A 126 -46.69 -29.40 20.15
C VAL A 126 -47.33 -28.16 19.52
N VAL A 127 -47.66 -27.18 20.35
CA VAL A 127 -48.33 -25.96 19.91
C VAL A 127 -47.44 -24.78 20.23
N ILE A 128 -47.19 -23.95 19.22
CA ILE A 128 -46.40 -22.73 19.37
C ILE A 128 -47.28 -21.57 18.95
N LYS A 129 -47.57 -20.67 19.89
CA LYS A 129 -48.48 -19.56 19.65
C LYS A 129 -47.83 -18.26 20.06
N VAL A 130 -48.32 -17.16 19.48
CA VAL A 130 -47.91 -15.82 19.86
C VAL A 130 -49.17 -14.96 19.90
N CYS A 131 -49.63 -14.67 21.12
CA CYS A 131 -50.87 -13.94 21.32
C CYS A 131 -50.72 -13.06 22.56
N GLU A 132 -51.66 -12.13 22.72
CA GLU A 132 -51.70 -11.26 23.88
C GLU A 132 -52.37 -12.00 25.04
N PHE A 133 -51.70 -13.05 25.49
CA PHE A 133 -52.24 -13.91 26.53
C PHE A 133 -52.38 -13.14 27.84
N GLN A 134 -53.40 -13.50 28.61
CA GLN A 134 -53.61 -12.95 29.95
C GLN A 134 -53.05 -13.96 30.96
N PHE A 135 -51.73 -13.95 31.09
CA PHE A 135 -51.06 -14.91 31.96
C PHE A 135 -51.48 -14.72 33.40
N CYS A 136 -51.57 -15.84 34.12
CA CYS A 136 -51.84 -15.79 35.55
C CYS A 136 -50.55 -15.53 36.32
N ASN A 137 -50.68 -15.37 37.64
CA ASN A 137 -49.50 -15.13 38.46
C ASN A 137 -48.54 -16.31 38.41
N ASP A 138 -49.06 -17.53 38.48
CA ASP A 138 -48.26 -18.75 38.48
C ASP A 138 -48.83 -19.72 37.44
N PRO A 139 -48.50 -19.52 36.16
CA PRO A 139 -48.97 -20.46 35.14
C PRO A 139 -48.50 -21.88 35.46
N PHE A 140 -49.39 -22.85 35.24
CA PHE A 140 -49.12 -24.22 35.62
C PHE A 140 -50.09 -25.19 34.95
N LEU A 141 -49.56 -26.20 34.27
CA LEU A 141 -50.37 -27.21 33.64
C LEU A 141 -50.89 -28.17 34.71
N GLY A 142 -51.50 -29.29 34.29
CA GLY A 142 -51.89 -30.30 35.26
C GLY A 142 -52.27 -31.62 34.63
N VAL A 143 -51.67 -32.71 35.12
CA VAL A 143 -51.89 -34.05 34.62
C VAL A 143 -52.51 -34.88 35.73
N TYR A 144 -53.54 -35.65 35.38
CA TYR A 144 -54.29 -36.46 36.35
C TYR A 144 -53.97 -37.94 36.16
N TYR A 145 -53.70 -38.63 37.26
CA TYR A 145 -53.53 -40.07 37.26
C TYR A 145 -54.86 -40.70 37.68
N HIS A 146 -55.58 -41.26 36.71
CA HIS A 146 -56.91 -41.79 36.95
C HIS A 146 -56.81 -43.25 37.39
N LYS A 147 -57.38 -43.54 38.56
CA LYS A 147 -57.42 -44.93 39.03
C LYS A 147 -58.42 -45.76 38.23
N ASN A 148 -59.61 -45.20 37.98
CA ASN A 148 -60.60 -45.91 37.18
C ASN A 148 -60.08 -46.17 35.77
N ASN A 149 -59.75 -45.10 35.05
CA ASN A 149 -59.15 -45.20 33.72
C ASN A 149 -57.64 -45.35 33.91
N LYS A 150 -57.13 -46.57 33.75
CA LYS A 150 -55.73 -46.87 34.02
C LYS A 150 -54.88 -46.29 32.90
N SER A 151 -54.62 -44.98 33.00
CA SER A 151 -53.81 -44.28 32.02
C SER A 151 -53.51 -42.88 32.58
N TRP A 152 -52.48 -42.26 32.02
CA TRP A 152 -52.07 -40.92 32.40
C TRP A 152 -52.36 -39.96 31.25
N MET A 153 -53.15 -38.93 31.52
CA MET A 153 -53.55 -37.96 30.51
C MET A 153 -53.58 -36.57 31.12
N GLU A 154 -53.26 -35.57 30.30
CA GLU A 154 -53.32 -34.19 30.75
C GLU A 154 -54.76 -33.78 31.03
N SER A 155 -54.96 -33.09 32.16
CA SER A 155 -56.30 -32.75 32.61
C SER A 155 -56.59 -31.26 32.59
N GLU A 156 -55.67 -30.43 33.10
CA GLU A 156 -55.93 -29.01 33.30
C GLU A 156 -54.90 -28.18 32.57
N PHE A 157 -55.36 -27.10 31.94
CA PHE A 157 -54.50 -26.09 31.31
C PHE A 157 -54.82 -24.76 31.97
N ARG A 158 -53.94 -24.32 32.87
CA ARG A 158 -54.15 -23.12 33.68
C ARG A 158 -53.05 -22.11 33.43
N VAL A 159 -52.72 -21.88 32.16
CA VAL A 159 -51.63 -20.97 31.80
C VAL A 159 -52.15 -19.55 31.67
N TYR A 160 -53.08 -19.33 30.75
CA TYR A 160 -53.64 -18.01 30.48
C TYR A 160 -55.15 -18.04 30.60
N SER A 161 -55.72 -16.99 31.17
CA SER A 161 -57.16 -16.92 31.35
C SER A 161 -57.87 -16.66 30.03
N SER A 162 -57.32 -15.77 29.20
CA SER A 162 -57.95 -15.41 27.94
C SER A 162 -56.89 -14.87 26.99
N ALA A 163 -57.23 -14.86 25.70
CA ALA A 163 -56.36 -14.34 24.67
C ALA A 163 -57.18 -13.52 23.69
N ASN A 164 -56.63 -12.39 23.25
CA ASN A 164 -57.31 -11.51 22.31
C ASN A 164 -56.27 -10.85 21.42
N ASN A 165 -56.69 -10.50 20.21
CA ASN A 165 -55.82 -9.84 19.23
C ASN A 165 -54.52 -10.62 19.06
N CYS A 166 -54.66 -11.94 18.89
CA CYS A 166 -53.51 -12.80 18.72
C CYS A 166 -52.84 -12.52 17.37
N THR A 167 -51.62 -13.06 17.21
CA THR A 167 -50.82 -12.82 16.02
C THR A 167 -50.43 -14.10 15.29
N PHE A 168 -50.08 -15.17 16.00
CA PHE A 168 -49.59 -16.37 15.35
C PHE A 168 -50.02 -17.60 16.13
N GLU A 169 -50.19 -18.72 15.41
CA GLU A 169 -50.49 -19.98 16.06
C GLU A 169 -50.15 -21.12 15.10
N TYR A 170 -49.49 -22.14 15.63
CA TYR A 170 -49.13 -23.33 14.86
C TYR A 170 -49.27 -24.56 15.74
N VAL A 171 -49.81 -25.63 15.18
CA VAL A 171 -50.07 -26.87 15.90
C VAL A 171 -49.46 -28.02 15.12
N SER A 172 -48.71 -28.88 15.81
CA SER A 172 -48.10 -30.03 15.18
C SER A 172 -49.11 -31.17 15.04
N GLN A 173 -48.69 -32.22 14.36
CA GLN A 173 -49.55 -33.38 14.15
C GLN A 173 -49.75 -34.13 15.47
N PRO A 174 -50.85 -34.87 15.58
CA PRO A 174 -51.11 -35.61 16.83
C PRO A 174 -50.03 -36.66 17.09
N PHE A 175 -49.78 -36.90 18.38
CA PHE A 175 -48.78 -37.86 18.82
C PHE A 175 -49.30 -38.57 20.06
N LEU A 176 -48.50 -39.50 20.57
CA LEU A 176 -48.85 -40.27 21.77
C LEU A 176 -47.57 -40.45 22.59
N MET A 177 -47.38 -39.58 23.57
CA MET A 177 -46.22 -39.63 24.45
C MET A 177 -46.57 -40.38 25.73
N ASP A 178 -45.56 -41.03 26.31
CA ASP A 178 -45.75 -41.81 27.53
C ASP A 178 -45.64 -40.88 28.73
N LEU A 179 -46.77 -40.66 29.41
CA LEU A 179 -46.81 -39.81 30.59
C LEU A 179 -46.72 -40.60 31.89
N GLU A 180 -46.56 -41.92 31.83
CA GLU A 180 -46.51 -42.73 33.03
C GLU A 180 -45.22 -42.43 33.80
N GLY A 181 -45.35 -42.28 35.12
CA GLY A 181 -44.21 -41.99 35.96
C GLY A 181 -43.16 -43.08 35.93
N LYS A 182 -41.90 -42.69 35.76
CA LYS A 182 -40.78 -43.61 35.71
C LYS A 182 -39.85 -43.33 36.87
N GLN A 183 -39.43 -44.39 37.57
CA GLN A 183 -38.55 -44.29 38.72
C GLN A 183 -37.18 -44.84 38.37
N GLY A 184 -36.13 -44.10 38.74
CA GLY A 184 -34.77 -44.51 38.50
C GLY A 184 -33.92 -43.34 38.07
N ASN A 185 -32.70 -43.66 37.63
CA ASN A 185 -31.78 -42.62 37.17
C ASN A 185 -32.30 -41.98 35.88
N PHE A 186 -31.97 -40.69 35.72
CA PHE A 186 -32.48 -39.94 34.58
C PHE A 186 -32.08 -40.61 33.28
N LYS A 187 -33.03 -40.68 32.34
CA LYS A 187 -32.82 -41.32 31.05
C LYS A 187 -32.98 -40.37 29.86
N ASN A 188 -33.49 -39.17 30.06
CA ASN A 188 -33.66 -38.21 28.97
C ASN A 188 -33.01 -36.89 29.34
N LEU A 189 -32.19 -36.35 28.44
CA LEU A 189 -31.59 -35.03 28.60
C LEU A 189 -31.84 -34.24 27.33
N ARG A 190 -32.59 -33.16 27.43
CA ARG A 190 -32.96 -32.32 26.30
C ARG A 190 -32.32 -30.95 26.48
N GLU A 191 -31.55 -30.52 25.48
CA GLU A 191 -30.87 -29.23 25.49
C GLU A 191 -31.47 -28.34 24.41
N PHE A 192 -31.77 -27.10 24.78
CA PHE A 192 -32.35 -26.13 23.86
C PHE A 192 -31.62 -24.80 23.96
N VAL A 193 -31.57 -24.10 22.83
CA VAL A 193 -31.00 -22.76 22.75
C VAL A 193 -32.02 -21.88 22.06
N PHE A 194 -32.46 -20.82 22.73
CA PHE A 194 -33.45 -19.90 22.21
C PHE A 194 -32.81 -18.52 22.05
N LYS A 195 -33.00 -17.92 20.87
CA LYS A 195 -32.53 -16.55 20.68
C LYS A 195 -33.40 -15.86 19.63
N ASN A 196 -33.80 -14.62 19.94
CA ASN A 196 -34.66 -13.83 19.07
C ASN A 196 -33.93 -12.61 18.53
N ILE A 197 -32.67 -12.81 18.12
CA ILE A 197 -31.87 -11.70 17.61
C ILE A 197 -32.41 -11.25 16.25
N ASP A 198 -32.57 -9.94 16.09
CA ASP A 198 -33.02 -9.34 14.84
C ASP A 198 -34.41 -9.82 14.42
N GLY A 199 -35.21 -10.30 15.38
CA GLY A 199 -36.57 -10.69 15.12
C GLY A 199 -36.75 -12.13 14.66
N TYR A 200 -35.66 -12.86 14.42
CA TYR A 200 -35.74 -14.27 14.03
C TYR A 200 -35.73 -15.11 15.31
N PHE A 201 -36.83 -15.79 15.60
CA PHE A 201 -36.94 -16.55 16.84
C PHE A 201 -36.39 -17.95 16.58
N LYS A 202 -35.08 -18.09 16.70
CA LYS A 202 -34.39 -19.35 16.42
C LYS A 202 -34.36 -20.21 17.66
N ILE A 203 -34.80 -21.47 17.51
CA ILE A 203 -34.77 -22.47 18.57
C ILE A 203 -34.01 -23.67 18.04
N TYR A 204 -32.93 -24.02 18.73
CA TYR A 204 -32.09 -25.16 18.37
C TYR A 204 -32.17 -26.21 19.47
N SER A 205 -32.41 -27.46 19.10
CA SER A 205 -32.72 -28.49 20.09
C SER A 205 -31.90 -29.75 19.85
N LYS A 206 -31.68 -30.49 20.92
CA LYS A 206 -31.04 -31.79 20.86
C LYS A 206 -31.51 -32.64 22.02
N HIS A 207 -31.49 -33.96 21.84
CA HIS A 207 -31.91 -34.91 22.85
C HIS A 207 -30.88 -36.03 22.96
N THR A 208 -30.73 -36.57 24.17
CA THR A 208 -29.78 -37.65 24.38
C THR A 208 -30.16 -38.51 25.58
N PRO A 209 -30.05 -39.83 25.47
CA PRO A 209 -30.18 -40.67 26.68
C PRO A 209 -29.02 -40.45 27.63
N ILE A 210 -29.28 -40.63 28.92
CA ILE A 210 -28.29 -40.48 29.98
C ILE A 210 -28.58 -41.49 31.07
N ASN A 211 -27.66 -41.58 32.04
CA ASN A 211 -27.84 -42.46 33.19
C ASN A 211 -27.12 -41.79 34.37
N LEU A 212 -27.88 -41.05 35.16
CA LEU A 212 -27.33 -40.30 36.30
C LEU A 212 -28.50 -39.71 37.08
N VAL A 213 -28.17 -39.06 38.19
CA VAL A 213 -29.15 -38.31 38.98
C VAL A 213 -28.72 -36.85 39.01
N ARG A 214 -27.41 -36.61 38.94
CA ARG A 214 -26.84 -35.27 38.93
C ARG A 214 -25.47 -35.36 38.26
N ASP A 215 -24.73 -34.26 38.28
CA ASP A 215 -23.34 -34.23 37.80
C ASP A 215 -23.26 -34.69 36.34
N LEU A 216 -23.89 -33.88 35.48
CA LEU A 216 -23.95 -34.14 34.06
C LEU A 216 -22.63 -34.64 33.48
N PRO A 217 -22.66 -35.50 32.48
CA PRO A 217 -21.42 -36.13 31.99
C PRO A 217 -20.47 -35.12 31.38
N GLN A 218 -19.18 -35.41 31.52
CA GLN A 218 -18.14 -34.57 30.95
C GLN A 218 -17.96 -34.95 29.47
N GLY A 219 -18.42 -34.08 28.58
CA GLY A 219 -18.35 -34.36 27.16
C GLY A 219 -18.83 -33.17 26.38
N PHE A 220 -18.76 -33.30 25.05
CA PHE A 220 -19.14 -32.25 24.12
C PHE A 220 -20.18 -32.78 23.15
N SER A 221 -21.26 -32.02 22.99
CA SER A 221 -22.32 -32.36 22.05
C SER A 221 -22.73 -31.10 21.31
N ALA A 222 -22.95 -31.23 20.00
CA ALA A 222 -23.31 -30.09 19.15
C ALA A 222 -24.83 -30.06 19.00
N LEU A 223 -25.46 -29.02 19.53
CA LEU A 223 -26.90 -28.87 19.40
C LEU A 223 -27.26 -28.56 17.95
N GLU A 224 -28.33 -29.22 17.47
CA GLU A 224 -28.78 -29.05 16.10
C GLU A 224 -29.99 -28.13 16.05
N PRO A 225 -30.17 -27.38 14.96
CA PRO A 225 -31.33 -26.49 14.86
C PRO A 225 -32.63 -27.26 14.82
N LEU A 226 -33.67 -26.65 15.39
CA LEU A 226 -35.00 -27.24 15.41
C LEU A 226 -36.01 -26.45 14.58
N VAL A 227 -36.08 -25.13 14.78
CA VAL A 227 -37.08 -24.32 14.09
C VAL A 227 -36.65 -22.86 14.15
N ASP A 228 -37.20 -22.05 13.24
CA ASP A 228 -36.98 -20.60 13.21
C ASP A 228 -38.35 -19.93 13.08
N LEU A 229 -38.98 -19.66 14.22
CA LEU A 229 -40.29 -19.04 14.20
C LEU A 229 -40.18 -17.57 13.82
N PRO A 230 -41.12 -17.04 13.01
CA PRO A 230 -41.12 -15.62 12.63
C PRO A 230 -41.90 -14.74 13.61
N ILE A 231 -41.28 -14.44 14.75
CA ILE A 231 -41.91 -13.66 15.82
C ILE A 231 -41.02 -12.46 16.10
N GLY A 232 -41.44 -11.30 15.61
CA GLY A 232 -40.73 -10.06 15.88
C GLY A 232 -41.28 -9.33 17.08
N ILE A 233 -41.12 -9.90 18.27
CA ILE A 233 -41.63 -9.32 19.51
C ILE A 233 -40.49 -9.23 20.52
N ASN A 234 -40.48 -8.16 21.31
CA ASN A 234 -39.48 -8.00 22.34
C ASN A 234 -39.57 -9.13 23.35
N ILE A 235 -38.41 -9.66 23.74
CA ILE A 235 -38.32 -10.72 24.74
C ILE A 235 -37.27 -10.32 25.77
N THR A 236 -37.68 -10.19 27.02
CA THR A 236 -36.75 -9.90 28.11
C THR A 236 -36.99 -10.74 29.36
N ARG A 237 -38.07 -11.49 29.46
CA ARG A 237 -38.31 -12.40 30.56
C ARG A 237 -38.97 -13.67 30.03
N PHE A 238 -38.79 -14.77 30.76
CA PHE A 238 -39.33 -16.04 30.33
C PHE A 238 -39.68 -16.89 31.54
N GLN A 239 -40.49 -17.93 31.29
CA GLN A 239 -40.88 -18.87 32.33
C GLN A 239 -41.05 -20.25 31.69
N THR A 240 -40.85 -21.29 32.50
CA THR A 240 -40.89 -22.66 32.02
C THR A 240 -42.15 -23.36 32.54
N LEU A 241 -42.80 -24.12 31.67
CA LEU A 241 -44.05 -24.80 31.99
C LEU A 241 -43.75 -26.14 32.65
N LEU A 242 -44.25 -26.33 33.87
CA LEU A 242 -44.06 -27.56 34.62
C LEU A 242 -45.41 -28.23 34.86
N ALA A 243 -45.43 -29.56 34.77
CA ALA A 243 -46.63 -30.35 34.97
C ALA A 243 -46.48 -31.18 36.24
N LEU A 244 -47.46 -31.07 37.14
CA LEU A 244 -47.46 -31.77 38.41
C LEU A 244 -48.67 -32.67 38.51
N HIS A 245 -48.47 -33.89 39.00
CA HIS A 245 -49.57 -34.82 39.17
C HIS A 245 -50.45 -34.40 40.35
N ARG A 246 -51.75 -34.62 40.22
CA ARG A 246 -52.68 -34.24 41.26
C ARG A 246 -52.43 -35.07 42.52
N SER A 247 -52.59 -34.44 43.68
CA SER A 247 -52.26 -35.09 44.95
C SER A 247 -53.42 -35.96 45.45
N TYR A 248 -54.57 -35.35 45.72
CA TYR A 248 -55.67 -36.10 46.32
C TYR A 248 -56.29 -37.10 45.35
N LEU A 249 -56.14 -36.90 44.04
CA LEU A 249 -56.62 -37.89 43.09
C LEU A 249 -55.90 -39.23 43.28
N THR A 250 -54.59 -39.17 43.53
CA THR A 250 -53.80 -40.35 43.89
C THR A 250 -53.14 -40.04 45.23
N PRO A 251 -53.84 -40.29 46.33
CA PRO A 251 -53.38 -39.80 47.64
C PRO A 251 -51.96 -40.29 47.96
N GLY A 252 -51.05 -39.36 48.26
CA GLY A 252 -51.29 -37.92 48.25
C GLY A 252 -52.04 -37.39 49.45
N ASP A 253 -53.29 -36.99 49.22
CA ASP A 253 -54.18 -36.41 50.26
C ASP A 253 -53.82 -34.98 50.68
N SER A 254 -53.48 -34.15 49.69
CA SER A 254 -53.21 -32.74 49.92
C SER A 254 -54.06 -31.92 48.95
N SER A 255 -54.75 -30.91 49.47
CA SER A 255 -55.61 -30.07 48.65
C SER A 255 -55.76 -28.71 49.33
N SER A 256 -55.28 -27.63 48.69
CA SER A 256 -54.58 -27.67 47.40
C SER A 256 -53.19 -28.28 47.56
N GLY A 257 -52.87 -29.22 46.68
CA GLY A 257 -51.58 -29.89 46.75
C GLY A 257 -51.23 -30.52 45.43
N TRP A 258 -49.92 -30.64 45.17
CA TRP A 258 -49.43 -31.27 43.96
C TRP A 258 -48.12 -31.97 44.28
N THR A 259 -47.78 -32.95 43.45
CA THR A 259 -46.53 -33.70 43.55
C THR A 259 -45.74 -33.55 42.26
N ALA A 260 -44.44 -33.33 42.39
CA ALA A 260 -43.56 -33.09 41.25
C ALA A 260 -42.74 -34.35 40.97
N GLY A 261 -42.82 -34.82 39.73
CA GLY A 261 -41.99 -35.94 39.34
C GLY A 261 -40.53 -35.55 39.27
N ALA A 262 -39.66 -36.53 39.51
CA ALA A 262 -38.23 -36.28 39.57
C ALA A 262 -37.73 -35.66 38.27
N ALA A 263 -37.30 -34.40 38.32
CA ALA A 263 -36.78 -33.73 37.14
C ALA A 263 -35.90 -32.57 37.59
N ALA A 264 -35.07 -32.09 36.67
CA ALA A 264 -34.25 -30.92 36.96
C ALA A 264 -33.97 -30.18 35.66
N TYR A 265 -33.63 -28.90 35.77
CA TYR A 265 -33.25 -28.14 34.59
C TYR A 265 -32.27 -27.04 34.96
N TYR A 266 -31.32 -26.79 34.06
CA TYR A 266 -30.35 -25.72 34.19
C TYR A 266 -30.67 -24.60 33.21
N VAL A 267 -30.46 -23.37 33.65
CA VAL A 267 -30.67 -22.17 32.85
C VAL A 267 -29.35 -21.41 32.78
N GLY A 268 -28.93 -21.07 31.56
CA GLY A 268 -27.70 -20.32 31.36
C GLY A 268 -27.90 -19.25 30.31
N TYR A 269 -27.00 -18.26 30.33
CA TYR A 269 -27.09 -17.09 29.48
C TYR A 269 -25.90 -17.06 28.53
N LEU A 270 -26.18 -16.79 27.25
CA LEU A 270 -25.15 -16.69 26.23
C LEU A 270 -24.59 -15.27 26.19
N GLN A 271 -23.33 -15.18 25.76
CA GLN A 271 -22.64 -13.91 25.62
C GLN A 271 -21.93 -13.89 24.28
N PRO A 272 -21.61 -12.70 23.75
CA PRO A 272 -20.87 -12.64 22.48
C PRO A 272 -19.44 -13.14 22.64
N ARG A 273 -19.12 -14.28 22.03
CA ARG A 273 -17.82 -14.90 22.16
C ARG A 273 -17.40 -15.46 20.81
N THR A 274 -16.09 -15.67 20.67
CA THR A 274 -15.52 -16.27 19.47
C THR A 274 -15.17 -17.72 19.78
N PHE A 275 -15.70 -18.64 18.98
CA PHE A 275 -15.51 -20.07 19.18
C PHE A 275 -14.85 -20.67 17.94
N LEU A 276 -13.87 -21.55 18.18
CA LEU A 276 -13.24 -22.32 17.11
C LEU A 276 -13.83 -23.73 17.16
N LEU A 277 -14.51 -24.10 16.08
CA LEU A 277 -15.23 -25.36 16.00
C LEU A 277 -14.58 -26.27 14.97
N LYS A 278 -14.43 -27.54 15.31
CA LYS A 278 -13.81 -28.53 14.44
C LYS A 278 -14.90 -29.34 13.75
N TYR A 279 -15.08 -29.11 12.45
CA TYR A 279 -16.02 -29.86 11.65
C TYR A 279 -15.31 -31.08 11.07
N ASN A 280 -15.84 -32.27 11.35
CA ASN A 280 -15.22 -33.51 10.92
C ASN A 280 -15.56 -33.78 9.46
N GLU A 281 -15.19 -34.97 8.97
CA GLU A 281 -15.39 -35.30 7.56
C GLU A 281 -16.88 -35.32 7.22
N ASN A 282 -17.71 -35.84 8.13
CA ASN A 282 -19.14 -35.98 7.86
C ASN A 282 -19.93 -34.70 8.14
N GLY A 283 -19.27 -33.63 8.58
CA GLY A 283 -19.94 -32.37 8.82
C GLY A 283 -20.50 -32.21 10.21
N THR A 284 -20.13 -33.08 11.16
CA THR A 284 -20.59 -32.98 12.53
C THR A 284 -19.51 -32.33 13.38
N ILE A 285 -19.89 -31.30 14.14
CA ILE A 285 -18.94 -30.60 14.99
C ILE A 285 -18.48 -31.58 16.08
N THR A 286 -17.18 -31.86 16.14
CA THR A 286 -16.63 -32.79 17.11
C THR A 286 -16.12 -32.11 18.36
N ASP A 287 -15.58 -30.90 18.24
CA ASP A 287 -15.02 -30.20 19.40
C ASP A 287 -15.14 -28.69 19.19
N ALA A 288 -15.16 -27.98 20.30
CA ALA A 288 -15.25 -26.52 20.30
C ALA A 288 -14.29 -25.96 21.34
N VAL A 289 -13.67 -24.83 21.03
CA VAL A 289 -12.74 -24.15 21.92
C VAL A 289 -13.13 -22.69 22.00
N ASP A 290 -13.26 -22.17 23.22
CA ASP A 290 -13.54 -20.77 23.45
C ASP A 290 -12.25 -19.99 23.58
N CYS A 291 -12.23 -18.78 23.02
CA CYS A 291 -11.03 -17.97 22.93
C CYS A 291 -10.92 -16.94 24.06
N ALA A 292 -11.46 -17.27 25.24
CA ALA A 292 -11.35 -16.37 26.39
C ALA A 292 -11.03 -16.97 27.75
N LEU A 293 -10.88 -18.29 27.86
CA LEU A 293 -10.52 -18.95 29.10
C LEU A 293 -9.17 -19.60 28.94
N ASP A 294 -8.25 -19.32 29.87
CA ASP A 294 -6.92 -19.91 29.84
C ASP A 294 -6.15 -19.34 28.66
N PRO A 295 -4.94 -18.79 28.85
CA PRO A 295 -4.17 -18.30 27.70
C PRO A 295 -3.88 -19.36 26.66
N LEU A 296 -3.88 -20.64 27.04
CA LEU A 296 -3.66 -21.69 26.06
C LEU A 296 -4.75 -21.69 24.99
N SER A 297 -6.01 -21.53 25.41
CA SER A 297 -7.10 -21.49 24.43
C SER A 297 -6.96 -20.30 23.50
N GLU A 298 -6.59 -19.15 24.04
CA GLU A 298 -6.39 -17.98 23.19
C GLU A 298 -5.25 -18.22 22.19
N THR A 299 -4.18 -18.87 22.64
CA THR A 299 -3.09 -19.21 21.73
C THR A 299 -3.57 -20.14 20.63
N LYS A 300 -4.41 -21.11 20.98
CA LYS A 300 -4.93 -22.04 19.97
C LYS A 300 -5.73 -21.30 18.91
N CYS A 301 -6.56 -20.33 19.33
CA CYS A 301 -7.37 -19.60 18.36
C CYS A 301 -6.50 -18.80 17.41
N THR A 302 -5.44 -18.17 17.92
CA THR A 302 -4.59 -17.36 17.05
C THR A 302 -3.94 -18.20 15.96
N LEU A 303 -3.46 -19.40 16.31
CA LEU A 303 -2.86 -20.30 15.33
C LEU A 303 -3.88 -21.12 14.57
N LYS A 304 -5.18 -21.01 14.91
CA LYS A 304 -6.23 -21.75 14.22
C LYS A 304 -5.95 -23.25 14.24
N SER A 305 -5.46 -23.75 15.38
CA SER A 305 -5.16 -25.16 15.54
C SER A 305 -5.56 -25.59 16.94
N PHE A 306 -6.01 -26.84 17.05
CA PHE A 306 -6.37 -27.41 18.35
C PHE A 306 -5.15 -27.94 19.11
N THR A 307 -4.01 -28.07 18.44
CA THR A 307 -2.78 -28.52 19.08
C THR A 307 -1.66 -27.56 18.74
N VAL A 308 -0.81 -27.26 19.72
CA VAL A 308 0.32 -26.36 19.56
C VAL A 308 1.58 -27.06 20.06
N GLU A 309 2.72 -26.59 19.59
CA GLU A 309 4.02 -27.15 19.94
C GLU A 309 4.76 -26.22 20.88
N LYS A 310 5.95 -26.64 21.28
CA LYS A 310 6.76 -25.84 22.20
C LYS A 310 7.21 -24.55 21.52
N GLY A 311 7.16 -23.46 22.27
CA GLY A 311 7.59 -22.18 21.75
C GLY A 311 6.86 -21.06 22.46
N ILE A 312 7.15 -19.84 22.00
CA ILE A 312 6.54 -18.62 22.52
C ILE A 312 5.81 -17.93 21.37
N TYR A 313 4.54 -17.61 21.60
CA TYR A 313 3.70 -16.99 20.59
C TYR A 313 3.14 -15.68 21.13
N GLN A 314 3.25 -14.61 20.34
CA GLN A 314 2.66 -13.33 20.71
C GLN A 314 1.16 -13.39 20.51
N THR A 315 0.40 -13.25 21.60
CA THR A 315 -1.04 -13.44 21.55
C THR A 315 -1.79 -12.14 21.28
N SER A 316 -1.62 -11.14 22.13
CA SER A 316 -2.42 -9.92 22.02
C SER A 316 -1.62 -8.73 22.54
N ASN A 317 -2.31 -7.60 22.70
CA ASN A 317 -1.72 -6.38 23.22
C ASN A 317 -2.60 -5.84 24.34
N PHE A 318 -1.97 -5.09 25.25
CA PHE A 318 -2.65 -4.54 26.41
C PHE A 318 -2.33 -3.07 26.54
N ARG A 319 -3.29 -2.31 27.09
CA ARG A 319 -3.13 -0.89 27.31
C ARG A 319 -3.96 -0.49 28.52
N VAL A 320 -3.51 0.54 29.22
CA VAL A 320 -4.20 1.06 30.40
C VAL A 320 -5.01 2.28 29.98
N GLN A 321 -6.33 2.19 30.14
CA GLN A 321 -7.21 3.28 29.76
C GLN A 321 -7.18 4.40 30.80
N PRO A 322 -7.51 5.62 30.40
CA PRO A 322 -7.53 6.73 31.37
C PRO A 322 -8.54 6.47 32.47
N THR A 323 -8.18 6.87 33.69
CA THR A 323 -9.01 6.52 34.84
C THR A 323 -10.39 7.14 34.76
N GLU A 324 -10.50 8.45 34.94
CA GLU A 324 -11.77 9.13 34.68
C GLU A 324 -11.64 10.29 33.71
N SER A 325 -10.80 11.27 34.05
CA SER A 325 -10.63 12.48 33.24
C SER A 325 -9.66 13.41 33.96
N ILE A 326 -9.17 14.41 33.24
CA ILE A 326 -8.34 15.47 33.81
C ILE A 326 -8.50 16.71 32.95
N VAL A 327 -8.54 17.88 33.59
CA VAL A 327 -8.62 19.16 32.90
C VAL A 327 -7.87 20.20 33.72
N ARG A 328 -7.16 21.09 33.04
CA ARG A 328 -6.42 22.15 33.71
C ARG A 328 -6.49 23.43 32.89
N PHE A 329 -6.34 24.56 33.59
CA PHE A 329 -6.42 25.88 32.96
C PHE A 329 -5.81 26.89 33.92
N PRO A 330 -5.60 28.14 33.46
CA PRO A 330 -4.93 29.14 34.32
C PRO A 330 -5.68 29.47 35.60
N ASN A 331 -5.08 30.33 36.42
CA ASN A 331 -5.59 30.71 37.74
C ASN A 331 -6.72 31.74 37.67
N ILE A 332 -7.21 32.07 36.48
CA ILE A 332 -8.24 33.10 36.27
C ILE A 332 -7.77 34.41 36.88
N THR A 333 -8.41 35.51 36.49
CA THR A 333 -8.03 36.85 36.96
C THR A 333 -9.29 37.63 37.26
N ASN A 334 -9.14 38.93 37.50
CA ASN A 334 -10.27 39.78 37.81
C ASN A 334 -11.28 39.76 36.67
N LEU A 335 -12.56 39.72 37.03
CA LEU A 335 -13.62 39.65 36.04
C LEU A 335 -13.90 41.04 35.45
N CYS A 336 -14.80 41.08 34.48
CA CYS A 336 -15.20 42.33 33.88
C CYS A 336 -15.97 43.18 34.89
N PRO A 337 -16.00 44.51 34.70
CA PRO A 337 -16.66 45.37 35.68
C PRO A 337 -18.17 45.29 35.61
N PHE A 338 -18.72 44.10 35.89
CA PHE A 338 -20.17 43.94 35.91
C PHE A 338 -20.81 44.55 37.15
N GLY A 339 -20.04 44.72 38.23
CA GLY A 339 -20.58 45.36 39.42
C GLY A 339 -21.07 46.76 39.15
N GLU A 340 -20.34 47.51 38.32
CA GLU A 340 -20.76 48.85 37.94
C GLU A 340 -22.00 48.83 37.04
N VAL A 341 -22.40 47.68 36.53
CA VAL A 341 -23.57 47.56 35.68
C VAL A 341 -24.81 47.17 36.49
N PHE A 342 -24.66 46.26 37.45
CA PHE A 342 -25.78 45.78 38.24
C PHE A 342 -25.73 46.22 39.70
N ASN A 343 -24.55 46.39 40.28
CA ASN A 343 -24.39 46.86 41.64
C ASN A 343 -24.13 48.37 41.71
N ALA A 344 -24.67 49.12 40.76
CA ALA A 344 -24.48 50.56 40.70
C ALA A 344 -25.61 51.25 41.47
N THR A 345 -25.70 52.58 41.33
CA THR A 345 -26.69 53.38 42.05
C THR A 345 -27.70 54.05 41.12
N ARG A 346 -27.25 54.59 39.99
CA ARG A 346 -28.13 55.31 39.08
C ARG A 346 -27.84 54.90 37.65
N PHE A 347 -28.88 54.83 36.84
CA PHE A 347 -28.80 54.50 35.42
C PHE A 347 -29.28 55.69 34.58
N ALA A 348 -29.36 55.48 33.27
CA ALA A 348 -29.72 56.52 32.33
C ALA A 348 -31.17 56.36 31.89
N SER A 349 -31.61 57.27 31.02
CA SER A 349 -32.98 57.26 30.53
C SER A 349 -33.12 56.32 29.33
N VAL A 350 -34.38 56.04 28.97
CA VAL A 350 -34.65 55.14 27.85
C VAL A 350 -34.15 55.76 26.55
N TYR A 351 -34.42 57.05 26.34
CA TYR A 351 -33.97 57.71 25.12
C TYR A 351 -32.47 57.95 25.15
N ALA A 352 -31.94 58.40 26.28
CA ALA A 352 -30.51 58.63 26.46
C ALA A 352 -29.84 57.42 27.12
N TRP A 353 -30.06 56.23 26.57
CA TRP A 353 -29.48 55.02 27.15
C TRP A 353 -27.96 55.07 27.04
N ASN A 354 -27.30 54.69 28.14
CA ASN A 354 -25.85 54.77 28.21
C ASN A 354 -25.20 53.54 27.58
N ARG A 355 -24.15 53.77 26.81
CA ARG A 355 -23.42 52.71 26.11
C ARG A 355 -22.06 52.52 26.76
N LYS A 356 -21.72 51.27 27.04
CA LYS A 356 -20.42 50.89 27.59
C LYS A 356 -19.81 49.80 26.73
N ARG A 357 -18.51 49.91 26.48
CA ARG A 357 -17.77 48.95 25.66
C ARG A 357 -17.01 48.00 26.57
N ILE A 358 -17.47 46.76 26.67
CA ILE A 358 -16.86 45.74 27.51
C ILE A 358 -15.95 44.89 26.63
N SER A 359 -14.66 44.92 26.94
CA SER A 359 -13.66 44.15 26.19
C SER A 359 -12.37 44.16 27.01
N ASN A 360 -11.45 43.30 26.61
CA ASN A 360 -10.14 43.20 27.27
C ASN A 360 -10.28 42.82 28.74
N CYS A 361 -11.30 42.03 29.07
CA CYS A 361 -11.51 41.59 30.44
C CYS A 361 -12.21 40.23 30.41
N VAL A 362 -12.08 39.52 31.52
CA VAL A 362 -12.72 38.22 31.69
C VAL A 362 -14.13 38.44 32.21
N ALA A 363 -15.11 37.83 31.57
CA ALA A 363 -16.51 38.00 31.92
C ALA A 363 -16.97 36.85 32.80
N ASP A 364 -17.42 37.18 34.01
CA ASP A 364 -18.00 36.21 34.94
C ASP A 364 -19.51 36.45 34.94
N TYR A 365 -20.22 35.68 34.12
CA TYR A 365 -21.65 35.87 33.91
C TYR A 365 -22.50 35.04 34.87
N SER A 366 -21.89 34.29 35.78
CA SER A 366 -22.66 33.48 36.71
C SER A 366 -23.54 34.34 37.60
N VAL A 367 -23.00 35.48 38.06
CA VAL A 367 -23.74 36.36 38.97
C VAL A 367 -25.05 36.83 38.36
N LEU A 368 -25.14 36.87 37.03
CA LEU A 368 -26.36 37.37 36.39
C LEU A 368 -27.58 36.54 36.78
N TYR A 369 -27.43 35.22 36.80
CA TYR A 369 -28.53 34.33 37.13
C TYR A 369 -28.43 33.75 38.53
N ASN A 370 -27.28 33.86 39.19
CA ASN A 370 -27.16 33.38 40.56
C ASN A 370 -28.10 34.14 41.49
N SER A 371 -28.16 35.46 41.34
CA SER A 371 -29.08 36.30 42.12
C SER A 371 -30.36 36.46 41.31
N ALA A 372 -31.40 35.72 41.69
CA ALA A 372 -32.66 35.76 40.97
C ALA A 372 -33.53 36.92 41.45
N SER A 373 -32.97 38.12 41.46
CA SER A 373 -33.69 39.32 41.84
C SER A 373 -34.20 40.10 40.63
N PHE A 374 -33.99 39.57 39.42
CA PHE A 374 -34.38 40.24 38.18
C PHE A 374 -35.63 39.59 37.62
N SER A 375 -36.67 40.40 37.38
CA SER A 375 -37.92 39.87 36.87
C SER A 375 -37.73 39.26 35.48
N THR A 376 -37.00 39.94 34.61
CA THR A 376 -36.81 39.52 33.23
C THR A 376 -35.32 39.30 32.96
N PHE A 377 -35.00 38.12 32.43
CA PHE A 377 -33.62 37.79 32.07
C PHE A 377 -33.70 36.82 30.89
N LYS A 378 -33.57 37.36 29.68
CA LYS A 378 -33.82 36.59 28.46
C LYS A 378 -32.69 36.83 27.47
N CYS A 379 -32.13 35.76 26.93
CA CYS A 379 -31.03 35.82 25.98
C CYS A 379 -31.46 35.25 24.64
N TYR A 380 -30.96 35.84 23.56
CA TYR A 380 -31.23 35.40 22.20
C TYR A 380 -29.92 35.32 21.45
N GLY A 381 -29.64 34.17 20.85
CA GLY A 381 -28.36 33.96 20.19
C GLY A 381 -27.22 33.67 21.12
N VAL A 382 -27.49 33.50 22.41
CA VAL A 382 -26.44 33.26 23.40
C VAL A 382 -27.06 32.54 24.58
N SER A 383 -26.26 31.73 25.26
CA SER A 383 -26.75 30.95 26.39
C SER A 383 -27.19 31.88 27.53
N PRO A 384 -28.36 31.64 28.13
CA PRO A 384 -28.69 32.34 29.38
C PRO A 384 -27.90 31.81 30.56
N THR A 385 -27.76 30.49 30.65
CA THR A 385 -27.17 29.83 31.81
C THR A 385 -25.68 29.57 31.64
N LYS A 386 -25.25 29.00 30.52
CA LYS A 386 -23.83 28.72 30.30
C LYS A 386 -23.12 29.89 29.64
N LEU A 387 -23.34 31.11 30.14
CA LEU A 387 -22.61 32.27 29.62
C LEU A 387 -21.12 32.13 29.89
N ASN A 388 -20.74 31.22 30.77
CA ASN A 388 -19.34 30.98 31.11
C ASN A 388 -18.63 30.06 30.13
N ASP A 389 -19.33 29.53 29.12
CA ASP A 389 -18.68 28.68 28.12
C ASP A 389 -18.94 29.20 26.72
N LEU A 390 -18.83 30.52 26.54
CA LEU A 390 -19.00 31.14 25.23
C LEU A 390 -17.95 32.23 25.05
N CYS A 391 -17.62 32.51 23.79
CA CYS A 391 -16.56 33.45 23.44
C CYS A 391 -17.11 34.51 22.51
N PHE A 392 -16.68 35.76 22.73
CA PHE A 392 -17.08 36.88 21.89
C PHE A 392 -16.01 37.96 21.96
N THR A 393 -15.75 38.60 20.81
CA THR A 393 -14.68 39.58 20.75
C THR A 393 -14.99 40.80 21.61
N ASN A 394 -16.21 41.31 21.55
CA ASN A 394 -16.55 42.55 22.25
C ASN A 394 -18.00 42.49 22.70
N VAL A 395 -18.34 43.35 23.66
CA VAL A 395 -19.70 43.45 24.14
C VAL A 395 -20.07 44.92 24.29
N TYR A 396 -21.34 45.23 24.01
CA TYR A 396 -21.89 46.56 24.19
C TYR A 396 -23.01 46.48 25.23
N ALA A 397 -22.86 47.22 26.32
CA ALA A 397 -23.84 47.26 27.38
C ALA A 397 -24.67 48.53 27.25
N ASP A 398 -25.99 48.37 27.15
CA ASP A 398 -26.93 49.46 26.99
C ASP A 398 -27.76 49.52 28.27
N SER A 399 -27.51 50.54 29.09
CA SER A 399 -28.18 50.69 30.37
C SER A 399 -29.20 51.82 30.28
N PHE A 400 -30.42 51.55 30.74
CA PHE A 400 -31.47 52.56 30.72
C PHE A 400 -32.57 52.16 31.69
N VAL A 401 -33.63 52.96 31.71
CA VAL A 401 -34.80 52.71 32.56
C VAL A 401 -36.05 52.88 31.69
N ILE A 402 -36.98 51.94 31.81
CA ILE A 402 -38.22 51.96 31.03
C ILE A 402 -39.40 51.75 31.97
N ARG A 403 -40.59 51.64 31.39
CA ARG A 403 -41.79 51.36 32.16
C ARG A 403 -42.09 49.86 32.14
N GLY A 404 -42.87 49.42 33.13
CA GLY A 404 -43.23 48.02 33.20
C GLY A 404 -44.03 47.57 31.99
N ASP A 405 -45.00 48.38 31.56
CA ASP A 405 -45.76 48.04 30.37
C ASP A 405 -44.87 48.05 29.13
N GLU A 406 -43.89 48.95 29.09
CA GLU A 406 -42.98 49.05 27.96
C GLU A 406 -42.02 47.87 27.86
N VAL A 407 -41.98 47.00 28.88
CA VAL A 407 -41.14 45.80 28.80
C VAL A 407 -41.57 44.95 27.62
N ARG A 408 -42.89 44.86 27.37
CA ARG A 408 -43.36 44.14 26.20
C ARG A 408 -42.83 44.79 24.92
N GLN A 409 -42.79 46.12 24.88
CA GLN A 409 -42.26 46.80 23.70
C GLN A 409 -40.78 46.46 23.49
N ILE A 410 -40.02 46.35 24.57
CA ILE A 410 -38.60 46.01 24.49
C ILE A 410 -38.51 44.52 24.18
N ALA A 411 -38.27 44.20 22.92
CA ALA A 411 -38.08 42.82 22.48
C ALA A 411 -37.49 42.85 21.08
N PRO A 412 -36.80 41.78 20.67
CA PRO A 412 -36.19 41.77 19.34
C PRO A 412 -37.25 41.93 18.25
N GLY A 413 -36.98 42.85 17.33
CA GLY A 413 -37.90 43.07 16.22
C GLY A 413 -39.30 43.42 16.66
N GLN A 414 -39.43 44.25 17.69
CA GLN A 414 -40.72 44.60 18.27
C GLN A 414 -41.14 45.99 17.80
N THR A 415 -42.45 46.24 17.87
CA THR A 415 -43.04 47.52 17.48
C THR A 415 -43.69 48.15 18.70
N GLY A 416 -43.40 49.43 18.91
CA GLY A 416 -43.96 50.14 20.05
C GLY A 416 -43.31 51.50 20.18
N LYS A 417 -43.78 52.24 21.19
CA LYS A 417 -43.24 53.58 21.42
C LYS A 417 -41.74 53.53 21.70
N ILE A 418 -41.33 52.71 22.66
CA ILE A 418 -39.90 52.58 22.96
C ILE A 418 -39.20 51.82 21.84
N ALA A 419 -39.84 50.79 21.30
CA ALA A 419 -39.23 49.98 20.25
C ALA A 419 -39.04 50.76 18.95
N ASP A 420 -39.64 51.94 18.82
CA ASP A 420 -39.53 52.74 17.61
C ASP A 420 -38.79 54.06 17.81
N TYR A 421 -39.11 54.80 18.87
CA TYR A 421 -38.59 56.15 19.05
C TYR A 421 -37.43 56.23 20.05
N ASN A 422 -37.20 55.18 20.83
CA ASN A 422 -36.17 55.22 21.87
C ASN A 422 -35.15 54.11 21.75
N TYR A 423 -35.58 52.90 21.38
CA TYR A 423 -34.66 51.77 21.27
C TYR A 423 -35.16 50.83 20.19
N LYS A 424 -34.25 50.01 19.68
CA LYS A 424 -34.59 49.04 18.64
C LYS A 424 -33.54 47.94 18.63
N LEU A 425 -33.95 46.77 18.16
CA LEU A 425 -33.08 45.62 18.02
C LEU A 425 -33.21 45.05 16.62
N PRO A 426 -32.17 44.41 16.11
CA PRO A 426 -32.20 43.89 14.73
C PRO A 426 -32.95 42.56 14.65
N ASP A 427 -33.10 42.08 13.43
CA ASP A 427 -33.73 40.78 13.19
C ASP A 427 -32.80 39.61 13.45
N ASP A 428 -31.53 39.88 13.74
CA ASP A 428 -30.54 38.86 14.08
C ASP A 428 -29.81 39.24 15.36
N PHE A 429 -30.57 39.70 16.35
CA PHE A 429 -29.98 40.14 17.61
C PHE A 429 -29.25 38.99 18.30
N THR A 430 -28.06 39.28 18.80
CA THR A 430 -27.22 38.32 19.51
C THR A 430 -26.83 38.95 20.84
N GLY A 431 -27.64 38.71 21.87
CA GLY A 431 -27.33 39.27 23.17
C GLY A 431 -28.43 38.96 24.17
N CYS A 432 -28.26 39.52 25.36
CA CYS A 432 -29.17 39.30 26.48
C CYS A 432 -29.83 40.61 26.91
N VAL A 433 -31.02 40.49 27.47
CA VAL A 433 -31.75 41.62 28.05
C VAL A 433 -32.11 41.23 29.48
N ILE A 434 -31.75 42.09 30.43
CA ILE A 434 -31.99 41.85 31.84
C ILE A 434 -32.68 43.11 32.40
N ALA A 435 -33.94 42.98 32.76
CA ALA A 435 -34.74 44.08 33.27
C ALA A 435 -35.31 43.71 34.63
N TRP A 436 -35.15 44.60 35.59
CA TRP A 436 -35.64 44.38 36.95
C TRP A 436 -36.26 45.65 37.49
N ASN A 437 -37.34 45.50 38.26
CA ASN A 437 -38.06 46.67 38.78
C ASN A 437 -37.13 47.53 39.63
N SER A 438 -37.25 48.84 39.46
CA SER A 438 -36.42 49.82 40.17
C SER A 438 -37.30 50.86 40.83
N ASN A 439 -38.43 50.45 41.39
CA ASN A 439 -39.35 51.40 42.01
C ASN A 439 -38.68 52.14 43.15
N ASN A 440 -38.25 51.41 44.19
CA ASN A 440 -37.62 52.05 45.33
C ASN A 440 -36.33 52.77 44.95
N LEU A 441 -35.67 52.32 43.88
CA LEU A 441 -34.39 52.89 43.47
C LEU A 441 -34.54 54.06 42.51
N ASP A 442 -35.65 54.13 41.75
CA ASP A 442 -35.81 55.17 40.74
C ASP A 442 -37.21 55.76 40.76
N SER A 443 -37.79 55.95 41.94
CA SER A 443 -39.11 56.57 42.08
C SER A 443 -39.11 57.47 43.30
N LYS A 444 -39.47 58.73 43.10
CA LYS A 444 -39.62 59.70 44.18
C LYS A 444 -41.04 59.67 44.72
N VAL A 445 -41.19 60.12 45.97
CA VAL A 445 -42.51 60.14 46.59
C VAL A 445 -43.46 61.02 45.80
N GLY A 446 -43.01 62.20 45.41
CA GLY A 446 -43.80 63.09 44.57
C GLY A 446 -43.78 62.74 43.09
N GLY A 447 -42.84 61.91 42.66
CA GLY A 447 -42.73 61.52 41.26
C GLY A 447 -41.36 61.82 40.69
N ASN A 448 -40.70 60.79 40.16
CA ASN A 448 -39.36 60.94 39.57
C ASN A 448 -39.54 61.30 38.10
N TYR A 449 -39.46 62.59 37.80
CA TYR A 449 -39.63 63.08 36.43
C TYR A 449 -38.32 63.26 35.68
N ASN A 450 -37.19 62.88 36.29
CA ASN A 450 -35.90 63.07 35.63
C ASN A 450 -35.83 62.25 34.34
N TYR A 451 -36.30 61.01 34.39
CA TYR A 451 -36.25 60.15 33.20
C TYR A 451 -37.23 60.66 32.14
N LEU A 452 -36.82 60.54 30.88
CA LEU A 452 -37.61 61.00 29.75
C LEU A 452 -37.60 59.93 28.66
N TYR A 453 -38.65 59.94 27.84
CA TYR A 453 -38.75 59.03 26.71
C TYR A 453 -39.26 59.79 25.49
N ARG A 454 -38.72 59.44 24.32
CA ARG A 454 -39.09 60.10 23.07
C ARG A 454 -40.48 59.62 22.65
N LEU A 455 -41.49 60.45 22.92
CA LEU A 455 -42.86 60.09 22.57
C LEU A 455 -43.13 60.26 21.07
N PHE A 456 -42.48 61.21 20.42
CA PHE A 456 -42.71 61.49 19.01
C PHE A 456 -41.40 61.42 18.24
N ARG A 457 -41.47 60.85 17.04
CA ARG A 457 -40.32 60.81 16.13
C ARG A 457 -40.83 60.52 14.73
N LYS A 458 -40.24 61.18 13.73
CA LYS A 458 -40.72 61.04 12.37
C LYS A 458 -40.53 59.62 11.85
N SER A 459 -39.38 59.00 12.14
CA SER A 459 -39.05 57.68 11.62
C SER A 459 -38.66 56.75 12.77
N ASN A 460 -38.92 55.46 12.56
CA ASN A 460 -38.57 54.46 13.56
C ASN A 460 -37.06 54.29 13.64
N LEU A 461 -36.56 54.11 14.87
CA LEU A 461 -35.12 53.95 15.07
C LEU A 461 -34.63 52.65 14.45
N LYS A 462 -33.46 52.72 13.83
CA LYS A 462 -32.80 51.53 13.33
C LYS A 462 -32.19 50.73 14.47
N PRO A 463 -31.87 49.46 14.25
CA PRO A 463 -31.29 48.65 15.32
C PRO A 463 -30.01 49.27 15.87
N PHE A 464 -29.86 49.20 17.19
CA PHE A 464 -28.67 49.73 17.86
C PHE A 464 -28.45 51.20 17.51
N GLU A 465 -29.54 51.97 17.51
CA GLU A 465 -29.50 53.39 17.19
C GLU A 465 -30.06 54.18 18.36
N ARG A 466 -29.47 55.36 18.61
CA ARG A 466 -29.89 56.25 19.68
C ARG A 466 -30.21 57.61 19.10
N ASP A 467 -31.29 58.22 19.58
CA ASP A 467 -31.70 59.56 19.18
C ASP A 467 -31.78 60.42 20.42
N ILE A 468 -30.93 61.45 20.51
CA ILE A 468 -30.89 62.35 21.65
C ILE A 468 -31.29 63.77 21.24
N SER A 469 -31.99 63.91 20.12
CA SER A 469 -32.41 65.24 19.67
C SER A 469 -33.40 65.83 20.66
N THR A 470 -33.19 67.11 20.99
CA THR A 470 -34.05 67.83 21.92
C THR A 470 -34.88 68.92 21.23
N GLU A 471 -34.81 69.03 19.90
CA GLU A 471 -35.57 70.03 19.19
C GLU A 471 -37.07 69.73 19.28
N ILE A 472 -37.87 70.80 19.26
CA ILE A 472 -39.32 70.64 19.37
C ILE A 472 -39.82 69.85 18.18
N TYR A 473 -40.51 68.74 18.45
CA TYR A 473 -41.05 67.92 17.38
C TYR A 473 -42.21 68.63 16.71
N GLN A 474 -42.25 68.57 15.38
CA GLN A 474 -43.29 69.21 14.58
C GLN A 474 -44.15 68.13 13.95
N ALA A 475 -45.42 68.07 14.36
CA ALA A 475 -46.37 67.11 13.80
C ALA A 475 -47.19 67.68 12.66
N GLY A 476 -46.98 68.95 12.30
CA GLY A 476 -47.72 69.56 11.22
C GLY A 476 -46.83 70.33 10.26
N SER A 477 -47.44 71.12 9.39
CA SER A 477 -46.71 71.90 8.40
C SER A 477 -46.37 73.31 8.88
N THR A 478 -46.73 73.66 10.12
CA THR A 478 -46.46 74.99 10.64
C THR A 478 -45.08 75.01 11.29
N PRO A 479 -44.13 75.79 10.80
CA PRO A 479 -42.81 75.83 11.46
C PRO A 479 -42.93 76.31 12.90
N CYS A 480 -42.14 75.68 13.78
CA CYS A 480 -42.14 76.07 15.18
C CYS A 480 -41.41 77.39 15.39
N ASN A 481 -40.29 77.59 14.70
CA ASN A 481 -39.48 78.80 14.85
C ASN A 481 -39.08 79.02 16.31
N GLY A 482 -38.74 77.94 17.00
CA GLY A 482 -38.33 78.03 18.38
C GLY A 482 -39.47 78.23 19.36
N VAL A 483 -40.71 77.95 18.95
CA VAL A 483 -41.89 78.12 19.79
C VAL A 483 -42.58 76.78 19.92
N GLU A 484 -42.88 76.39 21.15
CA GLU A 484 -43.56 75.13 21.44
C GLU A 484 -45.04 75.39 21.67
N GLY A 485 -45.89 74.59 21.03
CA GLY A 485 -47.32 74.74 21.16
C GLY A 485 -48.09 73.89 20.16
N PHE A 486 -49.05 74.50 19.48
CA PHE A 486 -49.82 73.78 18.48
C PHE A 486 -48.90 73.27 17.38
N ASN A 487 -49.04 71.98 17.04
CA ASN A 487 -48.20 71.33 16.04
C ASN A 487 -46.71 71.40 16.39
N CYS A 488 -46.39 71.67 17.65
CA CYS A 488 -44.99 71.78 18.08
C CYS A 488 -44.93 71.36 19.55
N TYR A 489 -44.49 70.13 19.80
CA TYR A 489 -44.40 69.59 21.13
C TYR A 489 -43.01 68.96 21.34
N PHE A 490 -42.57 68.97 22.58
CA PHE A 490 -41.26 68.40 22.90
C PHE A 490 -41.27 66.90 22.63
N PRO A 491 -40.32 66.37 21.87
CA PRO A 491 -40.32 64.92 21.60
C PRO A 491 -40.19 64.07 22.86
N LEU A 492 -39.54 64.59 23.88
CA LEU A 492 -39.29 63.86 25.12
C LEU A 492 -40.35 64.22 26.15
N GLN A 493 -40.96 63.19 26.74
CA GLN A 493 -41.94 63.35 27.81
C GLN A 493 -41.48 62.58 29.04
N SER A 494 -41.83 63.08 30.21
CA SER A 494 -41.35 62.56 31.48
C SER A 494 -42.35 61.57 32.07
N TYR A 495 -41.82 60.50 32.67
CA TYR A 495 -42.65 59.49 33.31
C TYR A 495 -43.02 59.93 34.72
N GLY A 496 -44.20 59.49 35.17
CA GLY A 496 -44.63 59.73 36.53
C GLY A 496 -44.26 58.61 37.48
N PHE A 497 -42.98 58.26 37.51
CA PHE A 497 -42.51 57.15 38.35
C PHE A 497 -42.73 57.49 39.82
N GLN A 498 -43.65 56.78 40.47
CA GLN A 498 -43.93 56.96 41.88
C GLN A 498 -44.00 55.60 42.56
N PRO A 499 -43.68 55.54 43.86
CA PRO A 499 -43.77 54.24 44.56
C PRO A 499 -45.16 53.64 44.55
N THR A 500 -46.21 54.48 44.59
CA THR A 500 -47.58 53.98 44.60
C THR A 500 -48.09 53.61 43.22
N ASN A 501 -47.38 53.99 42.15
CA ASN A 501 -47.84 53.68 40.81
C ASN A 501 -47.78 52.17 40.56
N GLY A 502 -48.60 51.73 39.60
CA GLY A 502 -48.68 50.32 39.29
C GLY A 502 -47.41 49.80 38.63
N VAL A 503 -47.36 48.47 38.50
CA VAL A 503 -46.18 47.83 37.93
C VAL A 503 -45.95 48.33 36.50
N GLY A 504 -47.03 48.50 35.73
CA GLY A 504 -46.87 48.98 34.37
C GLY A 504 -46.22 50.35 34.30
N TYR A 505 -46.60 51.25 35.21
CA TYR A 505 -46.07 52.61 35.23
C TYR A 505 -44.83 52.75 36.10
N GLN A 506 -44.43 51.70 36.81
CA GLN A 506 -43.25 51.78 37.67
C GLN A 506 -41.98 51.70 36.82
N PRO A 507 -40.87 52.22 37.34
CA PRO A 507 -39.61 52.17 36.58
C PRO A 507 -38.92 50.82 36.70
N TYR A 508 -38.37 50.36 35.59
CA TYR A 508 -37.62 49.11 35.52
C TYR A 508 -36.27 49.40 34.89
N ARG A 509 -35.20 49.06 35.60
CA ARG A 509 -33.85 49.23 35.08
C ARG A 509 -33.53 48.07 34.15
N VAL A 510 -33.04 48.39 32.95
CA VAL A 510 -32.82 47.42 31.90
C VAL A 510 -31.39 47.54 31.39
N VAL A 511 -30.71 46.41 31.26
CA VAL A 511 -29.38 46.33 30.68
C VAL A 511 -29.44 45.35 29.52
N VAL A 512 -29.03 45.79 28.34
CA VAL A 512 -29.00 44.97 27.14
C VAL A 512 -27.54 44.79 26.75
N LEU A 513 -27.07 43.55 26.79
CA LEU A 513 -25.68 43.21 26.48
C LEU A 513 -25.65 42.54 25.11
N SER A 514 -25.10 43.23 24.11
CA SER A 514 -25.01 42.72 22.76
C SER A 514 -23.57 42.26 22.50
N PHE A 515 -23.41 41.01 22.09
CA PHE A 515 -22.09 40.42 21.91
C PHE A 515 -21.75 40.33 20.43
N GLU A 516 -20.52 40.69 20.07
CA GLU A 516 -20.05 40.62 18.70
C GLU A 516 -18.75 39.84 18.65
N LEU A 517 -18.64 38.96 17.66
CA LEU A 517 -17.45 38.13 17.43
C LEU A 517 -17.04 38.33 15.97
N LEU A 518 -16.21 39.34 15.73
CA LEU A 518 -15.78 39.67 14.37
C LEU A 518 -14.46 38.95 14.07
N HIS A 519 -13.86 39.27 12.92
CA HIS A 519 -12.63 38.62 12.47
C HIS A 519 -11.45 39.16 13.28
N ALA A 520 -11.45 38.84 14.57
CA ALA A 520 -10.38 39.23 15.47
C ALA A 520 -10.38 38.27 16.64
N PRO A 521 -9.23 38.10 17.32
CA PRO A 521 -9.19 37.19 18.47
C PRO A 521 -10.16 37.63 19.56
N ALA A 522 -10.75 36.64 20.24
CA ALA A 522 -11.73 36.92 21.27
C ALA A 522 -11.04 37.35 22.56
N THR A 523 -11.53 38.44 23.16
CA THR A 523 -11.01 38.95 24.41
C THR A 523 -11.72 38.37 25.63
N VAL A 524 -12.77 37.57 25.43
CA VAL A 524 -13.53 36.96 26.52
C VAL A 524 -13.57 35.47 26.24
N CYS A 525 -12.68 34.70 26.88
CA CYS A 525 -12.60 33.27 26.68
C CYS A 525 -12.02 32.62 27.91
N GLY A 526 -12.30 31.33 28.07
CA GLY A 526 -11.71 30.53 29.12
C GLY A 526 -12.71 30.03 30.14
N PRO A 527 -12.22 29.27 31.13
CA PRO A 527 -13.09 28.74 32.18
C PRO A 527 -13.43 29.78 33.23
N LYS A 528 -14.52 30.52 33.00
CA LYS A 528 -14.85 31.66 33.87
C LYS A 528 -14.85 31.26 35.34
N LYS A 529 -15.46 30.12 35.68
CA LYS A 529 -15.62 29.76 37.09
C LYS A 529 -14.45 28.96 37.63
N SER A 530 -14.19 27.77 37.07
CA SER A 530 -13.12 26.92 37.58
C SER A 530 -12.96 25.62 36.81
N THR A 531 -11.72 25.17 36.66
CA THR A 531 -11.43 23.83 36.13
C THR A 531 -10.11 23.38 36.77
N ASN A 532 -10.21 22.61 37.85
CA ASN A 532 -9.04 22.27 38.66
C ASN A 532 -9.29 20.91 39.30
N LEU A 533 -8.54 20.61 40.38
CA LEU A 533 -8.66 19.36 41.12
C LEU A 533 -8.25 18.16 40.26
N VAL A 534 -6.98 18.17 39.85
CA VAL A 534 -6.39 17.10 39.07
C VAL A 534 -5.32 16.42 39.92
N LYS A 535 -4.89 15.24 39.47
CA LYS A 535 -3.87 14.47 40.18
C LYS A 535 -3.08 13.65 39.18
N ASN A 536 -1.87 13.25 39.59
CA ASN A 536 -0.97 12.49 38.75
C ASN A 536 -1.45 11.04 38.66
N LYS A 537 -1.72 10.57 37.44
CA LYS A 537 -2.13 9.20 37.20
C LYS A 537 -2.28 9.02 35.69
N CYS A 538 -2.32 7.76 35.26
CA CYS A 538 -2.54 7.45 33.85
C CYS A 538 -3.96 7.83 33.47
N VAL A 539 -4.11 8.96 32.78
CA VAL A 539 -5.42 9.55 32.54
C VAL A 539 -5.35 10.39 31.28
N ASN A 540 -6.51 10.74 30.74
CA ASN A 540 -6.62 11.68 29.63
C ASN A 540 -6.79 13.09 30.19
N PHE A 541 -5.94 14.00 29.75
CA PHE A 541 -5.86 15.35 30.29
C PHE A 541 -6.12 16.37 29.19
N ASN A 542 -6.88 17.40 29.53
CA ASN A 542 -7.15 18.55 28.67
C ASN A 542 -6.37 19.73 29.23
N PHE A 543 -5.25 20.05 28.59
CA PHE A 543 -4.39 21.16 28.98
C PHE A 543 -4.44 22.22 27.89
N ASN A 544 -5.20 23.29 28.16
CA ASN A 544 -5.23 24.47 27.28
C ASN A 544 -5.37 24.06 25.82
N GLY A 545 -6.26 23.11 25.55
CA GLY A 545 -6.62 22.72 24.20
C GLY A 545 -6.03 21.40 23.75
N LEU A 546 -5.03 20.86 24.43
CA LEU A 546 -4.47 19.55 24.08
C LEU A 546 -5.18 18.47 24.89
N THR A 547 -5.77 17.51 24.19
CA THR A 547 -6.38 16.34 24.81
C THR A 547 -5.43 15.17 24.60
N GLY A 548 -4.75 14.75 25.67
CA GLY A 548 -3.74 13.71 25.56
C GLY A 548 -3.78 12.70 26.68
N THR A 549 -3.53 11.43 26.37
CA THR A 549 -3.56 10.36 27.36
C THR A 549 -2.14 10.07 27.83
N GLY A 550 -1.93 10.12 29.14
CA GLY A 550 -0.61 9.86 29.68
C GLY A 550 -0.60 10.01 31.18
N VAL A 551 0.61 10.01 31.73
CA VAL A 551 0.84 10.16 33.16
C VAL A 551 1.50 11.50 33.40
N LEU A 552 0.91 12.30 34.28
CA LEU A 552 1.40 13.65 34.58
C LEU A 552 2.25 13.59 35.85
N THR A 553 3.51 13.22 35.67
CA THR A 553 4.45 13.15 36.77
C THR A 553 5.11 14.51 36.97
N GLU A 554 6.12 14.58 37.82
CA GLU A 554 6.84 15.81 38.12
C GLU A 554 8.21 15.78 37.46
N SER A 555 8.58 16.87 36.82
CA SER A 555 9.83 16.97 36.07
C SER A 555 10.72 18.03 36.70
N ASN A 556 11.99 17.69 36.92
CA ASN A 556 12.97 18.62 37.46
C ASN A 556 13.78 19.22 36.32
N LYS A 557 13.09 20.00 35.49
CA LYS A 557 13.70 20.67 34.34
C LYS A 557 13.45 22.17 34.44
N LYS A 558 14.46 22.96 34.09
CA LYS A 558 14.37 24.41 34.13
C LYS A 558 13.90 24.90 32.76
N PHE A 559 12.80 25.64 32.75
CA PHE A 559 12.20 26.13 31.51
C PHE A 559 12.29 27.65 31.45
N LEU A 560 11.90 28.20 30.30
CA LEU A 560 11.97 29.63 30.10
C LEU A 560 10.93 30.36 30.93
N PRO A 561 11.19 31.63 31.29
CA PRO A 561 10.23 32.39 32.12
C PRO A 561 8.80 32.28 31.62
N PHE A 562 8.55 32.71 30.39
CA PHE A 562 7.21 32.60 29.83
C PHE A 562 6.91 31.15 29.51
N GLN A 563 5.88 30.59 30.15
CA GLN A 563 5.63 29.16 30.18
C GLN A 563 4.47 28.81 29.25
N GLN A 564 4.72 27.85 28.37
CA GLN A 564 3.70 27.30 27.48
C GLN A 564 4.04 25.83 27.25
N PHE A 565 3.48 25.25 26.19
CA PHE A 565 3.58 23.80 25.98
C PHE A 565 5.03 23.40 25.69
N GLY A 566 5.24 22.07 25.63
CA GLY A 566 6.55 21.51 25.37
C GLY A 566 6.52 20.56 24.18
N ARG A 567 7.71 20.12 23.78
CA ARG A 567 7.86 19.23 22.64
C ARG A 567 9.19 18.51 22.74
N ASP A 568 9.37 17.50 21.88
CA ASP A 568 10.59 16.72 21.84
C ASP A 568 11.16 16.68 20.43
N ILE A 569 12.18 15.83 20.22
CA ILE A 569 12.82 15.76 18.90
C ILE A 569 11.83 15.31 17.83
N ALA A 570 11.01 14.30 18.15
CA ALA A 570 10.08 13.73 17.19
C ALA A 570 8.79 14.53 17.07
N ASP A 571 8.77 15.78 17.53
CA ASP A 571 7.58 16.62 17.47
C ASP A 571 6.40 15.99 18.23
N THR A 572 6.72 15.24 19.28
CA THR A 572 5.71 14.62 20.13
C THR A 572 5.77 15.25 21.51
N THR A 573 4.63 15.71 22.01
CA THR A 573 4.59 16.36 23.31
C THR A 573 5.09 15.40 24.38
N ASP A 574 5.97 15.90 25.25
CA ASP A 574 6.52 15.11 26.33
C ASP A 574 6.51 15.85 27.67
N ALA A 575 6.08 17.10 27.70
CA ALA A 575 6.03 17.86 28.95
C ALA A 575 5.11 19.05 28.74
N VAL A 576 4.12 19.20 29.63
CA VAL A 576 3.16 20.29 29.56
C VAL A 576 3.21 21.06 30.88
N ARG A 577 2.98 22.36 30.78
CA ARG A 577 3.09 23.23 31.94
C ARG A 577 1.92 23.02 32.90
N ASP A 578 2.08 23.54 34.11
CA ASP A 578 1.00 23.59 35.08
C ASP A 578 0.51 25.02 35.18
N PRO A 579 -0.68 25.35 34.66
CA PRO A 579 -1.09 26.76 34.63
C PRO A 579 -1.15 27.42 35.99
N GLN A 580 -1.50 26.68 37.05
CA GLN A 580 -1.67 27.28 38.37
C GLN A 580 -0.32 27.50 39.05
N THR A 581 0.43 26.43 39.26
CA THR A 581 1.75 26.50 39.88
C THR A 581 2.84 26.42 38.83
N LEU A 582 3.90 27.19 39.03
CA LEU A 582 5.01 27.24 38.08
C LEU A 582 5.89 26.00 38.21
N GLU A 583 5.29 24.84 37.92
CA GLU A 583 5.98 23.55 37.96
C GLU A 583 5.66 22.78 36.70
N ILE A 584 6.66 22.06 36.19
CA ILE A 584 6.54 21.34 34.93
C ILE A 584 6.16 19.90 35.21
N LEU A 585 5.40 19.31 34.29
CA LEU A 585 4.93 17.93 34.40
C LEU A 585 5.28 17.18 33.12
N ASP A 586 5.88 16.00 33.27
CA ASP A 586 6.20 15.16 32.13
C ASP A 586 4.95 14.40 31.68
N ILE A 587 4.99 13.95 30.42
CA ILE A 587 3.96 13.11 29.84
C ILE A 587 4.64 11.90 29.22
N THR A 588 4.19 10.71 29.61
CA THR A 588 4.74 9.46 29.12
C THR A 588 3.60 8.49 28.84
N PRO A 589 3.81 7.53 27.94
CA PRO A 589 2.76 6.53 27.68
C PRO A 589 2.53 5.65 28.90
N CYS A 590 1.32 5.13 29.00
CA CYS A 590 0.92 4.44 30.22
C CYS A 590 1.55 3.06 30.32
N SER A 591 1.17 2.13 29.43
CA SER A 591 1.73 0.79 29.51
C SER A 591 2.26 0.26 28.18
N PHE A 592 1.57 0.51 27.07
CA PHE A 592 1.91 -0.16 25.81
C PHE A 592 2.16 -1.65 26.08
N GLY A 593 3.08 -2.26 25.33
CA GLY A 593 3.47 -3.63 25.56
C GLY A 593 2.55 -4.63 24.89
N GLY A 594 2.93 -5.91 25.02
CA GLY A 594 2.16 -6.99 24.44
C GLY A 594 2.19 -8.20 25.35
N VAL A 595 1.16 -9.05 25.18
CA VAL A 595 0.99 -10.25 25.99
C VAL A 595 1.25 -11.45 25.09
N SER A 596 2.19 -12.30 25.50
CA SER A 596 2.56 -13.52 24.82
C SER A 596 2.37 -14.70 25.76
N VAL A 597 2.20 -15.88 25.19
CA VAL A 597 1.97 -17.11 25.94
C VAL A 597 3.17 -18.03 25.71
N ILE A 598 3.77 -18.49 26.81
CA ILE A 598 4.89 -19.42 26.77
C ILE A 598 4.39 -20.75 27.29
N THR A 599 4.53 -21.79 26.47
CA THR A 599 3.99 -23.10 26.84
C THR A 599 4.67 -24.17 25.98
N PRO A 600 4.91 -25.36 26.54
CA PRO A 600 5.35 -26.48 25.69
C PRO A 600 4.19 -27.02 24.87
N GLY A 601 4.42 -28.10 24.14
CA GLY A 601 3.35 -28.70 23.36
C GLY A 601 2.21 -29.17 24.24
N THR A 602 1.01 -29.16 23.68
CA THR A 602 -0.17 -29.61 24.43
C THR A 602 0.04 -31.02 24.98
N ASN A 603 0.75 -31.86 24.25
CA ASN A 603 1.11 -33.18 24.74
C ASN A 603 2.20 -33.06 25.80
N THR A 604 2.04 -33.83 26.88
CA THR A 604 2.96 -33.92 28.01
C THR A 604 2.83 -32.75 28.97
N SER A 605 1.98 -31.76 28.68
CA SER A 605 1.79 -30.63 29.59
C SER A 605 0.66 -29.77 29.06
N ASN A 606 -0.01 -29.07 29.98
CA ASN A 606 -1.13 -28.20 29.63
C ASN A 606 -0.98 -26.81 30.25
N GLN A 607 -0.29 -26.73 31.39
CA GLN A 607 -0.12 -25.45 32.06
C GLN A 607 0.72 -24.50 31.20
N VAL A 608 0.43 -23.21 31.32
CA VAL A 608 1.04 -22.18 30.49
C VAL A 608 1.51 -21.03 31.36
N ALA A 609 2.36 -20.19 30.79
CA ALA A 609 2.86 -18.99 31.44
C ALA A 609 2.63 -17.79 30.52
N VAL A 610 2.61 -16.60 31.11
CA VAL A 610 2.31 -15.37 30.39
C VAL A 610 3.49 -14.43 30.49
N LEU A 611 3.79 -13.72 29.41
CA LEU A 611 4.86 -12.74 29.35
C LEU A 611 4.28 -11.42 28.88
N TYR A 612 4.43 -10.38 29.70
CA TYR A 612 4.02 -9.02 29.36
C TYR A 612 5.28 -8.21 29.05
N GLN A 613 5.33 -7.63 27.86
CA GLN A 613 6.54 -7.00 27.35
C GLN A 613 6.64 -5.55 27.83
N ASP A 614 7.80 -5.20 28.38
CA ASP A 614 8.13 -3.82 28.73
C ASP A 614 7.07 -3.18 29.62
N VAL A 615 6.65 -3.94 30.64
CA VAL A 615 5.71 -3.43 31.64
C VAL A 615 6.18 -3.89 33.02
N ASN A 616 6.10 -2.98 33.99
CA ASN A 616 6.46 -3.32 35.35
C ASN A 616 5.51 -4.37 35.91
N CYS A 617 6.05 -5.27 36.73
CA CYS A 617 5.22 -6.32 37.32
C CYS A 617 4.17 -5.78 38.28
N THR A 618 4.31 -4.52 38.71
CA THR A 618 3.31 -3.94 39.59
C THR A 618 2.05 -3.54 38.85
N GLU A 619 2.17 -3.17 37.57
CA GLU A 619 1.03 -2.72 36.79
C GLU A 619 0.33 -3.84 36.04
N VAL A 620 0.84 -5.07 36.13
CA VAL A 620 0.20 -6.18 35.40
C VAL A 620 -1.24 -6.40 35.82
N PRO A 621 -1.62 -6.30 37.11
CA PRO A 621 -3.01 -6.64 37.47
C PRO A 621 -4.04 -5.79 36.75
N VAL A 622 -3.73 -4.53 36.45
CA VAL A 622 -4.67 -3.64 35.77
C VAL A 622 -4.41 -3.58 34.28
N ALA A 623 -3.61 -4.51 33.74
CA ALA A 623 -3.30 -4.53 32.31
C ALA A 623 -4.41 -5.29 31.58
N ILE A 624 -5.49 -4.56 31.30
CA ILE A 624 -6.65 -5.11 30.62
C ILE A 624 -7.15 -6.33 31.41
N HIS A 625 -7.74 -6.07 32.57
CA HIS A 625 -8.27 -7.12 33.42
C HIS A 625 -9.49 -6.58 34.16
N ALA A 626 -9.93 -7.30 35.19
CA ALA A 626 -11.09 -6.98 36.01
C ALA A 626 -12.40 -7.26 35.29
N ASP A 627 -12.37 -7.69 34.03
CA ASP A 627 -13.57 -8.01 33.28
C ASP A 627 -13.52 -9.34 32.56
N GLN A 628 -12.35 -9.98 32.47
CA GLN A 628 -12.23 -11.27 31.80
C GLN A 628 -12.81 -12.37 32.68
N LEU A 629 -12.65 -13.61 32.24
CA LEU A 629 -13.14 -14.77 32.97
C LEU A 629 -12.35 -14.90 34.27
N THR A 630 -13.00 -14.57 35.38
CA THR A 630 -12.30 -14.55 36.66
C THR A 630 -11.72 -15.89 37.05
N PRO A 631 -12.41 -17.02 36.89
CA PRO A 631 -11.86 -18.30 37.39
C PRO A 631 -10.46 -18.64 36.88
N THR A 632 -10.14 -18.35 35.62
CA THR A 632 -8.91 -18.85 35.01
C THR A 632 -8.15 -17.77 34.26
N TRP A 633 -8.12 -16.54 34.78
CA TRP A 633 -7.27 -15.51 34.20
C TRP A 633 -6.45 -14.79 35.27
N ARG A 634 -6.99 -14.69 36.49
CA ARG A 634 -6.27 -14.00 37.55
C ARG A 634 -5.05 -14.79 37.99
N VAL A 635 -5.09 -16.12 37.90
CA VAL A 635 -3.96 -16.93 38.31
C VAL A 635 -2.74 -16.61 37.46
N TYR A 636 -2.96 -16.36 36.16
CA TYR A 636 -1.88 -16.07 35.22
C TYR A 636 -1.54 -14.58 35.16
N SER A 637 -2.23 -13.74 35.92
CA SER A 637 -1.96 -12.30 35.95
C SER A 637 -1.54 -11.79 37.32
N THR A 638 -1.85 -12.51 38.40
CA THR A 638 -1.49 -12.10 39.75
C THR A 638 -1.00 -13.33 40.50
N GLY A 639 -0.82 -13.19 41.81
CA GLY A 639 -0.36 -14.29 42.63
C GLY A 639 1.15 -14.42 42.63
N SER A 640 1.61 -15.60 43.04
CA SER A 640 3.03 -15.88 43.13
C SER A 640 3.58 -16.15 41.73
N ASN A 641 4.85 -16.55 41.65
CA ASN A 641 5.52 -16.84 40.38
C ASN A 641 5.51 -15.61 39.46
N VAL A 642 5.98 -14.49 40.00
CA VAL A 642 6.10 -13.25 39.26
C VAL A 642 7.58 -12.88 39.19
N PHE A 643 8.11 -12.76 37.98
CA PHE A 643 9.52 -12.48 37.77
C PHE A 643 9.67 -11.25 36.88
N GLN A 644 10.54 -10.33 37.30
CA GLN A 644 10.81 -9.11 36.54
C GLN A 644 12.11 -9.30 35.77
N THR A 645 11.99 -9.49 34.46
CA THR A 645 13.14 -9.67 33.58
C THR A 645 13.30 -8.44 32.70
N ARG A 646 14.45 -8.37 32.03
CA ARG A 646 14.71 -7.27 31.11
C ARG A 646 13.64 -7.16 30.03
N ALA A 647 13.07 -8.30 29.64
CA ALA A 647 12.02 -8.31 28.62
C ALA A 647 10.67 -7.87 29.16
N GLY A 648 10.48 -7.86 30.48
CA GLY A 648 9.22 -7.44 31.05
C GLY A 648 8.84 -8.21 32.31
N CYS A 649 7.62 -8.74 32.34
CA CYS A 649 7.11 -9.47 33.48
C CYS A 649 6.71 -10.88 33.04
N LEU A 650 7.09 -11.88 33.83
CA LEU A 650 6.77 -13.27 33.57
C LEU A 650 5.91 -13.79 34.71
N ILE A 651 4.75 -14.35 34.37
CA ILE A 651 3.78 -14.87 35.33
C ILE A 651 3.59 -16.35 35.06
N GLY A 652 3.59 -17.15 36.12
CA GLY A 652 3.42 -18.59 36.02
C GLY A 652 4.70 -19.38 35.92
N ALA A 653 5.86 -18.72 35.88
CA ALA A 653 7.15 -19.38 35.80
C ALA A 653 7.93 -19.09 37.07
N GLU A 654 8.49 -20.15 37.67
CA GLU A 654 9.26 -20.02 38.89
C GLU A 654 10.73 -19.81 38.56
N HIS A 655 11.31 -18.73 39.07
CA HIS A 655 12.71 -18.43 38.81
C HIS A 655 13.60 -19.46 39.48
N VAL A 656 14.65 -19.87 38.76
CA VAL A 656 15.61 -20.86 39.24
C VAL A 656 17.01 -20.34 38.97
N ASN A 657 17.89 -20.48 39.97
CA ASN A 657 19.25 -19.94 39.87
C ASN A 657 20.17 -20.80 39.02
N ASN A 658 19.73 -21.99 38.59
CA ASN A 658 20.55 -22.83 37.76
C ASN A 658 20.66 -22.23 36.35
N SER A 659 21.36 -22.94 35.47
CA SER A 659 21.57 -22.48 34.10
C SER A 659 21.71 -23.71 33.20
N TYR A 660 20.74 -23.91 32.32
CA TYR A 660 20.74 -25.01 31.37
C TYR A 660 20.65 -24.45 29.95
N GLU A 661 20.64 -25.35 28.97
CA GLU A 661 20.51 -24.93 27.58
C GLU A 661 19.15 -24.29 27.35
N CYS A 662 19.14 -23.25 26.51
CA CYS A 662 17.90 -22.54 26.23
C CYS A 662 16.88 -23.47 25.58
N ASP A 663 15.66 -23.46 26.12
CA ASP A 663 14.55 -24.23 25.56
C ASP A 663 13.56 -23.32 24.86
N ILE A 664 13.03 -22.32 25.56
CA ILE A 664 12.15 -21.31 24.98
C ILE A 664 12.77 -19.96 25.25
N PRO A 665 13.31 -19.26 24.23
CA PRO A 665 14.03 -18.02 24.51
C PRO A 665 13.12 -16.87 24.90
N ILE A 666 13.13 -16.51 26.19
CA ILE A 666 12.38 -15.34 26.63
C ILE A 666 13.04 -14.07 26.13
N GLY A 667 14.36 -14.00 26.24
CA GLY A 667 15.11 -12.83 25.81
C GLY A 667 16.06 -12.31 26.85
N ALA A 668 17.04 -11.51 26.43
CA ALA A 668 18.03 -10.92 27.34
C ALA A 668 18.72 -11.99 28.17
N GLY A 669 19.02 -13.13 27.54
CA GLY A 669 19.68 -14.21 28.23
C GLY A 669 18.81 -15.03 29.14
N ILE A 670 17.49 -14.81 29.12
CA ILE A 670 16.56 -15.54 29.96
C ILE A 670 15.78 -16.52 29.08
N CYS A 671 15.71 -17.77 29.51
CA CYS A 671 14.99 -18.81 28.80
C CYS A 671 14.11 -19.59 29.75
N ALA A 672 12.97 -20.06 29.24
CA ALA A 672 11.98 -20.79 30.04
C ALA A 672 11.93 -22.24 29.57
N SER A 673 11.91 -23.16 30.53
CA SER A 673 11.82 -24.59 30.25
C SER A 673 10.80 -25.22 31.18
N TYR A 674 10.11 -26.25 30.66
CA TYR A 674 9.11 -26.96 31.44
C TYR A 674 9.70 -28.01 32.37
N GLN A 675 10.95 -28.41 32.15
CA GLN A 675 11.54 -29.47 32.95
C GLN A 675 11.62 -29.06 34.42
N THR A 676 11.42 -30.02 35.30
CA THR A 676 11.41 -29.78 36.74
C THR A 676 12.69 -29.06 37.18
N SER A 689 3.97 -31.70 40.08
CA SER A 689 5.42 -31.83 40.18
C SER A 689 6.12 -30.96 39.14
N GLN A 690 6.01 -31.35 37.88
CA GLN A 690 6.63 -30.58 36.81
C GLN A 690 5.95 -29.23 36.66
N SER A 691 6.76 -28.20 36.41
CA SER A 691 6.24 -26.84 36.25
C SER A 691 7.18 -26.05 35.36
N ILE A 692 6.65 -24.97 34.80
CA ILE A 692 7.45 -24.09 33.94
C ILE A 692 8.33 -23.22 34.82
N ILE A 693 9.61 -23.12 34.45
CA ILE A 693 10.58 -22.32 35.19
C ILE A 693 11.34 -21.45 34.20
N ALA A 694 11.94 -20.37 34.73
CA ALA A 694 12.74 -19.45 33.95
C ALA A 694 14.13 -19.36 34.56
N TYR A 695 15.15 -19.32 33.71
CA TYR A 695 16.54 -19.31 34.17
C TYR A 695 17.38 -18.54 33.17
N THR A 696 18.67 -18.43 33.46
CA THR A 696 19.64 -17.79 32.59
C THR A 696 20.35 -18.89 31.79
N MET A 697 20.15 -18.88 30.47
CA MET A 697 20.72 -19.93 29.64
C MET A 697 22.24 -19.90 29.70
N SER A 698 22.84 -21.10 29.72
CA SER A 698 24.28 -21.23 29.75
C SER A 698 24.83 -21.33 28.33
N LEU A 699 25.95 -20.65 28.09
CA LEU A 699 26.55 -20.68 26.76
C LEU A 699 26.96 -22.09 26.37
N GLY A 700 27.54 -22.84 27.29
CA GLY A 700 27.94 -24.20 27.00
C GLY A 700 28.70 -24.79 28.18
N ALA A 701 28.99 -26.08 28.07
CA ALA A 701 29.74 -26.76 29.12
C ALA A 701 31.12 -26.13 29.27
N GLU A 702 31.54 -25.93 30.52
CA GLU A 702 32.82 -25.32 30.79
C GLU A 702 33.95 -26.33 30.57
N ASN A 703 35.03 -25.87 29.95
CA ASN A 703 36.18 -26.72 29.68
C ASN A 703 37.44 -25.88 29.81
N SER A 704 38.54 -26.56 30.16
CA SER A 704 39.84 -25.90 30.31
C SER A 704 40.91 -26.88 29.84
N VAL A 705 41.38 -26.70 28.61
CA VAL A 705 42.42 -27.57 28.08
C VAL A 705 43.74 -27.26 28.78
N ALA A 706 44.43 -28.32 29.22
CA ALA A 706 45.67 -28.18 29.98
C ALA A 706 46.81 -27.89 29.00
N TYR A 707 46.86 -26.65 28.54
CA TYR A 707 47.91 -26.23 27.63
C TYR A 707 49.26 -26.24 28.33
N SER A 708 50.29 -26.71 27.62
CA SER A 708 51.64 -26.69 28.12
C SER A 708 52.59 -26.53 26.94
N ASN A 709 53.76 -25.95 27.23
CA ASN A 709 54.73 -25.65 26.18
C ASN A 709 55.47 -26.89 25.68
N ASN A 710 55.33 -28.03 26.35
CA ASN A 710 56.00 -29.26 25.94
C ASN A 710 55.04 -30.44 26.05
N SER A 711 53.76 -30.22 25.74
CA SER A 711 52.76 -31.28 25.78
C SER A 711 51.89 -31.18 24.52
N ILE A 712 51.54 -32.35 23.98
CA ILE A 712 50.70 -32.43 22.79
C ILE A 712 49.83 -33.67 22.90
N ALA A 713 48.63 -33.60 22.32
CA ALA A 713 47.70 -34.72 22.28
C ALA A 713 47.58 -35.20 20.85
N ILE A 714 47.88 -36.47 20.63
CA ILE A 714 47.82 -37.10 19.31
C ILE A 714 46.67 -38.11 19.33
N PRO A 715 45.66 -37.97 18.46
CA PRO A 715 44.57 -38.94 18.46
C PRO A 715 45.07 -40.35 18.20
N THR A 716 44.46 -41.32 18.88
CA THR A 716 44.78 -42.73 18.70
C THR A 716 43.64 -43.51 18.06
N ASN A 717 42.51 -42.87 17.78
CA ASN A 717 41.37 -43.52 17.16
C ASN A 717 40.58 -42.47 16.39
N PHE A 718 39.72 -42.95 15.49
CA PHE A 718 38.96 -42.07 14.61
C PHE A 718 37.52 -42.55 14.54
N THR A 719 36.67 -41.71 13.94
CA THR A 719 35.27 -42.03 13.76
C THR A 719 34.79 -41.37 12.47
N ILE A 720 33.79 -41.99 11.85
CA ILE A 720 33.16 -41.48 10.63
C ILE A 720 31.79 -40.93 11.03
N SER A 721 31.61 -39.62 10.88
CA SER A 721 30.40 -38.94 11.29
C SER A 721 29.61 -38.51 10.07
N VAL A 722 28.31 -38.78 10.07
CA VAL A 722 27.41 -38.41 8.98
C VAL A 722 26.45 -37.36 9.51
N THR A 723 26.40 -36.21 8.83
CA THR A 723 25.58 -35.09 9.25
C THR A 723 24.65 -34.67 8.13
N THR A 724 23.50 -34.10 8.50
CA THR A 724 22.48 -33.68 7.57
C THR A 724 22.54 -32.18 7.35
N GLU A 725 22.32 -31.75 6.10
CA GLU A 725 22.23 -30.34 5.77
C GLU A 725 21.14 -30.16 4.73
N ILE A 726 20.02 -29.56 5.13
CA ILE A 726 18.86 -29.41 4.27
C ILE A 726 18.79 -27.95 3.79
N LEU A 727 18.64 -27.76 2.49
CA LEU A 727 18.58 -26.42 1.92
C LEU A 727 17.47 -26.32 0.88
N PRO A 728 16.55 -25.37 1.01
CA PRO A 728 15.53 -25.18 -0.04
C PRO A 728 16.18 -24.75 -1.35
N VAL A 729 15.58 -25.18 -2.45
CA VAL A 729 16.13 -24.92 -3.78
C VAL A 729 15.20 -24.01 -4.57
N SER A 730 13.89 -24.21 -4.44
CA SER A 730 12.93 -23.46 -5.23
C SER A 730 11.64 -23.33 -4.42
N MET A 731 10.68 -22.60 -4.99
CA MET A 731 9.35 -22.42 -4.44
C MET A 731 8.32 -23.01 -5.40
N THR A 732 7.05 -22.80 -5.08
CA THR A 732 5.96 -23.17 -5.96
C THR A 732 5.68 -21.99 -6.89
N LYS A 733 5.98 -22.17 -8.18
CA LYS A 733 5.73 -21.12 -9.15
C LYS A 733 4.24 -20.76 -9.14
N THR A 734 3.94 -19.47 -9.29
CA THR A 734 2.57 -19.01 -9.25
C THR A 734 2.39 -17.83 -10.19
N SER A 735 1.24 -17.78 -10.84
CA SER A 735 0.84 -16.67 -11.69
C SER A 735 -0.56 -16.23 -11.30
N VAL A 736 -0.78 -14.91 -11.25
CA VAL A 736 -2.04 -14.33 -10.80
C VAL A 736 -2.60 -13.47 -11.92
N ASP A 737 -3.87 -13.67 -12.24
CA ASP A 737 -4.55 -12.87 -13.24
C ASP A 737 -5.01 -11.57 -12.59
N CYS A 738 -4.29 -10.48 -12.87
CA CYS A 738 -4.58 -9.21 -12.23
C CYS A 738 -6.00 -8.74 -12.57
N THR A 739 -6.37 -8.81 -13.85
CA THR A 739 -7.69 -8.34 -14.27
C THR A 739 -8.79 -9.15 -13.61
N MET A 740 -8.72 -10.47 -13.69
CA MET A 740 -9.75 -11.31 -13.09
C MET A 740 -9.76 -11.16 -11.58
N TYR A 741 -8.57 -11.10 -10.95
CA TYR A 741 -8.50 -11.01 -9.50
C TYR A 741 -9.16 -9.72 -9.01
N ILE A 742 -8.75 -8.59 -9.57
CA ILE A 742 -9.31 -7.30 -9.13
C ILE A 742 -10.78 -7.20 -9.55
N CYS A 743 -11.07 -7.57 -10.79
CA CYS A 743 -12.41 -7.44 -11.36
C CYS A 743 -12.92 -8.82 -11.75
N GLY A 744 -14.08 -9.20 -11.22
CA GLY A 744 -14.66 -10.48 -11.53
C GLY A 744 -15.68 -10.41 -12.66
N ASP A 745 -15.24 -10.75 -13.87
CA ASP A 745 -16.11 -10.80 -15.05
C ASP A 745 -17.02 -9.59 -15.14
N SER A 746 -16.54 -8.42 -14.72
CA SER A 746 -17.30 -7.19 -14.74
C SER A 746 -16.71 -6.26 -15.80
N THR A 747 -17.48 -5.98 -16.85
CA THR A 747 -17.01 -5.07 -17.89
C THR A 747 -16.76 -3.67 -17.35
N GLU A 748 -17.67 -3.17 -16.50
CA GLU A 748 -17.49 -1.85 -15.93
C GLU A 748 -16.23 -1.79 -15.07
N CYS A 749 -16.00 -2.83 -14.25
CA CYS A 749 -14.81 -2.86 -13.42
C CYS A 749 -13.55 -2.87 -14.26
N SER A 750 -13.55 -3.65 -15.34
CA SER A 750 -12.38 -3.69 -16.23
C SER A 750 -12.15 -2.32 -16.86
N ASN A 751 -13.23 -1.65 -17.29
CA ASN A 751 -13.08 -0.32 -17.88
C ASN A 751 -12.51 0.67 -16.87
N LEU A 752 -12.99 0.63 -15.64
CA LEU A 752 -12.44 1.51 -14.61
C LEU A 752 -10.98 1.20 -14.34
N LEU A 753 -10.62 -0.08 -14.27
CA LEU A 753 -9.23 -0.45 -14.01
C LEU A 753 -8.31 -0.05 -15.15
N LEU A 754 -8.82 -0.04 -16.39
CA LEU A 754 -8.00 0.31 -17.53
C LEU A 754 -7.43 1.72 -17.43
N GLN A 755 -8.05 2.59 -16.62
CA GLN A 755 -7.57 3.96 -16.46
C GLN A 755 -6.40 4.07 -15.49
N TYR A 756 -6.05 3.01 -14.78
CA TYR A 756 -4.99 3.05 -13.79
C TYR A 756 -3.61 2.84 -14.38
N GLY A 757 -3.51 2.48 -15.66
CA GLY A 757 -2.22 2.29 -16.31
C GLY A 757 -1.98 0.86 -16.73
N SER A 758 -0.81 0.32 -16.38
CA SER A 758 -0.40 -1.02 -16.76
C SER A 758 0.21 -1.75 -15.57
N PHE A 759 -0.39 -1.59 -14.39
CA PHE A 759 0.11 -2.29 -13.21
C PHE A 759 -0.03 -3.80 -13.37
N CYS A 760 -1.10 -4.25 -14.01
CA CYS A 760 -1.31 -5.69 -14.21
C CYS A 760 -0.16 -6.29 -15.00
N THR A 761 0.30 -5.59 -16.05
CA THR A 761 1.42 -6.10 -16.83
C THR A 761 2.68 -6.18 -15.98
N GLN A 762 2.92 -5.18 -15.13
CA GLN A 762 4.08 -5.22 -14.24
C GLN A 762 4.02 -6.43 -13.33
N LEU A 763 2.85 -6.68 -12.72
CA LEU A 763 2.74 -7.80 -11.80
C LEU A 763 2.91 -9.14 -12.53
N ASN A 764 2.32 -9.26 -13.73
CA ASN A 764 2.48 -10.47 -14.51
C ASN A 764 3.94 -10.71 -14.88
N ARG A 765 4.64 -9.65 -15.29
CA ARG A 765 6.05 -9.78 -15.62
C ARG A 765 6.86 -10.19 -14.40
N ALA A 766 6.56 -9.60 -13.24
CA ALA A 766 7.28 -9.97 -12.02
C ALA A 766 7.06 -11.43 -11.67
N LEU A 767 5.82 -11.91 -11.77
CA LEU A 767 5.54 -13.31 -11.45
C LEU A 767 6.21 -14.24 -12.44
N THR A 768 6.20 -13.90 -13.73
CA THR A 768 6.89 -14.71 -14.73
C THR A 768 8.38 -14.76 -14.45
N GLY A 769 8.98 -13.61 -14.09
CA GLY A 769 10.38 -13.60 -13.75
C GLY A 769 10.69 -14.44 -12.54
N ILE A 770 9.80 -14.41 -11.54
CA ILE A 770 10.01 -15.24 -10.35
C ILE A 770 9.97 -16.72 -10.72
N ALA A 771 9.01 -17.11 -11.57
CA ALA A 771 8.92 -18.51 -11.98
C ALA A 771 10.17 -18.93 -12.76
N VAL A 772 10.63 -18.07 -13.67
CA VAL A 772 11.83 -18.39 -14.44
C VAL A 772 13.03 -18.49 -13.51
N GLU A 773 13.09 -17.63 -12.49
CA GLU A 773 14.19 -17.70 -11.52
C GLU A 773 14.15 -19.00 -10.75
N GLN A 774 12.96 -19.45 -10.35
CA GLN A 774 12.85 -20.73 -9.65
C GLN A 774 13.33 -21.88 -10.54
N ASP A 775 12.90 -21.88 -11.80
CA ASP A 775 13.35 -22.93 -12.72
C ASP A 775 14.86 -22.90 -12.90
N LYS A 776 15.43 -21.71 -13.07
CA LYS A 776 16.87 -21.58 -13.23
C LYS A 776 17.61 -22.06 -11.99
N ASN A 777 17.11 -21.72 -10.80
CA ASN A 777 17.73 -22.16 -9.57
C ASN A 777 17.73 -23.68 -9.48
N THR A 778 16.59 -24.30 -9.81
CA THR A 778 16.54 -25.77 -9.79
C THR A 778 17.52 -26.36 -10.78
N GLN A 779 17.59 -25.79 -11.99
CA GLN A 779 18.50 -26.30 -13.00
C GLN A 779 19.95 -26.24 -12.53
N GLU A 780 20.36 -25.09 -11.98
CA GLU A 780 21.73 -24.96 -11.50
C GLU A 780 22.00 -25.93 -10.35
N VAL A 781 21.06 -26.06 -9.41
CA VAL A 781 21.29 -26.90 -8.25
C VAL A 781 21.44 -28.36 -8.67
N PHE A 782 20.58 -28.84 -9.57
CA PHE A 782 20.54 -30.25 -9.91
C PHE A 782 21.25 -30.58 -11.22
N ALA A 783 20.95 -29.85 -12.29
CA ALA A 783 21.52 -30.13 -13.60
C ALA A 783 22.97 -29.66 -13.62
N GLN A 784 23.84 -30.48 -13.04
CA GLN A 784 25.28 -30.20 -12.99
C GLN A 784 26.13 -31.24 -13.69
N VAL A 785 25.57 -32.40 -14.02
CA VAL A 785 26.30 -33.50 -14.66
C VAL A 785 25.59 -33.83 -15.96
N LYS A 786 26.37 -33.96 -17.04
CA LYS A 786 25.79 -34.29 -18.34
C LYS A 786 25.47 -35.78 -18.45
N GLN A 787 26.50 -36.63 -18.35
CA GLN A 787 26.30 -38.06 -18.49
C GLN A 787 25.49 -38.60 -17.32
N ILE A 788 24.63 -39.56 -17.61
CA ILE A 788 23.79 -40.21 -16.59
C ILE A 788 24.49 -41.52 -16.25
N TYR A 789 25.33 -41.49 -15.22
CA TYR A 789 26.05 -42.67 -14.81
C TYR A 789 25.14 -43.64 -14.07
N LYS A 790 25.47 -44.93 -14.15
CA LYS A 790 24.70 -45.98 -13.52
C LYS A 790 25.64 -46.89 -12.74
N THR A 791 25.17 -47.33 -11.57
CA THR A 791 25.98 -48.20 -10.74
C THR A 791 26.10 -49.59 -11.35
N PRO A 792 27.15 -50.34 -11.01
CA PRO A 792 27.29 -51.69 -11.56
C PRO A 792 26.18 -52.60 -11.08
N PRO A 793 25.81 -53.62 -11.87
CA PRO A 793 24.80 -54.57 -11.38
C PRO A 793 25.18 -55.24 -10.08
N ILE A 794 26.46 -55.51 -9.87
CA ILE A 794 26.96 -56.11 -8.64
C ILE A 794 27.54 -55.01 -7.76
N LYS A 795 27.03 -54.89 -6.55
CA LYS A 795 27.43 -53.83 -5.61
C LYS A 795 28.37 -54.45 -4.58
N ASP A 796 29.66 -54.45 -4.90
CA ASP A 796 30.71 -54.95 -4.00
C ASP A 796 31.76 -53.85 -3.90
N PHE A 797 31.58 -52.95 -2.93
CA PHE A 797 32.43 -51.79 -2.74
C PHE A 797 33.38 -51.96 -1.56
N GLY A 798 33.87 -53.19 -1.32
CA GLY A 798 34.78 -53.41 -0.23
C GLY A 798 34.15 -53.38 1.14
N GLY A 799 32.85 -53.65 1.23
CA GLY A 799 32.13 -53.66 2.48
C GLY A 799 31.28 -52.43 2.73
N PHE A 800 31.49 -51.36 1.97
CA PHE A 800 30.66 -50.17 2.12
C PHE A 800 29.27 -50.43 1.54
N ASN A 801 28.24 -50.04 2.30
CA ASN A 801 26.85 -50.27 1.92
C ASN A 801 26.23 -48.93 1.55
N PHE A 802 25.63 -48.85 0.35
CA PHE A 802 24.98 -47.65 -0.13
C PHE A 802 23.51 -47.89 -0.45
N SER A 803 22.90 -48.90 0.15
CA SER A 803 21.49 -49.21 -0.14
C SER A 803 20.58 -48.06 0.27
N GLN A 804 20.85 -47.45 1.42
CA GLN A 804 19.98 -46.40 1.93
C GLN A 804 20.02 -45.13 1.08
N ILE A 805 21.01 -44.99 0.21
CA ILE A 805 21.14 -43.81 -0.64
C ILE A 805 20.96 -44.11 -2.12
N LEU A 806 21.15 -45.35 -2.55
CA LEU A 806 20.97 -45.68 -3.95
C LEU A 806 19.48 -45.89 -4.27
N PRO A 807 19.08 -45.69 -5.52
CA PRO A 807 17.67 -45.87 -5.87
C PRO A 807 17.23 -47.32 -5.68
N ASP A 808 15.96 -47.49 -5.35
CA ASP A 808 15.38 -48.81 -5.14
C ASP A 808 14.46 -49.14 -6.31
N PRO A 809 14.86 -50.01 -7.23
CA PRO A 809 13.98 -50.35 -8.36
C PRO A 809 12.70 -51.05 -7.96
N SER A 810 12.65 -51.67 -6.78
CA SER A 810 11.47 -52.42 -6.38
C SER A 810 10.24 -51.51 -6.30
N LYS A 811 10.40 -50.32 -5.73
CA LYS A 811 9.28 -49.41 -5.60
C LYS A 811 8.92 -48.81 -6.97
N PRO A 812 7.67 -48.37 -7.14
CA PRO A 812 7.29 -47.78 -8.44
C PRO A 812 8.17 -46.62 -8.84
N SER A 813 8.60 -45.80 -7.89
CA SER A 813 9.45 -44.65 -8.16
C SER A 813 10.90 -45.02 -7.85
N LYS A 814 11.79 -44.76 -8.80
CA LYS A 814 13.21 -45.11 -8.66
C LYS A 814 13.90 -44.07 -7.78
N ARG A 815 13.64 -44.19 -6.49
CA ARG A 815 14.22 -43.30 -5.49
C ARG A 815 14.74 -44.13 -4.32
N SER A 816 15.76 -43.59 -3.64
CA SER A 816 16.34 -44.28 -2.50
C SER A 816 15.39 -44.24 -1.30
N PHE A 817 15.69 -45.06 -0.30
CA PHE A 817 14.86 -45.10 0.89
C PHE A 817 14.82 -43.75 1.59
N ILE A 818 15.98 -43.09 1.70
CA ILE A 818 16.01 -41.78 2.34
C ILE A 818 15.21 -40.76 1.54
N GLU A 819 15.32 -40.81 0.20
CA GLU A 819 14.55 -39.89 -0.63
C GLU A 819 13.05 -40.12 -0.46
N ASP A 820 12.62 -41.38 -0.43
CA ASP A 820 11.21 -41.67 -0.23
C ASP A 820 10.75 -41.20 1.14
N LEU A 821 11.57 -41.40 2.17
CA LEU A 821 11.23 -40.92 3.50
C LEU A 821 11.08 -39.40 3.52
N LEU A 822 12.01 -38.69 2.86
CA LEU A 822 11.92 -37.24 2.81
C LEU A 822 10.65 -36.79 2.09
N PHE A 823 10.31 -37.44 0.98
CA PHE A 823 9.09 -37.09 0.27
C PHE A 823 7.86 -37.33 1.13
N ASN A 824 7.83 -38.46 1.85
CA ASN A 824 6.66 -38.79 2.66
C ASN A 824 6.53 -37.84 3.85
N LYS A 825 7.65 -37.45 4.45
CA LYS A 825 7.61 -36.65 5.68
C LYS A 825 7.18 -35.20 5.43
N VAL A 826 7.09 -34.77 4.18
CA VAL A 826 6.71 -33.40 3.85
C VAL A 826 5.33 -33.42 3.20
N THR A 827 4.43 -32.60 3.71
CA THR A 827 3.07 -32.53 3.19
C THR A 827 2.61 -31.08 3.06
N LEU A 849 -3.27 -29.30 -1.16
CA LEU A 849 -4.20 -28.33 -0.56
C LEU A 849 -4.09 -26.97 -1.25
N ILE A 850 -2.96 -26.74 -1.92
CA ILE A 850 -2.78 -25.47 -2.62
C ILE A 850 -3.79 -25.33 -3.76
N CYS A 851 -4.13 -26.43 -4.42
CA CYS A 851 -5.09 -26.39 -5.51
C CYS A 851 -6.43 -25.84 -5.07
N ALA A 852 -6.74 -25.89 -3.77
CA ALA A 852 -7.98 -25.31 -3.26
C ALA A 852 -8.03 -23.80 -3.39
N GLN A 853 -6.98 -23.16 -3.93
CA GLN A 853 -6.99 -21.73 -4.20
C GLN A 853 -7.28 -21.39 -5.66
N LYS A 854 -7.65 -22.38 -6.47
CA LYS A 854 -7.94 -22.16 -7.89
C LYS A 854 -9.40 -21.68 -8.02
N PHE A 855 -9.65 -20.52 -7.43
CA PHE A 855 -10.98 -19.92 -7.46
C PHE A 855 -11.00 -18.45 -7.79
N ASN A 856 -9.88 -17.73 -7.76
CA ASN A 856 -9.85 -16.28 -8.00
C ASN A 856 -8.69 -15.94 -8.93
N GLY A 857 -8.56 -16.69 -10.02
CA GLY A 857 -7.52 -16.45 -11.00
C GLY A 857 -6.13 -16.61 -10.43
N LEU A 858 -5.88 -17.71 -9.70
CA LEU A 858 -4.60 -17.99 -9.05
C LEU A 858 -4.08 -19.33 -9.55
N THR A 859 -3.28 -19.30 -10.61
CA THR A 859 -2.73 -20.52 -11.18
C THR A 859 -1.50 -20.96 -10.39
N VAL A 860 -1.26 -22.26 -10.37
CA VAL A 860 -0.15 -22.84 -9.62
C VAL A 860 1.02 -23.23 -10.51
N LEU A 861 0.81 -23.38 -11.82
CA LEU A 861 1.87 -23.65 -12.78
C LEU A 861 2.57 -24.98 -12.50
N PRO A 862 3.11 -25.63 -13.52
CA PRO A 862 3.82 -26.89 -13.29
C PRO A 862 5.32 -26.66 -13.16
N PRO A 863 5.99 -27.38 -12.26
CA PRO A 863 7.46 -27.37 -12.28
C PRO A 863 7.99 -27.90 -13.60
N LEU A 864 9.10 -27.31 -14.05
CA LEU A 864 9.68 -27.72 -15.34
C LEU A 864 10.27 -29.13 -15.27
N LEU A 865 10.96 -29.45 -14.18
CA LEU A 865 11.59 -30.75 -14.00
C LEU A 865 10.77 -31.56 -13.00
N THR A 866 10.29 -32.72 -13.44
CA THR A 866 9.51 -33.57 -12.57
C THR A 866 10.40 -34.20 -11.51
N ASP A 867 9.76 -34.66 -10.42
CA ASP A 867 10.51 -35.30 -9.34
C ASP A 867 11.29 -36.51 -9.85
N GLU A 868 10.78 -37.19 -10.88
CA GLU A 868 11.49 -38.33 -11.45
C GLU A 868 12.83 -37.89 -12.03
N MET A 869 12.85 -36.77 -12.75
CA MET A 869 14.11 -36.29 -13.32
C MET A 869 15.09 -35.87 -12.25
N ILE A 870 14.60 -35.24 -11.17
CA ILE A 870 15.48 -34.85 -10.08
C ILE A 870 16.08 -36.10 -9.41
N ALA A 871 15.25 -37.12 -9.20
CA ALA A 871 15.75 -38.37 -8.64
C ALA A 871 16.78 -39.01 -9.57
N GLN A 872 16.54 -38.96 -10.88
CA GLN A 872 17.51 -39.49 -11.82
C GLN A 872 18.83 -38.74 -11.75
N TYR A 873 18.77 -37.41 -11.65
CA TYR A 873 19.99 -36.62 -11.53
C TYR A 873 20.74 -36.98 -10.26
N THR A 874 20.03 -37.11 -9.14
CA THR A 874 20.68 -37.48 -7.89
C THR A 874 21.32 -38.86 -7.98
N SER A 875 20.62 -39.82 -8.59
CA SER A 875 21.18 -41.16 -8.74
C SER A 875 22.42 -41.13 -9.63
N ALA A 876 22.38 -40.35 -10.70
CA ALA A 876 23.55 -40.24 -11.58
C ALA A 876 24.73 -39.64 -10.84
N LEU A 877 24.49 -38.60 -10.04
CA LEU A 877 25.58 -38.01 -9.25
C LEU A 877 26.14 -39.02 -8.26
N LEU A 878 25.26 -39.77 -7.59
CA LEU A 878 25.71 -40.79 -6.65
C LEU A 878 26.57 -41.84 -7.33
N ALA A 879 26.12 -42.32 -8.49
CA ALA A 879 26.88 -43.32 -9.23
C ALA A 879 28.24 -42.76 -9.67
N GLY A 880 28.25 -41.53 -10.16
CA GLY A 880 29.50 -40.94 -10.60
C GLY A 880 30.50 -40.78 -9.46
N THR A 881 30.02 -40.33 -8.30
CA THR A 881 30.95 -40.13 -7.18
C THR A 881 31.40 -41.46 -6.59
N ILE A 882 30.51 -42.47 -6.57
CA ILE A 882 30.89 -43.76 -6.00
C ILE A 882 31.88 -44.49 -6.91
N THR A 883 31.63 -44.49 -8.22
CA THR A 883 32.43 -45.27 -9.16
C THR A 883 33.60 -44.48 -9.73
N SER A 884 33.62 -43.15 -9.59
CA SER A 884 34.68 -42.35 -10.17
C SER A 884 35.19 -41.24 -9.26
N GLY A 885 34.68 -41.14 -8.04
CA GLY A 885 35.16 -40.09 -7.14
C GLY A 885 34.92 -38.72 -7.74
N TRP A 886 35.95 -37.87 -7.67
CA TRP A 886 35.87 -36.52 -8.20
C TRP A 886 36.39 -36.39 -9.62
N THR A 887 36.84 -37.49 -10.24
CA THR A 887 37.34 -37.42 -11.60
C THR A 887 36.26 -36.99 -12.57
N PHE A 888 35.05 -37.52 -12.41
CA PHE A 888 33.95 -37.15 -13.30
C PHE A 888 33.53 -35.70 -13.14
N GLY A 889 33.88 -35.07 -12.01
CA GLY A 889 33.55 -33.67 -11.79
C GLY A 889 34.50 -32.69 -12.41
N ALA A 890 35.55 -33.16 -13.08
CA ALA A 890 36.53 -32.29 -13.73
C ALA A 890 36.81 -32.67 -15.17
N GLY A 891 36.32 -33.81 -15.66
CA GLY A 891 36.56 -34.23 -17.02
C GLY A 891 36.00 -35.61 -17.30
N ALA A 892 36.74 -36.41 -18.07
CA ALA A 892 36.31 -37.78 -18.33
C ALA A 892 36.27 -38.58 -17.04
N ALA A 893 35.22 -39.38 -16.88
CA ALA A 893 35.09 -40.18 -15.68
C ALA A 893 36.08 -41.33 -15.68
N LEU A 894 36.83 -41.48 -14.58
CA LEU A 894 37.84 -42.51 -14.43
C LEU A 894 37.43 -43.45 -13.31
N GLN A 895 37.37 -44.74 -13.61
CA GLN A 895 37.00 -45.73 -12.61
C GLN A 895 38.12 -45.90 -11.59
N ILE A 896 37.74 -46.29 -10.38
CA ILE A 896 38.69 -46.54 -9.31
C ILE A 896 37.99 -47.31 -8.19
N PRO A 897 38.65 -48.30 -7.58
CA PRO A 897 38.01 -49.01 -6.46
C PRO A 897 37.67 -48.05 -5.33
N PHE A 898 36.55 -48.31 -4.67
CA PHE A 898 36.12 -47.42 -3.59
C PHE A 898 37.14 -47.40 -2.45
N ALA A 899 37.82 -48.52 -2.20
CA ALA A 899 38.84 -48.54 -1.15
C ALA A 899 39.96 -47.57 -1.48
N MET A 900 40.44 -47.59 -2.73
CA MET A 900 41.50 -46.66 -3.12
C MET A 900 41.00 -45.21 -3.12
N GLN A 901 39.74 -45.00 -3.50
CA GLN A 901 39.17 -43.65 -3.44
C GLN A 901 39.15 -43.12 -2.01
N MET A 902 38.73 -43.96 -1.06
CA MET A 902 38.74 -43.56 0.34
C MET A 902 40.16 -43.36 0.86
N ALA A 903 41.11 -44.17 0.37
CA ALA A 903 42.51 -43.94 0.72
C ALA A 903 42.97 -42.58 0.24
N TYR A 904 42.61 -42.22 -0.99
CA TYR A 904 42.95 -40.90 -1.52
C TYR A 904 42.34 -39.80 -0.65
N ARG A 905 41.08 -39.97 -0.27
CA ARG A 905 40.41 -38.95 0.53
C ARG A 905 41.06 -38.82 1.91
N PHE A 906 41.45 -39.95 2.50
CA PHE A 906 42.17 -39.90 3.77
C PHE A 906 43.50 -39.18 3.61
N ASN A 907 44.23 -39.46 2.52
CA ASN A 907 45.46 -38.74 2.25
C ASN A 907 45.21 -37.25 2.10
N GLY A 908 44.04 -36.87 1.57
CA GLY A 908 43.74 -35.46 1.41
C GLY A 908 43.65 -34.70 2.71
N ILE A 909 43.26 -35.38 3.79
CA ILE A 909 43.10 -34.74 5.09
C ILE A 909 44.35 -34.93 5.97
N GLY A 910 45.48 -35.28 5.36
CA GLY A 910 46.72 -35.40 6.11
C GLY A 910 46.84 -36.66 6.93
N VAL A 911 46.23 -37.76 6.49
CA VAL A 911 46.32 -39.05 7.17
C VAL A 911 46.86 -40.06 6.17
N THR A 912 47.87 -40.81 6.59
CA THR A 912 48.47 -41.81 5.71
C THR A 912 47.44 -42.85 5.30
N GLN A 913 47.52 -43.26 4.03
CA GLN A 913 46.54 -44.20 3.50
C GLN A 913 46.62 -45.57 4.14
N ASN A 914 47.72 -45.89 4.83
CA ASN A 914 47.83 -47.21 5.45
C ASN A 914 46.77 -47.45 6.51
N VAL A 915 46.27 -46.38 7.13
CA VAL A 915 45.25 -46.54 8.17
C VAL A 915 44.00 -47.16 7.59
N LEU A 916 43.58 -46.71 6.41
CA LEU A 916 42.41 -47.31 5.77
C LEU A 916 42.70 -48.75 5.36
N TYR A 917 43.87 -49.01 4.76
CA TYR A 917 44.19 -50.36 4.35
C TYR A 917 44.36 -51.29 5.55
N GLU A 918 44.45 -50.75 6.76
CA GLU A 918 44.55 -51.57 7.97
C GLU A 918 43.22 -51.70 8.71
N ASN A 919 42.32 -50.73 8.59
CA ASN A 919 41.05 -50.73 9.30
C ASN A 919 39.87 -50.52 8.36
N GLN A 920 39.96 -51.09 7.16
CA GLN A 920 38.85 -50.99 6.21
C GLN A 920 37.57 -51.59 6.77
N LYS A 921 37.66 -52.75 7.43
CA LYS A 921 36.47 -53.37 7.99
C LYS A 921 35.82 -52.47 9.03
N LEU A 922 36.63 -51.91 9.94
CA LEU A 922 36.09 -51.03 10.96
C LEU A 922 35.47 -49.78 10.33
N ILE A 923 36.13 -49.21 9.32
CA ILE A 923 35.62 -47.99 8.69
C ILE A 923 34.29 -48.29 8.00
N ALA A 924 34.21 -49.41 7.29
CA ALA A 924 32.95 -49.76 6.62
C ALA A 924 31.84 -50.00 7.63
N ASN A 925 32.15 -50.68 8.74
CA ASN A 925 31.14 -50.91 9.76
C ASN A 925 30.65 -49.59 10.35
N GLN A 926 31.58 -48.66 10.62
CA GLN A 926 31.20 -47.36 11.16
C GLN A 926 30.34 -46.59 10.16
N PHE A 927 30.70 -46.66 8.88
CA PHE A 927 29.91 -45.96 7.86
C PHE A 927 28.50 -46.52 7.79
N ASN A 928 28.36 -47.84 7.80
CA ASN A 928 27.03 -48.45 7.76
C ASN A 928 26.23 -48.09 9.01
N SER A 929 26.87 -48.12 10.18
CA SER A 929 26.18 -47.76 11.40
C SER A 929 25.72 -46.31 11.37
N ALA A 930 26.55 -45.41 10.86
CA ALA A 930 26.17 -44.01 10.77
C ALA A 930 25.02 -43.81 9.80
N ILE A 931 25.04 -44.52 8.67
CA ILE A 931 23.94 -44.43 7.72
C ILE A 931 22.64 -44.89 8.37
N GLY A 932 22.69 -46.01 9.08
CA GLY A 932 21.50 -46.47 9.79
C GLY A 932 21.02 -45.47 10.83
N LYS A 933 21.96 -44.89 11.59
CA LYS A 933 21.59 -43.94 12.63
C LYS A 933 20.95 -42.68 12.03
N ILE A 934 21.51 -42.17 10.93
CA ILE A 934 20.93 -40.97 10.31
C ILE A 934 19.56 -41.28 9.72
N GLN A 935 19.40 -42.46 9.12
CA GLN A 935 18.08 -42.83 8.62
C GLN A 935 17.07 -42.91 9.76
N ASP A 936 17.44 -43.52 10.87
CA ASP A 936 16.53 -43.62 12.01
C ASP A 936 16.19 -42.25 12.57
N SER A 937 17.20 -41.38 12.67
CA SER A 937 16.95 -40.03 13.18
C SER A 937 16.00 -39.27 12.28
N LEU A 938 16.19 -39.37 10.96
CA LEU A 938 15.27 -38.71 10.04
C LEU A 938 13.86 -39.28 10.19
N SER A 939 13.74 -40.60 10.32
CA SER A 939 12.42 -41.20 10.44
C SER A 939 11.72 -40.77 11.72
N SER A 940 12.45 -40.71 12.83
CA SER A 940 11.85 -40.45 14.13
C SER A 940 11.75 -38.97 14.48
N THR A 941 12.31 -38.08 13.65
CA THR A 941 12.29 -36.65 13.90
C THR A 941 11.49 -35.97 12.81
N ALA A 942 10.40 -35.30 13.21
CA ALA A 942 9.56 -34.57 12.27
C ALA A 942 10.01 -33.12 12.07
N SER A 943 10.95 -32.63 12.88
CA SER A 943 11.45 -31.27 12.77
C SER A 943 12.74 -31.19 11.96
N ALA A 944 13.22 -32.31 11.41
CA ALA A 944 14.45 -32.28 10.65
C ALA A 944 14.31 -31.46 9.38
N LEU A 945 13.13 -31.51 8.75
CA LEU A 945 12.87 -30.82 7.49
C LEU A 945 12.14 -29.50 7.73
N GLY A 946 12.48 -28.80 8.82
CA GLY A 946 11.77 -27.60 9.18
C GLY A 946 11.81 -26.51 8.11
N LYS A 947 12.93 -26.38 7.40
CA LYS A 947 13.08 -25.29 6.46
C LYS A 947 12.06 -25.40 5.31
N LEU A 948 11.99 -26.57 4.68
CA LEU A 948 11.08 -26.74 3.55
C LEU A 948 9.63 -26.59 3.99
N GLN A 949 9.27 -27.18 5.13
CA GLN A 949 7.91 -27.05 5.63
C GLN A 949 7.58 -25.60 5.93
N ASP A 950 8.52 -24.86 6.51
CA ASP A 950 8.29 -23.45 6.80
C ASP A 950 8.11 -22.64 5.52
N VAL A 951 8.91 -22.93 4.50
CA VAL A 951 8.77 -22.21 3.22
C VAL A 951 7.40 -22.49 2.61
N VAL A 952 6.98 -23.76 2.62
CA VAL A 952 5.69 -24.11 2.06
C VAL A 952 4.57 -23.43 2.84
N ASN A 953 4.67 -23.43 4.17
CA ASN A 953 3.66 -22.79 5.00
C ASN A 953 3.59 -21.29 4.73
N GLN A 954 4.75 -20.64 4.58
CA GLN A 954 4.76 -19.21 4.30
C GLN A 954 4.09 -18.92 2.96
N ASN A 955 4.41 -19.71 1.93
CA ASN A 955 3.78 -19.49 0.63
C ASN A 955 2.27 -19.70 0.71
N ALA A 956 1.85 -20.76 1.38
CA ALA A 956 0.42 -21.04 1.50
C ALA A 956 -0.30 -19.93 2.26
N GLN A 957 0.32 -19.44 3.34
CA GLN A 957 -0.29 -18.37 4.12
C GLN A 957 -0.38 -17.08 3.32
N ALA A 958 0.66 -16.76 2.56
CA ALA A 958 0.61 -15.57 1.72
C ALA A 958 -0.51 -15.67 0.69
N LEU A 959 -0.63 -16.82 0.04
CA LEU A 959 -1.69 -17.00 -0.95
C LEU A 959 -3.07 -16.94 -0.29
N ASN A 960 -3.21 -17.53 0.90
CA ASN A 960 -4.49 -17.50 1.60
C ASN A 960 -4.87 -16.08 1.97
N THR A 961 -3.91 -15.29 2.47
CA THR A 961 -4.20 -13.89 2.77
C THR A 961 -4.58 -13.12 1.52
N LEU A 962 -3.87 -13.37 0.41
CA LEU A 962 -4.20 -12.67 -0.83
C LEU A 962 -5.62 -12.97 -1.26
N VAL A 963 -6.02 -14.25 -1.23
CA VAL A 963 -7.37 -14.60 -1.67
C VAL A 963 -8.41 -14.07 -0.69
N LYS A 964 -8.11 -14.09 0.61
CA LYS A 964 -9.06 -13.63 1.61
C LYS A 964 -9.25 -12.12 1.56
N GLN A 965 -8.24 -11.38 1.10
CA GLN A 965 -8.37 -9.93 1.03
C GLN A 965 -9.51 -9.50 0.12
N LEU A 966 -9.97 -10.37 -0.78
CA LEU A 966 -11.07 -10.02 -1.68
C LEU A 966 -12.37 -9.79 -0.92
N SER A 967 -12.48 -10.25 0.31
CA SER A 967 -13.70 -10.12 1.09
C SER A 967 -13.76 -8.82 1.88
N SER A 968 -12.75 -7.97 1.78
CA SER A 968 -12.72 -6.71 2.51
C SER A 968 -13.45 -5.63 1.71
N ASN A 969 -14.30 -4.86 2.40
CA ASN A 969 -15.05 -3.81 1.73
C ASN A 969 -14.15 -2.67 1.28
N PHE A 970 -13.09 -2.37 2.04
CA PHE A 970 -12.20 -1.26 1.73
C PHE A 970 -12.96 0.06 1.70
N GLY A 971 -13.94 0.19 2.59
CA GLY A 971 -14.75 1.39 2.68
C GLY A 971 -15.98 1.37 1.80
N ALA A 972 -16.15 0.36 0.95
CA ALA A 972 -17.32 0.28 0.09
C ALA A 972 -18.52 -0.27 0.86
N ILE A 973 -19.70 -0.12 0.25
CA ILE A 973 -20.92 -0.60 0.90
C ILE A 973 -20.91 -2.12 1.02
N SER A 974 -20.35 -2.80 0.02
CA SER A 974 -20.33 -4.25 0.01
C SER A 974 -19.04 -4.72 -0.68
N SER A 975 -18.67 -5.97 -0.39
CA SER A 975 -17.48 -6.57 -0.97
C SER A 975 -17.76 -7.33 -2.26
N VAL A 976 -19.01 -7.31 -2.74
CA VAL A 976 -19.39 -8.01 -3.97
C VAL A 976 -19.66 -6.96 -5.03
N LEU A 977 -18.98 -7.08 -6.17
CA LEU A 977 -19.14 -6.10 -7.24
C LEU A 977 -20.55 -6.14 -7.79
N ASN A 978 -21.11 -7.34 -7.99
CA ASN A 978 -22.46 -7.46 -8.53
C ASN A 978 -23.48 -6.81 -7.62
N ASP A 979 -23.32 -6.98 -6.30
CA ASP A 979 -24.24 -6.36 -5.36
C ASP A 979 -24.18 -4.84 -5.47
N ILE A 980 -22.98 -4.28 -5.59
CA ILE A 980 -22.83 -2.83 -5.72
C ILE A 980 -23.50 -2.35 -7.01
N LEU A 981 -23.26 -3.06 -8.11
CA LEU A 981 -23.84 -2.65 -9.38
C LEU A 981 -25.37 -2.70 -9.33
N SER A 982 -25.92 -3.75 -8.73
CA SER A 982 -27.38 -3.89 -8.71
C SER A 982 -28.03 -2.90 -7.74
N ARG A 983 -27.36 -2.60 -6.62
CA ARG A 983 -27.94 -1.79 -5.57
C ARG A 983 -27.61 -0.30 -5.68
N LEU A 984 -26.85 0.10 -6.69
CA LEU A 984 -26.46 1.50 -6.84
C LEU A 984 -26.45 1.88 -8.32
N ASP A 985 -26.63 3.17 -8.56
CA ASP A 985 -26.60 3.72 -9.91
C ASP A 985 -25.15 3.95 -10.35
N PRO A 986 -24.93 4.15 -11.65
CA PRO A 986 -23.56 4.32 -12.15
C PRO A 986 -22.81 5.43 -11.42
N PRO A 987 -23.45 6.57 -11.12
CA PRO A 987 -22.68 7.64 -10.46
C PRO A 987 -22.02 7.22 -9.15
N GLU A 988 -22.69 6.39 -8.35
CA GLU A 988 -22.09 5.92 -7.10
C GLU A 988 -21.36 4.59 -7.27
N ALA A 989 -21.87 3.72 -8.15
CA ALA A 989 -21.16 2.49 -8.44
C ALA A 989 -19.74 2.77 -8.94
N GLU A 990 -19.55 3.86 -9.67
CA GLU A 990 -18.21 4.19 -10.16
C GLU A 990 -17.24 4.35 -9.00
N VAL A 991 -17.62 5.16 -8.00
CA VAL A 991 -16.72 5.42 -6.88
C VAL A 991 -16.55 4.17 -6.02
N GLN A 992 -17.62 3.39 -5.85
CA GLN A 992 -17.51 2.17 -5.06
C GLN A 992 -16.54 1.18 -5.71
N ILE A 993 -16.69 0.97 -7.02
CA ILE A 993 -15.79 0.08 -7.74
C ILE A 993 -14.38 0.64 -7.74
N ASP A 994 -14.23 1.96 -7.80
CA ASP A 994 -12.89 2.54 -7.74
C ASP A 994 -12.22 2.25 -6.41
N ARG A 995 -12.95 2.41 -5.31
CA ARG A 995 -12.39 2.09 -4.00
C ARG A 995 -12.01 0.62 -3.90
N LEU A 996 -12.89 -0.26 -4.38
CA LEU A 996 -12.59 -1.68 -4.33
C LEU A 996 -11.35 -2.00 -5.16
N ILE A 997 -11.23 -1.40 -6.34
CA ILE A 997 -10.07 -1.61 -7.20
C ILE A 997 -8.81 -1.13 -6.50
N THR A 998 -8.87 0.04 -5.86
CA THR A 998 -7.69 0.55 -5.16
C THR A 998 -7.26 -0.41 -4.06
N GLY A 999 -8.21 -0.89 -3.26
CA GLY A 999 -7.86 -1.81 -2.19
C GLY A 999 -7.26 -3.11 -2.72
N ARG A 1000 -7.90 -3.68 -3.73
CA ARG A 1000 -7.40 -4.95 -4.28
C ARG A 1000 -6.03 -4.76 -4.93
N LEU A 1001 -5.82 -3.64 -5.62
CA LEU A 1001 -4.52 -3.37 -6.21
C LEU A 1001 -3.44 -3.21 -5.15
N GLN A 1002 -3.76 -2.52 -4.05
CA GLN A 1002 -2.79 -2.40 -2.97
C GLN A 1002 -2.44 -3.77 -2.39
N SER A 1003 -3.45 -4.62 -2.19
CA SER A 1003 -3.19 -5.97 -1.69
C SER A 1003 -2.30 -6.75 -2.65
N LEU A 1004 -2.59 -6.65 -3.95
CA LEU A 1004 -1.81 -7.37 -4.94
C LEU A 1004 -0.36 -6.87 -4.98
N GLN A 1005 -0.17 -5.55 -4.89
CA GLN A 1005 1.19 -5.02 -4.86
C GLN A 1005 1.95 -5.51 -3.64
N THR A 1006 1.30 -5.51 -2.46
CA THR A 1006 1.97 -6.02 -1.27
C THR A 1006 2.34 -7.48 -1.43
N TYR A 1007 1.41 -8.29 -1.95
CA TYR A 1007 1.69 -9.71 -2.15
C TYR A 1007 2.85 -9.91 -3.12
N VAL A 1008 2.89 -9.13 -4.20
CA VAL A 1008 3.94 -9.29 -5.19
C VAL A 1008 5.29 -8.87 -4.62
N THR A 1009 5.32 -7.81 -3.83
CA THR A 1009 6.57 -7.41 -3.19
C THR A 1009 7.08 -8.49 -2.24
N GLN A 1010 6.17 -9.05 -1.43
CA GLN A 1010 6.57 -10.13 -0.53
C GLN A 1010 7.09 -11.33 -1.32
N GLN A 1011 6.42 -11.67 -2.42
CA GLN A 1011 6.85 -12.79 -3.25
C GLN A 1011 8.22 -12.52 -3.85
N LEU A 1012 8.48 -11.28 -4.28
CA LEU A 1012 9.79 -10.94 -4.82
C LEU A 1012 10.88 -11.09 -3.77
N ILE A 1013 10.62 -10.63 -2.55
CA ILE A 1013 11.61 -10.76 -1.48
C ILE A 1013 11.87 -12.23 -1.19
N ARG A 1014 10.81 -13.04 -1.09
CA ARG A 1014 10.98 -14.46 -0.84
C ARG A 1014 11.74 -15.13 -1.98
N ALA A 1015 11.47 -14.73 -3.22
CA ALA A 1015 12.16 -15.31 -4.36
C ALA A 1015 13.65 -14.96 -4.32
N ALA A 1016 13.98 -13.73 -3.93
CA ALA A 1016 15.40 -13.37 -3.80
C ALA A 1016 16.07 -14.21 -2.72
N GLU A 1017 15.41 -14.38 -1.58
CA GLU A 1017 15.99 -15.20 -0.52
C GLU A 1017 16.19 -16.63 -0.99
N ILE A 1018 15.20 -17.19 -1.68
CA ILE A 1018 15.30 -18.56 -2.17
C ILE A 1018 16.38 -18.68 -3.23
N ARG A 1019 16.56 -17.65 -4.06
CA ARG A 1019 17.64 -17.66 -5.04
C ARG A 1019 19.00 -17.69 -4.35
N ALA A 1020 19.16 -16.90 -3.29
CA ALA A 1020 20.41 -16.94 -2.53
C ALA A 1020 20.63 -18.33 -1.93
N SER A 1021 19.58 -18.92 -1.36
CA SER A 1021 19.71 -20.25 -0.78
C SER A 1021 20.07 -21.29 -1.84
N ALA A 1022 19.46 -21.18 -3.02
CA ALA A 1022 19.75 -22.11 -4.10
C ALA A 1022 21.18 -21.96 -4.61
N ASN A 1023 21.67 -20.72 -4.69
CA ASN A 1023 23.05 -20.51 -5.06
C ASN A 1023 23.99 -21.14 -4.04
N LEU A 1024 23.69 -20.98 -2.75
CA LEU A 1024 24.50 -21.61 -1.72
C LEU A 1024 24.47 -23.14 -1.86
N ALA A 1025 23.29 -23.70 -2.12
CA ALA A 1025 23.17 -25.14 -2.28
C ALA A 1025 23.95 -25.64 -3.48
N ALA A 1026 23.89 -24.90 -4.59
CA ALA A 1026 24.65 -25.28 -5.78
C ALA A 1026 26.15 -25.23 -5.52
N THR A 1027 26.61 -24.19 -4.81
CA THR A 1027 28.02 -24.11 -4.47
C THR A 1027 28.43 -25.29 -3.59
N LYS A 1028 27.59 -25.64 -2.62
CA LYS A 1028 27.91 -26.78 -1.76
C LYS A 1028 27.95 -28.08 -2.55
N MET A 1029 27.01 -28.26 -3.48
CA MET A 1029 27.03 -29.45 -4.32
C MET A 1029 28.30 -29.51 -5.14
N SER A 1030 28.71 -28.38 -5.71
CA SER A 1030 29.92 -28.36 -6.54
C SER A 1030 31.17 -28.64 -5.72
N GLU A 1031 31.24 -28.10 -4.50
CA GLU A 1031 32.48 -28.15 -3.73
C GLU A 1031 32.57 -29.35 -2.80
N CYS A 1032 31.47 -30.04 -2.52
CA CYS A 1032 31.45 -31.18 -1.60
C CYS A 1032 31.15 -32.50 -2.28
N VAL A 1033 30.06 -32.56 -3.06
CA VAL A 1033 29.70 -33.82 -3.72
C VAL A 1033 30.71 -34.16 -4.80
N LEU A 1034 31.09 -33.18 -5.62
CA LEU A 1034 31.98 -33.40 -6.75
C LEU A 1034 33.45 -33.41 -6.38
N GLY A 1035 33.79 -33.08 -5.13
CA GLY A 1035 35.18 -33.09 -4.73
C GLY A 1035 35.31 -32.91 -3.24
N GLN A 1036 36.56 -32.92 -2.78
CA GLN A 1036 36.89 -32.77 -1.36
C GLN A 1036 37.19 -31.31 -1.07
N SER A 1037 36.53 -30.76 -0.07
CA SER A 1037 36.66 -29.35 0.28
C SER A 1037 37.50 -29.21 1.55
N LYS A 1038 38.52 -28.36 1.50
CA LYS A 1038 39.34 -28.10 2.67
C LYS A 1038 38.76 -27.01 3.57
N ARG A 1039 37.70 -26.33 3.13
CA ARG A 1039 37.08 -25.30 3.94
C ARG A 1039 36.52 -25.90 5.21
N VAL A 1040 36.78 -25.24 6.34
CA VAL A 1040 36.38 -25.75 7.64
C VAL A 1040 34.88 -25.50 7.84
N ASP A 1041 34.17 -26.52 8.29
CA ASP A 1041 32.74 -26.46 8.61
C ASP A 1041 31.88 -26.10 7.40
N PHE A 1042 32.39 -26.27 6.19
CA PHE A 1042 31.59 -26.00 5.00
C PHE A 1042 30.76 -27.22 4.62
N CYS A 1043 31.42 -28.33 4.32
CA CYS A 1043 30.74 -29.58 3.98
C CYS A 1043 30.61 -30.47 5.23
N GLY A 1044 29.95 -29.92 6.24
CA GLY A 1044 29.71 -30.64 7.47
C GLY A 1044 30.79 -30.45 8.51
N LYS A 1045 30.45 -30.84 9.74
CA LYS A 1045 31.38 -30.70 10.86
C LYS A 1045 32.50 -31.73 10.76
N GLY A 1046 33.69 -31.33 11.20
CA GLY A 1046 34.84 -32.20 11.19
C GLY A 1046 35.56 -32.19 9.86
N TYR A 1047 36.63 -32.99 9.79
CA TYR A 1047 37.41 -33.10 8.58
C TYR A 1047 36.56 -33.74 7.48
N HIS A 1048 36.13 -32.93 6.51
CA HIS A 1048 35.23 -33.41 5.48
C HIS A 1048 35.88 -34.51 4.67
N LEU A 1049 35.16 -35.62 4.50
CA LEU A 1049 35.57 -36.69 3.59
C LEU A 1049 34.81 -36.61 2.27
N MET A 1050 33.48 -36.68 2.31
CA MET A 1050 32.68 -36.66 1.09
C MET A 1050 31.25 -36.28 1.44
N SER A 1051 30.38 -36.32 0.42
CA SER A 1051 28.99 -35.96 0.61
C SER A 1051 28.11 -36.76 -0.34
N PHE A 1052 26.86 -36.97 0.08
CA PHE A 1052 25.86 -37.63 -0.72
C PHE A 1052 24.66 -36.70 -0.92
N PRO A 1053 24.22 -36.47 -2.16
CA PRO A 1053 23.03 -35.63 -2.37
C PRO A 1053 21.74 -36.43 -2.44
N GLN A 1054 20.67 -35.83 -1.94
CA GLN A 1054 19.33 -36.40 -2.00
C GLN A 1054 18.34 -35.26 -2.29
N SER A 1055 17.21 -35.62 -2.87
CA SER A 1055 16.20 -34.65 -3.27
C SER A 1055 15.01 -34.72 -2.33
N ALA A 1056 14.52 -33.55 -1.91
CA ALA A 1056 13.33 -33.40 -1.08
C ALA A 1056 12.44 -32.38 -1.76
N PRO A 1057 11.15 -32.34 -1.42
CA PRO A 1057 10.24 -31.43 -2.12
C PRO A 1057 10.74 -30.00 -2.09
N HIS A 1058 11.10 -29.48 -3.27
CA HIS A 1058 11.60 -28.11 -3.40
C HIS A 1058 12.81 -27.87 -2.49
N GLY A 1059 13.73 -28.84 -2.50
CA GLY A 1059 14.93 -28.70 -1.68
C GLY A 1059 15.87 -29.86 -1.89
N VAL A 1060 17.08 -29.71 -1.34
CA VAL A 1060 18.12 -30.71 -1.42
C VAL A 1060 18.60 -31.02 0.00
N VAL A 1061 19.11 -32.24 0.16
CA VAL A 1061 19.63 -32.71 1.44
C VAL A 1061 21.01 -33.30 1.21
N PHE A 1062 22.00 -32.77 1.91
CA PHE A 1062 23.38 -33.25 1.80
C PHE A 1062 23.71 -34.06 3.04
N LEU A 1063 24.13 -35.30 2.84
CA LEU A 1063 24.65 -36.16 3.90
C LEU A 1063 26.17 -36.06 3.83
N HIS A 1064 26.75 -35.30 4.74
CA HIS A 1064 28.18 -35.07 4.77
C HIS A 1064 28.85 -36.14 5.64
N VAL A 1065 29.76 -36.91 5.04
CA VAL A 1065 30.56 -37.89 5.75
C VAL A 1065 31.91 -37.26 6.03
N THR A 1066 32.31 -37.26 7.30
CA THR A 1066 33.51 -36.57 7.74
C THR A 1066 34.28 -37.44 8.72
N TYR A 1067 35.57 -37.12 8.85
CA TYR A 1067 36.49 -37.84 9.73
C TYR A 1067 36.69 -37.03 11.00
N VAL A 1068 36.47 -37.67 12.15
CA VAL A 1068 36.56 -36.97 13.44
C VAL A 1068 37.46 -37.76 14.38
N PRO A 1069 38.49 -37.15 14.97
CA PRO A 1069 39.28 -37.86 15.99
C PRO A 1069 38.39 -38.28 17.16
N ALA A 1070 38.68 -39.46 17.71
CA ALA A 1070 37.86 -40.05 18.76
C ALA A 1070 38.58 -40.12 20.10
N GLN A 1071 39.75 -40.75 20.15
CA GLN A 1071 40.50 -40.93 21.39
C GLN A 1071 41.85 -40.26 21.26
N GLU A 1072 42.25 -39.53 22.30
CA GLU A 1072 43.52 -38.82 22.33
C GLU A 1072 44.29 -39.21 23.57
N LYS A 1073 45.62 -39.15 23.47
CA LYS A 1073 46.51 -39.49 24.57
C LYS A 1073 47.54 -38.40 24.74
N ASN A 1074 47.94 -38.17 26.00
CA ASN A 1074 48.94 -37.15 26.29
C ASN A 1074 50.33 -37.60 25.87
N PHE A 1075 51.12 -36.67 25.37
CA PHE A 1075 52.47 -36.95 24.92
C PHE A 1075 53.35 -35.74 25.16
N THR A 1076 54.66 -35.98 25.21
CA THR A 1076 55.65 -34.92 25.35
C THR A 1076 56.32 -34.69 24.00
N THR A 1077 56.33 -33.43 23.56
CA THR A 1077 56.82 -33.07 22.23
C THR A 1077 57.95 -32.07 22.35
N ALA A 1078 58.81 -32.04 21.33
CA ALA A 1078 59.90 -31.10 21.21
C ALA A 1078 59.90 -30.49 19.81
N PRO A 1079 60.43 -29.28 19.66
CA PRO A 1079 60.42 -28.64 18.34
C PRO A 1079 61.50 -29.20 17.42
N ALA A 1080 62.61 -29.67 17.99
CA ALA A 1080 63.70 -30.20 17.21
C ALA A 1080 64.49 -31.19 18.06
N ILE A 1081 65.33 -31.98 17.39
CA ILE A 1081 66.14 -33.01 18.03
C ILE A 1081 67.59 -32.79 17.62
N CYS A 1082 68.49 -32.82 18.60
CA CYS A 1082 69.91 -32.64 18.36
C CYS A 1082 70.62 -33.99 18.45
N HIS A 1083 71.38 -34.33 17.41
CA HIS A 1083 72.10 -35.59 17.35
C HIS A 1083 73.61 -35.40 17.36
N ASP A 1084 74.14 -34.61 16.43
CA ASP A 1084 75.58 -34.38 16.29
C ASP A 1084 75.85 -32.89 16.12
N GLY A 1085 75.25 -32.07 16.97
CA GLY A 1085 75.36 -30.62 16.85
C GLY A 1085 74.54 -30.01 15.74
N LYS A 1086 73.62 -30.77 15.15
CA LYS A 1086 72.76 -30.30 14.07
C LYS A 1086 71.31 -30.51 14.45
N ALA A 1087 70.48 -29.52 14.14
CA ALA A 1087 69.06 -29.59 14.46
C ALA A 1087 68.32 -30.38 13.39
N HIS A 1088 67.45 -31.29 13.82
CA HIS A 1088 66.64 -32.10 12.92
C HIS A 1088 65.17 -31.74 13.11
N PHE A 1089 64.46 -31.52 12.01
CA PHE A 1089 63.04 -31.23 12.05
C PHE A 1089 62.28 -32.25 11.22
N PRO A 1090 61.10 -32.69 11.67
CA PRO A 1090 60.38 -33.72 10.91
C PRO A 1090 60.02 -33.24 9.52
N ARG A 1091 60.17 -34.13 8.54
CA ARG A 1091 59.69 -33.84 7.20
C ARG A 1091 58.17 -33.71 7.19
N GLU A 1092 57.48 -34.60 7.89
CA GLU A 1092 56.04 -34.53 8.05
C GLU A 1092 55.66 -35.28 9.30
N GLY A 1093 54.87 -34.66 10.17
CA GLY A 1093 54.45 -35.25 11.42
C GLY A 1093 54.88 -34.40 12.61
N VAL A 1094 55.19 -35.08 13.71
CA VAL A 1094 55.53 -34.41 14.95
C VAL A 1094 56.34 -35.37 15.81
N PHE A 1095 57.27 -34.82 16.59
CA PHE A 1095 58.04 -35.61 17.53
C PHE A 1095 57.23 -35.80 18.82
N VAL A 1096 57.19 -37.04 19.31
CA VAL A 1096 56.48 -37.38 20.54
C VAL A 1096 57.38 -38.24 21.39
N SER A 1097 57.05 -38.31 22.68
CA SER A 1097 57.79 -39.13 23.63
C SER A 1097 56.80 -39.80 24.58
N ASN A 1098 57.05 -41.07 24.86
CA ASN A 1098 56.22 -41.85 25.78
C ASN A 1098 56.82 -41.92 27.17
N GLY A 1099 57.81 -41.09 27.46
CA GLY A 1099 58.44 -41.07 28.77
C GLY A 1099 59.91 -41.47 28.72
N THR A 1100 60.22 -42.45 27.89
CA THR A 1100 61.57 -42.98 27.77
C THR A 1100 62.18 -42.72 26.40
N HIS A 1101 61.50 -43.10 25.33
CA HIS A 1101 62.01 -42.98 23.97
C HIS A 1101 61.31 -41.85 23.23
N TRP A 1102 61.83 -41.54 22.05
CA TRP A 1102 61.29 -40.51 21.18
C TRP A 1102 60.96 -41.11 19.82
N PHE A 1103 59.81 -40.73 19.26
CA PHE A 1103 59.37 -41.22 17.97
C PHE A 1103 58.79 -40.05 17.18
N VAL A 1104 58.48 -40.33 15.91
CA VAL A 1104 57.85 -39.36 15.02
C VAL A 1104 56.54 -39.97 14.54
N THR A 1105 55.45 -39.22 14.70
CA THR A 1105 54.13 -39.71 14.35
C THR A 1105 53.36 -38.64 13.60
N GLN A 1106 52.48 -39.07 12.70
CA GLN A 1106 51.66 -38.14 11.96
C GLN A 1106 50.73 -37.37 12.90
N ARG A 1107 50.46 -36.12 12.55
CA ARG A 1107 49.71 -35.24 13.45
C ARG A 1107 48.31 -35.76 13.71
N ASN A 1108 47.63 -36.24 12.66
CA ASN A 1108 46.23 -36.61 12.76
C ASN A 1108 46.00 -38.03 13.23
N PHE A 1109 47.06 -38.81 13.50
CA PHE A 1109 46.91 -40.17 13.96
C PHE A 1109 48.18 -40.59 14.67
N TYR A 1110 48.03 -41.38 15.73
CA TYR A 1110 49.17 -41.85 16.49
C TYR A 1110 49.79 -43.06 15.80
N GLU A 1111 51.04 -42.93 15.38
CA GLU A 1111 51.76 -43.99 14.71
C GLU A 1111 53.25 -43.82 14.95
N PRO A 1112 53.75 -44.14 16.14
CA PRO A 1112 55.17 -43.90 16.43
C PRO A 1112 56.06 -44.70 15.52
N GLN A 1113 57.19 -44.07 15.13
CA GLN A 1113 58.17 -44.72 14.27
C GLN A 1113 59.55 -44.27 14.71
N ILE A 1114 60.56 -45.08 14.37
CA ILE A 1114 61.94 -44.77 14.71
C ILE A 1114 62.35 -43.50 13.98
N ILE A 1115 63.00 -42.58 14.69
CA ILE A 1115 63.43 -41.31 14.13
C ILE A 1115 64.68 -41.59 13.29
N THR A 1116 64.50 -41.67 11.97
CA THR A 1116 65.60 -41.93 11.04
C THR A 1116 65.88 -40.68 10.22
N THR A 1117 66.98 -40.74 9.46
CA THR A 1117 67.36 -39.59 8.63
C THR A 1117 66.32 -39.32 7.54
N ASP A 1118 65.56 -40.34 7.15
CA ASP A 1118 64.54 -40.15 6.12
C ASP A 1118 63.35 -39.37 6.66
N ASN A 1119 62.99 -39.57 7.92
CA ASN A 1119 61.83 -38.92 8.51
C ASN A 1119 62.09 -37.47 8.91
N THR A 1120 63.35 -37.03 8.93
CA THR A 1120 63.69 -35.69 9.38
C THR A 1120 64.73 -35.10 8.45
N PHE A 1121 64.80 -33.76 8.45
CA PHE A 1121 65.77 -33.02 7.65
C PHE A 1121 66.56 -32.10 8.56
N VAL A 1122 67.82 -31.88 8.20
CA VAL A 1122 68.75 -31.10 9.01
C VAL A 1122 68.72 -29.65 8.56
N SER A 1123 68.74 -28.73 9.52
CA SER A 1123 68.75 -27.30 9.21
C SER A 1123 69.31 -26.56 10.42
N GLY A 1124 70.48 -25.97 10.28
CA GLY A 1124 71.07 -25.19 11.35
C GLY A 1124 71.68 -26.04 12.44
N ASN A 1125 72.09 -25.36 13.51
CA ASN A 1125 72.71 -25.99 14.66
C ASN A 1125 71.69 -26.12 15.79
N CYS A 1126 72.15 -26.65 16.93
CA CYS A 1126 71.31 -26.88 18.09
C CYS A 1126 71.31 -25.71 19.07
N ASP A 1127 72.03 -24.64 18.77
CA ASP A 1127 72.13 -23.49 19.66
C ASP A 1127 71.17 -22.36 19.29
N VAL A 1128 70.28 -22.58 18.32
CA VAL A 1128 69.34 -21.57 17.86
C VAL A 1128 67.90 -21.94 18.20
N VAL A 1129 67.56 -23.22 18.10
CA VAL A 1129 66.19 -23.66 18.36
C VAL A 1129 65.97 -23.72 19.86
N ILE A 1130 64.87 -23.12 20.31
CA ILE A 1130 64.54 -23.10 21.73
C ILE A 1130 63.77 -24.38 22.07
N GLY A 1131 64.20 -25.05 23.14
CA GLY A 1131 63.56 -26.28 23.55
C GLY A 1131 64.06 -27.53 22.86
N ILE A 1132 65.13 -27.44 22.09
CA ILE A 1132 65.66 -28.62 21.40
C ILE A 1132 66.03 -29.69 22.43
N VAL A 1133 65.75 -30.94 22.09
CA VAL A 1133 66.01 -32.06 22.98
C VAL A 1133 67.13 -32.90 22.40
N ASN A 1134 67.80 -33.66 23.26
CA ASN A 1134 68.92 -34.50 22.86
C ASN A 1134 68.43 -35.92 22.61
N ASN A 1135 68.79 -36.46 21.44
CA ASN A 1135 68.43 -37.83 21.09
C ASN A 1135 69.33 -38.25 19.93
N THR A 1136 69.33 -39.55 19.66
CA THR A 1136 70.12 -40.13 18.58
C THR A 1136 69.23 -40.47 17.40
N VAL A 1137 69.65 -40.05 16.21
CA VAL A 1137 68.92 -40.29 14.97
C VAL A 1137 69.53 -41.52 14.30
N TYR A 1138 68.71 -42.56 14.13
CA TYR A 1138 69.19 -43.79 13.52
C TYR A 1138 69.47 -43.56 12.04
N ASP A 1139 70.58 -44.11 11.56
CA ASP A 1139 70.98 -44.00 10.17
C ASP A 1139 70.77 -45.34 9.47
N PRO A 1140 69.76 -45.50 8.62
CA PRO A 1140 69.58 -46.79 7.93
C PRO A 1140 70.70 -47.13 6.96
N LEU A 1141 71.54 -46.17 6.59
CA LEU A 1141 72.58 -46.42 5.59
C LEU A 1141 73.74 -47.22 6.17
N GLN A 1142 74.20 -46.88 7.39
CA GLN A 1142 75.43 -47.42 7.92
C GLN A 1142 75.36 -48.94 8.17
N PRO A 1143 74.28 -49.49 8.72
CA PRO A 1143 74.30 -50.95 8.96
C PRO A 1143 74.27 -51.75 7.67
N GLU A 1144 73.53 -51.26 6.68
CA GLU A 1144 73.55 -51.93 5.37
C GLU A 1144 74.93 -51.82 4.73
N LEU A 1145 75.57 -50.65 4.84
CA LEU A 1145 76.90 -50.48 4.26
C LEU A 1145 77.92 -51.40 4.93
N ASP A 1146 77.86 -51.51 6.26
CA ASP A 1146 78.81 -52.36 6.97
C ASP A 1146 78.63 -53.83 6.58
N SER A 1147 77.39 -54.28 6.47
CA SER A 1147 77.11 -55.66 6.12
C SER A 1147 77.48 -55.93 4.66
N SER B 13 -33.33 15.11 -63.05
CA SER B 13 -34.01 15.14 -61.75
C SER B 13 -35.16 14.13 -61.73
N GLN B 14 -35.76 13.89 -62.89
CA GLN B 14 -36.87 12.95 -62.97
C GLN B 14 -36.40 11.54 -62.61
N CYS B 15 -37.28 10.80 -61.95
CA CYS B 15 -36.96 9.44 -61.53
C CYS B 15 -37.17 8.48 -62.68
N VAL B 16 -36.14 7.69 -62.98
CA VAL B 16 -36.18 6.71 -64.07
C VAL B 16 -35.74 5.36 -63.50
N ASN B 17 -36.54 4.33 -63.75
CA ASN B 17 -36.23 2.98 -63.28
C ASN B 17 -35.31 2.28 -64.26
N LEU B 18 -34.23 1.71 -63.76
CA LEU B 18 -33.26 1.01 -64.60
C LEU B 18 -33.81 -0.37 -64.94
N THR B 19 -34.08 -0.61 -66.22
CA THR B 19 -34.61 -1.89 -66.67
C THR B 19 -33.49 -2.79 -67.16
N THR B 20 -33.86 -4.03 -67.49
CA THR B 20 -32.92 -5.04 -67.96
C THR B 20 -31.80 -5.25 -66.94
N ARG B 21 -32.19 -5.70 -65.75
CA ARG B 21 -31.28 -5.94 -64.65
C ARG B 21 -31.09 -7.45 -64.52
N THR B 22 -29.96 -7.96 -65.03
CA THR B 22 -29.63 -9.38 -64.94
C THR B 22 -28.95 -9.61 -63.59
N GLN B 23 -29.73 -10.07 -62.61
CA GLN B 23 -29.19 -10.30 -61.28
C GLN B 23 -28.16 -11.42 -61.31
N LEU B 24 -27.12 -11.28 -60.49
CA LEU B 24 -26.06 -12.26 -60.36
C LEU B 24 -25.83 -12.58 -58.90
N PRO B 25 -25.33 -13.77 -58.58
CA PRO B 25 -25.11 -14.12 -57.18
C PRO B 25 -24.06 -13.21 -56.56
N PRO B 26 -24.20 -12.91 -55.28
CA PRO B 26 -23.19 -12.05 -54.63
C PRO B 26 -21.82 -12.71 -54.62
N ALA B 27 -20.78 -11.87 -54.72
CA ALA B 27 -19.41 -12.33 -54.75
C ALA B 27 -18.61 -11.64 -53.65
N TYR B 28 -17.76 -12.41 -52.98
CA TYR B 28 -16.90 -11.89 -51.93
C TYR B 28 -15.45 -12.18 -52.29
N THR B 29 -14.56 -11.27 -51.95
CA THR B 29 -13.14 -11.40 -52.25
C THR B 29 -12.32 -11.08 -51.01
N ASN B 30 -11.10 -11.62 -50.99
CA ASN B 30 -10.19 -11.40 -49.87
C ASN B 30 -9.66 -9.97 -49.91
N SER B 31 -9.69 -9.31 -48.75
CA SER B 31 -9.23 -7.93 -48.66
C SER B 31 -7.72 -7.81 -48.49
N PHE B 32 -7.03 -8.91 -48.19
CA PHE B 32 -5.58 -8.88 -47.97
C PHE B 32 -5.31 -7.87 -46.84
N THR B 33 -4.25 -7.07 -46.93
CA THR B 33 -3.89 -6.10 -45.91
C THR B 33 -4.11 -4.67 -46.40
N ARG B 34 -5.20 -4.45 -47.14
CA ARG B 34 -5.50 -3.15 -47.72
C ARG B 34 -6.50 -2.42 -46.85
N GLY B 35 -6.19 -1.15 -46.55
CA GLY B 35 -7.09 -0.30 -45.79
C GLY B 35 -6.61 -0.02 -44.38
N VAL B 36 -5.98 1.13 -44.19
CA VAL B 36 -5.52 1.60 -42.89
C VAL B 36 -5.37 3.11 -42.97
N TYR B 37 -5.90 3.83 -41.98
CA TYR B 37 -5.87 5.28 -41.95
C TYR B 37 -5.19 5.77 -40.67
N TYR B 38 -5.06 7.09 -40.57
CA TYR B 38 -4.41 7.70 -39.41
C TYR B 38 -5.48 8.09 -38.39
N PRO B 39 -5.56 7.44 -37.24
CA PRO B 39 -6.54 7.86 -36.23
C PRO B 39 -6.44 9.33 -35.85
N ASP B 40 -5.22 9.86 -35.76
CA ASP B 40 -5.02 11.22 -35.30
C ASP B 40 -4.00 11.92 -36.18
N LYS B 41 -4.03 13.25 -36.17
CA LYS B 41 -3.13 14.09 -36.97
C LYS B 41 -1.89 14.40 -36.13
N VAL B 42 -0.97 13.44 -36.11
CA VAL B 42 0.27 13.59 -35.35
C VAL B 42 1.38 12.83 -36.06
N PHE B 43 2.58 13.40 -36.07
CA PHE B 43 3.74 12.70 -36.60
C PHE B 43 4.17 11.58 -35.67
N ARG B 44 4.93 10.65 -36.23
CA ARG B 44 5.52 9.56 -35.47
C ARG B 44 6.71 9.02 -36.26
N SER B 45 7.87 8.96 -35.62
CA SER B 45 9.12 8.65 -36.30
C SER B 45 9.68 7.34 -35.78
N SER B 46 9.77 6.35 -36.69
CA SER B 46 10.43 5.07 -36.40
C SER B 46 9.92 4.47 -35.09
N VAL B 47 8.60 4.46 -34.92
CA VAL B 47 7.98 4.01 -33.68
C VAL B 47 6.78 3.14 -33.99
N LEU B 48 6.54 2.15 -33.12
CA LEU B 48 5.39 1.27 -33.23
C LEU B 48 4.34 1.73 -32.23
N HIS B 49 3.19 2.17 -32.74
CA HIS B 49 2.12 2.73 -31.92
C HIS B 49 0.89 1.83 -32.01
N SER B 50 0.30 1.53 -30.86
CA SER B 50 -0.91 0.71 -30.78
C SER B 50 -2.10 1.60 -30.51
N THR B 51 -3.14 1.46 -31.35
CA THR B 51 -4.33 2.29 -31.25
C THR B 51 -5.58 1.44 -31.49
N GLN B 52 -6.60 1.66 -30.67
CA GLN B 52 -7.89 0.97 -30.81
C GLN B 52 -8.86 1.89 -31.52
N ASP B 53 -9.45 1.41 -32.62
CA ASP B 53 -10.32 2.23 -33.44
C ASP B 53 -11.05 1.31 -34.42
N LEU B 54 -11.92 1.89 -35.23
CA LEU B 54 -12.62 1.14 -36.26
C LEU B 54 -11.68 0.90 -37.43
N PHE B 55 -11.31 -0.36 -37.66
CA PHE B 55 -10.42 -0.75 -38.73
C PHE B 55 -11.00 -1.95 -39.47
N LEU B 56 -10.52 -2.14 -40.70
CA LEU B 56 -10.96 -3.27 -41.50
C LEU B 56 -10.10 -4.49 -41.18
N PRO B 57 -10.68 -5.62 -40.76
CA PRO B 57 -9.85 -6.79 -40.46
C PRO B 57 -9.04 -7.23 -41.68
N PHE B 58 -7.82 -7.68 -41.42
CA PHE B 58 -6.96 -8.14 -42.49
C PHE B 58 -7.51 -9.42 -43.11
N PHE B 59 -7.36 -9.53 -44.42
CA PHE B 59 -7.84 -10.70 -45.17
C PHE B 59 -9.33 -10.93 -44.96
N SER B 60 -10.08 -9.85 -44.79
CA SER B 60 -11.52 -9.96 -44.59
C SER B 60 -12.23 -10.11 -45.94
N ASN B 61 -13.44 -10.63 -45.88
CA ASN B 61 -14.27 -10.81 -47.08
C ASN B 61 -14.99 -9.51 -47.38
N VAL B 62 -14.79 -8.98 -48.58
CA VAL B 62 -15.41 -7.74 -49.02
C VAL B 62 -16.26 -8.03 -50.24
N THR B 63 -17.45 -7.45 -50.27
CA THR B 63 -18.36 -7.65 -51.40
C THR B 63 -17.81 -6.99 -52.65
N TRP B 64 -17.98 -7.68 -53.79
CA TRP B 64 -17.45 -7.23 -55.07
C TRP B 64 -18.61 -6.89 -55.99
N PHE B 65 -18.50 -5.75 -56.67
CA PHE B 65 -19.52 -5.32 -57.63
C PHE B 65 -18.85 -4.83 -58.90
N HIS B 66 -19.47 -5.13 -60.04
CA HIS B 66 -18.92 -4.83 -61.34
C HIS B 66 -19.78 -3.78 -62.04
N ALA B 67 -19.22 -3.20 -63.11
CA ALA B 67 -19.94 -2.27 -63.97
C ALA B 67 -19.36 -2.45 -65.37
N ILE B 68 -20.04 -3.26 -66.19
CA ILE B 68 -19.62 -3.58 -67.55
C ILE B 68 -20.87 -3.81 -68.38
N HIS B 69 -20.67 -3.96 -69.69
CA HIS B 69 -21.77 -4.23 -70.61
C HIS B 69 -21.22 -5.05 -71.77
N VAL B 70 -21.45 -6.36 -71.73
CA VAL B 70 -21.03 -7.22 -72.83
C VAL B 70 -21.82 -6.88 -74.08
N SER B 71 -21.29 -7.30 -75.23
CA SER B 71 -21.83 -6.94 -76.54
C SER B 71 -22.58 -8.07 -77.22
N GLY B 72 -21.95 -9.23 -77.38
CA GLY B 72 -22.52 -10.25 -78.24
C GLY B 72 -23.80 -10.91 -77.75
N THR B 73 -23.69 -11.86 -76.81
CA THR B 73 -24.85 -12.63 -76.37
C THR B 73 -24.95 -12.80 -74.86
N ASN B 74 -23.90 -12.50 -74.10
CA ASN B 74 -23.94 -12.77 -72.67
C ASN B 74 -25.01 -11.94 -71.97
N GLY B 75 -25.20 -10.70 -72.39
CA GLY B 75 -26.22 -9.86 -71.80
C GLY B 75 -26.03 -9.62 -70.31
N THR B 76 -24.80 -9.31 -69.90
CA THR B 76 -24.55 -9.07 -68.48
C THR B 76 -25.38 -7.91 -67.95
N LYS B 77 -25.30 -6.77 -68.62
CA LYS B 77 -26.09 -5.58 -68.28
C LYS B 77 -26.17 -5.38 -66.77
N ARG B 78 -25.00 -5.27 -66.16
CA ARG B 78 -24.88 -5.15 -64.71
C ARG B 78 -24.72 -3.68 -64.32
N PHE B 79 -25.67 -3.17 -63.53
CA PHE B 79 -25.62 -1.81 -62.99
C PHE B 79 -25.77 -1.94 -61.48
N ASP B 80 -24.64 -2.05 -60.79
CA ASP B 80 -24.64 -2.29 -59.35
C ASP B 80 -24.83 -0.98 -58.61
N ASN B 81 -25.87 -0.90 -57.79
CA ASN B 81 -26.15 0.27 -56.97
C ASN B 81 -27.04 -0.10 -55.79
N PRO B 82 -26.57 -0.97 -54.89
CA PRO B 82 -27.44 -1.43 -53.80
C PRO B 82 -27.63 -0.41 -52.69
N VAL B 83 -28.33 -0.81 -51.63
CA VAL B 83 -28.61 0.05 -50.49
C VAL B 83 -28.00 -0.56 -49.24
N LEU B 84 -26.85 -1.20 -49.40
CA LEU B 84 -26.22 -1.94 -48.31
C LEU B 84 -26.19 -1.09 -47.04
N PRO B 85 -26.35 -1.70 -45.86
CA PRO B 85 -26.31 -0.91 -44.62
C PRO B 85 -24.93 -0.33 -44.35
N PHE B 86 -24.94 0.85 -43.70
CA PHE B 86 -23.69 1.54 -43.42
C PHE B 86 -22.95 0.95 -42.23
N ASN B 87 -23.67 0.42 -41.24
CA ASN B 87 -23.04 -0.09 -40.02
C ASN B 87 -22.28 1.08 -39.37
N ASP B 88 -21.20 0.78 -38.66
CA ASP B 88 -20.41 1.81 -37.99
C ASP B 88 -19.36 2.45 -38.89
N GLY B 89 -19.15 1.90 -40.09
CA GLY B 89 -18.18 2.47 -41.01
C GLY B 89 -18.21 1.70 -42.31
N VAL B 90 -17.61 2.31 -43.33
CA VAL B 90 -17.58 1.73 -44.67
C VAL B 90 -16.19 1.93 -45.27
N TYR B 91 -15.68 0.90 -45.93
CA TYR B 91 -14.44 0.95 -46.70
C TYR B 91 -14.79 0.65 -48.15
N PHE B 92 -14.66 1.64 -49.02
CA PHE B 92 -15.09 1.56 -50.41
C PHE B 92 -13.88 1.74 -51.31
N ALA B 93 -13.49 0.67 -52.00
CA ALA B 93 -12.44 0.72 -53.00
C ALA B 93 -13.08 0.71 -54.38
N SER B 94 -12.49 1.45 -55.32
CA SER B 94 -13.04 1.56 -56.67
C SER B 94 -11.89 1.52 -57.66
N THR B 95 -11.95 0.56 -58.58
CA THR B 95 -10.97 0.43 -59.66
C THR B 95 -11.65 0.82 -60.97
N GLU B 96 -11.07 1.79 -61.66
CA GLU B 96 -11.67 2.31 -62.88
C GLU B 96 -10.61 3.08 -63.67
N LYS B 97 -11.00 3.50 -64.87
CA LYS B 97 -10.14 4.31 -65.73
C LYS B 97 -10.91 5.55 -66.20
N SER B 98 -12.22 5.43 -66.35
CA SER B 98 -13.06 6.50 -66.86
C SER B 98 -13.87 7.20 -65.77
N ASN B 99 -13.58 6.92 -64.50
CA ASN B 99 -14.30 7.55 -63.39
C ASN B 99 -15.80 7.26 -63.48
N ILE B 100 -16.13 5.97 -63.62
CA ILE B 100 -17.53 5.58 -63.74
C ILE B 100 -18.31 5.94 -62.48
N ILE B 101 -17.73 5.63 -61.32
CA ILE B 101 -18.35 5.97 -60.04
C ILE B 101 -18.18 7.46 -59.80
N ARG B 102 -19.29 8.13 -59.46
CA ARG B 102 -19.29 9.59 -59.33
C ARG B 102 -19.53 10.08 -57.91
N GLY B 103 -19.96 9.22 -56.99
CA GLY B 103 -20.18 9.66 -55.63
C GLY B 103 -20.92 8.62 -54.81
N TRP B 104 -21.46 9.08 -53.68
CA TRP B 104 -22.15 8.22 -52.74
C TRP B 104 -23.32 8.95 -52.10
N ILE B 105 -24.25 8.16 -51.57
CA ILE B 105 -25.41 8.67 -50.84
C ILE B 105 -25.49 7.94 -49.52
N PHE B 106 -25.84 8.67 -48.45
CA PHE B 106 -26.00 8.08 -47.13
C PHE B 106 -27.26 8.65 -46.50
N GLY B 107 -27.95 7.80 -45.73
CA GLY B 107 -29.16 8.21 -45.06
C GLY B 107 -29.86 7.08 -44.34
N THR B 108 -30.60 7.42 -43.28
CA THR B 108 -31.30 6.39 -42.51
C THR B 108 -32.38 5.72 -43.34
N THR B 109 -33.11 6.49 -44.13
CA THR B 109 -34.19 5.98 -44.94
C THR B 109 -34.17 6.45 -46.39
N LEU B 110 -33.29 7.39 -46.75
CA LEU B 110 -33.18 7.87 -48.13
C LEU B 110 -34.52 8.39 -48.65
N ASP B 111 -35.24 9.12 -47.80
CA ASP B 111 -36.51 9.72 -48.16
C ASP B 111 -36.52 11.18 -47.73
N SER B 112 -37.65 11.84 -47.94
CA SER B 112 -37.79 13.25 -47.59
C SER B 112 -38.13 13.46 -46.11
N LYS B 113 -38.36 12.39 -45.35
CA LYS B 113 -38.69 12.50 -43.94
C LYS B 113 -37.47 12.49 -43.04
N THR B 114 -36.27 12.28 -43.59
CA THR B 114 -35.05 12.23 -42.81
C THR B 114 -33.92 12.87 -43.60
N GLN B 115 -33.05 13.59 -42.90
CA GLN B 115 -31.92 14.24 -43.55
C GLN B 115 -30.96 13.19 -44.11
N SER B 116 -30.41 13.47 -45.29
CA SER B 116 -29.51 12.54 -45.96
C SER B 116 -28.35 13.31 -46.58
N LEU B 117 -27.19 12.66 -46.60
CA LEU B 117 -25.97 13.22 -47.16
C LEU B 117 -25.75 12.68 -48.56
N LEU B 118 -25.19 13.53 -49.43
CA LEU B 118 -24.95 13.19 -50.82
C LEU B 118 -23.64 13.83 -51.26
N ILE B 119 -22.68 12.99 -51.65
CA ILE B 119 -21.43 13.46 -52.24
C ILE B 119 -21.47 13.07 -53.71
N VAL B 120 -21.19 14.03 -54.59
CA VAL B 120 -21.29 13.80 -56.02
C VAL B 120 -20.20 14.59 -56.74
N ASN B 121 -19.82 14.11 -57.92
CA ASN B 121 -18.93 14.83 -58.82
C ASN B 121 -19.76 15.38 -59.97
N ASN B 122 -19.77 16.70 -60.11
CA ASN B 122 -20.53 17.36 -61.16
C ASN B 122 -19.91 17.16 -62.54
N ALA B 123 -18.72 16.58 -62.62
CA ALA B 123 -17.86 16.53 -63.79
C ALA B 123 -17.11 17.86 -63.94
N THR B 124 -17.37 18.84 -63.08
CA THR B 124 -16.65 20.10 -63.07
C THR B 124 -16.15 20.41 -61.67
N ASN B 125 -16.87 19.95 -60.65
CA ASN B 125 -16.50 20.19 -59.26
C ASN B 125 -17.10 19.08 -58.40
N VAL B 126 -16.79 19.13 -57.11
CA VAL B 126 -17.28 18.16 -56.13
C VAL B 126 -18.30 18.86 -55.25
N VAL B 127 -19.46 18.23 -55.07
CA VAL B 127 -20.58 18.81 -54.34
C VAL B 127 -20.93 17.88 -53.19
N ILE B 128 -20.97 18.42 -51.98
CA ILE B 128 -21.35 17.69 -50.78
C ILE B 128 -22.53 18.41 -50.15
N LYS B 129 -23.69 17.75 -50.13
CA LYS B 129 -24.92 18.36 -49.65
C LYS B 129 -25.62 17.45 -48.65
N VAL B 130 -25.94 18.00 -47.49
CA VAL B 130 -26.80 17.33 -46.51
C VAL B 130 -28.17 17.98 -46.63
N CYS B 131 -29.07 17.29 -47.34
CA CYS B 131 -30.40 17.80 -47.62
C CYS B 131 -31.42 16.70 -47.31
N GLU B 132 -32.69 17.12 -47.19
CA GLU B 132 -33.79 16.18 -47.06
C GLU B 132 -34.19 15.70 -48.46
N PHE B 133 -33.27 14.97 -49.07
CA PHE B 133 -33.43 14.56 -50.47
C PHE B 133 -34.61 13.62 -50.62
N GLN B 134 -35.33 13.78 -51.74
CA GLN B 134 -36.38 12.84 -52.14
C GLN B 134 -35.78 11.87 -53.14
N PHE B 135 -34.96 10.96 -52.63
CA PHE B 135 -34.25 10.02 -53.50
C PHE B 135 -35.23 9.17 -54.29
N CYS B 136 -34.92 8.98 -55.57
CA CYS B 136 -35.72 8.11 -56.41
C CYS B 136 -35.42 6.65 -56.08
N ASN B 137 -36.22 5.75 -56.66
CA ASN B 137 -36.01 4.32 -56.41
C ASN B 137 -34.65 3.87 -56.90
N ASP B 138 -34.23 4.35 -58.08
CA ASP B 138 -32.94 4.00 -58.68
C ASP B 138 -32.22 5.27 -59.09
N PRO B 139 -31.53 5.93 -58.16
CA PRO B 139 -30.75 7.12 -58.55
C PRO B 139 -29.71 6.76 -59.60
N PHE B 140 -29.51 7.69 -60.55
CA PHE B 140 -28.69 7.38 -61.71
C PHE B 140 -28.22 8.69 -62.35
N LEU B 141 -26.92 8.76 -62.65
CA LEU B 141 -26.34 9.85 -63.41
C LEU B 141 -26.07 9.39 -64.83
N GLY B 142 -26.28 10.29 -65.80
CA GLY B 142 -26.13 9.92 -67.20
C GLY B 142 -25.22 10.83 -67.98
N VAL B 143 -24.20 10.25 -68.61
CA VAL B 143 -23.24 10.98 -69.43
C VAL B 143 -23.54 10.68 -70.89
N TYR B 144 -23.56 11.72 -71.73
CA TYR B 144 -23.87 11.60 -73.14
C TYR B 144 -22.59 11.78 -73.96
N TYR B 145 -22.37 10.86 -74.89
CA TYR B 145 -21.26 10.95 -75.84
C TYR B 145 -21.83 11.55 -77.12
N HIS B 146 -21.50 12.82 -77.38
CA HIS B 146 -22.06 13.57 -78.49
C HIS B 146 -21.18 13.38 -79.72
N LYS B 147 -21.72 12.69 -80.73
CA LYS B 147 -20.98 12.51 -81.97
C LYS B 147 -20.73 13.85 -82.66
N ASN B 148 -21.75 14.71 -82.71
CA ASN B 148 -21.58 16.00 -83.37
C ASN B 148 -20.54 16.86 -82.65
N ASN B 149 -20.62 16.92 -81.32
CA ASN B 149 -19.67 17.70 -80.54
C ASN B 149 -18.37 16.96 -80.24
N LYS B 150 -18.36 15.63 -80.40
CA LYS B 150 -17.18 14.81 -80.17
C LYS B 150 -16.58 15.11 -78.79
N SER B 151 -17.41 14.95 -77.77
CA SER B 151 -16.98 15.18 -76.40
C SER B 151 -17.87 14.39 -75.46
N TRP B 152 -17.38 14.18 -74.24
CA TRP B 152 -18.10 13.47 -73.20
C TRP B 152 -18.43 14.47 -72.09
N MET B 153 -19.71 14.71 -71.86
CA MET B 153 -20.16 15.63 -70.83
C MET B 153 -21.38 15.06 -70.12
N GLU B 154 -21.50 15.36 -68.84
CA GLU B 154 -22.65 14.91 -68.07
C GLU B 154 -23.91 15.59 -68.57
N SER B 155 -24.97 14.80 -68.72
CA SER B 155 -26.22 15.28 -69.31
C SER B 155 -27.42 15.12 -68.40
N GLU B 156 -27.52 14.02 -67.66
CA GLU B 156 -28.70 13.69 -66.86
C GLU B 156 -28.32 13.62 -65.39
N PHE B 157 -28.96 14.45 -64.59
CA PHE B 157 -28.79 14.44 -63.13
C PHE B 157 -30.12 14.01 -62.53
N ARG B 158 -30.30 12.70 -62.38
CA ARG B 158 -31.53 12.10 -61.90
C ARG B 158 -31.33 11.40 -60.56
N VAL B 159 -30.58 12.04 -59.66
CA VAL B 159 -30.30 11.43 -58.37
C VAL B 159 -31.49 11.59 -57.43
N TYR B 160 -32.00 12.81 -57.30
CA TYR B 160 -33.13 13.09 -56.42
C TYR B 160 -34.13 13.98 -57.15
N SER B 161 -35.39 13.89 -56.72
CA SER B 161 -36.47 14.64 -57.35
C SER B 161 -36.70 16.00 -56.72
N SER B 162 -36.43 16.15 -55.43
CA SER B 162 -36.70 17.42 -54.75
C SER B 162 -35.79 17.54 -53.54
N ALA B 163 -35.65 18.78 -53.07
CA ALA B 163 -34.87 19.07 -51.87
C ALA B 163 -35.52 20.26 -51.17
N ASN B 164 -35.86 20.08 -49.89
CA ASN B 164 -36.59 21.08 -49.12
C ASN B 164 -35.63 21.72 -48.11
N ASN B 165 -35.35 23.01 -48.31
CA ASN B 165 -34.53 23.81 -47.40
C ASN B 165 -33.35 23.00 -46.88
N CYS B 166 -32.48 22.63 -47.82
CA CYS B 166 -31.30 21.82 -47.50
C CYS B 166 -30.60 22.35 -46.25
N THR B 167 -30.15 21.41 -45.41
CA THR B 167 -29.49 21.80 -44.17
C THR B 167 -28.09 22.35 -44.42
N PHE B 168 -27.31 21.68 -45.27
CA PHE B 168 -25.94 22.09 -45.53
C PHE B 168 -25.58 21.84 -46.99
N GLU B 169 -24.77 22.74 -47.54
CA GLU B 169 -24.32 22.64 -48.92
C GLU B 169 -22.88 23.11 -49.03
N TYR B 170 -22.09 22.42 -49.86
CA TYR B 170 -20.73 22.82 -50.14
C TYR B 170 -20.39 22.43 -51.57
N VAL B 171 -19.73 23.34 -52.28
CA VAL B 171 -19.35 23.13 -53.68
C VAL B 171 -17.88 23.47 -53.84
N SER B 172 -17.14 22.57 -54.49
CA SER B 172 -15.73 22.80 -54.74
C SER B 172 -15.53 23.65 -55.99
N GLN B 173 -14.28 24.04 -56.22
CA GLN B 173 -13.96 24.87 -57.36
C GLN B 173 -14.14 24.10 -58.67
N PRO B 174 -14.37 24.79 -59.78
CA PRO B 174 -14.54 24.10 -61.06
C PRO B 174 -13.28 23.37 -61.48
N PHE B 175 -13.47 22.28 -62.22
CA PHE B 175 -12.36 21.47 -62.71
C PHE B 175 -12.73 20.93 -64.09
N LEU B 176 -11.81 20.18 -64.69
CA LEU B 176 -12.00 19.60 -66.02
C LEU B 176 -11.45 18.17 -65.97
N MET B 177 -12.34 17.22 -65.69
CA MET B 177 -11.98 15.81 -65.66
C MET B 177 -12.20 15.18 -67.03
N ASP B 178 -11.46 14.10 -67.29
CA ASP B 178 -11.55 13.39 -68.56
C ASP B 178 -12.59 12.30 -68.45
N LEU B 179 -13.72 12.49 -69.14
CA LEU B 179 -14.80 11.52 -69.15
C LEU B 179 -14.73 10.56 -70.33
N GLU B 180 -13.74 10.71 -71.21
CA GLU B 180 -13.62 9.85 -72.38
C GLU B 180 -13.35 8.42 -71.95
N GLY B 181 -14.06 7.47 -72.57
CA GLY B 181 -13.87 6.06 -72.27
C GLY B 181 -12.47 5.58 -72.56
N LYS B 182 -11.90 4.82 -71.63
CA LYS B 182 -10.55 4.29 -71.77
C LYS B 182 -10.60 2.77 -71.75
N GLN B 183 -9.87 2.13 -72.66
CA GLN B 183 -9.83 0.69 -72.79
C GLN B 183 -8.48 0.17 -72.31
N GLY B 184 -8.49 -1.06 -71.79
CA GLY B 184 -7.30 -1.71 -71.27
C GLY B 184 -7.45 -2.06 -69.81
N ASN B 185 -6.33 -2.37 -69.19
CA ASN B 185 -6.32 -2.71 -67.77
C ASN B 185 -6.62 -1.47 -66.92
N PHE B 186 -7.15 -1.71 -65.72
CA PHE B 186 -7.49 -0.62 -64.84
C PHE B 186 -6.27 0.23 -64.52
N LYS B 187 -6.45 1.55 -64.49
CA LYS B 187 -5.37 2.49 -64.29
C LYS B 187 -5.49 3.32 -63.02
N ASN B 188 -6.67 3.41 -62.42
CA ASN B 188 -6.88 4.19 -61.21
C ASN B 188 -7.58 3.35 -60.16
N LEU B 189 -7.10 3.44 -58.91
CA LEU B 189 -7.72 2.79 -57.78
C LEU B 189 -7.86 3.80 -56.66
N ARG B 190 -9.11 4.12 -56.30
CA ARG B 190 -9.41 5.08 -55.26
C ARG B 190 -10.00 4.36 -54.06
N GLU B 191 -9.36 4.52 -52.90
CA GLU B 191 -9.82 3.92 -51.65
C GLU B 191 -10.40 5.01 -50.76
N PHE B 192 -11.53 4.71 -50.13
CA PHE B 192 -12.19 5.65 -49.24
C PHE B 192 -12.62 4.92 -47.97
N VAL B 193 -12.60 5.66 -46.86
CA VAL B 193 -13.08 5.18 -45.57
C VAL B 193 -14.01 6.25 -45.00
N PHE B 194 -15.26 5.87 -44.74
CA PHE B 194 -16.27 6.77 -44.19
C PHE B 194 -16.68 6.28 -42.82
N LYS B 195 -16.67 7.16 -41.83
CA LYS B 195 -17.15 6.81 -40.50
C LYS B 195 -17.90 7.99 -39.89
N ASN B 196 -19.04 7.69 -39.28
CA ASN B 196 -19.93 8.71 -38.72
C ASN B 196 -20.01 8.62 -37.20
N ILE B 197 -18.87 8.44 -36.55
CA ILE B 197 -18.83 8.32 -35.10
C ILE B 197 -18.73 9.70 -34.48
N ASP B 198 -19.27 9.83 -33.26
CA ASP B 198 -19.21 11.07 -32.49
C ASP B 198 -19.83 12.23 -33.27
N GLY B 199 -20.91 11.95 -34.00
CA GLY B 199 -21.59 12.98 -34.74
C GLY B 199 -20.74 13.65 -35.81
N TYR B 200 -19.64 13.02 -36.20
CA TYR B 200 -18.75 13.54 -37.24
C TYR B 200 -18.70 12.57 -38.40
N PHE B 201 -18.93 13.07 -39.61
CA PHE B 201 -18.78 12.27 -40.82
C PHE B 201 -17.37 12.52 -41.35
N LYS B 202 -16.46 11.60 -41.04
CA LYS B 202 -15.06 11.69 -41.46
C LYS B 202 -14.86 10.81 -42.69
N ILE B 203 -14.34 11.41 -43.75
CA ILE B 203 -14.01 10.72 -44.99
C ILE B 203 -12.50 10.84 -45.19
N TYR B 204 -11.83 9.69 -45.21
CA TYR B 204 -10.41 9.59 -45.55
C TYR B 204 -10.33 8.89 -46.89
N SER B 205 -9.27 9.12 -47.65
CA SER B 205 -9.16 8.53 -48.97
C SER B 205 -7.73 8.56 -49.48
N LYS B 206 -7.52 7.85 -50.58
CA LYS B 206 -6.22 7.78 -51.25
C LYS B 206 -6.44 7.33 -52.68
N HIS B 207 -5.48 7.67 -53.54
CA HIS B 207 -5.52 7.30 -54.95
C HIS B 207 -4.20 6.65 -55.34
N THR B 208 -4.28 5.65 -56.22
CA THR B 208 -3.09 4.92 -56.62
C THR B 208 -3.22 4.45 -58.07
N PRO B 209 -2.23 4.72 -58.92
CA PRO B 209 -2.21 4.08 -60.24
C PRO B 209 -2.01 2.58 -60.12
N ILE B 210 -2.68 1.84 -61.01
CA ILE B 210 -2.63 0.38 -61.01
C ILE B 210 -2.57 -0.11 -62.45
N ASN B 211 -2.31 -1.41 -62.60
CA ASN B 211 -2.29 -2.06 -63.90
C ASN B 211 -2.79 -3.50 -63.70
N LEU B 212 -4.08 -3.69 -63.92
CA LEU B 212 -4.72 -4.99 -63.67
C LEU B 212 -6.17 -4.89 -64.15
N VAL B 213 -6.86 -6.03 -64.11
CA VAL B 213 -8.28 -6.08 -64.42
C VAL B 213 -9.04 -6.54 -63.18
N ARG B 214 -8.39 -7.37 -62.36
CA ARG B 214 -8.98 -7.90 -61.14
C ARG B 214 -7.85 -8.28 -60.20
N ASP B 215 -8.19 -8.94 -59.09
CA ASP B 215 -7.19 -9.48 -58.16
C ASP B 215 -6.29 -8.36 -57.63
N LEU B 216 -6.90 -7.53 -56.77
CA LEU B 216 -6.24 -6.37 -56.18
C LEU B 216 -4.81 -6.69 -55.81
N PRO B 217 -3.86 -5.80 -56.09
CA PRO B 217 -2.44 -6.14 -55.91
C PRO B 217 -2.10 -6.33 -54.44
N GLN B 218 -1.12 -7.20 -54.19
CA GLN B 218 -0.64 -7.43 -52.84
C GLN B 218 0.28 -6.30 -52.42
N GLY B 219 -0.03 -5.67 -51.30
CA GLY B 219 0.76 -4.55 -50.82
C GLY B 219 0.07 -3.86 -49.66
N PHE B 220 0.75 -2.85 -49.15
CA PHE B 220 0.27 -2.09 -48.00
C PHE B 220 0.28 -0.61 -48.34
N SER B 221 -0.85 0.05 -48.11
CA SER B 221 -0.98 1.48 -48.34
C SER B 221 -1.76 2.10 -47.17
N ALA B 222 -1.34 3.30 -46.76
CA ALA B 222 -1.94 4.00 -45.63
C ALA B 222 -2.87 5.07 -46.16
N LEU B 223 -4.15 4.96 -45.83
CA LEU B 223 -5.12 5.97 -46.22
C LEU B 223 -4.82 7.29 -45.53
N GLU B 224 -4.92 8.38 -46.29
CA GLU B 224 -4.72 9.71 -45.72
C GLU B 224 -6.05 10.42 -45.54
N PRO B 225 -6.23 11.19 -44.48
CA PRO B 225 -7.53 11.85 -44.27
C PRO B 225 -7.76 12.96 -45.29
N LEU B 226 -9.04 13.15 -45.63
CA LEU B 226 -9.45 14.17 -46.59
C LEU B 226 -10.35 15.24 -45.99
N VAL B 227 -11.45 14.87 -45.33
CA VAL B 227 -12.40 15.87 -44.84
C VAL B 227 -13.16 15.31 -43.65
N ASP B 228 -13.71 16.20 -42.85
CA ASP B 228 -14.55 15.86 -41.69
C ASP B 228 -15.73 16.82 -41.67
N LEU B 229 -16.86 16.39 -42.25
CA LEU B 229 -18.07 17.18 -42.22
C LEU B 229 -18.78 16.98 -40.89
N PRO B 230 -19.05 18.04 -40.11
CA PRO B 230 -19.71 17.85 -38.80
C PRO B 230 -21.21 17.62 -38.93
N ILE B 231 -21.57 16.41 -39.37
CA ILE B 231 -22.95 16.01 -39.59
C ILE B 231 -23.32 14.98 -38.52
N GLY B 232 -24.43 15.23 -37.82
CA GLY B 232 -24.87 14.35 -36.76
C GLY B 232 -26.20 13.68 -37.04
N ILE B 233 -26.42 13.29 -38.29
CA ILE B 233 -27.64 12.60 -38.69
C ILE B 233 -27.41 11.11 -38.58
N ASN B 234 -28.51 10.36 -38.41
CA ASN B 234 -28.41 8.92 -38.12
C ASN B 234 -27.51 8.20 -39.10
N ILE B 235 -27.92 8.16 -40.37
CA ILE B 235 -27.15 7.48 -41.42
C ILE B 235 -26.89 6.03 -41.04
N THR B 236 -27.66 5.10 -41.61
CA THR B 236 -27.41 3.68 -41.43
C THR B 236 -27.41 2.89 -42.73
N ARG B 237 -27.67 3.52 -43.88
CA ARG B 237 -27.59 2.87 -45.18
C ARG B 237 -26.90 3.82 -46.15
N PHE B 238 -26.28 3.23 -47.18
CA PHE B 238 -25.57 4.03 -48.18
C PHE B 238 -25.79 3.43 -49.56
N GLN B 239 -25.62 4.27 -50.58
CA GLN B 239 -25.74 3.86 -51.97
C GLN B 239 -24.69 4.59 -52.79
N THR B 240 -24.23 3.95 -53.85
CA THR B 240 -23.17 4.48 -54.69
C THR B 240 -23.75 5.07 -55.97
N LEU B 241 -23.18 6.20 -56.40
CA LEU B 241 -23.63 6.89 -57.60
C LEU B 241 -22.84 6.38 -58.80
N LEU B 242 -23.54 5.80 -59.78
CA LEU B 242 -22.94 5.25 -60.98
C LEU B 242 -23.38 6.04 -62.20
N ALA B 243 -22.48 6.15 -63.17
CA ALA B 243 -22.75 6.86 -64.42
C ALA B 243 -22.64 5.88 -65.58
N LEU B 244 -23.65 5.89 -66.45
CA LEU B 244 -23.70 4.99 -67.60
C LEU B 244 -23.90 5.81 -68.87
N HIS B 245 -23.19 5.43 -69.93
CA HIS B 245 -23.29 6.13 -71.20
C HIS B 245 -24.62 5.79 -71.87
N ARG B 246 -25.18 6.78 -72.58
CA ARG B 246 -26.45 6.58 -73.27
C ARG B 246 -26.28 5.56 -74.38
N SER B 247 -27.29 4.70 -74.55
CA SER B 247 -27.20 3.61 -75.51
C SER B 247 -27.53 4.07 -76.93
N TYR B 248 -28.76 4.54 -77.14
CA TYR B 248 -29.19 4.89 -78.50
C TYR B 248 -28.47 6.11 -79.04
N LEU B 249 -27.96 6.99 -78.17
CA LEU B 249 -27.18 8.12 -78.65
C LEU B 249 -25.90 7.66 -79.34
N THR B 250 -25.28 6.60 -78.82
CA THR B 250 -24.13 5.96 -79.45
C THR B 250 -24.51 4.50 -79.66
N PRO B 251 -25.20 4.17 -80.75
CA PRO B 251 -25.78 2.84 -80.90
C PRO B 251 -24.72 1.75 -80.78
N GLY B 252 -24.92 0.79 -79.87
CA GLY B 252 -26.01 0.78 -78.90
C GLY B 252 -27.34 0.30 -79.47
N ASP B 253 -28.29 1.24 -79.61
CA ASP B 253 -29.65 0.98 -80.10
C ASP B 253 -30.56 0.23 -79.11
N SER B 254 -30.48 0.62 -77.84
CA SER B 254 -31.32 0.07 -76.79
C SER B 254 -32.04 1.22 -76.09
N SER B 255 -33.35 1.08 -75.93
CA SER B 255 -34.16 2.13 -75.30
C SER B 255 -35.43 1.51 -74.76
N SER B 256 -35.65 1.53 -73.44
CA SER B 256 -34.70 2.07 -72.46
C SER B 256 -33.51 1.14 -72.30
N GLY B 257 -32.30 1.70 -72.40
CA GLY B 257 -31.09 0.90 -72.28
C GLY B 257 -29.90 1.77 -71.97
N TRP B 258 -28.92 1.19 -71.29
CA TRP B 258 -27.69 1.88 -70.94
C TRP B 258 -26.52 0.91 -71.06
N THR B 259 -25.33 1.47 -71.21
CA THR B 259 -24.09 0.71 -71.26
C THR B 259 -23.15 1.20 -70.17
N ALA B 260 -22.48 0.26 -69.50
CA ALA B 260 -21.62 0.56 -68.36
C ALA B 260 -20.16 0.44 -68.80
N GLY B 261 -19.39 1.50 -68.54
CA GLY B 261 -17.96 1.43 -68.77
C GLY B 261 -17.29 0.54 -67.76
N ALA B 262 -16.15 -0.05 -68.17
CA ALA B 262 -15.45 -1.00 -67.32
C ALA B 262 -15.06 -0.38 -65.98
N ALA B 263 -15.66 -0.87 -64.90
CA ALA B 263 -15.33 -0.40 -63.57
C ALA B 263 -15.71 -1.47 -62.57
N ALA B 264 -15.18 -1.34 -61.35
CA ALA B 264 -15.56 -2.26 -60.28
C ALA B 264 -15.33 -1.58 -58.94
N TYR B 265 -16.02 -2.09 -57.92
CA TYR B 265 -15.82 -1.55 -56.57
C TYR B 265 -16.05 -2.64 -55.53
N TYR B 266 -15.26 -2.55 -54.47
CA TYR B 266 -15.30 -3.47 -53.33
C TYR B 266 -15.77 -2.72 -52.10
N VAL B 267 -16.67 -3.35 -51.34
CA VAL B 267 -17.28 -2.74 -50.17
C VAL B 267 -16.99 -3.63 -48.96
N GLY B 268 -16.48 -3.01 -47.89
CA GLY B 268 -16.21 -3.72 -46.66
C GLY B 268 -16.70 -2.93 -45.46
N TYR B 269 -16.90 -3.65 -44.36
CA TYR B 269 -17.46 -3.08 -43.14
C TYR B 269 -16.38 -2.99 -42.07
N LEU B 270 -16.27 -1.82 -41.45
CA LEU B 270 -15.28 -1.61 -40.41
C LEU B 270 -15.69 -2.31 -39.11
N GLN B 271 -14.70 -2.70 -38.32
CA GLN B 271 -14.94 -3.36 -37.05
C GLN B 271 -14.04 -2.76 -35.98
N PRO B 272 -14.49 -2.74 -34.72
CA PRO B 272 -13.63 -2.19 -33.65
C PRO B 272 -12.46 -3.11 -33.34
N ARG B 273 -11.25 -2.68 -33.69
CA ARG B 273 -10.06 -3.50 -33.51
C ARG B 273 -8.89 -2.63 -33.06
N THR B 274 -7.88 -3.28 -32.49
CA THR B 274 -6.64 -2.63 -32.11
C THR B 274 -5.59 -2.94 -33.16
N PHE B 275 -4.85 -1.91 -33.58
CA PHE B 275 -3.83 -2.02 -34.61
C PHE B 275 -2.51 -1.47 -34.08
N LEU B 276 -1.43 -2.22 -34.30
CA LEU B 276 -0.07 -1.75 -34.02
C LEU B 276 0.55 -1.38 -35.36
N LEU B 277 0.81 -0.09 -35.54
CA LEU B 277 1.29 0.45 -36.80
C LEU B 277 2.71 0.98 -36.62
N LYS B 278 3.55 0.75 -37.63
CA LYS B 278 4.93 1.23 -37.62
C LYS B 278 5.02 2.50 -38.44
N TYR B 279 5.50 3.58 -37.81
CA TYR B 279 5.74 4.84 -38.48
C TYR B 279 7.24 4.98 -38.71
N ASN B 280 7.62 5.18 -39.97
CA ASN B 280 9.03 5.24 -40.35
C ASN B 280 9.59 6.63 -40.04
N GLU B 281 10.83 6.87 -40.48
CA GLU B 281 11.46 8.16 -40.21
C GLU B 281 10.68 9.30 -40.86
N ASN B 282 10.21 9.10 -42.09
CA ASN B 282 9.45 10.14 -42.78
C ASN B 282 8.06 10.34 -42.19
N GLY B 283 7.62 9.47 -41.29
CA GLY B 283 6.32 9.59 -40.68
C GLY B 283 5.19 8.95 -41.44
N THR B 284 5.49 8.14 -42.46
CA THR B 284 4.47 7.45 -43.25
C THR B 284 4.31 6.03 -42.72
N ILE B 285 3.06 5.64 -42.46
CA ILE B 285 2.78 4.30 -41.95
C ILE B 285 3.20 3.28 -43.01
N THR B 286 4.19 2.46 -42.67
CA THR B 286 4.72 1.48 -43.62
C THR B 286 4.06 0.11 -43.47
N ASP B 287 3.64 -0.25 -42.27
CA ASP B 287 3.02 -1.55 -42.04
C ASP B 287 2.20 -1.49 -40.76
N ALA B 288 1.28 -2.45 -40.63
CA ALA B 288 0.42 -2.52 -39.45
C ALA B 288 -0.02 -3.97 -39.25
N VAL B 289 -0.15 -4.35 -37.98
CA VAL B 289 -0.62 -5.67 -37.59
C VAL B 289 -1.82 -5.50 -36.69
N ASP B 290 -2.88 -6.25 -36.97
CA ASP B 290 -4.14 -6.05 -36.25
C ASP B 290 -4.16 -6.81 -34.92
N CYS B 291 -3.99 -8.13 -34.98
CA CYS B 291 -4.26 -9.09 -33.90
C CYS B 291 -5.58 -9.78 -34.22
N ALA B 292 -5.65 -11.08 -33.93
CA ALA B 292 -6.67 -12.03 -34.37
C ALA B 292 -6.50 -12.57 -35.78
N LEU B 293 -5.50 -12.11 -36.53
CA LEU B 293 -5.15 -12.76 -37.79
C LEU B 293 -4.58 -14.15 -37.53
N ASP B 294 -3.75 -14.28 -36.50
CA ASP B 294 -3.16 -15.55 -36.10
C ASP B 294 -2.52 -15.36 -34.73
N PRO B 295 -2.18 -16.44 -34.02
CA PRO B 295 -1.53 -16.27 -32.72
C PRO B 295 -0.24 -15.47 -32.80
N LEU B 296 0.50 -15.58 -33.92
CA LEU B 296 1.71 -14.79 -34.07
C LEU B 296 1.41 -13.31 -34.08
N SER B 297 0.33 -12.90 -34.75
CA SER B 297 -0.02 -11.48 -34.78
C SER B 297 -0.34 -10.96 -33.39
N GLU B 298 -1.08 -11.74 -32.60
CA GLU B 298 -1.37 -11.33 -31.23
C GLU B 298 -0.08 -11.25 -30.41
N THR B 299 0.82 -12.22 -30.59
CA THR B 299 2.11 -12.18 -29.89
C THR B 299 2.88 -10.91 -30.25
N LYS B 300 2.77 -10.47 -31.51
CA LYS B 300 3.48 -9.27 -31.94
C LYS B 300 3.04 -8.06 -31.15
N CYS B 301 1.73 -7.91 -30.93
CA CYS B 301 1.22 -6.75 -30.20
C CYS B 301 1.73 -6.75 -28.76
N THR B 302 1.72 -7.91 -28.11
CA THR B 302 2.18 -7.98 -26.72
C THR B 302 3.66 -7.59 -26.62
N LEU B 303 4.48 -8.09 -27.53
CA LEU B 303 5.90 -7.77 -27.51
C LEU B 303 6.21 -6.39 -28.10
N LYS B 304 5.28 -5.82 -28.87
CA LYS B 304 5.52 -4.54 -29.55
C LYS B 304 6.78 -4.61 -30.40
N SER B 305 6.99 -5.77 -31.05
CA SER B 305 8.14 -5.99 -31.90
C SER B 305 7.69 -6.81 -33.11
N PHE B 306 8.63 -7.12 -33.99
CA PHE B 306 8.31 -7.87 -35.20
C PHE B 306 9.37 -8.93 -35.54
N THR B 307 10.32 -9.20 -34.64
CA THR B 307 11.28 -10.28 -34.79
C THR B 307 11.25 -11.07 -33.49
N VAL B 308 10.33 -12.02 -33.41
CA VAL B 308 10.13 -12.79 -32.19
C VAL B 308 11.16 -13.90 -32.11
N GLU B 309 11.92 -13.93 -31.02
CA GLU B 309 12.90 -14.99 -30.81
C GLU B 309 12.23 -16.26 -30.33
N LYS B 310 12.95 -17.37 -30.49
CA LYS B 310 12.42 -18.67 -30.08
C LYS B 310 12.11 -18.66 -28.58
N GLY B 311 10.85 -18.89 -28.24
CA GLY B 311 10.45 -18.92 -26.85
C GLY B 311 8.96 -19.15 -26.73
N ILE B 312 8.50 -19.22 -25.48
CA ILE B 312 7.09 -19.41 -25.16
C ILE B 312 6.65 -18.19 -24.35
N TYR B 313 5.63 -17.50 -24.85
CA TYR B 313 5.13 -16.27 -24.24
C TYR B 313 3.63 -16.40 -24.00
N GLN B 314 3.20 -16.07 -22.78
CA GLN B 314 1.78 -16.08 -22.45
C GLN B 314 1.10 -14.91 -23.14
N THR B 315 0.31 -15.21 -24.17
CA THR B 315 -0.24 -14.16 -25.02
C THR B 315 -1.54 -13.58 -24.48
N SER B 316 -2.39 -14.38 -23.87
CA SER B 316 -3.70 -13.88 -23.44
C SER B 316 -4.26 -14.75 -22.33
N ASN B 317 -5.49 -14.45 -21.93
CA ASN B 317 -6.23 -15.22 -20.93
C ASN B 317 -7.62 -15.49 -21.47
N PHE B 318 -8.16 -16.66 -21.13
CA PHE B 318 -9.46 -17.10 -21.60
C PHE B 318 -10.31 -17.58 -20.45
N ARG B 319 -11.63 -17.57 -20.64
CA ARG B 319 -12.57 -18.07 -19.65
C ARG B 319 -13.86 -18.47 -20.34
N VAL B 320 -14.39 -19.63 -19.97
CA VAL B 320 -15.61 -20.14 -20.58
C VAL B 320 -16.81 -19.46 -19.94
N GLN B 321 -17.68 -18.90 -20.77
CA GLN B 321 -18.86 -18.21 -20.30
C GLN B 321 -19.98 -19.21 -19.99
N PRO B 322 -20.99 -18.78 -19.23
CA PRO B 322 -22.15 -19.66 -19.01
C PRO B 322 -22.79 -20.03 -20.34
N THR B 323 -23.22 -21.29 -20.44
CA THR B 323 -23.72 -21.79 -21.72
C THR B 323 -24.94 -20.99 -22.17
N GLU B 324 -26.06 -21.14 -21.47
CA GLU B 324 -27.21 -20.25 -21.66
C GLU B 324 -27.63 -19.57 -20.36
N SER B 325 -27.94 -20.35 -19.32
CA SER B 325 -28.36 -19.80 -18.04
C SER B 325 -28.68 -20.99 -17.13
N ILE B 326 -28.96 -20.68 -15.86
CA ILE B 326 -29.49 -21.67 -14.92
C ILE B 326 -30.04 -20.91 -13.71
N VAL B 327 -31.19 -21.35 -13.23
CA VAL B 327 -31.81 -20.81 -12.03
C VAL B 327 -32.45 -21.96 -11.26
N ARG B 328 -32.22 -21.99 -9.95
CA ARG B 328 -32.69 -23.08 -9.10
C ARG B 328 -33.43 -22.49 -7.90
N PHE B 329 -34.63 -22.98 -7.64
CA PHE B 329 -35.42 -22.59 -6.50
C PHE B 329 -36.06 -23.83 -5.89
N PRO B 330 -36.49 -23.76 -4.63
CA PRO B 330 -36.97 -24.96 -3.94
C PRO B 330 -38.14 -25.62 -4.65
N ASN B 331 -38.18 -26.95 -4.57
CA ASN B 331 -39.28 -27.72 -5.12
C ASN B 331 -40.50 -27.57 -4.22
N ILE B 332 -41.59 -27.06 -4.77
CA ILE B 332 -42.70 -26.63 -3.93
C ILE B 332 -43.38 -27.83 -3.27
N THR B 333 -43.71 -28.86 -4.07
CA THR B 333 -44.36 -30.08 -3.60
C THR B 333 -45.42 -29.80 -2.55
N ASN B 334 -46.15 -28.69 -2.68
CA ASN B 334 -47.17 -28.34 -1.71
C ASN B 334 -47.92 -27.08 -2.13
N LEU B 335 -48.93 -26.69 -1.35
CA LEU B 335 -49.68 -25.48 -1.62
C LEU B 335 -50.53 -25.09 -0.40
N CYS B 336 -50.43 -23.83 0.01
CA CYS B 336 -51.23 -23.35 1.13
C CYS B 336 -52.72 -23.60 0.84
N PRO B 337 -53.56 -23.58 1.87
CA PRO B 337 -54.99 -23.87 1.64
C PRO B 337 -55.69 -22.77 0.85
N PHE B 338 -55.21 -22.52 -0.37
CA PHE B 338 -55.86 -21.56 -1.26
C PHE B 338 -57.11 -22.14 -1.91
N GLY B 339 -57.24 -23.46 -1.97
CA GLY B 339 -58.45 -24.05 -2.49
C GLY B 339 -59.67 -23.68 -1.66
N GLU B 340 -59.53 -23.71 -0.33
CA GLU B 340 -60.62 -23.27 0.54
C GLU B 340 -60.94 -21.80 0.32
N VAL B 341 -59.94 -21.01 -0.10
CA VAL B 341 -60.19 -19.60 -0.39
C VAL B 341 -61.04 -19.46 -1.65
N PHE B 342 -60.74 -20.26 -2.67
CA PHE B 342 -61.42 -20.18 -3.97
C PHE B 342 -62.30 -21.38 -4.25
N ASN B 343 -61.77 -22.59 -4.07
CA ASN B 343 -62.52 -23.80 -4.39
C ASN B 343 -63.67 -24.06 -3.43
N ALA B 344 -63.75 -23.32 -2.32
CA ALA B 344 -64.83 -23.53 -1.37
C ALA B 344 -66.18 -23.22 -2.00
N THR B 345 -67.25 -23.53 -1.27
CA THR B 345 -68.61 -23.41 -1.78
C THR B 345 -69.31 -22.12 -1.33
N ARG B 346 -68.93 -21.56 -0.19
CA ARG B 346 -69.62 -20.40 0.37
C ARG B 346 -68.60 -19.37 0.84
N PHE B 347 -69.01 -18.11 0.83
CA PHE B 347 -68.22 -16.97 1.28
C PHE B 347 -68.95 -16.26 2.41
N ALA B 348 -68.34 -15.19 2.91
CA ALA B 348 -68.89 -14.40 3.99
C ALA B 348 -69.53 -13.14 3.45
N SER B 349 -70.11 -12.35 4.36
CA SER B 349 -70.77 -11.11 3.98
C SER B 349 -69.75 -9.97 3.87
N VAL B 350 -70.19 -8.88 3.24
CA VAL B 350 -69.31 -7.73 3.05
C VAL B 350 -68.92 -7.12 4.39
N TYR B 351 -69.90 -6.96 5.28
CA TYR B 351 -69.60 -6.37 6.59
C TYR B 351 -68.84 -7.35 7.47
N ALA B 352 -69.25 -8.61 7.48
CA ALA B 352 -68.57 -9.66 8.26
C ALA B 352 -67.58 -10.43 7.40
N TRP B 353 -66.68 -9.70 6.73
CA TRP B 353 -65.69 -10.36 5.88
C TRP B 353 -64.80 -11.27 6.72
N ASN B 354 -64.65 -12.51 6.27
CA ASN B 354 -63.91 -13.51 7.03
C ASN B 354 -62.42 -13.33 6.77
N ARG B 355 -61.65 -13.16 7.85
CA ARG B 355 -60.22 -12.95 7.78
C ARG B 355 -59.51 -14.24 8.18
N LYS B 356 -58.63 -14.74 7.29
CA LYS B 356 -57.83 -15.91 7.55
C LYS B 356 -56.36 -15.54 7.48
N ARG B 357 -55.58 -15.98 8.47
CA ARG B 357 -54.17 -15.69 8.53
C ARG B 357 -53.40 -16.79 7.82
N ILE B 358 -52.70 -16.43 6.75
CA ILE B 358 -51.93 -17.37 5.94
C ILE B 358 -50.46 -17.19 6.29
N SER B 359 -49.85 -18.27 6.77
CA SER B 359 -48.44 -18.31 7.13
C SER B 359 -48.10 -19.76 7.46
N ASN B 360 -46.83 -20.00 7.76
CA ASN B 360 -46.31 -21.32 8.11
C ASN B 360 -46.85 -22.40 7.18
N CYS B 361 -47.07 -22.05 5.91
CA CYS B 361 -47.54 -23.03 4.93
C CYS B 361 -46.86 -22.75 3.59
N VAL B 362 -46.74 -23.80 2.79
CA VAL B 362 -46.15 -23.70 1.46
C VAL B 362 -47.20 -23.11 0.51
N ALA B 363 -46.85 -22.03 -0.17
CA ALA B 363 -47.81 -21.24 -0.93
C ALA B 363 -47.54 -21.31 -2.43
N ASP B 364 -48.61 -21.37 -3.20
CA ASP B 364 -48.56 -21.28 -4.67
C ASP B 364 -49.52 -20.19 -5.13
N TYR B 365 -49.02 -19.30 -5.99
CA TYR B 365 -49.83 -18.23 -6.56
C TYR B 365 -50.06 -18.41 -8.05
N SER B 366 -49.59 -19.52 -8.62
CA SER B 366 -49.78 -19.75 -10.06
C SER B 366 -51.26 -19.86 -10.40
N VAL B 367 -52.03 -20.58 -9.59
CA VAL B 367 -53.44 -20.79 -9.88
C VAL B 367 -54.22 -19.49 -9.88
N LEU B 368 -53.72 -18.46 -9.20
CA LEU B 368 -54.45 -17.19 -9.12
C LEU B 368 -54.65 -16.59 -10.51
N TYR B 369 -53.62 -16.62 -11.35
CA TYR B 369 -53.71 -16.06 -12.69
C TYR B 369 -53.83 -17.12 -13.78
N ASN B 370 -53.51 -18.39 -13.47
CA ASN B 370 -53.65 -19.43 -14.48
C ASN B 370 -55.11 -19.61 -14.90
N SER B 371 -56.03 -19.57 -13.93
CA SER B 371 -57.46 -19.69 -14.20
C SER B 371 -58.02 -18.27 -14.36
N ALA B 372 -58.16 -17.84 -15.61
CA ALA B 372 -58.65 -16.49 -15.92
C ALA B 372 -60.17 -16.46 -15.89
N SER B 373 -60.72 -16.79 -14.72
CA SER B 373 -62.16 -16.79 -14.49
C SER B 373 -62.61 -15.67 -13.55
N PHE B 374 -61.71 -14.76 -13.21
CA PHE B 374 -62.01 -13.66 -12.29
C PHE B 374 -62.14 -12.37 -13.09
N SER B 375 -63.26 -11.67 -12.91
CA SER B 375 -63.50 -10.43 -13.64
C SER B 375 -62.47 -9.36 -13.25
N THR B 376 -62.17 -9.23 -11.96
CA THR B 376 -61.27 -8.22 -11.47
C THR B 376 -60.11 -8.87 -10.73
N PHE B 377 -58.89 -8.51 -11.12
CA PHE B 377 -57.67 -9.09 -10.55
C PHE B 377 -56.62 -7.98 -10.55
N LYS B 378 -56.47 -7.28 -9.43
CA LYS B 378 -55.57 -6.13 -9.38
C LYS B 378 -54.70 -6.17 -8.14
N CYS B 379 -53.41 -5.99 -8.32
CA CYS B 379 -52.44 -5.97 -7.22
C CYS B 379 -51.81 -4.59 -7.14
N TYR B 380 -51.88 -3.97 -5.96
CA TYR B 380 -51.27 -2.68 -5.71
C TYR B 380 -50.09 -2.85 -4.75
N GLY B 381 -48.93 -2.35 -5.15
CA GLY B 381 -47.71 -2.58 -4.41
C GLY B 381 -47.06 -3.92 -4.62
N VAL B 382 -47.65 -4.77 -5.47
CA VAL B 382 -47.11 -6.09 -5.75
C VAL B 382 -47.41 -6.43 -7.20
N SER B 383 -46.46 -7.08 -7.86
CA SER B 383 -46.62 -7.42 -9.27
C SER B 383 -47.71 -8.47 -9.42
N PRO B 384 -48.75 -8.24 -10.24
CA PRO B 384 -49.78 -9.28 -10.40
C PRO B 384 -49.24 -10.58 -10.95
N THR B 385 -48.21 -10.54 -11.80
CA THR B 385 -47.66 -11.74 -12.40
C THR B 385 -46.50 -12.34 -11.62
N LYS B 386 -45.79 -11.52 -10.84
CA LYS B 386 -44.63 -11.97 -10.08
C LYS B 386 -45.01 -12.41 -8.66
N LEU B 387 -46.25 -12.82 -8.44
CA LEU B 387 -46.65 -13.27 -7.11
C LEU B 387 -45.81 -14.48 -6.66
N ASN B 388 -45.33 -15.27 -7.61
CA ASN B 388 -44.51 -16.44 -7.30
C ASN B 388 -43.04 -16.09 -7.14
N ASP B 389 -42.66 -14.82 -7.29
CA ASP B 389 -41.28 -14.36 -7.11
C ASP B 389 -41.17 -13.36 -5.98
N LEU B 390 -42.04 -13.47 -4.98
CA LEU B 390 -42.05 -12.57 -3.84
C LEU B 390 -42.23 -13.38 -2.57
N CYS B 391 -41.76 -12.81 -1.45
CA CYS B 391 -41.86 -13.45 -0.15
C CYS B 391 -42.40 -12.45 0.86
N PHE B 392 -43.14 -12.98 1.84
CA PHE B 392 -43.74 -12.15 2.88
C PHE B 392 -43.87 -12.96 4.15
N THR B 393 -43.72 -12.27 5.29
CA THR B 393 -43.78 -12.96 6.58
C THR B 393 -45.17 -13.54 6.83
N ASN B 394 -46.22 -12.78 6.52
CA ASN B 394 -47.58 -13.23 6.81
C ASN B 394 -48.52 -12.60 5.79
N VAL B 395 -49.70 -13.20 5.64
CA VAL B 395 -50.74 -12.66 4.78
C VAL B 395 -52.08 -12.75 5.50
N TYR B 396 -52.98 -11.84 5.16
CA TYR B 396 -54.35 -11.85 5.64
C TYR B 396 -55.28 -11.90 4.45
N ALA B 397 -56.12 -12.94 4.39
CA ALA B 397 -57.08 -13.12 3.30
C ALA B 397 -58.47 -12.77 3.83
N ASP B 398 -59.04 -11.70 3.30
CA ASP B 398 -60.38 -11.27 3.64
C ASP B 398 -61.32 -11.71 2.53
N SER B 399 -62.20 -12.67 2.82
CA SER B 399 -63.15 -13.21 1.87
C SER B 399 -64.54 -12.69 2.20
N PHE B 400 -65.25 -12.20 1.19
CA PHE B 400 -66.60 -11.67 1.41
C PHE B 400 -67.32 -11.64 0.07
N VAL B 401 -68.55 -11.13 0.09
CA VAL B 401 -69.38 -10.98 -1.10
C VAL B 401 -69.94 -9.57 -1.12
N ILE B 402 -69.82 -8.91 -2.27
CA ILE B 402 -70.25 -7.53 -2.45
C ILE B 402 -71.10 -7.44 -3.71
N ARG B 403 -71.50 -6.22 -4.05
CA ARG B 403 -72.27 -5.95 -5.25
C ARG B 403 -71.34 -5.58 -6.40
N GLY B 404 -71.83 -5.77 -7.62
CA GLY B 404 -71.03 -5.44 -8.80
C GLY B 404 -70.69 -3.96 -8.86
N ASP B 405 -71.68 -3.10 -8.58
CA ASP B 405 -71.42 -1.67 -8.59
C ASP B 405 -70.47 -1.26 -7.47
N GLU B 406 -70.55 -1.95 -6.33
CA GLU B 406 -69.69 -1.64 -5.19
C GLU B 406 -68.24 -2.04 -5.42
N VAL B 407 -67.95 -2.76 -6.50
CA VAL B 407 -66.57 -3.15 -6.78
C VAL B 407 -65.69 -1.91 -6.91
N ARG B 408 -66.20 -0.87 -7.58
CA ARG B 408 -65.44 0.37 -7.71
C ARG B 408 -65.10 0.96 -6.36
N GLN B 409 -65.96 0.76 -5.36
CA GLN B 409 -65.70 1.30 -4.02
C GLN B 409 -64.51 0.63 -3.34
N ILE B 410 -64.12 -0.56 -3.79
CA ILE B 410 -63.01 -1.30 -3.19
C ILE B 410 -61.74 -0.90 -3.94
N ALA B 411 -60.96 -0.01 -3.32
CA ALA B 411 -59.70 0.43 -3.89
C ALA B 411 -58.95 1.21 -2.81
N PRO B 412 -57.63 1.40 -2.98
CA PRO B 412 -56.86 2.15 -1.98
C PRO B 412 -57.39 3.55 -1.81
N GLY B 413 -57.70 3.91 -0.57
CA GLY B 413 -58.19 5.25 -0.28
C GLY B 413 -59.45 5.61 -1.04
N GLN B 414 -60.40 4.69 -1.12
CA GLN B 414 -61.63 4.88 -1.87
C GLN B 414 -62.77 5.26 -0.92
N THR B 415 -63.78 5.91 -1.48
CA THR B 415 -64.95 6.36 -0.73
C THR B 415 -66.21 5.72 -1.31
N GLY B 416 -67.09 5.27 -0.42
CA GLY B 416 -68.33 4.64 -0.84
C GLY B 416 -68.97 3.93 0.32
N LYS B 417 -70.13 3.33 0.03
CA LYS B 417 -70.87 2.61 1.06
C LYS B 417 -70.02 1.50 1.66
N ILE B 418 -69.45 0.64 0.82
CA ILE B 418 -68.59 -0.44 1.31
C ILE B 418 -67.28 0.12 1.83
N ALA B 419 -66.72 1.10 1.12
CA ALA B 419 -65.44 1.68 1.53
C ALA B 419 -65.54 2.42 2.86
N ASP B 420 -66.75 2.74 3.32
CA ASP B 420 -66.95 3.51 4.54
C ASP B 420 -67.49 2.66 5.68
N TYR B 421 -68.57 1.92 5.46
CA TYR B 421 -69.30 1.26 6.54
C TYR B 421 -69.03 -0.24 6.63
N ASN B 422 -68.36 -0.83 5.64
CA ASN B 422 -68.15 -2.27 5.64
C ASN B 422 -66.69 -2.67 5.48
N TYR B 423 -65.92 -1.94 4.69
CA TYR B 423 -64.52 -2.29 4.45
C TYR B 423 -63.75 -1.02 4.12
N LYS B 424 -62.43 -1.10 4.27
CA LYS B 424 -61.57 0.04 3.97
C LYS B 424 -60.16 -0.46 3.73
N LEU B 425 -59.44 0.25 2.87
CA LEU B 425 -58.05 -0.03 2.56
C LEU B 425 -57.23 1.25 2.66
N PRO B 426 -55.94 1.15 2.95
CA PRO B 426 -55.10 2.34 3.08
C PRO B 426 -54.74 2.92 1.71
N ASP B 427 -54.26 4.16 1.73
CA ASP B 427 -53.86 4.83 0.50
C ASP B 427 -52.68 4.14 -0.18
N ASP B 428 -51.96 3.28 0.54
CA ASP B 428 -50.81 2.56 0.00
C ASP B 428 -51.01 1.06 0.22
N PHE B 429 -52.20 0.57 -0.11
CA PHE B 429 -52.52 -0.84 0.07
C PHE B 429 -51.50 -1.72 -0.65
N THR B 430 -50.76 -2.50 0.11
CA THR B 430 -49.76 -3.43 -0.43
C THR B 430 -50.37 -4.82 -0.43
N GLY B 431 -51.13 -5.12 -1.48
CA GLY B 431 -51.79 -6.40 -1.57
C GLY B 431 -52.60 -6.51 -2.85
N CYS B 432 -53.29 -7.64 -2.98
CA CYS B 432 -54.05 -7.96 -4.17
C CYS B 432 -55.53 -8.08 -3.85
N VAL B 433 -56.36 -7.81 -4.86
CA VAL B 433 -57.81 -7.95 -4.76
C VAL B 433 -58.29 -8.75 -5.96
N ILE B 434 -59.11 -9.76 -5.69
CA ILE B 434 -59.63 -10.68 -6.70
C ILE B 434 -61.13 -10.76 -6.51
N ALA B 435 -61.89 -10.20 -7.44
CA ALA B 435 -63.34 -10.20 -7.39
C ALA B 435 -63.89 -10.89 -8.63
N TRP B 436 -64.76 -11.88 -8.42
CA TRP B 436 -65.37 -12.61 -9.52
C TRP B 436 -66.86 -12.79 -9.26
N ASN B 437 -67.66 -12.66 -10.30
CA ASN B 437 -69.11 -12.78 -10.16
C ASN B 437 -69.47 -14.14 -9.57
N SER B 438 -70.37 -14.13 -8.58
CA SER B 438 -70.83 -15.33 -7.90
C SER B 438 -72.35 -15.43 -7.98
N ASN B 439 -72.92 -15.11 -9.14
CA ASN B 439 -74.37 -15.13 -9.29
C ASN B 439 -74.91 -16.53 -9.01
N ASN B 440 -74.51 -17.51 -9.83
CA ASN B 440 -75.03 -18.86 -9.68
C ASN B 440 -74.64 -19.48 -8.34
N LEU B 441 -73.58 -19.00 -7.71
CA LEU B 441 -73.10 -19.57 -6.46
C LEU B 441 -73.63 -18.83 -5.22
N ASP B 442 -74.13 -17.60 -5.37
CA ASP B 442 -74.59 -16.83 -4.24
C ASP B 442 -75.89 -16.09 -4.54
N SER B 443 -76.74 -16.65 -5.39
CA SER B 443 -78.02 -16.05 -5.72
C SER B 443 -79.10 -17.12 -5.73
N LYS B 444 -80.29 -16.75 -5.29
CA LYS B 444 -81.45 -17.62 -5.28
C LYS B 444 -82.52 -17.08 -6.21
N VAL B 445 -83.37 -17.98 -6.70
CA VAL B 445 -84.43 -17.58 -7.63
C VAL B 445 -85.33 -16.55 -6.97
N GLY B 446 -85.74 -16.80 -5.73
CA GLY B 446 -86.52 -15.84 -4.98
C GLY B 446 -85.73 -14.67 -4.42
N GLY B 447 -84.42 -14.81 -4.31
CA GLY B 447 -83.58 -13.75 -3.77
C GLY B 447 -82.77 -14.21 -2.58
N ASN B 448 -81.44 -14.10 -2.69
CA ASN B 448 -80.54 -14.50 -1.61
C ASN B 448 -80.36 -13.33 -0.66
N TYR B 449 -81.11 -13.33 0.43
CA TYR B 449 -81.09 -12.26 1.42
C TYR B 449 -80.16 -12.53 2.58
N ASN B 450 -79.42 -13.64 2.56
CA ASN B 450 -78.53 -13.96 3.68
C ASN B 450 -77.44 -12.90 3.83
N TYR B 451 -76.87 -12.46 2.72
CA TYR B 451 -75.79 -11.47 2.77
C TYR B 451 -76.33 -10.10 3.14
N LEU B 452 -75.63 -9.42 4.04
CA LEU B 452 -76.03 -8.12 4.54
C LEU B 452 -74.86 -7.16 4.45
N TYR B 453 -75.18 -5.86 4.33
CA TYR B 453 -74.16 -4.81 4.30
C TYR B 453 -74.59 -3.67 5.22
N ARG B 454 -73.61 -3.04 5.86
CA ARG B 454 -73.86 -1.97 6.82
C ARG B 454 -74.20 -0.69 6.04
N LEU B 455 -75.49 -0.38 5.97
CA LEU B 455 -75.92 0.81 5.26
C LEU B 455 -75.67 2.09 6.05
N PHE B 456 -75.73 2.03 7.38
CA PHE B 456 -75.59 3.20 8.23
C PHE B 456 -74.48 2.99 9.24
N ARG B 457 -73.70 4.04 9.46
CA ARG B 457 -72.67 4.04 10.49
C ARG B 457 -72.23 5.48 10.75
N LYS B 458 -71.99 5.79 12.02
CA LYS B 458 -71.62 7.17 12.39
C LYS B 458 -70.27 7.57 11.79
N SER B 459 -69.30 6.67 11.79
CA SER B 459 -67.95 6.98 11.34
C SER B 459 -67.51 5.98 10.28
N ASN B 460 -66.62 6.43 9.41
CA ASN B 460 -66.08 5.57 8.37
C ASN B 460 -65.10 4.56 8.95
N LEU B 461 -65.11 3.35 8.42
CA LEU B 461 -64.22 2.31 8.89
C LEU B 461 -62.78 2.63 8.54
N LYS B 462 -61.87 2.38 9.49
CA LYS B 462 -60.46 2.53 9.24
C LYS B 462 -59.95 1.37 8.38
N PRO B 463 -58.79 1.52 7.75
CA PRO B 463 -58.27 0.44 6.91
C PRO B 463 -58.11 -0.86 7.71
N PHE B 464 -58.45 -1.97 7.07
CA PHE B 464 -58.38 -3.28 7.70
C PHE B 464 -59.19 -3.32 9.00
N GLU B 465 -60.38 -2.73 8.97
CA GLU B 465 -61.28 -2.72 10.10
C GLU B 465 -62.57 -3.44 9.76
N ARG B 466 -63.14 -4.11 10.77
CA ARG B 466 -64.40 -4.84 10.62
C ARG B 466 -65.42 -4.30 11.61
N ASP B 467 -66.66 -4.16 11.14
CA ASP B 467 -67.79 -3.76 11.98
C ASP B 467 -68.85 -4.85 11.91
N ILE B 468 -69.11 -5.50 13.04
CA ILE B 468 -70.11 -6.55 13.14
C ILE B 468 -71.22 -6.15 14.12
N SER B 469 -71.32 -4.88 14.46
CA SER B 469 -72.34 -4.43 15.40
C SER B 469 -73.73 -4.61 14.79
N THR B 470 -74.66 -5.08 15.61
CA THR B 470 -76.04 -5.29 15.19
C THR B 470 -77.03 -4.38 15.90
N GLU B 471 -76.56 -3.45 16.72
CA GLU B 471 -77.46 -2.55 17.41
C GLU B 471 -78.18 -1.65 16.42
N ILE B 472 -79.43 -1.30 16.75
CA ILE B 472 -80.23 -0.48 15.85
C ILE B 472 -79.57 0.88 15.69
N TYR B 473 -79.21 1.22 14.45
CA TYR B 473 -78.60 2.50 14.18
C TYR B 473 -79.60 3.63 14.42
N GLN B 474 -79.11 4.73 14.99
CA GLN B 474 -79.93 5.90 15.30
C GLN B 474 -79.35 7.10 14.59
N ALA B 475 -80.11 7.69 13.67
CA ALA B 475 -79.71 8.88 12.95
C ALA B 475 -80.22 10.17 13.59
N GLY B 476 -80.97 10.07 14.68
CA GLY B 476 -81.52 11.24 15.34
C GLY B 476 -81.23 11.28 16.83
N SER B 477 -81.92 12.16 17.55
CA SER B 477 -81.73 12.33 18.98
C SER B 477 -82.79 11.62 19.80
N THR B 478 -83.66 10.83 19.17
CA THR B 478 -84.71 10.12 19.88
C THR B 478 -84.21 8.73 20.26
N PRO B 479 -84.04 8.41 21.54
CA PRO B 479 -83.52 7.09 21.90
C PRO B 479 -84.42 5.98 21.37
N CYS B 480 -83.78 4.90 20.90
CA CYS B 480 -84.52 3.76 20.39
C CYS B 480 -85.15 2.94 21.52
N ASN B 481 -84.41 2.76 22.61
CA ASN B 481 -84.87 1.97 23.75
C ASN B 481 -85.27 0.56 23.31
N GLY B 482 -84.47 -0.02 22.42
CA GLY B 482 -84.75 -1.36 21.93
C GLY B 482 -85.92 -1.47 20.98
N VAL B 483 -86.32 -0.35 20.37
CA VAL B 483 -87.45 -0.32 19.44
C VAL B 483 -86.95 0.22 18.11
N GLU B 484 -87.24 -0.48 17.03
CA GLU B 484 -86.84 -0.08 15.69
C GLU B 484 -87.99 0.63 15.01
N GLY B 485 -87.69 1.78 14.39
CA GLY B 485 -88.70 2.57 13.73
C GLY B 485 -88.19 3.93 13.30
N PHE B 486 -88.94 4.98 13.61
CA PHE B 486 -88.52 6.33 13.27
C PHE B 486 -87.20 6.66 13.96
N ASN B 487 -86.24 7.17 13.18
CA ASN B 487 -84.90 7.47 13.66
C ASN B 487 -84.21 6.26 14.27
N CYS B 488 -84.66 5.05 13.93
CA CYS B 488 -84.09 3.82 14.48
C CYS B 488 -84.27 2.73 13.42
N TYR B 489 -83.20 2.43 12.70
CA TYR B 489 -83.22 1.42 11.65
C TYR B 489 -82.03 0.48 11.81
N PHE B 490 -82.20 -0.74 11.34
CA PHE B 490 -81.13 -1.73 11.46
C PHE B 490 -79.94 -1.31 10.60
N PRO B 491 -78.72 -1.27 11.15
CA PRO B 491 -77.58 -0.85 10.32
C PRO B 491 -77.34 -1.77 9.14
N LEU B 492 -77.64 -3.06 9.26
CA LEU B 492 -77.40 -4.02 8.20
C LEU B 492 -78.66 -4.19 7.36
N GLN B 493 -78.50 -4.04 6.05
CA GLN B 493 -79.58 -4.25 5.08
C GLN B 493 -79.18 -5.38 4.13
N SER B 494 -80.18 -6.15 3.73
CA SER B 494 -79.96 -7.34 2.91
C SER B 494 -79.95 -6.96 1.43
N TYR B 495 -79.16 -7.69 0.65
CA TYR B 495 -79.11 -7.49 -0.79
C TYR B 495 -80.16 -8.36 -1.49
N GLY B 496 -80.66 -7.86 -2.62
CA GLY B 496 -81.59 -8.61 -3.42
C GLY B 496 -80.90 -9.43 -4.50
N PHE B 497 -79.94 -10.25 -4.11
CA PHE B 497 -79.17 -11.04 -5.05
C PHE B 497 -80.08 -12.06 -5.72
N GLN B 498 -80.34 -11.89 -7.01
CA GLN B 498 -81.14 -12.81 -7.79
C GLN B 498 -80.46 -13.11 -9.11
N PRO B 499 -80.69 -14.30 -9.69
CA PRO B 499 -80.06 -14.61 -10.98
C PRO B 499 -80.46 -13.64 -12.08
N THR B 500 -81.68 -13.13 -12.05
CA THR B 500 -82.15 -12.20 -13.09
C THR B 500 -81.67 -10.77 -12.86
N ASN B 501 -81.14 -10.45 -11.69
CA ASN B 501 -80.69 -9.11 -11.40
C ASN B 501 -79.47 -8.76 -12.27
N GLY B 502 -79.27 -7.46 -12.47
CA GLY B 502 -78.18 -7.00 -13.30
C GLY B 502 -76.82 -7.23 -12.66
N VAL B 503 -75.78 -7.01 -13.47
CA VAL B 503 -74.42 -7.23 -12.99
C VAL B 503 -74.12 -6.35 -11.79
N GLY B 504 -74.61 -5.10 -11.81
CA GLY B 504 -74.36 -4.22 -10.68
C GLY B 504 -74.95 -4.75 -9.38
N TYR B 505 -76.17 -5.29 -9.44
CA TYR B 505 -76.84 -5.81 -8.27
C TYR B 505 -76.50 -7.28 -7.99
N GLN B 506 -75.81 -7.96 -8.89
CA GLN B 506 -75.47 -9.35 -8.71
C GLN B 506 -74.37 -9.50 -7.65
N PRO B 507 -74.26 -10.68 -7.03
CA PRO B 507 -73.23 -10.88 -6.01
C PRO B 507 -71.89 -11.24 -6.63
N TYR B 508 -70.82 -10.67 -6.08
CA TYR B 508 -69.45 -10.93 -6.50
C TYR B 508 -68.64 -11.36 -5.29
N ARG B 509 -68.01 -12.52 -5.38
CA ARG B 509 -67.12 -12.98 -4.33
C ARG B 509 -65.76 -12.29 -4.47
N VAL B 510 -65.29 -11.69 -3.38
CA VAL B 510 -64.08 -10.88 -3.38
C VAL B 510 -63.15 -11.41 -2.30
N VAL B 511 -61.89 -11.65 -2.67
CA VAL B 511 -60.83 -12.02 -1.75
C VAL B 511 -59.75 -10.96 -1.82
N VAL B 512 -59.41 -10.38 -0.68
CA VAL B 512 -58.36 -9.37 -0.57
C VAL B 512 -57.22 -9.96 0.24
N LEU B 513 -56.06 -10.09 -0.40
CA LEU B 513 -54.87 -10.64 0.24
C LEU B 513 -53.92 -9.48 0.56
N SER B 514 -53.74 -9.21 1.85
CA SER B 514 -52.86 -8.15 2.32
C SER B 514 -51.63 -8.79 2.94
N PHE B 515 -50.46 -8.48 2.40
CA PHE B 515 -49.20 -9.08 2.84
C PHE B 515 -48.49 -8.19 3.84
N GLU B 516 -47.63 -8.80 4.64
CA GLU B 516 -46.79 -8.06 5.58
C GLU B 516 -45.46 -8.80 5.73
N LEU B 517 -44.37 -8.06 5.51
CA LEU B 517 -43.01 -8.58 5.61
C LEU B 517 -42.30 -7.80 6.72
N LEU B 518 -42.25 -8.39 7.91
CA LEU B 518 -41.59 -7.78 9.07
C LEU B 518 -40.22 -8.41 9.26
N HIS B 519 -39.56 -8.04 10.36
CA HIS B 519 -38.24 -8.59 10.66
C HIS B 519 -38.38 -10.02 11.14
N ALA B 520 -38.56 -10.95 10.20
CA ALA B 520 -38.79 -12.35 10.51
C ALA B 520 -38.56 -13.20 9.27
N PRO B 521 -38.21 -14.48 9.41
CA PRO B 521 -38.02 -15.33 8.22
C PRO B 521 -39.34 -15.54 7.50
N ALA B 522 -39.38 -15.17 6.22
CA ALA B 522 -40.62 -15.25 5.47
C ALA B 522 -41.10 -16.69 5.38
N THR B 523 -42.38 -16.90 5.71
CA THR B 523 -43.00 -18.21 5.60
C THR B 523 -43.72 -18.40 4.28
N VAL B 524 -43.97 -17.33 3.54
CA VAL B 524 -44.61 -17.38 2.23
C VAL B 524 -43.57 -17.04 1.18
N CYS B 525 -43.40 -17.94 0.20
CA CYS B 525 -42.41 -17.75 -0.85
C CYS B 525 -42.84 -18.52 -2.08
N GLY B 526 -42.22 -18.19 -3.20
CA GLY B 526 -42.51 -18.85 -4.46
C GLY B 526 -41.26 -19.16 -5.24
N PRO B 527 -41.08 -20.43 -5.65
CA PRO B 527 -39.87 -20.80 -6.40
C PRO B 527 -39.92 -20.45 -7.88
N LYS B 528 -41.11 -20.26 -8.45
CA LYS B 528 -41.26 -19.95 -9.87
C LYS B 528 -40.65 -21.06 -10.74
N LYS B 529 -41.17 -22.27 -10.52
CA LYS B 529 -40.76 -23.44 -11.30
C LYS B 529 -39.24 -23.59 -11.30
N SER B 530 -38.58 -23.10 -12.34
CA SER B 530 -37.12 -23.18 -12.46
C SER B 530 -36.65 -24.63 -12.49
N THR B 531 -37.26 -25.43 -13.37
CA THR B 531 -36.86 -26.82 -13.57
C THR B 531 -35.70 -26.87 -14.56
N ASN B 532 -34.59 -26.27 -14.14
CA ASN B 532 -33.43 -26.14 -15.02
C ASN B 532 -32.68 -27.46 -15.19
N LEU B 533 -32.56 -28.24 -14.12
CA LEU B 533 -31.73 -29.44 -14.12
C LEU B 533 -30.29 -29.09 -14.51
N VAL B 534 -29.87 -29.46 -15.72
CA VAL B 534 -28.51 -29.21 -16.20
C VAL B 534 -27.47 -29.82 -15.26
N LYS B 535 -26.43 -30.41 -15.84
CA LYS B 535 -25.32 -30.96 -15.07
C LYS B 535 -24.08 -31.04 -15.94
N ASN B 536 -22.90 -30.92 -15.33
CA ASN B 536 -21.63 -30.97 -16.06
C ASN B 536 -21.59 -29.94 -17.18
N LYS B 537 -22.06 -28.74 -16.86
CA LYS B 537 -22.12 -27.66 -17.84
C LYS B 537 -21.91 -26.33 -17.13
N CYS B 538 -21.05 -25.47 -17.68
CA CYS B 538 -20.78 -24.18 -17.07
C CYS B 538 -21.99 -23.27 -17.22
N VAL B 539 -22.43 -22.69 -16.10
CA VAL B 539 -23.65 -21.90 -16.04
C VAL B 539 -23.56 -20.94 -14.86
N ASN B 540 -24.39 -19.90 -14.92
CA ASN B 540 -24.51 -18.92 -13.84
C ASN B 540 -25.78 -19.21 -13.06
N PHE B 541 -25.61 -19.64 -11.80
CA PHE B 541 -26.72 -20.14 -10.99
C PHE B 541 -27.08 -19.15 -9.89
N ASN B 542 -28.33 -19.24 -9.45
CA ASN B 542 -28.87 -18.43 -8.35
C ASN B 542 -29.63 -19.38 -7.43
N PHE B 543 -28.92 -19.91 -6.42
CA PHE B 543 -29.48 -20.89 -5.49
C PHE B 543 -29.99 -20.14 -4.26
N ASN B 544 -31.31 -19.94 -4.20
CA ASN B 544 -31.95 -19.32 -3.04
C ASN B 544 -31.31 -17.96 -2.72
N GLY B 545 -31.02 -17.20 -3.76
CA GLY B 545 -30.42 -15.88 -3.61
C GLY B 545 -28.92 -15.85 -3.63
N LEU B 546 -28.26 -17.01 -3.57
CA LEU B 546 -26.81 -17.10 -3.68
C LEU B 546 -26.45 -17.17 -5.15
N THR B 547 -25.85 -16.10 -5.67
CA THR B 547 -25.51 -16.00 -7.08
C THR B 547 -24.05 -16.38 -7.29
N GLY B 548 -23.81 -17.26 -8.25
CA GLY B 548 -22.47 -17.69 -8.56
C GLY B 548 -22.39 -18.18 -9.99
N THR B 549 -21.18 -18.53 -10.42
CA THR B 549 -20.94 -19.08 -11.75
C THR B 549 -20.01 -20.27 -11.64
N GLY B 550 -20.32 -21.34 -12.36
CA GLY B 550 -19.49 -22.53 -12.30
C GLY B 550 -20.17 -23.70 -12.99
N VAL B 551 -19.55 -24.87 -12.82
CA VAL B 551 -20.03 -26.11 -13.41
C VAL B 551 -20.58 -26.97 -12.29
N LEU B 552 -21.85 -27.34 -12.41
CA LEU B 552 -22.47 -28.28 -11.46
C LEU B 552 -22.04 -29.70 -11.80
N THR B 553 -21.63 -30.46 -10.77
CA THR B 553 -21.25 -31.84 -10.97
C THR B 553 -21.76 -32.67 -9.80
N GLU B 554 -22.07 -33.93 -10.08
CA GLU B 554 -22.52 -34.84 -9.04
C GLU B 554 -21.39 -35.09 -8.03
N SER B 555 -21.74 -35.04 -6.75
CA SER B 555 -20.78 -35.22 -5.68
C SER B 555 -21.31 -36.26 -4.69
N ASN B 556 -20.37 -36.98 -4.08
CA ASN B 556 -20.70 -38.00 -3.09
C ASN B 556 -20.71 -37.47 -1.67
N LYS B 557 -20.50 -36.18 -1.48
CA LYS B 557 -20.49 -35.61 -0.13
C LYS B 557 -21.85 -35.81 0.53
N LYS B 558 -21.82 -36.12 1.82
CA LYS B 558 -23.02 -36.31 2.62
C LYS B 558 -23.25 -35.08 3.49
N PHE B 559 -24.45 -34.51 3.39
CA PHE B 559 -24.80 -33.29 4.11
C PHE B 559 -25.79 -33.60 5.22
N LEU B 560 -25.72 -32.81 6.29
CA LEU B 560 -26.68 -32.92 7.36
C LEU B 560 -28.06 -32.55 6.85
N PRO B 561 -29.13 -33.14 7.41
CA PRO B 561 -30.46 -32.96 6.81
C PRO B 561 -30.85 -31.50 6.60
N PHE B 562 -30.51 -30.61 7.53
CA PHE B 562 -30.83 -29.20 7.40
C PHE B 562 -29.77 -28.40 6.67
N GLN B 563 -28.61 -29.01 6.37
CA GLN B 563 -27.54 -28.30 5.70
C GLN B 563 -27.84 -28.16 4.21
N GLN B 564 -27.58 -26.97 3.68
CA GLN B 564 -27.81 -26.69 2.27
C GLN B 564 -26.53 -26.32 1.53
N PHE B 565 -25.76 -25.37 2.04
CA PHE B 565 -24.56 -24.89 1.37
C PHE B 565 -23.36 -25.75 1.79
N GLY B 566 -22.18 -25.34 1.36
CA GLY B 566 -20.94 -26.03 1.72
C GLY B 566 -19.73 -25.19 1.38
N ARG B 567 -18.82 -25.04 2.34
CA ARG B 567 -17.66 -24.18 2.21
C ARG B 567 -16.37 -24.97 2.41
N ASP B 568 -15.26 -24.37 2.02
CA ASP B 568 -13.94 -24.96 2.12
C ASP B 568 -13.07 -24.09 3.03
N ILE B 569 -11.78 -24.43 3.10
CA ILE B 569 -10.86 -23.67 3.94
C ILE B 569 -10.77 -22.22 3.48
N ALA B 570 -11.01 -21.96 2.20
CA ALA B 570 -10.92 -20.62 1.63
C ALA B 570 -12.26 -19.88 1.66
N ASP B 571 -13.12 -20.21 2.63
CA ASP B 571 -14.43 -19.56 2.82
C ASP B 571 -15.10 -19.22 1.48
N THR B 572 -15.11 -20.22 0.59
CA THR B 572 -15.81 -20.12 -0.69
C THR B 572 -16.77 -21.29 -0.83
N THR B 573 -17.89 -21.03 -1.50
CA THR B 573 -18.90 -22.06 -1.71
C THR B 573 -18.39 -23.08 -2.71
N ASP B 574 -18.21 -24.33 -2.26
CA ASP B 574 -17.72 -25.41 -3.11
C ASP B 574 -18.77 -26.47 -3.39
N ALA B 575 -19.61 -26.80 -2.42
CA ALA B 575 -20.67 -27.78 -2.60
C ALA B 575 -21.98 -27.22 -2.06
N VAL B 576 -23.09 -27.59 -2.70
CA VAL B 576 -24.41 -27.12 -2.31
C VAL B 576 -25.38 -28.29 -2.37
N ARG B 577 -26.53 -28.11 -1.72
CA ARG B 577 -27.62 -29.07 -1.75
C ARG B 577 -28.80 -28.40 -2.45
N ASP B 578 -29.10 -28.86 -3.66
CA ASP B 578 -30.19 -28.28 -4.42
C ASP B 578 -31.49 -28.42 -3.65
N PRO B 579 -32.23 -27.34 -3.39
CA PRO B 579 -33.45 -27.46 -2.59
C PRO B 579 -34.54 -28.25 -3.28
N GLN B 580 -34.48 -28.43 -4.60
CA GLN B 580 -35.52 -29.18 -5.29
C GLN B 580 -35.57 -30.63 -4.83
N THR B 581 -34.41 -31.26 -4.66
CA THR B 581 -34.35 -32.65 -4.24
C THR B 581 -33.14 -32.84 -3.33
N LEU B 582 -33.20 -33.90 -2.52
CA LEU B 582 -32.13 -34.18 -1.58
C LEU B 582 -30.91 -34.72 -2.32
N GLU B 583 -30.19 -33.83 -3.01
CA GLU B 583 -29.00 -34.20 -3.76
C GLU B 583 -27.90 -33.19 -3.47
N ILE B 584 -26.65 -33.64 -3.59
CA ILE B 584 -25.48 -32.82 -3.34
C ILE B 584 -24.76 -32.59 -4.66
N LEU B 585 -24.54 -31.33 -5.01
CA LEU B 585 -23.86 -30.97 -6.25
C LEU B 585 -22.70 -30.03 -5.92
N ASP B 586 -21.54 -30.34 -6.45
CA ASP B 586 -20.35 -29.50 -6.26
C ASP B 586 -20.18 -28.58 -7.45
N ILE B 587 -19.87 -27.32 -7.17
CA ILE B 587 -19.66 -26.29 -8.18
C ILE B 587 -18.16 -26.11 -8.36
N THR B 588 -17.68 -26.36 -9.57
CA THR B 588 -16.29 -26.15 -9.90
C THR B 588 -16.14 -24.90 -10.76
N PRO B 589 -15.14 -24.04 -10.49
CA PRO B 589 -14.91 -22.90 -11.40
C PRO B 589 -14.93 -23.34 -12.85
N CYS B 590 -15.71 -22.62 -13.68
CA CYS B 590 -16.04 -23.08 -15.03
C CYS B 590 -14.82 -23.63 -15.76
N SER B 591 -13.78 -22.82 -15.91
CA SER B 591 -12.57 -23.28 -16.59
C SER B 591 -11.43 -22.30 -16.42
N PHE B 592 -11.42 -21.26 -17.26
CA PHE B 592 -10.40 -20.21 -17.29
C PHE B 592 -8.99 -20.79 -17.37
N GLY B 593 -8.01 -19.92 -17.54
CA GLY B 593 -6.63 -20.31 -17.75
C GLY B 593 -5.97 -19.40 -18.76
N GLY B 594 -4.66 -19.54 -18.87
CA GLY B 594 -3.90 -18.71 -19.80
C GLY B 594 -3.69 -19.38 -21.14
N VAL B 595 -3.44 -18.54 -22.16
CA VAL B 595 -3.14 -18.97 -23.51
C VAL B 595 -1.77 -18.43 -23.88
N SER B 596 -0.87 -19.32 -24.29
CA SER B 596 0.48 -18.97 -24.65
C SER B 596 0.78 -19.44 -26.07
N VAL B 597 1.64 -18.71 -26.75
CA VAL B 597 2.03 -19.02 -28.12
C VAL B 597 3.49 -19.46 -28.11
N ILE B 598 3.74 -20.66 -28.63
CA ILE B 598 5.08 -21.19 -28.77
C ILE B 598 5.49 -21.02 -30.24
N THR B 599 6.53 -20.22 -30.47
CA THR B 599 6.97 -19.92 -31.82
C THR B 599 8.49 -19.90 -31.85
N PRO B 600 9.12 -20.51 -32.84
CA PRO B 600 10.58 -20.40 -32.99
C PRO B 600 10.94 -19.04 -33.57
N GLY B 601 12.23 -18.85 -33.83
CA GLY B 601 12.71 -17.62 -34.42
C GLY B 601 12.03 -17.33 -35.75
N THR B 602 11.59 -16.09 -35.94
CA THR B 602 10.91 -15.73 -37.19
C THR B 602 11.80 -15.98 -38.39
N ASN B 603 13.12 -15.96 -38.19
CA ASN B 603 14.04 -16.27 -39.29
C ASN B 603 13.85 -17.69 -39.79
N THR B 604 13.48 -18.61 -38.90
CA THR B 604 13.30 -20.01 -39.29
C THR B 604 11.96 -20.21 -40.01
N SER B 605 10.86 -19.90 -39.33
CA SER B 605 9.53 -20.08 -39.91
C SER B 605 8.55 -19.21 -39.14
N ASN B 606 7.28 -19.28 -39.53
CA ASN B 606 6.22 -18.50 -38.92
C ASN B 606 5.15 -19.33 -38.22
N GLN B 607 5.08 -20.63 -38.50
CA GLN B 607 4.07 -21.46 -37.85
C GLN B 607 4.30 -21.49 -36.34
N VAL B 608 3.21 -21.52 -35.57
CA VAL B 608 3.25 -21.45 -34.12
C VAL B 608 2.29 -22.49 -33.55
N ALA B 609 2.44 -22.76 -32.26
CA ALA B 609 1.56 -23.65 -31.52
C ALA B 609 0.92 -22.88 -30.37
N VAL B 610 -0.25 -23.36 -29.95
CA VAL B 610 -1.04 -22.70 -28.91
C VAL B 610 -1.18 -23.65 -27.73
N LEU B 611 -0.86 -23.15 -26.53
CA LEU B 611 -0.98 -23.92 -25.30
C LEU B 611 -1.99 -23.25 -24.39
N TYR B 612 -3.00 -24.01 -23.97
CA TYR B 612 -3.97 -23.55 -22.99
C TYR B 612 -3.65 -24.22 -21.66
N GLN B 613 -3.31 -23.42 -20.66
CA GLN B 613 -2.84 -23.96 -19.39
C GLN B 613 -3.98 -24.64 -18.62
N ASP B 614 -3.67 -25.78 -18.03
CA ASP B 614 -4.54 -26.51 -17.10
C ASP B 614 -5.99 -26.50 -17.58
N VAL B 615 -6.21 -27.05 -18.77
CA VAL B 615 -7.55 -27.25 -19.30
C VAL B 615 -7.52 -28.47 -20.21
N ASN B 616 -8.59 -29.26 -20.13
CA ASN B 616 -8.71 -30.43 -21.00
C ASN B 616 -8.90 -30.01 -22.45
N CYS B 617 -8.36 -30.82 -23.36
CA CYS B 617 -8.46 -30.51 -24.78
C CYS B 617 -9.88 -30.53 -25.29
N THR B 618 -10.81 -31.18 -24.57
CA THR B 618 -12.18 -31.26 -25.04
C THR B 618 -12.85 -29.89 -25.06
N GLU B 619 -12.56 -29.05 -24.07
CA GLU B 619 -13.22 -27.76 -23.93
C GLU B 619 -12.50 -26.63 -24.68
N VAL B 620 -11.36 -26.92 -25.32
CA VAL B 620 -10.62 -25.87 -26.02
C VAL B 620 -11.45 -25.25 -27.14
N PRO B 621 -12.13 -26.01 -28.00
CA PRO B 621 -12.88 -25.37 -29.10
C PRO B 621 -13.90 -24.35 -28.62
N VAL B 622 -14.59 -24.64 -27.52
CA VAL B 622 -15.55 -23.68 -26.97
C VAL B 622 -14.90 -22.67 -26.03
N ALA B 623 -13.69 -22.94 -25.55
CA ALA B 623 -13.02 -22.01 -24.65
C ALA B 623 -12.54 -20.76 -25.36
N ILE B 624 -12.40 -20.80 -26.68
CA ILE B 624 -11.98 -19.63 -27.46
C ILE B 624 -13.11 -19.05 -28.30
N HIS B 625 -14.25 -19.74 -28.37
CA HIS B 625 -15.47 -19.33 -29.07
C HIS B 625 -15.34 -19.49 -30.58
N ALA B 626 -14.17 -19.81 -31.12
CA ALA B 626 -13.96 -20.04 -32.55
C ALA B 626 -14.40 -18.85 -33.39
N ASP B 627 -14.58 -17.68 -32.78
CA ASP B 627 -15.02 -16.49 -33.50
C ASP B 627 -13.81 -15.61 -33.83
N GLN B 628 -12.99 -16.13 -34.76
CA GLN B 628 -11.76 -15.46 -35.16
C GLN B 628 -11.61 -15.59 -36.67
N LEU B 629 -10.45 -15.19 -37.18
CA LEU B 629 -10.20 -15.29 -38.62
C LEU B 629 -10.32 -16.73 -39.08
N THR B 630 -10.91 -16.91 -40.27
CA THR B 630 -11.33 -18.26 -40.68
C THR B 630 -10.18 -19.25 -40.71
N PRO B 631 -9.05 -18.99 -41.37
CA PRO B 631 -7.88 -19.87 -41.17
C PRO B 631 -7.07 -19.47 -39.95
N THR B 632 -5.94 -20.13 -39.73
CA THR B 632 -5.02 -19.80 -38.65
C THR B 632 -5.63 -20.12 -37.28
N TRP B 633 -6.39 -19.18 -36.72
CA TRP B 633 -6.87 -19.36 -35.36
C TRP B 633 -7.71 -20.62 -35.22
N ARG B 634 -8.62 -20.86 -36.17
CA ARG B 634 -9.39 -22.09 -36.14
C ARG B 634 -8.50 -23.30 -36.35
N VAL B 635 -7.44 -23.16 -37.16
CA VAL B 635 -6.51 -24.26 -37.36
C VAL B 635 -5.82 -24.61 -36.06
N TYR B 636 -5.40 -23.61 -35.30
CA TYR B 636 -4.73 -23.83 -34.02
C TYR B 636 -5.71 -24.12 -32.89
N SER B 637 -7.01 -23.94 -33.11
CA SER B 637 -8.01 -24.23 -32.07
C SER B 637 -8.42 -25.69 -32.03
N THR B 638 -8.05 -26.49 -33.03
CA THR B 638 -8.38 -27.91 -33.06
C THR B 638 -7.58 -28.56 -34.18
N GLY B 639 -7.58 -29.87 -34.18
CA GLY B 639 -6.89 -30.63 -35.21
C GLY B 639 -6.45 -31.98 -34.68
N SER B 640 -5.85 -32.76 -35.57
CA SER B 640 -5.37 -34.09 -35.19
C SER B 640 -4.22 -33.98 -34.19
N ASN B 641 -3.31 -33.02 -34.39
CA ASN B 641 -2.14 -32.87 -33.54
C ASN B 641 -2.53 -32.08 -32.30
N VAL B 642 -3.22 -32.76 -31.39
CA VAL B 642 -3.60 -32.20 -30.10
C VAL B 642 -3.05 -33.12 -29.01
N PHE B 643 -2.32 -32.54 -28.06
CA PHE B 643 -1.67 -33.28 -27.01
C PHE B 643 -2.17 -32.79 -25.65
N GLN B 644 -2.38 -33.73 -24.74
CA GLN B 644 -2.87 -33.44 -23.39
C GLN B 644 -1.70 -33.62 -22.43
N THR B 645 -1.12 -32.51 -21.98
CA THR B 645 -0.01 -32.52 -21.04
C THR B 645 -0.49 -32.14 -19.65
N ARG B 646 0.32 -32.48 -18.65
CA ARG B 646 0.01 -32.09 -17.29
C ARG B 646 -0.02 -30.57 -17.14
N ALA B 647 0.71 -29.85 -17.99
CA ALA B 647 0.74 -28.40 -17.95
C ALA B 647 -0.44 -27.77 -18.69
N GLY B 648 -1.22 -28.56 -19.41
CA GLY B 648 -2.34 -28.04 -20.17
C GLY B 648 -2.50 -28.81 -21.47
N CYS B 649 -3.19 -28.17 -22.42
CA CYS B 649 -3.44 -28.76 -23.72
C CYS B 649 -2.67 -27.99 -24.78
N LEU B 650 -1.95 -28.71 -25.63
CA LEU B 650 -1.14 -28.13 -26.68
C LEU B 650 -1.71 -28.49 -28.05
N ILE B 651 -1.78 -27.51 -28.93
CA ILE B 651 -2.31 -27.68 -30.27
C ILE B 651 -1.32 -27.07 -31.26
N GLY B 652 -1.17 -27.72 -32.41
CA GLY B 652 -0.23 -27.29 -33.42
C GLY B 652 1.14 -27.92 -33.31
N ALA B 653 1.35 -28.84 -32.38
CA ALA B 653 2.61 -29.54 -32.20
C ALA B 653 2.38 -31.04 -32.32
N GLU B 654 3.34 -31.73 -32.93
CA GLU B 654 3.25 -33.16 -33.14
C GLU B 654 3.99 -33.88 -32.02
N HIS B 655 3.29 -34.76 -31.32
CA HIS B 655 3.90 -35.53 -30.24
C HIS B 655 4.81 -36.60 -30.82
N VAL B 656 6.04 -36.67 -30.31
CA VAL B 656 7.04 -37.61 -30.78
C VAL B 656 7.55 -38.40 -29.59
N ASN B 657 7.65 -39.71 -29.74
CA ASN B 657 8.12 -40.58 -28.66
C ASN B 657 9.61 -40.39 -28.38
N ASN B 658 10.34 -39.69 -29.25
CA ASN B 658 11.77 -39.47 -29.04
C ASN B 658 11.97 -38.46 -27.92
N SER B 659 13.22 -38.37 -27.45
CA SER B 659 13.58 -37.44 -26.39
C SER B 659 14.85 -36.70 -26.81
N TYR B 660 14.81 -35.37 -26.74
CA TYR B 660 15.94 -34.52 -27.08
C TYR B 660 16.12 -33.48 -25.98
N GLU B 661 17.25 -32.76 -26.06
CA GLU B 661 17.51 -31.69 -25.11
C GLU B 661 16.42 -30.63 -25.19
N CYS B 662 16.00 -30.14 -24.03
CA CYS B 662 14.92 -29.17 -23.97
C CYS B 662 15.30 -27.91 -24.74
N ASP B 663 14.39 -27.45 -25.60
CA ASP B 663 14.58 -26.25 -26.40
C ASP B 663 13.62 -25.15 -26.00
N ILE B 664 12.31 -25.42 -26.04
CA ILE B 664 11.30 -24.48 -25.58
C ILE B 664 10.59 -25.10 -24.38
N PRO B 665 10.81 -24.61 -23.16
CA PRO B 665 10.21 -25.26 -21.99
C PRO B 665 8.70 -25.11 -21.98
N ILE B 666 8.00 -26.24 -22.06
CA ILE B 666 6.54 -26.23 -21.96
C ILE B 666 6.09 -26.42 -20.52
N GLY B 667 6.67 -27.39 -19.81
CA GLY B 667 6.36 -27.63 -18.42
C GLY B 667 6.08 -29.10 -18.16
N ALA B 668 6.10 -29.43 -16.87
CA ALA B 668 5.83 -30.79 -16.41
C ALA B 668 6.75 -31.79 -17.10
N GLY B 669 8.01 -31.42 -17.27
CA GLY B 669 8.98 -32.29 -17.91
C GLY B 669 8.82 -32.43 -19.40
N ILE B 670 8.02 -31.58 -20.04
CA ILE B 670 7.77 -31.63 -21.47
C ILE B 670 8.27 -30.34 -22.09
N CYS B 671 8.91 -30.46 -23.25
CA CYS B 671 9.40 -29.31 -24.00
C CYS B 671 8.95 -29.42 -25.46
N ALA B 672 9.22 -28.36 -26.21
CA ALA B 672 8.84 -28.29 -27.62
C ALA B 672 10.02 -27.75 -28.42
N SER B 673 10.09 -28.17 -29.69
CA SER B 673 11.12 -27.72 -30.60
C SER B 673 10.54 -27.68 -32.01
N TYR B 674 11.37 -27.28 -32.97
CA TYR B 674 10.97 -27.16 -34.37
C TYR B 674 11.57 -28.25 -35.24
N GLN B 675 12.21 -29.27 -34.65
CA GLN B 675 12.79 -30.33 -35.44
C GLN B 675 11.72 -31.09 -36.21
N THR B 676 12.05 -31.48 -37.43
CA THR B 676 11.10 -32.21 -38.28
C THR B 676 10.70 -33.53 -37.63
N SER B 689 10.31 -31.97 -44.12
CA SER B 689 9.24 -31.07 -43.70
C SER B 689 9.43 -30.67 -42.23
N GLN B 690 9.84 -29.42 -42.01
CA GLN B 690 10.07 -28.93 -40.66
C GLN B 690 8.75 -28.43 -40.06
N SER B 691 8.48 -28.84 -38.83
CA SER B 691 7.27 -28.43 -38.12
C SER B 691 7.60 -28.30 -36.64
N ILE B 692 6.57 -28.16 -35.82
CA ILE B 692 6.72 -28.03 -34.37
C ILE B 692 6.36 -29.37 -33.73
N ILE B 693 7.23 -29.85 -32.84
CA ILE B 693 7.04 -31.12 -32.16
C ILE B 693 7.20 -30.90 -30.67
N ALA B 694 6.57 -31.79 -29.90
CA ALA B 694 6.63 -31.79 -28.45
C ALA B 694 7.13 -33.13 -27.95
N TYR B 695 8.07 -33.09 -27.00
CA TYR B 695 8.68 -34.31 -26.49
C TYR B 695 8.95 -34.12 -25.00
N THR B 696 9.59 -35.13 -24.41
CA THR B 696 10.02 -35.08 -23.02
C THR B 696 11.53 -34.88 -22.98
N MET B 697 11.97 -33.85 -22.26
CA MET B 697 13.39 -33.52 -22.22
C MET B 697 14.20 -34.67 -21.66
N SER B 698 15.36 -34.91 -22.27
CA SER B 698 16.28 -35.96 -21.83
C SER B 698 17.35 -35.33 -20.94
N LEU B 699 17.57 -35.93 -19.77
CA LEU B 699 18.54 -35.44 -18.80
C LEU B 699 19.94 -35.97 -19.14
N GLY B 700 20.41 -35.60 -20.33
CA GLY B 700 21.73 -36.01 -20.78
C GLY B 700 21.74 -37.38 -21.41
N ALA B 701 22.94 -37.82 -21.75
CA ALA B 701 23.14 -39.11 -22.41
C ALA B 701 23.50 -40.19 -21.39
N GLU B 702 23.01 -41.39 -21.66
CA GLU B 702 23.28 -42.51 -20.76
C GLU B 702 24.75 -42.87 -20.76
N ASN B 703 25.24 -43.30 -19.59
CA ASN B 703 26.63 -43.70 -19.45
C ASN B 703 26.72 -44.75 -18.35
N SER B 704 27.78 -45.55 -18.41
CA SER B 704 28.00 -46.60 -17.41
C SER B 704 29.50 -46.79 -17.26
N VAL B 705 30.03 -46.44 -16.09
CA VAL B 705 31.46 -46.60 -15.84
C VAL B 705 31.77 -48.06 -15.56
N ALA B 706 32.79 -48.58 -16.24
CA ALA B 706 33.21 -49.97 -16.06
C ALA B 706 33.97 -50.11 -14.75
N TYR B 707 33.23 -49.92 -13.65
CA TYR B 707 33.82 -49.98 -12.33
C TYR B 707 34.23 -51.40 -11.98
N SER B 708 35.42 -51.55 -11.42
CA SER B 708 35.92 -52.84 -10.95
C SER B 708 36.71 -52.63 -9.67
N ASN B 709 36.82 -53.68 -8.87
CA ASN B 709 37.50 -53.59 -7.58
C ASN B 709 39.02 -53.66 -7.70
N ASN B 710 39.55 -53.94 -8.90
CA ASN B 710 41.00 -54.02 -9.09
C ASN B 710 41.43 -53.37 -10.40
N SER B 711 40.71 -52.36 -10.86
CA SER B 711 41.05 -51.66 -12.09
C SER B 711 40.94 -50.15 -11.85
N ILE B 712 41.91 -49.41 -12.37
CA ILE B 712 41.93 -47.95 -12.24
C ILE B 712 42.25 -47.35 -13.61
N ALA B 713 41.54 -46.28 -13.95
CA ALA B 713 41.75 -45.57 -15.20
C ALA B 713 42.61 -44.34 -14.94
N ILE B 714 43.76 -44.25 -15.62
CA ILE B 714 44.68 -43.13 -15.47
C ILE B 714 44.73 -42.36 -16.78
N PRO B 715 44.81 -41.04 -16.76
CA PRO B 715 44.95 -40.29 -18.01
C PRO B 715 46.30 -40.55 -18.67
N THR B 716 46.31 -40.47 -19.99
CA THR B 716 47.53 -40.57 -20.77
C THR B 716 47.88 -39.29 -21.51
N ASN B 717 46.98 -38.30 -21.54
CA ASN B 717 47.23 -37.04 -22.19
C ASN B 717 46.55 -35.94 -21.38
N PHE B 718 46.46 -34.74 -21.95
CA PHE B 718 45.84 -33.63 -21.26
C PHE B 718 45.40 -32.59 -22.28
N THR B 719 44.56 -31.67 -21.82
CA THR B 719 44.07 -30.58 -22.65
C THR B 719 43.95 -29.31 -21.80
N ILE B 720 44.22 -28.18 -22.43
CA ILE B 720 44.09 -26.88 -21.81
C ILE B 720 42.76 -26.29 -22.28
N SER B 721 41.78 -26.21 -21.38
CA SER B 721 40.44 -25.76 -21.71
C SER B 721 40.24 -24.34 -21.22
N VAL B 722 39.78 -23.47 -22.10
CA VAL B 722 39.53 -22.07 -21.78
C VAL B 722 38.03 -21.83 -21.88
N THR B 723 37.44 -21.35 -20.78
CA THR B 723 36.01 -21.10 -20.70
C THR B 723 35.78 -19.65 -20.28
N THR B 724 34.59 -19.15 -20.57
CA THR B 724 34.22 -17.77 -20.28
C THR B 724 33.08 -17.72 -19.27
N GLU B 725 33.21 -16.82 -18.30
CA GLU B 725 32.17 -16.59 -17.30
C GLU B 725 31.91 -15.10 -17.20
N ILE B 726 30.68 -14.69 -17.52
CA ILE B 726 30.29 -13.28 -17.55
C ILE B 726 29.47 -12.98 -16.31
N LEU B 727 29.81 -11.87 -15.63
CA LEU B 727 29.11 -11.49 -14.41
C LEU B 727 28.83 -9.99 -14.42
N PRO B 728 27.57 -9.56 -14.26
CA PRO B 728 27.29 -8.13 -14.09
C PRO B 728 27.97 -7.59 -12.85
N VAL B 729 28.39 -6.33 -12.93
CA VAL B 729 29.14 -5.69 -11.85
C VAL B 729 28.38 -4.48 -11.30
N SER B 730 27.57 -3.85 -12.15
CA SER B 730 26.86 -2.65 -11.74
C SER B 730 25.73 -2.39 -12.74
N MET B 731 24.92 -1.36 -12.45
CA MET B 731 23.84 -0.94 -13.32
C MET B 731 23.91 0.57 -13.48
N THR B 732 22.97 1.11 -14.27
CA THR B 732 22.87 2.54 -14.42
C THR B 732 22.38 3.19 -13.13
N LYS B 733 22.98 4.33 -12.79
CA LYS B 733 22.62 5.04 -11.56
C LYS B 733 21.57 6.11 -11.87
N THR B 734 20.38 5.63 -12.19
CA THR B 734 19.28 6.51 -12.55
C THR B 734 18.83 7.35 -11.35
N SER B 735 18.56 8.63 -11.60
CA SER B 735 18.05 9.54 -10.59
C SER B 735 16.77 10.17 -11.11
N VAL B 736 15.75 10.25 -10.24
CA VAL B 736 14.44 10.76 -10.61
C VAL B 736 14.05 11.84 -9.61
N ASP B 737 13.59 12.98 -10.11
CA ASP B 737 13.13 14.09 -9.28
C ASP B 737 11.67 13.83 -8.92
N CYS B 738 11.42 13.36 -7.70
CA CYS B 738 10.06 13.00 -7.30
C CYS B 738 9.14 14.21 -7.33
N THR B 739 9.58 15.32 -6.74
CA THR B 739 8.71 16.50 -6.64
C THR B 739 8.35 17.04 -8.02
N MET B 740 9.33 17.11 -8.93
CA MET B 740 9.05 17.61 -10.27
C MET B 740 8.35 16.56 -11.13
N TYR B 741 8.66 15.29 -10.92
CA TYR B 741 8.00 14.23 -11.68
C TYR B 741 6.50 14.20 -11.39
N ILE B 742 6.13 14.15 -10.10
CA ILE B 742 4.72 14.14 -9.75
C ILE B 742 4.05 15.44 -10.19
N CYS B 743 4.70 16.58 -9.94
CA CYS B 743 4.14 17.89 -10.24
C CYS B 743 5.10 18.60 -11.20
N GLY B 744 4.67 18.73 -12.46
CA GLY B 744 5.49 19.40 -13.46
C GLY B 744 5.19 20.88 -13.56
N ASP B 745 6.00 21.70 -12.90
CA ASP B 745 5.86 23.16 -12.95
C ASP B 745 4.43 23.57 -12.57
N SER B 746 4.06 23.23 -11.33
CA SER B 746 2.74 23.55 -10.80
C SER B 746 2.89 23.87 -9.32
N THR B 747 2.76 25.16 -8.97
CA THR B 747 2.87 25.55 -7.56
C THR B 747 1.76 24.92 -6.72
N GLU B 748 0.53 24.90 -7.24
CA GLU B 748 -0.56 24.30 -6.50
C GLU B 748 -0.32 22.81 -6.28
N CYS B 749 0.15 22.12 -7.32
CA CYS B 749 0.44 20.69 -7.18
C CYS B 749 1.52 20.44 -6.15
N SER B 750 2.58 21.27 -6.15
CA SER B 750 3.63 21.13 -5.16
C SER B 750 3.10 21.36 -3.76
N ASN B 751 2.24 22.38 -3.58
CA ASN B 751 1.67 22.63 -2.27
C ASN B 751 0.82 21.46 -1.79
N LEU B 752 0.01 20.89 -2.69
CA LEU B 752 -0.79 19.73 -2.32
C LEU B 752 0.09 18.54 -1.97
N LEU B 753 1.16 18.32 -2.72
CA LEU B 753 2.07 17.22 -2.43
C LEU B 753 2.78 17.41 -1.10
N LEU B 754 3.06 18.66 -0.72
CA LEU B 754 3.74 18.90 0.54
C LEU B 754 2.98 18.32 1.72
N GLN B 755 1.66 18.17 1.59
CA GLN B 755 0.85 17.61 2.68
C GLN B 755 1.05 16.11 2.85
N TYR B 756 1.73 15.45 1.94
CA TYR B 756 1.92 14.00 1.99
C TYR B 756 3.15 13.59 2.78
N GLY B 757 3.91 14.53 3.34
CA GLY B 757 5.08 14.21 4.13
C GLY B 757 6.37 14.39 3.35
N SER B 758 7.28 13.42 3.49
CA SER B 758 8.59 13.47 2.86
C SER B 758 8.85 12.22 2.06
N PHE B 759 7.85 11.77 1.30
CA PHE B 759 8.04 10.59 0.46
C PHE B 759 9.10 10.83 -0.61
N CYS B 760 9.08 12.02 -1.22
CA CYS B 760 10.08 12.34 -2.23
C CYS B 760 11.48 12.30 -1.66
N THR B 761 11.65 12.79 -0.42
CA THR B 761 12.96 12.72 0.21
C THR B 761 13.41 11.28 0.39
N GLN B 762 12.51 10.40 0.81
CA GLN B 762 12.86 9.00 0.96
C GLN B 762 13.26 8.37 -0.37
N LEU B 763 12.50 8.66 -1.43
CA LEU B 763 12.83 8.11 -2.74
C LEU B 763 14.18 8.61 -3.22
N ASN B 764 14.46 9.91 -3.05
CA ASN B 764 15.74 10.45 -3.45
C ASN B 764 16.88 9.82 -2.67
N ARG B 765 16.68 9.63 -1.36
CA ARG B 765 17.71 8.99 -0.55
C ARG B 765 17.96 7.56 -1.00
N ALA B 766 16.89 6.84 -1.33
CA ALA B 766 17.05 5.46 -1.81
C ALA B 766 17.82 5.43 -3.13
N LEU B 767 17.49 6.34 -4.04
CA LEU B 767 18.19 6.38 -5.33
C LEU B 767 19.66 6.73 -5.13
N THR B 768 19.96 7.70 -4.26
CA THR B 768 21.35 8.05 -3.99
C THR B 768 22.10 6.87 -3.38
N GLY B 769 21.46 6.16 -2.45
CA GLY B 769 22.08 4.98 -1.88
C GLY B 769 22.35 3.91 -2.92
N ILE B 770 21.41 3.72 -3.85
CA ILE B 770 21.63 2.76 -4.92
C ILE B 770 22.81 3.16 -5.78
N ALA B 771 22.91 4.45 -6.12
CA ALA B 771 24.04 4.91 -6.94
C ALA B 771 25.36 4.69 -6.22
N VAL B 772 25.42 5.03 -4.93
CA VAL B 772 26.64 4.84 -4.16
C VAL B 772 26.97 3.35 -4.07
N GLU B 773 25.94 2.50 -3.94
CA GLU B 773 26.15 1.07 -3.89
C GLU B 773 26.76 0.56 -5.20
N GLN B 774 26.25 1.05 -6.34
CA GLN B 774 26.80 0.64 -7.62
C GLN B 774 28.26 1.09 -7.75
N ASP B 775 28.55 2.33 -7.35
CA ASP B 775 29.93 2.80 -7.42
C ASP B 775 30.85 1.95 -6.55
N LYS B 776 30.41 1.63 -5.32
CA LYS B 776 31.22 0.81 -4.44
C LYS B 776 31.42 -0.58 -5.02
N ASN B 777 30.38 -1.16 -5.61
CA ASN B 777 30.51 -2.48 -6.21
C ASN B 777 31.52 -2.47 -7.33
N THR B 778 31.44 -1.48 -8.21
CA THR B 778 32.41 -1.40 -9.31
C THR B 778 33.82 -1.23 -8.78
N GLN B 779 34.01 -0.35 -7.80
CA GLN B 779 35.34 -0.12 -7.25
C GLN B 779 35.90 -1.38 -6.63
N GLU B 780 35.08 -2.09 -5.84
CA GLU B 780 35.55 -3.32 -5.20
C GLU B 780 35.89 -4.39 -6.23
N VAL B 781 35.05 -4.53 -7.27
CA VAL B 781 35.29 -5.57 -8.27
C VAL B 781 36.57 -5.28 -9.04
N PHE B 782 36.79 -4.03 -9.44
CA PHE B 782 37.90 -3.70 -10.33
C PHE B 782 39.10 -3.14 -9.60
N ALA B 783 38.90 -2.14 -8.72
CA ALA B 783 40.01 -1.49 -8.03
C ALA B 783 40.51 -2.42 -6.92
N GLN B 784 41.33 -3.39 -7.30
CA GLN B 784 41.91 -4.34 -6.37
C GLN B 784 43.44 -4.38 -6.40
N VAL B 785 44.07 -3.96 -7.48
CA VAL B 785 45.52 -3.98 -7.59
C VAL B 785 46.07 -2.68 -7.02
N LYS B 786 47.05 -2.80 -6.11
CA LYS B 786 47.61 -1.62 -5.47
C LYS B 786 48.33 -0.73 -6.48
N GLN B 787 49.07 -1.33 -7.40
CA GLN B 787 49.87 -0.59 -8.38
C GLN B 787 49.49 -1.02 -9.79
N ILE B 788 49.95 -0.23 -10.75
CA ILE B 788 49.65 -0.46 -12.17
C ILE B 788 50.90 -1.10 -12.78
N TYR B 789 50.90 -2.43 -12.84
CA TYR B 789 52.00 -3.15 -13.46
C TYR B 789 51.88 -3.08 -14.98
N LYS B 790 53.02 -3.18 -15.65
CA LYS B 790 53.09 -3.10 -17.10
C LYS B 790 53.89 -4.27 -17.64
N THR B 791 53.44 -4.82 -18.77
CA THR B 791 54.14 -5.93 -19.40
C THR B 791 55.44 -5.44 -20.04
N PRO B 792 56.42 -6.33 -20.20
CA PRO B 792 57.67 -5.92 -20.82
C PRO B 792 57.46 -5.57 -22.28
N PRO B 793 58.33 -4.73 -22.85
CA PRO B 793 58.15 -4.37 -24.28
C PRO B 793 58.16 -5.56 -25.21
N ILE B 794 58.92 -6.60 -24.90
CA ILE B 794 59.03 -7.79 -25.74
C ILE B 794 58.20 -8.90 -25.12
N LYS B 795 57.33 -9.51 -25.92
CA LYS B 795 56.44 -10.57 -25.44
C LYS B 795 57.09 -11.92 -25.71
N ASP B 796 58.08 -12.25 -24.89
CA ASP B 796 58.80 -13.52 -24.97
C ASP B 796 58.48 -14.31 -23.70
N PHE B 797 57.40 -15.10 -23.77
CA PHE B 797 56.93 -15.89 -22.64
C PHE B 797 57.08 -17.38 -22.89
N GLY B 798 58.16 -17.77 -23.57
CA GLY B 798 58.42 -19.17 -23.83
C GLY B 798 57.37 -19.84 -24.69
N GLY B 799 56.91 -19.15 -25.73
CA GLY B 799 55.93 -19.69 -26.66
C GLY B 799 54.50 -19.33 -26.34
N PHE B 800 54.21 -18.90 -25.12
CA PHE B 800 52.85 -18.51 -24.77
C PHE B 800 52.52 -17.17 -25.41
N ASN B 801 51.28 -17.03 -25.86
CA ASN B 801 50.80 -15.84 -26.57
C ASN B 801 49.62 -15.25 -25.83
N PHE B 802 49.69 -13.94 -25.58
CA PHE B 802 48.61 -13.21 -24.91
C PHE B 802 48.19 -11.98 -25.70
N SER B 803 48.43 -11.96 -27.01
CA SER B 803 48.08 -10.79 -27.81
C SER B 803 46.58 -10.53 -27.81
N GLN B 804 45.77 -11.58 -27.68
CA GLN B 804 44.32 -11.41 -27.74
C GLN B 804 43.73 -10.83 -26.46
N ILE B 805 44.48 -10.86 -25.35
CA ILE B 805 43.99 -10.33 -24.08
C ILE B 805 44.75 -9.08 -23.63
N LEU B 806 45.94 -8.83 -24.18
CA LEU B 806 46.69 -7.65 -23.81
C LEU B 806 46.17 -6.42 -24.55
N PRO B 807 46.42 -5.22 -24.02
CA PRO B 807 45.96 -4.02 -24.71
C PRO B 807 46.59 -3.87 -26.08
N ASP B 808 45.84 -3.27 -27.00
CA ASP B 808 46.32 -3.04 -28.36
C ASP B 808 46.62 -1.55 -28.53
N PRO B 809 47.89 -1.14 -28.56
CA PRO B 809 48.19 0.30 -28.73
C PRO B 809 47.71 0.86 -30.06
N SER B 810 47.52 0.02 -31.08
CA SER B 810 47.12 0.53 -32.38
C SER B 810 45.76 1.21 -32.31
N LYS B 811 44.81 0.61 -31.60
CA LYS B 811 43.48 1.19 -31.51
C LYS B 811 43.52 2.48 -30.70
N PRO B 812 42.62 3.43 -30.97
CA PRO B 812 42.60 4.67 -30.18
C PRO B 812 42.39 4.43 -28.69
N SER B 813 41.59 3.43 -28.34
CA SER B 813 41.35 3.08 -26.95
C SER B 813 42.18 1.86 -26.58
N LYS B 814 42.84 1.92 -25.43
CA LYS B 814 43.71 0.84 -24.99
C LYS B 814 42.89 -0.34 -24.50
N ARG B 815 42.23 -1.04 -25.43
CA ARG B 815 41.40 -2.19 -25.11
C ARG B 815 41.88 -3.39 -25.90
N SER B 816 41.88 -4.55 -25.25
CA SER B 816 42.28 -5.78 -25.91
C SER B 816 41.24 -6.19 -26.95
N PHE B 817 41.63 -7.15 -27.80
CA PHE B 817 40.73 -7.59 -28.86
C PHE B 817 39.45 -8.16 -28.28
N ILE B 818 39.56 -9.03 -27.27
CA ILE B 818 38.37 -9.60 -26.65
C ILE B 818 37.54 -8.51 -25.98
N GLU B 819 38.21 -7.58 -25.30
CA GLU B 819 37.47 -6.47 -24.68
C GLU B 819 36.77 -5.62 -25.73
N ASP B 820 37.45 -5.36 -26.85
CA ASP B 820 36.83 -4.59 -27.92
C ASP B 820 35.60 -5.30 -28.48
N LEU B 821 35.70 -6.60 -28.70
CA LEU B 821 34.55 -7.36 -29.19
C LEU B 821 33.41 -7.33 -28.19
N LEU B 822 33.71 -7.50 -26.91
CA LEU B 822 32.67 -7.46 -25.89
C LEU B 822 31.98 -6.10 -25.86
N PHE B 823 32.77 -5.03 -25.94
CA PHE B 823 32.18 -3.69 -25.95
C PHE B 823 31.31 -3.47 -27.18
N ASN B 824 31.77 -3.92 -28.35
CA ASN B 824 31.00 -3.73 -29.57
C ASN B 824 29.70 -4.52 -29.54
N LYS B 825 29.74 -5.76 -29.01
CA LYS B 825 28.54 -6.60 -29.03
C LYS B 825 27.41 -5.98 -28.23
N VAL B 826 27.70 -5.43 -27.06
CA VAL B 826 26.67 -4.84 -26.23
C VAL B 826 26.19 -3.55 -26.87
N THR B 827 24.87 -3.40 -27.02
CA THR B 827 24.29 -2.21 -27.60
C THR B 827 22.99 -1.84 -26.89
N LEU B 849 16.94 5.31 -26.45
CA LEU B 849 16.20 4.77 -25.32
C LEU B 849 16.67 5.41 -24.02
N ILE B 850 17.92 5.12 -23.63
CA ILE B 850 18.47 5.69 -22.40
C ILE B 850 18.55 7.21 -22.50
N CYS B 851 18.99 7.72 -23.64
CA CYS B 851 19.11 9.16 -23.86
C CYS B 851 17.82 9.80 -24.33
N ALA B 852 16.79 9.01 -24.66
CA ALA B 852 15.52 9.53 -25.14
C ALA B 852 14.45 9.51 -24.05
N GLN B 853 14.85 9.67 -22.79
CA GLN B 853 13.90 9.66 -21.68
C GLN B 853 14.18 10.75 -20.64
N LYS B 854 15.16 11.62 -20.86
CA LYS B 854 15.48 12.68 -19.90
C LYS B 854 14.57 13.88 -20.11
N PHE B 855 13.28 13.64 -19.91
CA PHE B 855 12.26 14.68 -20.10
C PHE B 855 11.37 14.90 -18.89
N ASN B 856 11.45 14.06 -17.85
CA ASN B 856 10.62 14.18 -16.66
C ASN B 856 11.47 14.04 -15.40
N GLY B 857 12.61 14.74 -15.39
CA GLY B 857 13.53 14.66 -14.27
C GLY B 857 14.40 13.44 -14.24
N LEU B 858 14.43 12.66 -15.33
CA LEU B 858 15.23 11.44 -15.40
C LEU B 858 16.66 11.82 -15.76
N THR B 859 17.55 11.80 -14.77
CA THR B 859 18.95 12.16 -14.95
C THR B 859 19.79 10.92 -14.65
N VAL B 860 20.33 10.30 -15.70
CA VAL B 860 21.23 9.16 -15.55
C VAL B 860 22.61 9.69 -15.17
N LEU B 861 23.01 9.47 -13.93
CA LEU B 861 24.27 10.00 -13.42
C LEU B 861 25.44 9.29 -14.11
N PRO B 862 26.59 9.94 -14.21
CA PRO B 862 27.72 9.33 -14.91
C PRO B 862 28.48 8.38 -14.00
N PRO B 863 28.97 7.26 -14.52
CA PRO B 863 29.81 6.38 -13.70
C PRO B 863 31.06 7.09 -13.22
N LEU B 864 31.49 6.73 -12.01
CA LEU B 864 32.67 7.35 -11.43
C LEU B 864 33.95 6.91 -12.13
N LEU B 865 34.06 5.63 -12.45
CA LEU B 865 35.25 5.07 -13.08
C LEU B 865 34.95 4.89 -14.57
N THR B 866 35.57 5.72 -15.40
CA THR B 866 35.38 5.64 -16.84
C THR B 866 35.84 4.29 -17.36
N ASP B 867 35.41 3.93 -18.57
CA ASP B 867 35.82 2.66 -19.16
C ASP B 867 37.32 2.59 -19.37
N GLU B 868 37.97 3.73 -19.63
CA GLU B 868 39.42 3.72 -19.82
C GLU B 868 40.15 3.25 -18.57
N MET B 869 39.73 3.74 -17.40
CA MET B 869 40.40 3.34 -16.16
C MET B 869 40.10 1.88 -15.81
N ILE B 870 38.89 1.40 -16.12
CA ILE B 870 38.60 -0.01 -15.92
C ILE B 870 39.49 -0.87 -16.81
N ALA B 871 39.66 -0.46 -18.07
CA ALA B 871 40.57 -1.16 -18.96
C ALA B 871 42.00 -1.12 -18.44
N GLN B 872 42.41 0.01 -17.89
CA GLN B 872 43.75 0.12 -17.30
C GLN B 872 43.91 -0.84 -16.12
N TYR B 873 42.89 -0.93 -15.26
CA TYR B 873 42.96 -1.86 -14.15
C TYR B 873 43.05 -3.30 -14.63
N THR B 874 42.26 -3.66 -15.64
CA THR B 874 42.32 -5.03 -16.16
C THR B 874 43.69 -5.31 -16.77
N SER B 875 44.25 -4.35 -17.51
CA SER B 875 45.57 -4.52 -18.08
C SER B 875 46.63 -4.68 -16.99
N ALA B 876 46.53 -3.89 -15.93
CA ALA B 876 47.47 -4.02 -14.82
C ALA B 876 47.37 -5.39 -14.17
N LEU B 877 46.15 -5.87 -13.96
CA LEU B 877 45.98 -7.20 -13.39
C LEU B 877 46.57 -8.27 -14.29
N LEU B 878 46.34 -8.16 -15.61
CA LEU B 878 46.89 -9.13 -16.54
C LEU B 878 48.41 -9.12 -16.51
N ALA B 879 49.00 -7.93 -16.52
CA ALA B 879 50.46 -7.83 -16.47
C ALA B 879 51.00 -8.42 -15.18
N GLY B 880 50.35 -8.12 -14.05
CA GLY B 880 50.80 -8.65 -12.78
C GLY B 880 50.76 -10.15 -12.74
N THR B 881 49.64 -10.74 -13.18
CA THR B 881 49.55 -12.20 -13.16
C THR B 881 50.50 -12.84 -14.15
N ILE B 882 50.77 -12.19 -15.28
CA ILE B 882 51.67 -12.76 -16.27
C ILE B 882 53.11 -12.74 -15.76
N THR B 883 53.54 -11.62 -15.19
CA THR B 883 54.95 -11.43 -14.85
C THR B 883 55.28 -11.83 -13.41
N SER B 884 54.28 -12.10 -12.57
CA SER B 884 54.55 -12.41 -11.17
C SER B 884 53.68 -13.54 -10.63
N GLY B 885 52.78 -14.12 -11.43
CA GLY B 885 51.90 -15.15 -10.90
C GLY B 885 51.05 -14.60 -9.78
N TRP B 886 50.97 -15.35 -8.69
CA TRP B 886 50.17 -14.96 -7.53
C TRP B 886 50.96 -14.18 -6.49
N THR B 887 52.27 -13.99 -6.69
CA THR B 887 53.07 -13.29 -5.70
C THR B 887 52.62 -11.85 -5.54
N PHE B 888 52.31 -11.17 -6.65
CA PHE B 888 51.91 -9.77 -6.58
C PHE B 888 50.59 -9.59 -5.85
N GLY B 889 49.75 -10.63 -5.78
CA GLY B 889 48.49 -10.54 -5.09
C GLY B 889 48.54 -10.78 -3.60
N ALA B 890 49.72 -11.03 -3.03
CA ALA B 890 49.84 -11.29 -1.61
C ALA B 890 51.05 -10.58 -1.01
N GLY B 891 51.52 -9.50 -1.60
CA GLY B 891 52.66 -8.77 -1.09
C GLY B 891 53.44 -8.16 -2.25
N ALA B 892 54.74 -7.98 -2.01
CA ALA B 892 55.61 -7.41 -3.04
C ALA B 892 55.63 -8.30 -4.26
N ALA B 893 55.55 -7.69 -5.44
CA ALA B 893 55.55 -8.44 -6.69
C ALA B 893 56.93 -9.04 -6.94
N LEU B 894 56.95 -10.33 -7.26
CA LEU B 894 58.19 -11.06 -7.54
C LEU B 894 58.13 -11.60 -8.96
N GLN B 895 59.16 -11.27 -9.75
CA GLN B 895 59.21 -11.73 -11.12
C GLN B 895 59.55 -13.21 -11.20
N ILE B 896 59.09 -13.86 -12.26
CA ILE B 896 59.36 -15.28 -12.49
C ILE B 896 59.01 -15.61 -13.94
N PRO B 897 59.80 -16.44 -14.62
CA PRO B 897 59.44 -16.82 -15.99
C PRO B 897 58.08 -17.49 -16.05
N PHE B 898 57.34 -17.20 -17.12
CA PHE B 898 55.99 -17.76 -17.24
C PHE B 898 56.01 -19.28 -17.30
N ALA B 899 57.07 -19.86 -17.88
CA ALA B 899 57.17 -21.32 -17.91
C ALA B 899 57.23 -21.88 -16.48
N MET B 900 58.03 -21.26 -15.62
CA MET B 900 58.10 -21.73 -14.23
C MET B 900 56.80 -21.48 -13.49
N GLN B 901 56.10 -20.39 -13.80
CA GLN B 901 54.80 -20.17 -13.18
C GLN B 901 53.81 -21.25 -13.58
N MET B 902 53.78 -21.62 -14.86
CA MET B 902 52.91 -22.69 -15.30
C MET B 902 53.32 -24.02 -14.68
N ALA B 903 54.62 -24.25 -14.51
CA ALA B 903 55.08 -25.45 -13.82
C ALA B 903 54.57 -25.49 -12.39
N TYR B 904 54.64 -24.35 -11.69
CA TYR B 904 54.12 -24.29 -10.33
C TYR B 904 52.62 -24.57 -10.29
N ARG B 905 51.88 -23.99 -11.23
CA ARG B 905 50.44 -24.19 -11.26
C ARG B 905 50.11 -25.66 -11.54
N PHE B 906 50.86 -26.30 -12.44
CA PHE B 906 50.67 -27.72 -12.69
C PHE B 906 50.97 -28.53 -11.44
N ASN B 907 52.04 -28.19 -10.72
CA ASN B 907 52.35 -28.87 -9.47
C ASN B 907 51.24 -28.66 -8.44
N GLY B 908 50.51 -27.55 -8.54
CA GLY B 908 49.41 -27.30 -7.62
C GLY B 908 48.23 -28.22 -7.81
N ILE B 909 48.08 -28.81 -9.00
CA ILE B 909 46.98 -29.72 -9.27
C ILE B 909 47.42 -31.18 -9.17
N GLY B 910 48.55 -31.44 -8.50
CA GLY B 910 49.00 -32.80 -8.33
C GLY B 910 49.69 -33.40 -9.54
N VAL B 911 50.16 -32.58 -10.48
CA VAL B 911 50.84 -33.05 -11.67
C VAL B 911 52.29 -32.57 -11.61
N THR B 912 53.23 -33.51 -11.77
CA THR B 912 54.64 -33.17 -11.70
C THR B 912 54.99 -32.12 -12.75
N GLN B 913 55.83 -31.17 -12.37
CA GLN B 913 56.20 -30.08 -13.28
C GLN B 913 56.94 -30.61 -14.51
N ASN B 914 57.66 -31.72 -14.37
CA ASN B 914 58.49 -32.22 -15.46
C ASN B 914 57.69 -32.35 -16.74
N VAL B 915 56.44 -32.83 -16.65
CA VAL B 915 55.63 -33.04 -17.85
C VAL B 915 55.55 -31.76 -18.67
N LEU B 916 55.31 -30.63 -18.01
CA LEU B 916 55.23 -29.36 -18.72
C LEU B 916 56.52 -29.11 -19.49
N TYR B 917 57.66 -29.30 -18.83
CA TYR B 917 58.95 -29.07 -19.50
C TYR B 917 59.14 -30.03 -20.66
N GLU B 918 58.50 -31.20 -20.61
CA GLU B 918 58.58 -32.15 -21.71
C GLU B 918 57.52 -31.92 -22.78
N ASN B 919 56.57 -31.01 -22.53
CA ASN B 919 55.53 -30.71 -23.51
C ASN B 919 55.24 -29.21 -23.60
N GLN B 920 56.08 -28.36 -23.00
CA GLN B 920 55.80 -26.93 -22.93
C GLN B 920 55.30 -26.39 -24.26
N LYS B 921 56.13 -26.49 -25.30
CA LYS B 921 55.74 -26.03 -26.63
C LYS B 921 54.34 -26.48 -26.97
N LEU B 922 54.13 -27.81 -26.98
CA LEU B 922 52.80 -28.35 -27.28
C LEU B 922 51.74 -27.64 -26.46
N ILE B 923 51.91 -27.61 -25.13
CA ILE B 923 50.91 -26.99 -24.27
C ILE B 923 50.68 -25.56 -24.72
N ALA B 924 51.77 -24.80 -24.92
CA ALA B 924 51.63 -23.42 -25.36
C ALA B 924 50.74 -23.35 -26.59
N ASN B 925 51.04 -24.16 -27.60
CA ASN B 925 50.22 -24.15 -28.81
C ASN B 925 48.76 -24.32 -28.46
N GLN B 926 48.45 -25.36 -27.68
CA GLN B 926 47.05 -25.59 -27.29
C GLN B 926 46.47 -24.32 -26.70
N PHE B 927 47.17 -23.72 -25.74
CA PHE B 927 46.67 -22.50 -25.11
C PHE B 927 46.32 -21.48 -26.17
N ASN B 928 47.25 -21.20 -27.07
CA ASN B 928 46.99 -20.22 -28.12
C ASN B 928 45.70 -20.57 -28.86
N SER B 929 45.61 -21.82 -29.32
CA SER B 929 44.41 -22.24 -30.04
C SER B 929 43.16 -21.91 -29.23
N ALA B 930 43.16 -22.33 -27.95
CA ALA B 930 41.98 -22.09 -27.12
C ALA B 930 41.62 -20.62 -27.13
N ILE B 931 42.62 -19.75 -26.94
CA ILE B 931 42.34 -18.32 -26.90
C ILE B 931 41.62 -17.89 -28.16
N GLY B 932 42.12 -18.33 -29.32
CA GLY B 932 41.45 -17.98 -30.56
C GLY B 932 40.00 -18.40 -30.55
N LYS B 933 39.74 -19.65 -30.14
CA LYS B 933 38.37 -20.14 -30.10
C LYS B 933 37.49 -19.21 -29.27
N ILE B 934 38.03 -18.68 -28.17
CA ILE B 934 37.24 -17.81 -27.31
C ILE B 934 36.68 -16.66 -28.13
N GLN B 935 37.53 -16.03 -28.95
CA GLN B 935 37.07 -14.94 -29.79
C GLN B 935 35.87 -15.39 -30.62
N ASP B 936 36.00 -16.53 -31.30
CA ASP B 936 34.89 -17.04 -32.08
C ASP B 936 33.67 -17.27 -31.20
N SER B 937 33.87 -17.82 -30.00
CA SER B 937 32.76 -18.08 -29.10
C SER B 937 31.98 -16.81 -28.79
N LEU B 938 32.62 -15.65 -28.90
CA LEU B 938 31.91 -14.39 -28.70
C LEU B 938 31.34 -13.85 -30.01
N SER B 939 32.05 -14.06 -31.12
CA SER B 939 31.58 -13.53 -32.40
C SER B 939 30.44 -14.37 -32.95
N SER B 940 30.53 -15.69 -32.87
CA SER B 940 29.51 -16.55 -33.47
C SER B 940 28.21 -16.50 -32.67
N THR B 941 28.30 -16.53 -31.34
CA THR B 941 27.13 -16.58 -30.48
C THR B 941 26.65 -15.17 -30.19
N ALA B 942 25.39 -14.88 -30.56
CA ALA B 942 24.83 -13.56 -30.28
C ALA B 942 24.41 -13.42 -28.82
N SER B 943 23.98 -14.51 -28.19
CA SER B 943 23.51 -14.49 -26.80
C SER B 943 24.63 -14.81 -25.81
N ALA B 944 25.89 -14.63 -26.21
CA ALA B 944 27.00 -14.89 -25.28
C ALA B 944 26.94 -13.94 -24.09
N LEU B 945 26.60 -12.68 -24.33
CA LEU B 945 26.54 -11.64 -23.30
C LEU B 945 25.11 -11.44 -22.79
N GLY B 946 24.35 -12.53 -22.68
CA GLY B 946 22.95 -12.41 -22.36
C GLY B 946 22.67 -11.73 -21.03
N LYS B 947 23.53 -11.93 -20.04
CA LYS B 947 23.27 -11.38 -18.71
C LYS B 947 23.26 -9.85 -18.73
N LEU B 948 24.32 -9.24 -19.27
CA LEU B 948 24.40 -7.79 -19.28
C LEU B 948 23.30 -7.18 -20.13
N GLN B 949 23.05 -7.75 -21.30
CA GLN B 949 21.99 -7.24 -22.16
C GLN B 949 20.63 -7.35 -21.49
N ASP B 950 20.38 -8.46 -20.80
CA ASP B 950 19.12 -8.63 -20.10
C ASP B 950 18.97 -7.61 -18.98
N VAL B 951 20.05 -7.36 -18.23
CA VAL B 951 19.98 -6.36 -17.16
C VAL B 951 19.67 -4.98 -17.74
N VAL B 952 20.37 -4.62 -18.83
CA VAL B 952 20.14 -3.31 -19.45
C VAL B 952 18.71 -3.21 -19.95
N ASN B 953 18.20 -4.28 -20.59
CA ASN B 953 16.84 -4.27 -21.10
C ASN B 953 15.83 -4.14 -19.97
N GLN B 954 16.06 -4.84 -18.85
CA GLN B 954 15.15 -4.73 -17.72
C GLN B 954 15.13 -3.31 -17.17
N ASN B 955 16.30 -2.70 -17.01
CA ASN B 955 16.35 -1.32 -16.52
C ASN B 955 15.64 -0.37 -17.49
N ALA B 956 15.88 -0.54 -18.79
CA ALA B 956 15.25 0.33 -19.78
C ALA B 956 13.74 0.15 -19.77
N GLN B 957 13.25 -1.09 -19.65
CA GLN B 957 11.82 -1.32 -19.60
C GLN B 957 11.20 -0.70 -18.36
N ALA B 958 11.87 -0.83 -17.21
CA ALA B 958 11.35 -0.22 -16.00
C ALA B 958 11.26 1.29 -16.15
N LEU B 959 12.31 1.91 -16.70
CA LEU B 959 12.30 3.36 -16.88
C LEU B 959 11.20 3.78 -17.87
N ASN B 960 11.05 3.02 -18.96
CA ASN B 960 10.03 3.35 -19.95
C ASN B 960 8.63 3.25 -19.35
N THR B 961 8.37 2.20 -18.56
CA THR B 961 7.07 2.08 -17.92
C THR B 961 6.85 3.21 -16.92
N LEU B 962 7.89 3.59 -16.17
CA LEU B 962 7.75 4.68 -15.22
C LEU B 962 7.38 5.98 -15.92
N VAL B 963 8.07 6.29 -17.02
CA VAL B 963 7.78 7.54 -17.72
C VAL B 963 6.41 7.48 -18.38
N LYS B 964 6.02 6.31 -18.90
CA LYS B 964 4.73 6.17 -19.55
C LYS B 964 3.57 6.23 -18.56
N GLN B 965 3.82 5.90 -17.29
CA GLN B 965 2.75 5.94 -16.30
C GLN B 965 2.15 7.33 -16.14
N LEU B 966 2.89 8.37 -16.56
CA LEU B 966 2.39 9.74 -16.43
C LEU B 966 1.16 10.01 -17.30
N SER B 967 0.88 9.15 -18.27
CA SER B 967 -0.25 9.34 -19.18
C SER B 967 -1.54 8.74 -18.66
N SER B 968 -1.54 8.16 -17.47
CA SER B 968 -2.73 7.54 -16.91
C SER B 968 -3.55 8.55 -16.14
N ASN B 969 -4.87 8.52 -16.34
CA ASN B 969 -5.75 9.47 -15.67
C ASN B 969 -5.85 9.18 -14.17
N PHE B 970 -5.77 7.91 -13.76
CA PHE B 970 -5.92 7.52 -12.36
C PHE B 970 -7.26 7.97 -11.81
N GLY B 971 -8.29 7.92 -12.66
CA GLY B 971 -9.63 8.31 -12.27
C GLY B 971 -9.94 9.77 -12.48
N ALA B 972 -8.97 10.59 -12.86
CA ALA B 972 -9.21 12.00 -13.11
C ALA B 972 -9.78 12.20 -14.51
N ILE B 973 -10.30 13.41 -14.75
CA ILE B 973 -10.86 13.72 -16.06
C ILE B 973 -9.76 13.74 -17.13
N SER B 974 -8.58 14.23 -16.77
CA SER B 974 -7.47 14.31 -17.71
C SER B 974 -6.17 14.06 -16.96
N SER B 975 -5.14 13.70 -17.71
CA SER B 975 -3.83 13.37 -17.15
C SER B 975 -2.84 14.51 -17.27
N VAL B 976 -3.29 15.71 -17.66
CA VAL B 976 -2.43 16.87 -17.80
C VAL B 976 -2.81 17.89 -16.73
N LEU B 977 -1.82 18.31 -15.95
CA LEU B 977 -2.10 19.24 -14.85
C LEU B 977 -2.65 20.56 -15.38
N ASN B 978 -2.09 21.05 -16.50
CA ASN B 978 -2.57 22.30 -17.06
C ASN B 978 -4.04 22.19 -17.47
N ASP B 979 -4.43 21.05 -18.04
CA ASP B 979 -5.82 20.86 -18.44
C ASP B 979 -6.75 20.92 -17.23
N ILE B 980 -6.38 20.25 -16.14
CA ILE B 980 -7.20 20.29 -14.93
C ILE B 980 -7.28 21.72 -14.39
N LEU B 981 -6.15 22.41 -14.33
CA LEU B 981 -6.13 23.75 -13.76
C LEU B 981 -7.00 24.70 -14.58
N SER B 982 -6.89 24.65 -15.91
CA SER B 982 -7.66 25.57 -16.75
C SER B 982 -9.13 25.21 -16.77
N ARG B 983 -9.45 23.92 -16.92
CA ARG B 983 -10.84 23.51 -17.10
C ARG B 983 -11.64 23.66 -15.83
N LEU B 984 -11.09 23.23 -14.70
CA LEU B 984 -11.83 23.14 -13.45
C LEU B 984 -11.33 24.16 -12.44
N ASP B 985 -12.25 24.65 -11.62
CA ASP B 985 -11.92 25.60 -10.57
C ASP B 985 -11.23 24.89 -9.41
N PRO B 986 -10.59 25.63 -8.51
CA PRO B 986 -9.79 25.01 -7.45
C PRO B 986 -10.59 24.01 -6.63
N PRO B 987 -11.88 24.28 -6.33
CA PRO B 987 -12.65 23.33 -5.50
C PRO B 987 -12.46 21.86 -5.89
N GLU B 988 -12.74 21.50 -7.13
CA GLU B 988 -12.57 20.11 -7.56
C GLU B 988 -11.21 19.85 -8.19
N ALA B 989 -10.53 20.89 -8.67
CA ALA B 989 -9.16 20.72 -9.12
C ALA B 989 -8.29 20.17 -7.99
N GLU B 990 -8.61 20.51 -6.74
CA GLU B 990 -7.85 19.99 -5.62
C GLU B 990 -7.94 18.47 -5.55
N VAL B 991 -9.15 17.92 -5.64
CA VAL B 991 -9.30 16.48 -5.56
C VAL B 991 -8.72 15.80 -6.80
N GLN B 992 -8.86 16.43 -7.97
CA GLN B 992 -8.27 15.87 -9.18
C GLN B 992 -6.75 15.77 -9.05
N ILE B 993 -6.12 16.85 -8.58
CA ILE B 993 -4.68 16.86 -8.40
C ILE B 993 -4.27 15.86 -7.32
N ASP B 994 -5.09 15.72 -6.28
CA ASP B 994 -4.80 14.74 -5.24
C ASP B 994 -4.79 13.32 -5.80
N ARG B 995 -5.78 13.00 -6.64
CA ARG B 995 -5.82 11.67 -7.25
C ARG B 995 -4.61 11.46 -8.14
N LEU B 996 -4.26 12.45 -8.96
CA LEU B 996 -3.10 12.31 -9.83
C LEU B 996 -1.82 12.13 -9.02
N ILE B 997 -1.69 12.89 -7.93
CA ILE B 997 -0.51 12.79 -7.08
C ILE B 997 -0.44 11.40 -6.45
N THR B 998 -1.57 10.88 -5.97
CA THR B 998 -1.57 9.56 -5.36
C THR B 998 -1.14 8.51 -6.37
N GLY B 999 -1.68 8.58 -7.59
CA GLY B 999 -1.29 7.59 -8.60
C GLY B 999 0.19 7.67 -8.94
N ARG B 1000 0.69 8.89 -9.16
CA ARG B 1000 2.10 9.04 -9.51
C ARG B 1000 3.01 8.61 -8.37
N LEU B 1001 2.63 8.91 -7.13
CA LEU B 1001 3.42 8.50 -5.99
C LEU B 1001 3.44 6.98 -5.86
N GLN B 1002 2.30 6.32 -6.08
CA GLN B 1002 2.28 4.86 -6.06
C GLN B 1002 3.20 4.30 -7.13
N SER B 1003 3.16 4.87 -8.34
CA SER B 1003 4.05 4.41 -9.40
C SER B 1003 5.51 4.58 -9.01
N LEU B 1004 5.85 5.73 -8.44
CA LEU B 1004 7.23 5.98 -8.02
C LEU B 1004 7.67 5.00 -6.93
N GLN B 1005 6.80 4.73 -5.96
CA GLN B 1005 7.15 3.79 -4.90
C GLN B 1005 7.38 2.40 -5.47
N THR B 1006 6.51 1.95 -6.39
CA THR B 1006 6.71 0.65 -7.00
C THR B 1006 8.02 0.60 -7.77
N TYR B 1007 8.33 1.65 -8.54
CA TYR B 1007 9.57 1.68 -9.30
C TYR B 1007 10.78 1.65 -8.38
N VAL B 1008 10.72 2.40 -7.27
CA VAL B 1008 11.85 2.45 -6.34
C VAL B 1008 12.05 1.11 -5.66
N THR B 1009 10.95 0.43 -5.29
CA THR B 1009 11.08 -0.89 -4.70
C THR B 1009 11.72 -1.88 -5.68
N GLN B 1010 11.26 -1.85 -6.94
CA GLN B 1010 11.85 -2.73 -7.94
C GLN B 1010 13.33 -2.42 -8.14
N GLN B 1011 13.68 -1.13 -8.18
CA GLN B 1011 15.08 -0.75 -8.34
C GLN B 1011 15.91 -1.20 -7.15
N LEU B 1012 15.36 -1.11 -5.94
CA LEU B 1012 16.09 -1.57 -4.76
C LEU B 1012 16.35 -3.07 -4.83
N ILE B 1013 15.34 -3.84 -5.22
CA ILE B 1013 15.52 -5.29 -5.33
C ILE B 1013 16.58 -5.61 -6.39
N ARG B 1014 16.50 -4.95 -7.55
CA ARG B 1014 17.48 -5.18 -8.60
C ARG B 1014 18.88 -4.79 -8.14
N ALA B 1015 19.00 -3.70 -7.38
CA ALA B 1015 20.29 -3.26 -6.88
C ALA B 1015 20.85 -4.27 -5.89
N ALA B 1016 20.01 -4.86 -5.05
CA ALA B 1016 20.47 -5.89 -4.14
C ALA B 1016 20.98 -7.11 -4.92
N GLU B 1017 20.24 -7.51 -5.95
CA GLU B 1017 20.69 -8.63 -6.78
C GLU B 1017 22.03 -8.33 -7.45
N ILE B 1018 22.18 -7.12 -7.98
CA ILE B 1018 23.42 -6.76 -8.65
C ILE B 1018 24.56 -6.65 -7.65
N ARG B 1019 24.28 -6.22 -6.42
CA ARG B 1019 25.32 -6.21 -5.39
C ARG B 1019 25.77 -7.62 -5.06
N ALA B 1020 24.84 -8.56 -4.97
CA ALA B 1020 25.23 -9.95 -4.77
C ALA B 1020 26.10 -10.46 -5.91
N SER B 1021 25.70 -10.14 -7.15
CA SER B 1021 26.48 -10.57 -8.31
C SER B 1021 27.88 -9.95 -8.29
N ALA B 1022 27.96 -8.66 -7.92
CA ALA B 1022 29.26 -7.99 -7.87
C ALA B 1022 30.14 -8.57 -6.77
N ASN B 1023 29.54 -8.93 -5.63
CA ASN B 1023 30.32 -9.59 -4.58
C ASN B 1023 30.85 -10.93 -5.06
N LEU B 1024 30.02 -11.69 -5.77
CA LEU B 1024 30.50 -12.96 -6.32
C LEU B 1024 31.64 -12.73 -7.30
N ALA B 1025 31.51 -11.73 -8.17
CA ALA B 1025 32.56 -11.44 -9.15
C ALA B 1025 33.85 -11.02 -8.45
N ALA B 1026 33.74 -10.19 -7.41
CA ALA B 1026 34.92 -9.77 -6.67
C ALA B 1026 35.60 -10.94 -5.99
N THR B 1027 34.80 -11.85 -5.41
CA THR B 1027 35.39 -13.05 -4.80
C THR B 1027 36.10 -13.90 -5.85
N LYS B 1028 35.49 -14.06 -7.02
CA LYS B 1028 36.13 -14.83 -8.09
C LYS B 1028 37.45 -14.18 -8.51
N MET B 1029 37.44 -12.85 -8.66
CA MET B 1029 38.67 -12.14 -9.02
C MET B 1029 39.75 -12.33 -7.96
N SER B 1030 39.37 -12.21 -6.69
CA SER B 1030 40.34 -12.34 -5.61
C SER B 1030 40.93 -13.75 -5.56
N GLU B 1031 40.10 -14.77 -5.76
CA GLU B 1031 40.55 -16.14 -5.63
C GLU B 1031 41.06 -16.72 -6.96
N CYS B 1032 40.28 -16.57 -8.03
CA CYS B 1032 40.63 -17.22 -9.29
C CYS B 1032 41.79 -16.50 -9.97
N VAL B 1033 41.78 -15.17 -9.99
CA VAL B 1033 42.77 -14.43 -10.76
C VAL B 1033 44.05 -14.23 -9.97
N LEU B 1034 43.93 -13.75 -8.73
CA LEU B 1034 45.10 -13.47 -7.90
C LEU B 1034 45.67 -14.72 -7.24
N GLY B 1035 45.27 -15.90 -7.67
CA GLY B 1035 45.80 -17.13 -7.10
C GLY B 1035 45.16 -18.34 -7.74
N GLN B 1036 45.58 -19.50 -7.26
CA GLN B 1036 45.06 -20.78 -7.74
C GLN B 1036 44.08 -21.33 -6.72
N SER B 1037 42.86 -21.63 -7.18
CA SER B 1037 41.78 -22.07 -6.31
C SER B 1037 41.57 -23.56 -6.45
N LYS B 1038 41.53 -24.26 -5.31
CA LYS B 1038 41.25 -25.69 -5.28
C LYS B 1038 39.77 -26.00 -5.29
N ARG B 1039 38.90 -25.00 -5.15
CA ARG B 1039 37.46 -25.24 -5.16
C ARG B 1039 37.04 -25.81 -6.50
N VAL B 1040 36.19 -26.83 -6.45
CA VAL B 1040 35.75 -27.52 -7.66
C VAL B 1040 34.64 -26.74 -8.33
N ASP B 1041 34.76 -26.55 -9.64
CA ASP B 1041 33.77 -25.88 -10.48
C ASP B 1041 33.58 -24.42 -10.11
N PHE B 1042 34.46 -23.85 -9.28
CA PHE B 1042 34.35 -22.43 -8.94
C PHE B 1042 34.93 -21.57 -10.05
N CYS B 1043 36.21 -21.75 -10.36
CA CYS B 1043 36.88 -21.00 -11.42
C CYS B 1043 36.93 -21.87 -12.67
N GLY B 1044 35.78 -21.97 -13.34
CA GLY B 1044 35.68 -22.74 -14.56
C GLY B 1044 35.49 -24.23 -14.28
N LYS B 1045 35.43 -24.99 -15.37
CA LYS B 1045 35.25 -26.43 -15.31
C LYS B 1045 36.59 -27.12 -15.44
N GLY B 1046 36.82 -28.13 -14.60
CA GLY B 1046 38.07 -28.86 -14.58
C GLY B 1046 39.01 -28.37 -13.52
N TYR B 1047 40.26 -28.82 -13.63
CA TYR B 1047 41.31 -28.43 -12.70
C TYR B 1047 41.78 -27.03 -13.07
N HIS B 1048 41.33 -26.04 -12.29
CA HIS B 1048 41.63 -24.65 -12.60
C HIS B 1048 43.13 -24.41 -12.58
N LEU B 1049 43.61 -23.67 -13.59
CA LEU B 1049 45.01 -23.25 -13.66
C LEU B 1049 45.18 -21.75 -13.47
N MET B 1050 44.48 -20.94 -14.24
CA MET B 1050 44.63 -19.49 -14.11
C MET B 1050 43.47 -18.77 -14.75
N SER B 1051 43.10 -17.62 -14.19
CA SER B 1051 42.00 -16.81 -14.68
C SER B 1051 42.51 -15.47 -15.19
N PHE B 1052 41.94 -15.02 -16.30
CA PHE B 1052 42.26 -13.73 -16.89
C PHE B 1052 41.03 -12.83 -16.86
N PRO B 1053 41.13 -11.61 -16.33
CA PRO B 1053 39.98 -10.71 -16.31
C PRO B 1053 39.88 -9.82 -17.53
N GLN B 1054 38.64 -9.54 -17.92
CA GLN B 1054 38.35 -8.62 -19.02
C GLN B 1054 37.13 -7.79 -18.63
N SER B 1055 37.06 -6.59 -19.17
CA SER B 1055 35.98 -5.66 -18.86
C SER B 1055 34.91 -5.73 -19.95
N ALA B 1056 33.72 -5.25 -19.60
CA ALA B 1056 32.62 -5.11 -20.54
C ALA B 1056 31.62 -4.12 -19.96
N PRO B 1057 30.76 -3.53 -20.79
CA PRO B 1057 29.82 -2.54 -20.27
C PRO B 1057 29.04 -3.06 -19.07
N HIS B 1058 29.30 -2.47 -17.90
CA HIS B 1058 28.62 -2.86 -16.67
C HIS B 1058 28.75 -4.36 -16.41
N GLY B 1059 29.95 -4.89 -16.61
CA GLY B 1059 30.17 -6.31 -16.35
C GLY B 1059 31.61 -6.69 -16.52
N VAL B 1060 31.93 -7.90 -16.04
CA VAL B 1060 33.26 -8.46 -16.13
C VAL B 1060 33.18 -9.84 -16.76
N VAL B 1061 34.26 -10.27 -17.38
CA VAL B 1061 34.35 -11.56 -18.04
C VAL B 1061 35.64 -12.23 -17.58
N PHE B 1062 35.51 -13.41 -16.98
CA PHE B 1062 36.65 -14.19 -16.53
C PHE B 1062 36.91 -15.31 -17.54
N LEU B 1063 38.13 -15.36 -18.06
CA LEU B 1063 38.58 -16.45 -18.91
C LEU B 1063 39.34 -17.43 -18.03
N HIS B 1064 38.72 -18.58 -17.76
CA HIS B 1064 39.32 -19.60 -16.92
C HIS B 1064 40.04 -20.62 -17.79
N VAL B 1065 41.35 -20.75 -17.59
CA VAL B 1065 42.17 -21.76 -18.25
C VAL B 1065 42.41 -22.86 -17.25
N THR B 1066 42.08 -24.10 -17.63
CA THR B 1066 42.07 -25.23 -16.72
C THR B 1066 42.67 -26.45 -17.41
N TYR B 1067 43.08 -27.41 -16.60
CA TYR B 1067 43.69 -28.65 -17.06
C TYR B 1067 42.64 -29.75 -17.03
N VAL B 1068 42.46 -30.43 -18.16
CA VAL B 1068 41.42 -31.47 -18.27
C VAL B 1068 42.04 -32.74 -18.82
N PRO B 1069 41.89 -33.89 -18.16
CA PRO B 1069 42.35 -35.15 -18.76
C PRO B 1069 41.64 -35.41 -20.09
N ALA B 1070 42.40 -35.94 -21.05
CA ALA B 1070 41.90 -36.16 -22.40
C ALA B 1070 41.78 -37.63 -22.75
N GLN B 1071 42.85 -38.39 -22.63
CA GLN B 1071 42.88 -39.82 -22.97
C GLN B 1071 43.13 -40.62 -21.71
N GLU B 1072 42.30 -41.64 -21.48
CA GLU B 1072 42.38 -42.46 -20.28
C GLU B 1072 42.59 -43.92 -20.67
N LYS B 1073 43.45 -44.60 -19.94
CA LYS B 1073 43.69 -46.03 -20.12
C LYS B 1073 43.57 -46.72 -18.77
N ASN B 1074 42.97 -47.91 -18.77
CA ASN B 1074 42.68 -48.63 -17.53
C ASN B 1074 43.70 -49.74 -17.33
N PHE B 1075 44.21 -49.83 -16.10
CA PHE B 1075 45.21 -50.83 -15.73
C PHE B 1075 44.79 -51.48 -14.42
N THR B 1076 45.22 -52.74 -14.25
CA THR B 1076 45.01 -53.43 -12.97
C THR B 1076 45.85 -52.75 -11.89
N THR B 1077 45.25 -52.60 -10.71
CA THR B 1077 45.88 -51.91 -9.59
C THR B 1077 45.71 -52.72 -8.31
N ALA B 1078 46.61 -52.47 -7.37
CA ALA B 1078 46.57 -53.09 -6.06
C ALA B 1078 46.75 -52.04 -4.98
N PRO B 1079 46.21 -52.27 -3.78
CA PRO B 1079 46.32 -51.27 -2.72
C PRO B 1079 47.72 -51.22 -2.11
N ALA B 1080 48.43 -52.34 -2.16
CA ALA B 1080 49.77 -52.42 -1.59
C ALA B 1080 50.52 -53.56 -2.25
N ILE B 1081 51.82 -53.66 -1.95
CA ILE B 1081 52.69 -54.67 -2.50
C ILE B 1081 53.53 -55.25 -1.37
N CYS B 1082 53.65 -56.57 -1.35
CA CYS B 1082 54.47 -57.28 -0.37
C CYS B 1082 55.74 -57.79 -1.06
N HIS B 1083 56.89 -57.49 -0.47
CA HIS B 1083 58.19 -57.89 -0.99
C HIS B 1083 58.90 -58.88 -0.10
N ASP B 1084 59.07 -58.55 1.18
CA ASP B 1084 59.73 -59.41 2.16
C ASP B 1084 58.87 -59.54 3.41
N GLY B 1085 57.58 -59.78 3.20
CA GLY B 1085 56.63 -59.87 4.31
C GLY B 1085 56.21 -58.54 4.88
N LYS B 1086 56.52 -57.43 4.20
CA LYS B 1086 56.18 -56.10 4.67
C LYS B 1086 55.39 -55.38 3.59
N ALA B 1087 54.27 -54.78 3.98
CA ALA B 1087 53.42 -54.08 3.02
C ALA B 1087 54.06 -52.75 2.63
N HIS B 1088 54.11 -52.49 1.32
CA HIS B 1088 54.67 -51.26 0.79
C HIS B 1088 53.56 -50.44 0.14
N PHE B 1089 53.44 -49.18 0.55
CA PHE B 1089 52.46 -48.28 -0.02
C PHE B 1089 53.15 -47.13 -0.75
N PRO B 1090 52.59 -46.64 -1.85
CA PRO B 1090 53.27 -45.58 -2.60
C PRO B 1090 53.45 -44.34 -1.76
N ARG B 1091 54.62 -43.70 -1.92
CA ARG B 1091 54.83 -42.40 -1.28
C ARG B 1091 53.88 -41.36 -1.84
N GLU B 1092 53.69 -41.36 -3.16
CA GLU B 1092 52.70 -40.50 -3.80
C GLU B 1092 52.45 -41.06 -5.19
N GLY B 1093 51.19 -41.34 -5.50
CA GLY B 1093 50.84 -41.93 -6.78
C GLY B 1093 49.94 -43.14 -6.64
N VAL B 1094 50.12 -44.13 -7.52
CA VAL B 1094 49.27 -45.32 -7.51
C VAL B 1094 50.03 -46.44 -8.21
N PHE B 1095 49.79 -47.67 -7.76
CA PHE B 1095 50.35 -48.84 -8.41
C PHE B 1095 49.47 -49.24 -9.59
N VAL B 1096 50.10 -49.48 -10.74
CA VAL B 1096 49.41 -49.90 -11.95
C VAL B 1096 50.16 -51.10 -12.53
N SER B 1097 49.45 -51.87 -13.34
CA SER B 1097 50.00 -53.07 -13.97
C SER B 1097 49.58 -53.09 -15.43
N ASN B 1098 50.57 -53.06 -16.32
CA ASN B 1098 50.33 -53.19 -17.75
C ASN B 1098 50.32 -54.65 -18.18
N GLY B 1099 49.53 -55.45 -17.47
CA GLY B 1099 49.52 -56.88 -17.68
C GLY B 1099 50.40 -57.62 -16.70
N THR B 1100 51.63 -57.94 -17.12
CA THR B 1100 52.54 -58.71 -16.27
C THR B 1100 53.31 -57.80 -15.31
N HIS B 1101 53.96 -56.76 -15.85
CA HIS B 1101 54.82 -55.92 -15.04
C HIS B 1101 54.01 -54.98 -14.15
N TRP B 1102 54.68 -54.41 -13.16
CA TRP B 1102 54.08 -53.47 -12.22
C TRP B 1102 54.91 -52.20 -12.16
N PHE B 1103 54.22 -51.07 -11.97
CA PHE B 1103 54.87 -49.78 -11.91
C PHE B 1103 54.07 -48.88 -10.98
N VAL B 1104 54.65 -47.70 -10.69
CA VAL B 1104 53.99 -46.68 -9.88
C VAL B 1104 53.94 -45.40 -10.71
N THR B 1105 52.75 -44.81 -10.81
CA THR B 1105 52.54 -43.63 -11.64
C THR B 1105 51.71 -42.60 -10.89
N GLN B 1106 51.90 -41.34 -11.24
CA GLN B 1106 51.15 -40.27 -10.60
C GLN B 1106 49.66 -40.37 -10.97
N ARG B 1107 48.82 -39.87 -10.06
CA ARG B 1107 47.38 -40.05 -10.22
C ARG B 1107 46.85 -39.38 -11.48
N ASN B 1108 47.28 -38.15 -11.74
CA ASN B 1108 46.70 -37.34 -12.81
C ASN B 1108 47.44 -37.48 -14.14
N PHE B 1109 48.45 -38.33 -14.22
CA PHE B 1109 49.19 -38.53 -15.46
C PHE B 1109 49.84 -39.90 -15.44
N TYR B 1110 49.88 -40.56 -16.59
CA TYR B 1110 50.45 -41.89 -16.70
C TYR B 1110 51.95 -41.75 -16.96
N GLU B 1111 52.73 -41.84 -15.90
CA GLU B 1111 54.19 -41.78 -15.97
C GLU B 1111 54.74 -42.97 -15.18
N PRO B 1112 54.68 -44.17 -15.76
CA PRO B 1112 55.11 -45.36 -15.01
C PRO B 1112 56.57 -45.26 -14.57
N GLN B 1113 56.84 -45.74 -13.37
CA GLN B 1113 58.18 -45.72 -12.80
C GLN B 1113 58.45 -47.06 -12.13
N ILE B 1114 59.73 -47.42 -12.05
CA ILE B 1114 60.11 -48.66 -11.39
C ILE B 1114 59.87 -48.54 -9.90
N ILE B 1115 59.21 -49.53 -9.32
CA ILE B 1115 58.91 -49.51 -7.90
C ILE B 1115 60.19 -49.69 -7.11
N THR B 1116 60.46 -48.76 -6.19
CA THR B 1116 61.65 -48.80 -5.36
C THR B 1116 61.28 -48.33 -3.96
N THR B 1117 62.27 -48.35 -3.07
CA THR B 1117 62.06 -47.90 -1.70
C THR B 1117 62.00 -46.37 -1.59
N ASP B 1118 62.49 -45.65 -2.60
CA ASP B 1118 62.47 -44.20 -2.55
C ASP B 1118 61.05 -43.66 -2.71
N ASN B 1119 60.26 -44.25 -3.59
CA ASN B 1119 58.91 -43.80 -3.87
C ASN B 1119 57.84 -44.62 -3.14
N THR B 1120 58.25 -45.51 -2.24
CA THR B 1120 57.32 -46.30 -1.46
C THR B 1120 57.79 -46.34 -0.01
N PHE B 1121 56.85 -46.56 0.90
CA PHE B 1121 57.14 -46.63 2.33
C PHE B 1121 56.48 -47.87 2.92
N VAL B 1122 57.12 -48.42 3.94
CA VAL B 1122 56.68 -49.65 4.59
C VAL B 1122 55.84 -49.29 5.81
N SER B 1123 54.77 -50.06 6.03
CA SER B 1123 53.91 -49.86 7.20
C SER B 1123 53.33 -51.21 7.58
N GLY B 1124 53.95 -51.86 8.56
CA GLY B 1124 53.46 -53.14 9.04
C GLY B 1124 53.76 -54.28 8.08
N ASN B 1125 53.22 -55.44 8.44
CA ASN B 1125 53.37 -56.64 7.62
C ASN B 1125 52.35 -56.64 6.49
N CYS B 1126 52.36 -57.69 5.68
CA CYS B 1126 51.52 -57.80 4.50
C CYS B 1126 50.53 -58.96 4.63
N ASP B 1127 49.95 -59.13 5.81
CA ASP B 1127 48.94 -60.15 6.05
C ASP B 1127 47.61 -59.56 6.51
N VAL B 1128 47.47 -58.23 6.48
CA VAL B 1128 46.25 -57.56 6.90
C VAL B 1128 45.59 -56.82 5.75
N VAL B 1129 46.38 -56.20 4.87
CA VAL B 1129 45.82 -55.45 3.76
C VAL B 1129 45.08 -56.40 2.83
N ILE B 1130 43.87 -56.03 2.44
CA ILE B 1130 43.04 -56.84 1.56
C ILE B 1130 43.38 -56.50 0.12
N GLY B 1131 43.61 -57.53 -0.70
CA GLY B 1131 43.94 -57.34 -2.09
C GLY B 1131 45.40 -57.10 -2.39
N ILE B 1132 46.29 -57.28 -1.41
CA ILE B 1132 47.70 -57.06 -1.65
C ILE B 1132 48.20 -58.05 -2.71
N VAL B 1133 49.18 -57.61 -3.50
CA VAL B 1133 49.73 -58.39 -4.60
C VAL B 1133 51.23 -58.52 -4.40
N ASN B 1134 51.74 -59.75 -4.56
CA ASN B 1134 53.17 -59.99 -4.42
C ASN B 1134 53.93 -59.34 -5.56
N ASN B 1135 55.12 -58.83 -5.24
CA ASN B 1135 56.00 -58.23 -6.24
C ASN B 1135 57.34 -57.98 -5.55
N THR B 1136 58.30 -57.46 -6.33
CA THR B 1136 59.65 -57.18 -5.85
C THR B 1136 59.90 -55.68 -5.90
N VAL B 1137 60.41 -55.13 -4.80
CA VAL B 1137 60.77 -53.72 -4.71
C VAL B 1137 62.26 -53.61 -4.95
N TYR B 1138 62.64 -52.83 -5.96
CA TYR B 1138 64.04 -52.71 -6.35
C TYR B 1138 64.73 -51.69 -5.46
N ASP B 1139 65.74 -52.15 -4.72
CA ASP B 1139 66.50 -51.25 -3.85
C ASP B 1139 67.58 -50.54 -4.67
N PRO B 1140 67.60 -49.21 -4.71
CA PRO B 1140 68.61 -48.51 -5.51
C PRO B 1140 70.01 -48.55 -4.90
N LEU B 1141 70.16 -49.02 -3.66
CA LEU B 1141 71.48 -49.05 -3.03
C LEU B 1141 72.33 -50.21 -3.52
N GLN B 1142 71.70 -51.32 -3.92
CA GLN B 1142 72.47 -52.51 -4.27
C GLN B 1142 73.47 -52.27 -5.40
N PRO B 1143 73.14 -51.59 -6.50
CA PRO B 1143 74.14 -51.38 -7.55
C PRO B 1143 75.39 -50.67 -7.05
N GLU B 1144 75.25 -49.69 -6.16
CA GLU B 1144 76.41 -48.99 -5.64
C GLU B 1144 77.22 -49.89 -4.70
N LEU B 1145 76.55 -50.66 -3.86
CA LEU B 1145 77.26 -51.56 -2.96
C LEU B 1145 78.05 -52.61 -3.74
N ASP B 1146 77.44 -53.17 -4.79
CA ASP B 1146 78.15 -54.17 -5.59
C ASP B 1146 79.36 -53.56 -6.28
N SER B 1147 79.24 -52.35 -6.81
CA SER B 1147 80.33 -51.68 -7.49
C SER B 1147 81.19 -50.91 -6.50
N SER C 13 -2.08 67.95 21.49
CA SER C 13 -3.02 67.38 20.54
C SER C 13 -3.05 68.18 19.24
N GLN C 14 -2.83 69.49 19.36
CA GLN C 14 -2.84 70.35 18.19
C GLN C 14 -1.70 70.00 17.24
N CYS C 15 -2.01 69.99 15.95
CA CYS C 15 -0.99 69.68 14.94
C CYS C 15 0.02 70.81 14.82
N VAL C 16 1.29 70.45 14.69
CA VAL C 16 2.38 71.40 14.55
C VAL C 16 3.21 70.99 13.34
N ASN C 17 3.49 71.95 12.46
CA ASN C 17 4.26 71.70 11.24
C ASN C 17 5.74 71.85 11.59
N LEU C 18 6.42 70.73 11.83
CA LEU C 18 7.83 70.77 12.16
C LEU C 18 8.63 71.33 10.98
N THR C 19 9.56 72.23 11.28
CA THR C 19 10.37 72.89 10.27
C THR C 19 11.85 72.59 10.52
N THR C 20 12.72 73.24 9.75
CA THR C 20 14.16 73.06 9.85
C THR C 20 14.54 71.59 9.66
N ARG C 21 14.22 71.07 8.48
CA ARG C 21 14.49 69.68 8.12
C ARG C 21 15.56 69.66 7.03
N THR C 22 16.78 69.29 7.41
CA THR C 22 17.88 69.16 6.46
C THR C 22 17.87 67.72 5.94
N GLN C 23 17.19 67.51 4.81
CA GLN C 23 17.05 66.18 4.26
C GLN C 23 18.41 65.60 3.89
N LEU C 24 18.56 64.30 4.10
CA LEU C 24 19.78 63.57 3.77
C LEU C 24 19.43 62.33 2.97
N PRO C 25 20.36 61.84 2.15
CA PRO C 25 20.05 60.66 1.34
C PRO C 25 19.84 59.46 2.22
N PRO C 26 18.99 58.52 1.79
CA PRO C 26 18.75 57.31 2.59
C PRO C 26 20.03 56.49 2.73
N ALA C 27 20.16 55.83 3.88
CA ALA C 27 21.33 55.03 4.20
C ALA C 27 20.91 53.60 4.52
N TYR C 28 21.65 52.64 3.99
CA TYR C 28 21.43 51.22 4.23
C TYR C 28 22.67 50.62 4.86
N THR C 29 22.48 49.80 5.89
CA THR C 29 23.58 49.13 6.57
C THR C 29 23.30 47.65 6.65
N ASN C 30 24.31 46.90 7.13
CA ASN C 30 24.23 45.45 7.20
C ASN C 30 23.65 45.03 8.55
N SER C 31 22.66 44.14 8.52
CA SER C 31 22.02 43.65 9.73
C SER C 31 22.78 42.51 10.39
N PHE C 32 23.78 41.95 9.72
CA PHE C 32 24.55 40.82 10.27
C PHE C 32 23.57 39.69 10.56
N THR C 33 23.68 39.01 11.71
CA THR C 33 22.79 37.93 12.10
C THR C 33 21.91 38.32 13.26
N ARG C 34 21.44 39.57 13.26
CA ARG C 34 20.64 40.12 14.36
C ARG C 34 19.16 40.02 14.01
N GLY C 35 18.37 39.52 14.96
CA GLY C 35 16.94 39.44 14.82
C GLY C 35 16.43 38.05 14.51
N VAL C 36 15.99 37.34 15.54
CA VAL C 36 15.39 36.02 15.40
C VAL C 36 14.41 35.82 16.55
N TYR C 37 13.16 35.51 16.22
CA TYR C 37 12.10 35.36 17.20
C TYR C 37 11.58 33.93 17.20
N TYR C 38 11.08 33.50 18.35
CA TYR C 38 10.52 32.15 18.46
C TYR C 38 9.20 32.10 17.71
N PRO C 39 9.06 31.27 16.67
CA PRO C 39 7.75 31.16 16.01
C PRO C 39 6.66 30.67 16.93
N ASP C 40 6.99 29.78 17.86
CA ASP C 40 6.04 29.29 18.86
C ASP C 40 6.81 28.82 20.07
N LYS C 41 6.24 29.01 21.25
CA LYS C 41 6.92 28.68 22.50
C LYS C 41 6.69 27.19 22.79
N VAL C 42 7.58 26.36 22.27
CA VAL C 42 7.60 24.94 22.56
C VAL C 42 9.00 24.57 23.03
N PHE C 43 9.10 23.97 24.21
CA PHE C 43 10.39 23.64 24.78
C PHE C 43 11.13 22.65 23.90
N ARG C 44 12.44 22.88 23.72
CA ARG C 44 13.28 22.00 22.93
C ARG C 44 14.65 21.91 23.60
N SER C 45 15.14 20.70 23.79
CA SER C 45 16.36 20.44 24.54
C SER C 45 17.43 19.90 23.61
N SER C 46 18.37 20.76 23.22
CA SER C 46 19.54 20.36 22.44
C SER C 46 19.12 19.68 21.15
N VAL C 47 18.42 20.42 20.30
CA VAL C 47 17.94 19.91 19.02
C VAL C 47 17.94 21.03 18.00
N LEU C 48 18.11 20.66 16.73
CA LEU C 48 18.06 21.59 15.62
C LEU C 48 16.71 21.47 14.95
N HIS C 49 15.94 22.56 14.94
CA HIS C 49 14.60 22.58 14.39
C HIS C 49 14.56 23.51 13.19
N SER C 50 14.03 23.01 12.07
CA SER C 50 13.90 23.79 10.84
C SER C 50 12.47 24.29 10.74
N THR C 51 12.31 25.62 10.70
CA THR C 51 10.99 26.24 10.66
C THR C 51 10.95 27.28 9.55
N GLN C 52 9.86 27.29 8.79
CA GLN C 52 9.65 28.24 7.72
C GLN C 52 8.63 29.28 8.18
N ASP C 53 9.03 30.55 8.15
CA ASP C 53 8.16 31.64 8.61
C ASP C 53 8.78 32.95 8.16
N LEU C 54 8.20 34.06 8.60
CA LEU C 54 8.70 35.39 8.26
C LEU C 54 9.93 35.69 9.10
N PHE C 55 11.08 35.82 8.44
CA PHE C 55 12.34 36.08 9.12
C PHE C 55 13.10 37.16 8.36
N LEU C 56 14.05 37.78 9.07
CA LEU C 56 14.92 38.77 8.46
C LEU C 56 16.17 38.08 7.92
N PRO C 57 16.42 38.11 6.60
CA PRO C 57 17.61 37.42 6.08
C PRO C 57 18.89 37.96 6.70
N PHE C 58 19.85 37.06 6.91
CA PHE C 58 21.13 37.45 7.47
C PHE C 58 21.86 38.40 6.53
N PHE C 59 22.57 39.36 7.12
CA PHE C 59 23.33 40.35 6.34
C PHE C 59 22.42 41.09 5.36
N SER C 60 21.20 41.38 5.79
CA SER C 60 20.26 42.10 4.95
C SER C 60 20.54 43.60 5.01
N ASN C 61 19.93 44.33 4.07
CA ASN C 61 20.06 45.78 4.00
C ASN C 61 18.95 46.40 4.85
N VAL C 62 19.35 47.02 5.96
CA VAL C 62 18.42 47.63 6.90
C VAL C 62 18.58 49.15 6.84
N THR C 63 17.46 49.86 6.82
CA THR C 63 17.48 51.31 6.65
C THR C 63 17.85 51.99 7.95
N TRP C 64 18.78 52.94 7.86
CA TRP C 64 19.28 53.70 9.01
C TRP C 64 18.45 54.96 9.19
N PHE C 65 18.21 55.33 10.45
CA PHE C 65 17.61 56.62 10.77
C PHE C 65 18.26 57.17 12.03
N HIS C 66 18.58 58.46 12.00
CA HIS C 66 19.30 59.12 13.08
C HIS C 66 18.38 60.05 13.85
N ALA C 67 18.86 60.48 15.03
CA ALA C 67 18.18 61.49 15.82
C ALA C 67 19.27 62.22 16.60
N ILE C 68 19.69 63.37 16.07
CA ILE C 68 20.76 64.17 16.64
C ILE C 68 20.51 65.63 16.28
N HIS C 69 21.29 66.52 16.88
CA HIS C 69 21.19 67.95 16.58
C HIS C 69 22.55 68.58 16.84
N VAL C 70 23.26 68.93 15.76
CA VAL C 70 24.54 69.59 15.91
C VAL C 70 24.35 71.03 16.39
N SER C 71 25.41 71.58 16.98
CA SER C 71 25.34 72.89 17.61
C SER C 71 25.91 74.00 16.72
N GLY C 72 27.16 73.86 16.27
CA GLY C 72 27.85 74.99 15.66
C GLY C 72 27.35 75.43 14.30
N THR C 73 27.70 74.71 13.24
CA THR C 73 27.37 75.14 11.89
C THR C 73 26.85 74.04 10.98
N ASN C 74 26.98 72.76 11.33
CA ASN C 74 26.59 71.70 10.41
C ASN C 74 25.10 71.74 10.11
N GLY C 75 24.28 72.16 11.06
CA GLY C 75 22.85 72.27 10.83
C GLY C 75 22.18 70.96 10.46
N THR C 76 22.52 69.88 11.16
CA THR C 76 21.90 68.58 10.88
C THR C 76 20.40 68.65 11.11
N LYS C 77 19.98 68.88 12.36
CA LYS C 77 18.58 69.04 12.72
C LYS C 77 17.72 67.94 12.08
N ARG C 78 18.12 66.70 12.31
CA ARG C 78 17.47 65.55 11.70
C ARG C 78 16.43 64.98 12.65
N PHE C 79 15.19 64.90 12.19
CA PHE C 79 14.08 64.31 12.94
C PHE C 79 13.39 63.30 12.02
N ASP C 80 13.75 62.04 12.16
CA ASP C 80 13.25 61.00 11.26
C ASP C 80 11.88 60.52 11.72
N ASN C 81 10.91 60.54 10.82
CA ASN C 81 9.57 60.03 11.08
C ASN C 81 8.87 59.75 9.76
N PRO C 82 9.30 58.72 9.02
CA PRO C 82 8.71 58.47 7.69
C PRO C 82 7.42 57.68 7.75
N VAL C 83 6.89 57.33 6.58
CA VAL C 83 5.64 56.58 6.46
C VAL C 83 5.93 55.22 5.82
N LEU C 84 7.12 54.68 6.10
CA LEU C 84 7.58 53.43 5.50
C LEU C 84 6.48 52.37 5.50
N PRO C 85 6.14 51.77 4.35
CA PRO C 85 5.17 50.67 4.34
C PRO C 85 5.48 49.60 5.37
N PHE C 86 4.48 48.79 5.72
CA PHE C 86 4.62 47.74 6.71
C PHE C 86 4.93 46.38 6.11
N ASN C 87 4.38 46.09 4.93
CA ASN C 87 4.60 44.80 4.27
C ASN C 87 4.06 43.70 5.18
N ASP C 88 4.68 42.52 5.16
CA ASP C 88 4.22 41.38 5.96
C ASP C 88 4.80 41.39 7.38
N GLY C 89 5.73 42.27 7.68
CA GLY C 89 6.31 42.33 9.00
C GLY C 89 7.36 43.41 9.07
N VAL C 90 7.72 43.77 10.30
CA VAL C 90 8.68 44.85 10.54
C VAL C 90 9.62 44.43 11.65
N TYR C 91 10.91 44.71 11.47
CA TYR C 91 11.92 44.55 12.50
C TYR C 91 12.50 45.93 12.81
N PHE C 92 12.37 46.37 14.05
CA PHE C 92 12.74 47.71 14.47
C PHE C 92 13.77 47.61 15.59
N ALA C 93 14.99 48.03 15.31
CA ALA C 93 16.04 48.11 16.31
C ALA C 93 16.26 49.57 16.66
N SER C 94 16.54 49.84 17.94
CA SER C 94 16.71 51.21 18.41
C SER C 94 17.83 51.25 19.42
N THR C 95 18.87 52.04 19.15
CA THR C 95 19.98 52.26 20.05
C THR C 95 19.86 53.67 20.62
N GLU C 96 19.85 53.77 21.95
CA GLU C 96 19.70 55.06 22.62
C GLU C 96 20.13 54.91 24.07
N LYS C 97 20.05 56.02 24.80
CA LYS C 97 20.40 56.04 26.22
C LYS C 97 19.30 56.72 27.04
N SER C 98 18.55 57.61 26.40
CA SER C 98 17.51 58.39 27.09
C SER C 98 16.11 58.05 26.60
N ASN C 99 15.94 56.93 25.91
CA ASN C 99 14.62 56.52 25.40
C ASN C 99 14.01 57.62 24.55
N ILE C 100 14.78 58.09 23.57
CA ILE C 100 14.31 59.18 22.71
C ILE C 100 13.08 58.74 21.92
N ILE C 101 13.13 57.53 21.36
CA ILE C 101 11.99 56.99 20.64
C ILE C 101 10.94 56.55 21.64
N ARG C 102 9.70 57.02 21.47
CA ARG C 102 8.66 56.83 22.47
C ARG C 102 7.55 55.88 22.03
N GLY C 103 7.39 55.62 20.73
CA GLY C 103 6.31 54.76 20.32
C GLY C 103 6.26 54.62 18.81
N TRP C 104 5.17 54.00 18.35
CA TRP C 104 4.96 53.71 16.94
C TRP C 104 3.49 53.89 16.58
N ILE C 105 3.25 54.13 15.29
CA ILE C 105 1.92 54.28 14.74
C ILE C 105 1.81 53.39 13.51
N PHE C 106 0.68 52.69 13.39
CA PHE C 106 0.42 51.79 12.29
C PHE C 106 -0.98 52.07 11.73
N GLY C 107 -1.13 51.90 10.44
CA GLY C 107 -2.43 52.07 9.80
C GLY C 107 -2.32 51.99 8.31
N THR C 108 -3.49 52.07 7.66
CA THR C 108 -3.58 52.03 6.20
C THR C 108 -3.61 53.44 5.61
N THR C 109 -4.54 54.28 6.08
CA THR C 109 -4.65 55.65 5.63
C THR C 109 -4.26 56.66 6.68
N LEU C 110 -4.14 56.26 7.95
CA LEU C 110 -3.73 57.16 9.02
C LEU C 110 -4.68 58.37 9.12
N ASP C 111 -5.97 58.11 8.93
CA ASP C 111 -6.99 59.15 9.01
C ASP C 111 -8.16 58.63 9.82
N SER C 112 -9.16 59.50 10.04
CA SER C 112 -10.34 59.13 10.82
C SER C 112 -11.23 58.14 10.09
N LYS C 113 -11.02 57.92 8.79
CA LYS C 113 -11.87 57.02 8.03
C LYS C 113 -11.52 55.55 8.24
N THR C 114 -10.35 55.26 8.82
CA THR C 114 -9.92 53.89 9.04
C THR C 114 -9.31 53.76 10.43
N GLN C 115 -9.50 52.60 11.04
CA GLN C 115 -8.91 52.33 12.35
C GLN C 115 -7.39 52.26 12.24
N SER C 116 -6.71 52.80 13.25
CA SER C 116 -5.26 52.82 13.28
C SER C 116 -4.77 52.53 14.69
N LEU C 117 -3.59 51.93 14.77
CA LEU C 117 -3.00 51.50 16.04
C LEU C 117 -1.90 52.48 16.46
N LEU C 118 -1.85 52.76 17.75
CA LEU C 118 -0.84 53.66 18.32
C LEU C 118 -0.32 53.06 19.62
N ILE C 119 1.00 52.89 19.70
CA ILE C 119 1.66 52.47 20.93
C ILE C 119 2.55 53.63 21.37
N VAL C 120 2.47 54.02 22.63
CA VAL C 120 3.22 55.17 23.12
C VAL C 120 3.59 54.97 24.58
N ASN C 121 4.80 55.39 24.93
CA ASN C 121 5.24 55.45 26.33
C ASN C 121 5.05 56.88 26.82
N ASN C 122 4.06 57.07 27.68
CA ASN C 122 3.68 58.41 28.15
C ASN C 122 4.58 58.91 29.27
N ALA C 123 5.74 58.30 29.48
CA ALA C 123 6.69 58.61 30.55
C ALA C 123 6.21 58.13 31.91
N THR C 124 5.00 57.60 32.00
CA THR C 124 4.45 57.01 33.22
C THR C 124 3.92 55.61 33.01
N ASN C 125 3.33 55.34 31.84
CA ASN C 125 2.82 54.02 31.52
C ASN C 125 2.77 53.87 30.01
N VAL C 126 2.67 52.63 29.56
CA VAL C 126 2.62 52.29 28.14
C VAL C 126 1.15 52.17 27.74
N VAL C 127 0.76 52.90 26.70
CA VAL C 127 -0.62 52.94 26.22
C VAL C 127 -0.64 52.38 24.81
N ILE C 128 -1.49 51.38 24.58
CA ILE C 128 -1.67 50.76 23.28
C ILE C 128 -3.15 50.88 22.92
N LYS C 129 -3.43 51.57 21.82
CA LYS C 129 -4.80 51.84 21.42
C LYS C 129 -4.98 51.51 19.94
N VAL C 130 -6.21 51.18 19.58
CA VAL C 130 -6.62 50.99 18.19
C VAL C 130 -7.89 51.81 18.02
N CYS C 131 -7.77 52.99 17.42
CA CYS C 131 -8.86 53.91 17.23
C CYS C 131 -8.70 54.61 15.89
N GLU C 132 -9.79 55.18 15.39
CA GLU C 132 -9.76 55.93 14.13
C GLU C 132 -9.14 57.31 14.40
N PHE C 133 -7.85 57.28 14.71
CA PHE C 133 -7.13 58.50 15.06
C PHE C 133 -7.05 59.43 13.86
N GLN C 134 -7.09 60.74 14.15
CA GLN C 134 -6.90 61.77 13.12
C GLN C 134 -5.46 62.26 13.22
N PHE C 135 -4.56 61.49 12.62
CA PHE C 135 -3.14 61.79 12.70
C PHE C 135 -2.82 63.11 11.98
N CYS C 136 -1.92 63.88 12.57
CA CYS C 136 -1.42 65.09 11.94
C CYS C 136 -0.40 64.74 10.86
N ASN C 137 0.03 65.76 10.11
CA ASN C 137 1.02 65.54 9.07
C ASN C 137 2.33 65.02 9.65
N ASP C 138 2.77 65.59 10.77
CA ASP C 138 4.02 65.22 11.43
C ASP C 138 3.73 64.95 12.91
N PRO C 139 3.21 63.77 13.23
CA PRO C 139 2.97 63.45 14.64
C PRO C 139 4.26 63.54 15.44
N PHE C 140 4.18 64.14 16.63
CA PHE C 140 5.37 64.42 17.42
C PHE C 140 5.02 64.77 18.85
N LEU C 141 5.59 64.05 19.80
CA LEU C 141 5.41 64.35 21.22
C LEU C 141 6.27 65.56 21.57
N GLY C 142 6.36 65.88 22.85
CA GLY C 142 7.25 66.95 23.27
C GLY C 142 7.62 66.89 24.74
N VAL C 143 8.92 66.92 25.02
CA VAL C 143 9.46 66.87 26.37
C VAL C 143 10.13 68.20 26.66
N TYR C 144 9.76 68.81 27.79
CA TYR C 144 10.26 70.12 28.19
C TYR C 144 11.26 69.95 29.32
N TYR C 145 12.41 70.61 29.19
CA TYR C 145 13.39 70.67 30.27
C TYR C 145 13.01 71.82 31.19
N HIS C 146 12.00 71.56 32.02
CA HIS C 146 11.52 72.55 32.98
C HIS C 146 12.61 72.82 34.00
N LYS C 147 13.28 73.97 33.88
CA LYS C 147 14.27 74.38 34.86
C LYS C 147 13.64 74.89 36.14
N ASN C 148 12.32 75.08 36.17
CA ASN C 148 11.68 75.78 37.28
C ASN C 148 11.91 75.06 38.59
N ASN C 149 11.38 73.85 38.77
CA ASN C 149 11.62 73.19 40.04
C ASN C 149 13.01 72.59 40.05
N LYS C 150 13.17 71.39 39.47
CA LYS C 150 14.40 70.96 38.80
C LYS C 150 14.13 69.61 38.13
N SER C 151 13.84 69.54 36.84
CA SER C 151 13.49 68.23 36.30
C SER C 151 13.30 68.28 34.79
N TRP C 152 13.29 67.09 34.19
CA TRP C 152 12.83 66.85 32.83
C TRP C 152 11.48 66.15 32.90
N MET C 153 10.53 66.57 32.07
CA MET C 153 9.23 65.92 32.06
C MET C 153 8.54 66.15 30.73
N GLU C 154 7.66 65.22 30.36
CA GLU C 154 6.93 65.32 29.11
C GLU C 154 5.84 66.39 29.23
N SER C 155 5.74 67.23 28.20
CA SER C 155 4.84 68.37 28.23
C SER C 155 3.75 68.32 27.17
N GLU C 156 4.07 67.91 25.95
CA GLU C 156 3.14 67.99 24.82
C GLU C 156 2.82 66.58 24.32
N PHE C 157 1.53 66.30 24.16
CA PHE C 157 1.03 65.06 23.56
C PHE C 157 0.28 65.46 22.29
N ARG C 158 1.01 65.55 21.18
CA ARG C 158 0.45 66.06 19.93
C ARG C 158 0.58 65.03 18.81
N VAL C 159 0.24 63.77 19.10
CA VAL C 159 0.37 62.73 18.09
C VAL C 159 -0.85 62.70 17.18
N TYR C 160 -2.05 62.84 17.73
CA TYR C 160 -3.28 62.84 16.95
C TYR C 160 -4.18 63.97 17.41
N SER C 161 -4.87 64.60 16.46
CA SER C 161 -5.75 65.71 16.79
C SER C 161 -7.01 65.24 17.53
N SER C 162 -7.63 64.17 17.04
CA SER C 162 -8.86 63.67 17.65
C SER C 162 -9.03 62.22 17.27
N ALA C 163 -9.90 61.54 18.03
CA ALA C 163 -10.21 60.13 17.80
C ALA C 163 -11.71 59.92 17.98
N ASN C 164 -12.30 59.15 17.07
CA ASN C 164 -13.73 58.85 17.12
C ASN C 164 -13.95 57.39 16.75
N ASN C 165 -15.00 56.80 17.31
CA ASN C 165 -15.37 55.41 17.06
C ASN C 165 -14.15 54.50 17.23
N CYS C 166 -13.59 54.52 18.43
CA CYS C 166 -12.44 53.69 18.73
C CYS C 166 -12.86 52.24 18.93
N THR C 167 -11.87 51.35 18.89
CA THR C 167 -12.11 49.92 19.02
C THR C 167 -11.45 49.31 20.24
N PHE C 168 -10.14 49.53 20.43
CA PHE C 168 -9.41 48.87 21.52
C PHE C 168 -8.58 49.89 22.29
N GLU C 169 -8.43 49.65 23.59
CA GLU C 169 -7.62 50.50 24.44
C GLU C 169 -7.00 49.66 25.54
N TYR C 170 -5.76 49.98 25.91
CA TYR C 170 -5.08 49.31 27.00
C TYR C 170 -4.02 50.24 27.57
N VAL C 171 -3.95 50.30 28.90
CA VAL C 171 -3.00 51.16 29.60
C VAL C 171 -2.26 50.32 30.62
N SER C 172 -0.94 50.45 30.65
CA SER C 172 -0.11 49.71 31.59
C SER C 172 -0.07 50.44 32.93
N GLN C 173 0.54 49.78 33.91
CA GLN C 173 0.65 50.35 35.25
C GLN C 173 1.60 51.54 35.25
N PRO C 174 1.44 52.45 36.21
CA PRO C 174 2.32 53.62 36.26
C PRO C 174 3.78 53.23 36.46
N PHE C 175 4.67 54.03 35.90
CA PHE C 175 6.11 53.79 35.98
C PHE C 175 6.83 55.13 36.10
N LEU C 176 8.13 55.06 36.36
CA LEU C 176 8.98 56.24 36.51
C LEU C 176 10.26 55.99 35.71
N MET C 177 10.26 56.41 34.45
CA MET C 177 11.42 56.26 33.58
C MET C 177 12.30 57.50 33.68
N ASP C 178 13.60 57.30 33.42
CA ASP C 178 14.58 58.38 33.48
C ASP C 178 14.64 59.06 32.12
N LEU C 179 14.13 60.29 32.06
CA LEU C 179 14.14 61.09 30.84
C LEU C 179 15.32 62.04 30.76
N GLU C 180 16.21 62.03 31.75
CA GLU C 180 17.34 62.95 31.76
C GLU C 180 18.32 62.58 30.64
N GLY C 181 18.78 63.59 29.91
CA GLY C 181 19.71 63.38 28.82
C GLY C 181 21.02 62.76 29.27
N LYS C 182 21.44 61.69 28.59
CA LYS C 182 22.67 60.99 28.91
C LYS C 182 23.64 61.12 27.73
N GLN C 183 24.88 61.51 28.04
CA GLN C 183 25.92 61.68 27.04
C GLN C 183 26.87 60.49 27.05
N GLY C 184 27.54 60.29 25.92
CA GLY C 184 28.49 59.20 25.75
C GLY C 184 27.99 58.17 24.76
N ASN C 185 28.67 57.03 24.76
CA ASN C 185 28.33 55.94 23.85
C ASN C 185 26.97 55.36 24.21
N PHE C 186 26.30 54.81 23.22
CA PHE C 186 24.97 54.23 23.43
C PHE C 186 25.04 53.10 24.45
N LYS C 187 24.04 53.04 25.32
CA LYS C 187 24.01 52.07 26.40
C LYS C 187 22.83 51.10 26.33
N ASN C 188 21.77 51.42 25.60
CA ASN C 188 20.60 50.56 25.51
C ASN C 188 20.29 50.28 24.04
N LEU C 189 19.98 49.01 23.75
CA LEU C 189 19.56 48.59 22.42
C LEU C 189 18.32 47.73 22.56
N ARG C 190 17.21 48.21 22.03
CA ARG C 190 15.93 47.50 22.08
C ARG C 190 15.57 47.05 20.68
N GLU C 191 15.36 45.74 20.50
CA GLU C 191 14.98 45.18 19.22
C GLU C 191 13.60 44.55 19.32
N PHE C 192 12.72 44.93 18.40
CA PHE C 192 11.34 44.47 18.38
C PHE C 192 10.99 43.94 17.00
N VAL C 193 10.03 43.02 16.97
CA VAL C 193 9.51 42.46 15.73
C VAL C 193 7.99 42.50 15.81
N PHE C 194 7.37 43.09 14.79
CA PHE C 194 5.92 43.24 14.72
C PHE C 194 5.40 42.54 13.47
N LYS C 195 4.33 41.76 13.63
CA LYS C 195 3.68 41.15 12.47
C LYS C 195 2.20 41.01 12.75
N ASN C 196 1.43 40.85 11.66
CA ASN C 196 -0.03 40.82 11.70
C ASN C 196 -0.56 39.64 10.91
N ILE C 197 0.01 38.46 11.13
CA ILE C 197 -0.41 37.26 10.39
C ILE C 197 -1.72 36.75 10.96
N ASP C 198 -2.66 36.45 10.08
CA ASP C 198 -3.96 35.87 10.47
C ASP C 198 -4.68 36.77 11.47
N GLY C 199 -4.53 38.08 11.31
CA GLY C 199 -5.20 39.01 12.19
C GLY C 199 -4.71 39.00 13.61
N TYR C 200 -3.54 38.43 13.87
CA TYR C 200 -2.95 38.38 15.20
C TYR C 200 -1.79 39.38 15.24
N PHE C 201 -1.88 40.36 16.15
CA PHE C 201 -0.86 41.39 16.25
C PHE C 201 0.23 40.89 17.17
N LYS C 202 1.19 40.17 16.58
CA LYS C 202 2.27 39.56 17.35
C LYS C 202 3.44 40.52 17.48
N ILE C 203 3.85 40.79 18.73
CA ILE C 203 4.97 41.65 19.03
C ILE C 203 5.96 40.86 19.87
N TYR C 204 7.18 40.73 19.37
CA TYR C 204 8.31 40.19 20.11
C TYR C 204 9.25 41.33 20.46
N SER C 205 9.87 41.27 21.64
CA SER C 205 10.72 42.36 22.08
C SER C 205 11.89 41.82 22.89
N LYS C 206 12.98 42.57 22.88
CA LYS C 206 14.16 42.22 23.68
C LYS C 206 15.01 43.46 23.89
N HIS C 207 15.73 43.46 25.01
CA HIS C 207 16.57 44.58 25.41
C HIS C 207 17.99 44.08 25.67
N THR C 208 18.98 44.93 25.41
CA THR C 208 20.36 44.55 25.61
C THR C 208 21.23 45.78 25.92
N PRO C 209 22.00 45.75 27.01
CA PRO C 209 23.01 46.79 27.20
C PRO C 209 24.11 46.70 26.16
N ILE C 210 24.66 47.85 25.79
CA ILE C 210 25.70 47.95 24.78
C ILE C 210 26.65 49.07 25.16
N ASN C 211 27.75 49.18 24.41
CA ASN C 211 28.72 50.26 24.60
C ASN C 211 29.32 50.57 23.24
N LEU C 212 28.73 51.56 22.55
CA LEU C 212 29.16 51.94 21.21
C LEU C 212 28.39 53.15 20.73
N VAL C 213 28.73 53.66 19.54
CA VAL C 213 28.01 54.78 18.93
C VAL C 213 27.36 54.33 17.64
N ARG C 214 27.98 53.37 16.95
CA ARG C 214 27.46 52.83 15.70
C ARG C 214 28.03 51.44 15.50
N ASP C 215 27.73 50.83 14.35
CA ASP C 215 28.27 49.52 13.99
C ASP C 215 27.90 48.48 15.05
N LEU C 216 26.61 48.17 15.07
CA LEU C 216 26.02 47.24 16.03
C LEU C 216 26.91 46.01 16.18
N PRO C 217 27.02 45.46 17.39
CA PRO C 217 28.01 44.40 17.63
C PRO C 217 27.66 43.13 16.87
N GLN C 218 28.70 42.38 16.52
CA GLN C 218 28.55 41.11 15.81
C GLN C 218 28.15 40.04 16.82
N GLY C 219 26.90 39.62 16.79
CA GLY C 219 26.42 38.62 17.72
C GLY C 219 25.02 38.17 17.33
N PHE C 220 24.54 37.16 18.05
CA PHE C 220 23.24 36.56 17.80
C PHE C 220 22.38 36.68 19.05
N SER C 221 21.18 37.21 18.89
CA SER C 221 20.22 37.37 19.98
C SER C 221 18.86 36.87 19.53
N ALA C 222 18.14 36.23 20.44
CA ALA C 222 16.84 35.64 20.14
C ALA C 222 15.74 36.55 20.67
N LEU C 223 14.92 37.06 19.76
CA LEU C 223 13.77 37.87 20.16
C LEU C 223 12.79 37.02 20.96
N GLU C 224 12.26 37.59 22.05
CA GLU C 224 11.30 36.89 22.88
C GLU C 224 9.89 37.41 22.63
N PRO C 225 8.86 36.56 22.76
CA PRO C 225 7.49 37.01 22.50
C PRO C 225 6.99 37.90 23.63
N LEU C 226 6.65 39.15 23.29
CA LEU C 226 6.18 40.10 24.29
C LEU C 226 4.67 40.05 24.45
N VAL C 227 3.91 40.05 23.35
CA VAL C 227 2.46 40.08 23.43
C VAL C 227 1.87 39.63 22.10
N ASP C 228 0.63 39.18 22.13
CA ASP C 228 -0.16 38.84 20.95
C ASP C 228 -1.49 39.58 21.07
N LEU C 229 -1.51 40.84 20.64
CA LEU C 229 -2.69 41.66 20.79
C LEU C 229 -3.74 41.34 19.73
N PRO C 230 -5.04 41.47 20.07
CA PRO C 230 -6.14 41.16 19.13
C PRO C 230 -6.51 42.32 18.20
N ILE C 231 -5.78 42.43 17.10
CA ILE C 231 -6.04 43.45 16.09
C ILE C 231 -6.23 42.75 14.75
N GLY C 232 -7.40 42.91 14.16
CA GLY C 232 -7.71 42.32 12.87
C GLY C 232 -7.60 43.33 11.74
N ILE C 233 -6.96 44.46 12.01
CA ILE C 233 -6.81 45.52 11.01
C ILE C 233 -5.82 45.06 9.95
N ASN C 234 -5.69 45.82 8.87
CA ASN C 234 -4.94 45.39 7.70
C ASN C 234 -3.73 46.28 7.47
N ILE C 235 -2.98 46.57 8.54
CA ILE C 235 -1.83 47.47 8.51
C ILE C 235 -1.04 47.29 7.23
N THR C 236 -0.69 48.41 6.58
CA THR C 236 0.20 48.41 5.44
C THR C 236 1.28 49.49 5.52
N ARG C 237 1.14 50.47 6.42
CA ARG C 237 2.15 51.50 6.63
C ARG C 237 2.27 51.75 8.13
N PHE C 238 3.43 52.29 8.53
CA PHE C 238 3.69 52.55 9.93
C PHE C 238 4.58 53.76 10.07
N GLN C 239 4.58 54.33 11.28
CA GLN C 239 5.39 55.50 11.60
C GLN C 239 5.94 55.34 13.01
N THR C 240 7.00 56.10 13.30
CA THR C 240 7.66 56.06 14.59
C THR C 240 7.46 57.38 15.32
N LEU C 241 7.37 57.30 16.64
CA LEU C 241 7.16 58.47 17.49
C LEU C 241 8.49 58.89 18.10
N LEU C 242 8.92 60.11 17.81
CA LEU C 242 10.18 60.65 18.27
C LEU C 242 9.93 61.83 19.21
N ALA C 243 10.68 61.86 20.31
CA ALA C 243 10.58 62.91 21.31
C ALA C 243 11.78 63.82 21.20
N LEU C 244 11.54 65.13 21.14
CA LEU C 244 12.59 66.13 21.01
C LEU C 244 12.48 67.13 22.15
N HIS C 245 13.64 67.66 22.56
CA HIS C 245 13.71 68.63 23.64
C HIS C 245 13.45 70.04 23.09
N ARG C 246 12.69 70.82 23.84
CA ARG C 246 12.37 72.17 23.41
C ARG C 246 13.63 73.04 23.41
N SER C 247 13.67 73.99 22.48
CA SER C 247 14.87 74.81 22.27
C SER C 247 14.85 76.09 23.11
N TYR C 248 13.83 76.92 22.92
CA TYR C 248 13.81 78.21 23.61
C TYR C 248 13.69 78.06 25.12
N LEU C 249 13.09 76.96 25.58
CA LEU C 249 13.03 76.72 27.03
C LEU C 249 14.42 76.55 27.61
N THR C 250 15.30 75.85 26.89
CA THR C 250 16.71 75.69 27.27
C THR C 250 17.53 76.20 26.09
N PRO C 251 17.82 77.50 26.04
CA PRO C 251 18.39 78.09 24.81
C PRO C 251 19.71 77.42 24.43
N GLY C 252 19.78 76.87 23.21
CA GLY C 252 18.66 76.77 22.28
C GLY C 252 18.36 78.05 21.53
N ASP C 253 17.19 78.64 21.83
CA ASP C 253 16.70 79.88 21.22
C ASP C 253 16.25 79.74 19.76
N SER C 254 15.49 78.69 19.48
CA SER C 254 14.89 78.47 18.16
C SER C 254 13.41 78.21 18.35
N SER C 255 12.58 79.00 17.67
CA SER C 255 11.13 78.87 17.79
C SER C 255 10.49 79.30 16.48
N SER C 256 9.85 78.38 15.76
CA SER C 256 9.74 76.97 16.11
C SER C 256 11.08 76.26 15.95
N GLY C 257 11.48 75.52 16.98
CA GLY C 257 12.74 74.80 16.94
C GLY C 257 12.76 73.68 17.94
N TRP C 258 13.52 72.64 17.62
CA TRP C 258 13.64 71.47 18.48
C TRP C 258 15.03 70.86 18.30
N THR C 259 15.45 70.08 19.29
CA THR C 259 16.73 69.39 19.27
C THR C 259 16.50 67.92 19.59
N ALA C 260 17.25 67.05 18.93
CA ALA C 260 17.10 65.61 19.08
C ALA C 260 18.26 65.05 19.91
N GLY C 261 17.91 64.29 20.94
CA GLY C 261 18.94 63.59 21.70
C GLY C 261 19.53 62.45 20.89
N ALA C 262 20.80 62.15 21.18
CA ALA C 262 21.54 61.15 20.43
C ALA C 262 20.82 59.81 20.44
N ALA C 263 20.33 59.38 19.28
CA ALA C 263 19.66 58.09 19.16
C ALA C 263 19.70 57.66 17.70
N ALA C 264 19.47 56.36 17.48
CA ALA C 264 19.38 55.85 16.12
C ALA C 264 18.47 54.64 16.11
N TYR C 265 17.95 54.32 14.92
CA TYR C 265 17.13 53.12 14.77
C TYR C 265 17.23 52.57 13.36
N TYR C 266 17.19 51.26 13.27
CA TYR C 266 17.25 50.51 12.03
C TYR C 266 15.89 49.87 11.76
N VAL C 267 15.43 49.97 10.52
CA VAL C 267 14.14 49.42 10.10
C VAL C 267 14.40 48.38 9.01
N GLY C 268 13.81 47.20 9.17
CA GLY C 268 13.96 46.14 8.20
C GLY C 268 12.65 45.41 7.96
N TYR C 269 12.58 44.75 6.82
CA TYR C 269 11.38 44.02 6.40
C TYR C 269 11.68 42.52 6.36
N LEU C 270 10.76 41.73 6.90
CA LEU C 270 10.90 40.28 6.94
C LEU C 270 10.36 39.66 5.65
N GLN C 271 10.86 38.48 5.34
CA GLN C 271 10.45 37.74 4.16
C GLN C 271 10.27 36.28 4.54
N PRO C 272 9.51 35.52 3.75
CA PRO C 272 9.34 34.09 4.06
C PRO C 272 10.63 33.30 3.84
N ARG C 273 11.21 32.80 4.93
CA ARG C 273 12.47 32.07 4.87
C ARG C 273 12.39 30.87 5.81
N THR C 274 13.25 29.89 5.54
CA THR C 274 13.39 28.71 6.37
C THR C 274 14.67 28.82 7.19
N PHE C 275 14.54 28.76 8.51
CA PHE C 275 15.65 28.93 9.42
C PHE C 275 15.83 27.66 10.25
N LEU C 276 17.09 27.27 10.46
CA LEU C 276 17.43 26.14 11.32
C LEU C 276 17.93 26.72 12.65
N LEU C 277 17.15 26.54 13.71
CA LEU C 277 17.44 27.09 15.02
C LEU C 277 17.92 25.98 15.94
N LYS C 278 19.01 26.25 16.67
CA LYS C 278 19.60 25.29 17.60
C LYS C 278 19.12 25.62 19.01
N TYR C 279 18.18 24.82 19.51
CA TYR C 279 17.68 24.98 20.88
C TYR C 279 18.59 24.20 21.82
N ASN C 280 19.18 24.91 22.78
CA ASN C 280 20.09 24.28 23.73
C ASN C 280 19.30 23.47 24.76
N GLU C 281 20.02 22.90 25.73
CA GLU C 281 19.36 22.10 26.76
C GLU C 281 18.38 22.93 27.56
N ASN C 282 18.73 24.19 27.85
CA ASN C 282 17.88 25.07 28.64
C ASN C 282 16.68 25.57 27.86
N GLY C 283 16.64 25.37 26.54
CA GLY C 283 15.51 25.80 25.73
C GLY C 283 15.66 27.16 25.11
N THR C 284 16.84 27.77 25.18
CA THR C 284 17.07 29.10 24.61
C THR C 284 17.80 28.94 23.28
N ILE C 285 17.26 29.57 22.24
CA ILE C 285 17.88 29.49 20.92
C ILE C 285 19.27 30.10 21.00
N THR C 286 20.29 29.29 20.71
CA THR C 286 21.67 29.74 20.77
C THR C 286 22.22 30.17 19.42
N ASP C 287 21.71 29.62 18.32
CA ASP C 287 22.19 29.99 17.00
C ASP C 287 21.12 29.69 15.97
N ALA C 288 21.20 30.38 14.85
CA ALA C 288 20.26 30.22 13.75
C ALA C 288 21.02 30.24 12.42
N VAL C 289 20.60 29.38 11.50
CA VAL C 289 21.21 29.28 10.18
C VAL C 289 20.14 29.60 9.16
N ASP C 290 20.44 30.55 8.26
CA ASP C 290 19.51 30.91 7.20
C ASP C 290 19.71 29.98 6.01
N CYS C 291 18.61 29.42 5.50
CA CYS C 291 18.67 28.40 4.46
C CYS C 291 19.32 28.94 3.18
N ALA C 292 18.69 29.92 2.55
CA ALA C 292 19.16 30.42 1.26
C ALA C 292 20.57 30.99 1.38
N LEU C 293 20.71 32.09 2.13
CA LEU C 293 21.96 32.82 2.32
C LEU C 293 23.03 32.44 1.30
N ASP C 294 23.74 31.33 1.55
CA ASP C 294 24.83 30.87 0.72
C ASP C 294 24.68 29.38 0.45
N PRO C 295 25.36 28.87 -0.58
CA PRO C 295 25.22 27.42 -0.88
C PRO C 295 25.58 26.53 0.30
N LEU C 296 26.57 26.91 1.10
CA LEU C 296 26.98 26.08 2.22
C LEU C 296 25.84 25.92 3.22
N SER C 297 25.11 27.00 3.49
CA SER C 297 24.01 26.92 4.44
C SER C 297 22.94 25.94 3.97
N GLU C 298 22.67 25.91 2.67
CA GLU C 298 21.69 24.97 2.14
C GLU C 298 22.07 23.53 2.47
N THR C 299 23.36 23.21 2.38
CA THR C 299 23.81 21.88 2.76
C THR C 299 23.56 21.61 4.24
N LYS C 300 23.84 22.60 5.09
CA LYS C 300 23.65 22.41 6.53
C LYS C 300 22.18 22.13 6.85
N CYS C 301 21.26 22.88 6.23
CA CYS C 301 19.84 22.65 6.49
C CYS C 301 19.40 21.28 6.01
N THR C 302 19.89 20.86 4.84
CA THR C 302 19.50 19.56 4.32
C THR C 302 19.92 18.43 5.26
N LEU C 303 21.13 18.51 5.80
CA LEU C 303 21.60 17.51 6.75
C LEU C 303 21.09 17.74 8.16
N LYS C 304 20.43 18.87 8.42
CA LYS C 304 19.92 19.18 9.75
C LYS C 304 21.03 19.13 10.80
N SER C 305 22.21 19.61 10.42
CA SER C 305 23.37 19.60 11.30
C SER C 305 24.20 20.86 11.06
N PHE C 306 24.76 21.41 12.14
CA PHE C 306 25.63 22.57 12.02
C PHE C 306 27.00 22.21 11.46
N THR C 307 27.40 20.95 11.57
CA THR C 307 28.69 20.48 11.09
C THR C 307 28.49 19.58 9.89
N VAL C 308 29.19 19.87 8.79
CA VAL C 308 29.10 19.10 7.56
C VAL C 308 30.46 18.49 7.29
N GLU C 309 30.49 17.17 7.10
CA GLU C 309 31.74 16.47 6.84
C GLU C 309 32.11 16.59 5.36
N LYS C 310 33.35 16.23 5.06
CA LYS C 310 33.84 16.26 3.69
C LYS C 310 33.01 15.33 2.82
N GLY C 311 32.59 15.81 1.66
CA GLY C 311 31.80 15.02 0.75
C GLY C 311 31.03 15.90 -0.21
N ILE C 312 30.13 15.25 -0.95
CA ILE C 312 29.28 15.92 -1.94
C ILE C 312 27.83 15.60 -1.61
N TYR C 313 27.00 16.64 -1.54
CA TYR C 313 25.59 16.49 -1.22
C TYR C 313 24.75 17.25 -2.23
N GLN C 314 23.65 16.62 -2.66
CA GLN C 314 22.74 17.22 -3.64
C GLN C 314 21.72 18.05 -2.87
N THR C 315 21.98 19.36 -2.79
CA THR C 315 21.14 20.23 -1.97
C THR C 315 19.73 20.35 -2.55
N SER C 316 19.61 20.66 -3.84
CA SER C 316 18.32 20.91 -4.45
C SER C 316 18.44 20.77 -5.96
N ASN C 317 17.42 21.23 -6.68
CA ASN C 317 17.39 21.19 -8.13
C ASN C 317 17.12 22.58 -8.67
N PHE C 318 17.57 22.83 -9.90
CA PHE C 318 17.45 24.13 -10.54
C PHE C 318 16.70 24.00 -11.86
N ARG C 319 15.82 24.96 -12.12
CA ARG C 319 15.06 25.00 -13.37
C ARG C 319 15.06 26.43 -13.89
N VAL C 320 15.08 26.56 -15.22
CA VAL C 320 15.07 27.86 -15.89
C VAL C 320 13.66 28.11 -16.41
N GLN C 321 13.04 29.19 -15.95
CA GLN C 321 11.67 29.50 -16.32
C GLN C 321 11.60 30.13 -17.70
N PRO C 322 10.46 30.00 -18.39
CA PRO C 322 10.31 30.67 -19.68
C PRO C 322 10.44 32.18 -19.54
N THR C 323 11.08 32.80 -20.54
CA THR C 323 11.42 34.21 -20.42
C THR C 323 10.18 35.08 -20.29
N GLU C 324 9.40 35.24 -21.37
CA GLU C 324 8.11 35.92 -21.23
C GLU C 324 6.93 35.07 -21.70
N SER C 325 6.93 34.66 -22.98
CA SER C 325 5.81 33.91 -23.55
C SER C 325 6.08 33.69 -25.04
N ILE C 326 5.20 32.91 -25.66
CA ILE C 326 5.05 32.86 -27.11
C ILE C 326 3.75 32.15 -27.44
N VAL C 327 3.10 32.58 -28.53
CA VAL C 327 1.87 31.93 -29.00
C VAL C 327 1.87 32.02 -30.52
N ARG C 328 1.94 30.87 -31.19
CA ARG C 328 1.86 30.80 -32.65
C ARG C 328 0.49 30.27 -33.04
N PHE C 329 -0.17 30.96 -33.95
CA PHE C 329 -1.51 30.59 -34.40
C PHE C 329 -1.64 30.94 -35.88
N PRO C 330 -2.61 30.33 -36.57
CA PRO C 330 -2.80 30.63 -38.00
C PRO C 330 -3.50 31.97 -38.20
N ASN C 331 -3.86 32.27 -39.46
CA ASN C 331 -4.49 33.54 -39.77
C ASN C 331 -5.69 33.79 -38.87
N ILE C 332 -5.96 35.07 -38.62
CA ILE C 332 -7.03 35.47 -37.72
C ILE C 332 -8.37 35.26 -38.41
N THR C 333 -9.41 35.05 -37.60
CA THR C 333 -10.77 34.83 -38.08
C THR C 333 -11.67 35.96 -37.58
N ASN C 334 -12.92 35.93 -38.05
CA ASN C 334 -13.90 36.96 -37.69
C ASN C 334 -14.68 36.54 -36.44
N LEU C 335 -15.48 37.47 -35.94
CA LEU C 335 -16.26 37.22 -34.74
C LEU C 335 -17.43 36.29 -35.03
N CYS C 336 -17.85 35.56 -33.99
CA CYS C 336 -18.96 34.63 -34.12
C CYS C 336 -20.29 35.37 -34.03
N PRO C 337 -21.37 34.79 -34.58
CA PRO C 337 -22.70 35.43 -34.50
C PRO C 337 -23.47 35.02 -33.24
N PHE C 338 -22.99 35.50 -32.09
CA PHE C 338 -23.62 35.17 -30.82
C PHE C 338 -24.84 36.03 -30.52
N GLY C 339 -25.11 37.06 -31.33
CA GLY C 339 -26.28 37.88 -31.09
C GLY C 339 -27.57 37.10 -31.18
N GLU C 340 -27.68 36.22 -32.18
CA GLU C 340 -28.88 35.40 -32.32
C GLU C 340 -29.00 34.36 -31.22
N VAL C 341 -27.91 34.05 -30.52
CA VAL C 341 -27.97 33.05 -29.47
C VAL C 341 -28.79 33.55 -28.28
N PHE C 342 -28.57 34.81 -27.88
CA PHE C 342 -29.21 35.39 -26.71
C PHE C 342 -30.17 36.53 -27.04
N ASN C 343 -29.83 37.36 -28.03
CA ASN C 343 -30.65 38.53 -28.35
C ASN C 343 -31.79 38.20 -29.31
N ALA C 344 -31.93 36.94 -29.73
CA ALA C 344 -33.01 36.58 -30.63
C ALA C 344 -34.36 36.79 -29.94
N THR C 345 -35.43 36.60 -30.72
CA THR C 345 -36.78 36.86 -30.25
C THR C 345 -37.52 35.62 -29.77
N ARG C 346 -37.24 34.46 -30.37
CA ARG C 346 -37.95 33.22 -30.04
C ARG C 346 -36.96 32.08 -29.87
N PHE C 347 -37.34 31.10 -29.06
CA PHE C 347 -36.55 29.91 -28.80
C PHE C 347 -37.36 28.67 -29.16
N ALA C 348 -36.76 27.50 -28.97
CA ALA C 348 -37.38 26.22 -29.30
C ALA C 348 -37.95 25.57 -28.05
N SER C 349 -38.64 24.45 -28.25
CA SER C 349 -39.24 23.71 -27.17
C SER C 349 -38.20 22.83 -26.48
N VAL C 350 -38.55 22.35 -25.28
CA VAL C 350 -37.64 21.50 -24.53
C VAL C 350 -37.39 20.20 -25.28
N TYR C 351 -38.44 19.58 -25.81
CA TYR C 351 -38.27 18.31 -26.52
C TYR C 351 -37.60 18.52 -27.87
N ALA C 352 -38.00 19.54 -28.61
CA ALA C 352 -37.41 19.86 -29.91
C ALA C 352 -36.36 20.95 -29.76
N TRP C 353 -35.37 20.69 -28.90
CA TRP C 353 -34.31 21.67 -28.69
C TRP C 353 -33.50 21.87 -29.96
N ASN C 354 -33.29 23.13 -30.32
CA ASN C 354 -32.62 23.46 -31.57
C ASN C 354 -31.11 23.34 -31.41
N ARG C 355 -30.48 22.60 -32.32
CA ARG C 355 -29.05 22.36 -32.31
C ARG C 355 -28.39 23.20 -33.39
N LYS C 356 -27.33 23.91 -33.02
CA LYS C 356 -26.58 24.75 -33.94
C LYS C 356 -25.09 24.45 -33.80
N ARG C 357 -24.37 24.60 -34.91
CA ARG C 357 -22.94 24.38 -34.95
C ARG C 357 -22.22 25.73 -34.95
N ILE C 358 -21.28 25.90 -34.03
CA ILE C 358 -20.51 27.13 -33.90
C ILE C 358 -19.04 26.78 -34.16
N SER C 359 -18.47 27.43 -35.17
CA SER C 359 -17.07 27.23 -35.56
C SER C 359 -16.76 28.25 -36.66
N ASN C 360 -15.51 28.23 -37.12
CA ASN C 360 -15.08 29.11 -38.21
C ASN C 360 -15.32 30.58 -37.86
N CYS C 361 -15.06 30.94 -36.60
CA CYS C 361 -15.23 32.31 -36.15
C CYS C 361 -14.56 32.45 -34.80
N VAL C 362 -14.45 33.69 -34.33
CA VAL C 362 -13.81 34.01 -33.05
C VAL C 362 -14.90 34.11 -32.00
N ALA C 363 -14.74 33.33 -30.92
CA ALA C 363 -15.72 33.30 -29.84
C ALA C 363 -15.30 34.26 -28.74
N ASP C 364 -16.16 35.24 -28.46
CA ASP C 364 -15.94 36.22 -27.40
C ASP C 364 -17.12 36.14 -26.44
N TYR C 365 -16.93 35.50 -25.30
CA TYR C 365 -17.97 35.32 -24.29
C TYR C 365 -17.96 36.42 -23.24
N SER C 366 -17.47 37.60 -23.57
CA SER C 366 -17.49 38.70 -22.61
C SER C 366 -18.91 39.05 -22.20
N VAL C 367 -19.82 39.12 -23.16
CA VAL C 367 -21.21 39.48 -22.88
C VAL C 367 -21.89 38.45 -21.99
N LEU C 368 -21.42 37.20 -22.01
CA LEU C 368 -22.08 36.16 -21.24
C LEU C 368 -22.08 36.49 -19.75
N TYR C 369 -20.95 36.97 -19.23
CA TYR C 369 -20.85 37.31 -17.81
C TYR C 369 -20.93 38.82 -17.56
N ASN C 370 -20.72 39.65 -18.57
CA ASN C 370 -20.87 41.09 -18.38
C ASN C 370 -22.31 41.44 -18.04
N SER C 371 -23.27 40.83 -18.73
CA SER C 371 -24.69 41.06 -18.48
C SER C 371 -25.19 39.91 -17.60
N ALA C 372 -25.22 40.15 -16.29
CA ALA C 372 -25.65 39.13 -15.35
C ALA C 372 -27.17 39.09 -15.23
N SER C 373 -27.85 38.94 -16.37
CA SER C 373 -29.30 38.86 -16.42
C SER C 373 -29.81 37.42 -16.46
N PHE C 374 -28.92 36.44 -16.34
CA PHE C 374 -29.30 35.03 -16.40
C PHE C 374 -29.34 34.47 -14.98
N SER C 375 -30.48 33.88 -14.62
CA SER C 375 -30.64 33.34 -13.27
C SER C 375 -29.65 32.22 -12.99
N THR C 376 -29.46 31.32 -13.95
CA THR C 376 -28.57 30.17 -13.82
C THR C 376 -27.48 30.26 -14.88
N PHE C 377 -26.22 30.18 -14.43
CA PHE C 377 -25.07 30.24 -15.33
C PHE C 377 -23.99 29.35 -14.72
N LYS C 378 -23.91 28.11 -15.21
CA LYS C 378 -23.01 27.12 -14.59
C LYS C 378 -22.23 26.39 -15.68
N CYS C 379 -20.92 26.31 -15.50
CA CYS C 379 -20.02 25.63 -16.42
C CYS C 379 -19.39 24.44 -15.71
N TYR C 380 -19.50 23.26 -16.33
CA TYR C 380 -18.90 22.04 -15.82
C TYR C 380 -17.83 21.58 -16.80
N GLY C 381 -16.62 21.35 -16.29
CA GLY C 381 -15.50 20.98 -17.12
C GLY C 381 -14.82 22.14 -17.82
N VAL C 382 -15.22 23.37 -17.54
CA VAL C 382 -14.58 24.55 -18.12
C VAL C 382 -14.78 25.72 -17.16
N SER C 383 -13.76 26.55 -17.03
CA SER C 383 -13.82 27.65 -16.07
C SER C 383 -14.82 28.69 -16.54
N PRO C 384 -15.79 29.09 -15.71
CA PRO C 384 -16.72 30.14 -16.13
C PRO C 384 -16.04 31.45 -16.47
N THR C 385 -14.95 31.79 -15.77
CA THR C 385 -14.27 33.07 -16.00
C THR C 385 -13.20 32.98 -17.08
N LYS C 386 -12.60 31.81 -17.29
CA LYS C 386 -11.55 31.62 -18.28
C LYS C 386 -12.09 31.23 -19.64
N LEU C 387 -13.39 31.41 -19.87
CA LEU C 387 -13.97 31.02 -21.16
C LEU C 387 -13.33 31.78 -22.31
N ASN C 388 -12.79 32.96 -22.05
CA ASN C 388 -12.16 33.79 -23.08
C ASN C 388 -10.70 33.40 -23.33
N ASP C 389 -10.17 32.42 -22.61
CA ASP C 389 -8.79 31.99 -22.75
C ASP C 389 -8.72 30.49 -23.05
N LEU C 390 -9.54 30.05 -23.99
CA LEU C 390 -9.60 28.64 -24.37
C LEU C 390 -9.81 28.53 -25.88
N CYS C 391 -9.41 27.38 -26.42
CA CYS C 391 -9.55 27.10 -27.85
C CYS C 391 -10.23 25.75 -28.03
N PHE C 392 -11.08 25.66 -29.05
CA PHE C 392 -11.79 24.43 -29.35
C PHE C 392 -12.08 24.37 -30.84
N THR C 393 -12.24 23.15 -31.35
CA THR C 393 -12.50 22.97 -32.77
C THR C 393 -13.93 23.35 -33.13
N ASN C 394 -14.89 22.98 -32.30
CA ASN C 394 -16.30 23.20 -32.61
C ASN C 394 -17.10 23.29 -31.31
N VAL C 395 -18.30 23.83 -31.42
CA VAL C 395 -19.23 23.91 -30.30
C VAL C 395 -20.63 23.57 -30.77
N TYR C 396 -21.35 22.80 -29.97
CA TYR C 396 -22.77 22.55 -30.17
C TYR C 396 -23.56 23.47 -29.25
N ALA C 397 -24.51 24.22 -29.82
CA ALA C 397 -25.39 25.10 -29.06
C ALA C 397 -26.80 24.53 -29.10
N ASP C 398 -27.32 24.16 -27.94
CA ASP C 398 -28.67 23.63 -27.79
C ASP C 398 -29.52 24.71 -27.14
N SER C 399 -30.44 25.28 -27.91
CA SER C 399 -31.32 26.34 -27.43
C SER C 399 -32.74 25.80 -27.31
N PHE C 400 -33.37 26.04 -26.16
CA PHE C 400 -34.72 25.54 -25.94
C PHE C 400 -35.35 26.32 -24.79
N VAL C 401 -36.58 25.94 -24.44
CA VAL C 401 -37.31 26.54 -23.34
C VAL C 401 -37.85 25.41 -22.46
N ILE C 402 -37.62 25.51 -21.16
CA ILE C 402 -38.02 24.50 -20.20
C ILE C 402 -38.83 25.15 -19.09
N ARG C 403 -39.21 24.33 -18.10
CA ARG C 403 -39.93 24.81 -16.93
C ARG C 403 -38.97 25.19 -15.83
N GLY C 404 -39.39 26.15 -15.00
CA GLY C 404 -38.54 26.59 -13.91
C GLY C 404 -38.19 25.48 -12.93
N ASP C 405 -39.21 24.69 -12.55
CA ASP C 405 -38.96 23.58 -11.63
C ASP C 405 -38.12 22.48 -12.25
N GLU C 406 -38.06 22.42 -13.58
CA GLU C 406 -37.30 21.39 -14.29
C GLU C 406 -35.83 21.76 -14.47
N VAL C 407 -35.41 22.93 -13.99
CA VAL C 407 -34.01 23.32 -14.10
C VAL C 407 -33.13 22.33 -13.35
N ARG C 408 -33.60 21.86 -12.19
CA ARG C 408 -32.82 20.89 -11.42
C ARG C 408 -32.56 19.62 -12.22
N GLN C 409 -33.46 19.27 -13.13
CA GLN C 409 -33.27 18.07 -13.94
C GLN C 409 -32.14 18.22 -14.95
N ILE C 410 -31.76 19.44 -15.30
CA ILE C 410 -30.70 19.69 -16.28
C ILE C 410 -29.39 19.77 -15.51
N ALA C 411 -28.61 18.71 -15.58
CA ALA C 411 -27.30 18.64 -14.93
C ALA C 411 -26.61 17.35 -15.38
N PRO C 412 -25.29 17.28 -15.25
CA PRO C 412 -24.58 16.06 -15.66
C PRO C 412 -25.08 14.85 -14.88
N GLY C 413 -25.41 13.79 -15.61
CA GLY C 413 -25.89 12.57 -14.98
C GLY C 413 -27.09 12.77 -14.09
N GLN C 414 -28.05 13.55 -14.55
CA GLN C 414 -29.25 13.87 -13.77
C GLN C 414 -30.42 13.04 -14.24
N THR C 415 -31.40 12.89 -13.34
CA THR C 415 -32.61 12.11 -13.61
C THR C 415 -33.83 13.02 -13.45
N GLY C 416 -34.82 12.80 -14.31
CA GLY C 416 -36.02 13.60 -14.27
C GLY C 416 -36.77 13.49 -15.58
N LYS C 417 -37.92 14.18 -15.63
CA LYS C 417 -38.74 14.15 -16.83
C LYS C 417 -37.98 14.70 -18.03
N ILE C 418 -37.40 15.90 -17.89
CA ILE C 418 -36.61 16.47 -18.98
C ILE C 418 -35.32 15.68 -19.16
N ALA C 419 -34.69 15.28 -18.07
CA ALA C 419 -33.43 14.55 -18.15
C ALA C 419 -33.58 13.19 -18.79
N ASP C 420 -34.80 12.68 -18.90
CA ASP C 420 -35.06 11.34 -19.43
C ASP C 420 -35.73 11.36 -20.80
N TYR C 421 -36.81 12.13 -20.96
CA TYR C 421 -37.63 12.06 -22.15
C TYR C 421 -37.42 13.22 -23.12
N ASN C 422 -36.69 14.25 -22.72
CA ASN C 422 -36.52 15.42 -23.57
C ASN C 422 -35.07 15.80 -23.79
N TYR C 423 -34.21 15.65 -22.79
CA TYR C 423 -32.81 16.03 -22.91
C TYR C 423 -31.98 15.18 -21.97
N LYS C 424 -30.67 15.12 -22.24
CA LYS C 424 -29.77 14.34 -21.40
C LYS C 424 -28.35 14.86 -21.61
N LEU C 425 -27.54 14.74 -20.57
CA LEU C 425 -26.14 15.14 -20.60
C LEU C 425 -25.28 14.00 -20.04
N PRO C 426 -24.03 13.91 -20.46
CA PRO C 426 -23.16 12.84 -19.96
C PRO C 426 -22.67 13.12 -18.55
N ASP C 427 -22.15 12.06 -17.92
CA ASP C 427 -21.62 12.18 -16.57
C ASP C 427 -20.38 13.07 -16.52
N ASP C 428 -19.78 13.37 -17.67
CA ASP C 428 -18.60 14.24 -17.73
C ASP C 428 -18.87 15.39 -18.68
N PHE C 429 -20.03 16.03 -18.55
CA PHE C 429 -20.40 17.13 -19.42
C PHE C 429 -19.34 18.21 -19.39
N THR C 430 -18.78 18.52 -20.56
CA THR C 430 -17.76 19.56 -20.70
C THR C 430 -18.40 20.72 -21.46
N GLY C 431 -19.05 21.62 -20.72
CA GLY C 431 -19.70 22.75 -21.35
C GLY C 431 -20.40 23.60 -20.31
N CYS C 432 -21.11 24.62 -20.82
CA CYS C 432 -21.79 25.59 -19.99
C CYS C 432 -23.29 25.55 -20.25
N VAL C 433 -24.06 25.90 -19.22
CA VAL C 433 -25.51 25.99 -19.29
C VAL C 433 -25.92 27.36 -18.78
N ILE C 434 -26.76 28.05 -19.54
CA ILE C 434 -27.23 29.39 -19.22
C ILE C 434 -28.75 29.37 -19.35
N ALA C 435 -29.44 29.45 -18.23
CA ALA C 435 -30.90 29.44 -18.19
C ALA C 435 -31.39 30.73 -17.53
N TRP C 436 -32.31 31.42 -18.20
CA TRP C 436 -32.87 32.66 -17.69
C TRP C 436 -34.37 32.68 -17.94
N ASN C 437 -35.12 33.20 -16.96
CA ASN C 437 -36.57 33.24 -17.08
C ASN C 437 -36.99 34.05 -18.30
N SER C 438 -37.94 33.50 -19.06
CA SER C 438 -38.47 34.13 -20.25
C SER C 438 -39.99 34.28 -20.16
N ASN C 439 -40.47 34.68 -18.98
CA ASN C 439 -41.91 34.81 -18.77
C ASN C 439 -42.52 35.79 -19.76
N ASN C 440 -42.10 37.06 -19.69
CA ASN C 440 -42.67 38.07 -20.58
C ASN C 440 -42.39 37.76 -22.04
N LEU C 441 -41.28 37.08 -22.32
CA LEU C 441 -40.88 36.80 -23.69
C LEU C 441 -41.50 35.53 -24.27
N ASP C 442 -41.99 34.62 -23.41
CA ASP C 442 -42.50 33.35 -23.90
C ASP C 442 -43.77 32.91 -23.17
N SER C 443 -44.49 33.82 -22.53
CA SER C 443 -45.74 33.50 -21.84
C SER C 443 -46.85 34.42 -22.33
N LYS C 444 -47.98 33.84 -22.68
CA LYS C 444 -49.16 34.59 -23.10
C LYS C 444 -50.09 34.78 -21.92
N VAL C 445 -50.92 35.83 -22.00
CA VAL C 445 -51.85 36.14 -20.92
C VAL C 445 -52.79 34.96 -20.69
N GLY C 446 -53.34 34.41 -21.77
CA GLY C 446 -54.18 33.23 -21.66
C GLY C 446 -53.42 31.93 -21.46
N GLY C 447 -52.13 31.93 -21.79
CA GLY C 447 -51.31 30.73 -21.63
C GLY C 447 -50.60 30.36 -22.92
N ASN C 448 -49.28 30.28 -22.85
CA ASN C 448 -48.46 29.92 -24.03
C ASN C 448 -48.33 28.41 -24.08
N TYR C 449 -49.17 27.78 -24.90
CA TYR C 449 -49.19 26.33 -25.04
C TYR C 449 -48.35 25.84 -26.21
N ASN C 450 -47.65 26.72 -26.91
CA ASN C 450 -46.86 26.30 -28.06
C ASN C 450 -45.76 25.34 -27.65
N TYR C 451 -45.07 25.63 -26.55
CA TYR C 451 -43.99 24.77 -26.10
C TYR C 451 -44.55 23.48 -25.50
N LEU C 452 -43.97 22.35 -25.90
CA LEU C 452 -44.41 21.04 -25.43
C LEU C 452 -43.20 20.26 -24.92
N TYR C 453 -43.47 19.29 -24.05
CA TYR C 453 -42.44 18.43 -23.49
C TYR C 453 -42.90 16.98 -23.55
N ARG C 454 -41.97 16.08 -23.82
CA ARG C 454 -42.26 14.65 -23.94
C ARG C 454 -42.50 14.08 -22.54
N LEU C 455 -43.76 13.93 -22.17
CA LEU C 455 -44.10 13.42 -20.85
C LEU C 455 -43.90 11.91 -20.74
N PHE C 456 -44.01 11.19 -21.86
CA PHE C 456 -43.92 9.73 -21.87
C PHE C 456 -42.91 9.27 -22.91
N ARG C 457 -42.15 8.24 -22.56
CA ARG C 457 -41.20 7.62 -23.47
C ARG C 457 -40.76 6.29 -22.88
N LYS C 458 -40.67 5.27 -23.74
CA LYS C 458 -40.35 3.93 -23.27
C LYS C 458 -38.95 3.87 -22.65
N SER C 459 -37.98 4.52 -23.29
CA SER C 459 -36.59 4.47 -22.86
C SER C 459 -36.07 5.88 -22.59
N ASN C 460 -35.15 5.97 -21.64
CA ASN C 460 -34.54 7.26 -21.31
C ASN C 460 -33.61 7.71 -22.44
N LEU C 461 -33.62 9.01 -22.70
CA LEU C 461 -32.79 9.56 -23.76
C LEU C 461 -31.32 9.49 -23.39
N LYS C 462 -30.50 9.12 -24.38
CA LYS C 462 -29.05 9.15 -24.21
C LYS C 462 -28.55 10.58 -24.27
N PRO C 463 -27.34 10.84 -23.77
CA PRO C 463 -26.81 12.21 -23.82
C PRO C 463 -26.76 12.74 -25.24
N PHE C 464 -27.10 14.02 -25.40
CA PHE C 464 -27.09 14.67 -26.70
C PHE C 464 -27.95 13.91 -27.71
N GLU C 465 -29.13 13.49 -27.27
CA GLU C 465 -30.08 12.76 -28.10
C GLU C 465 -31.42 13.47 -28.12
N ARG C 466 -32.04 13.53 -29.29
CA ARG C 466 -33.33 14.16 -29.46
C ARG C 466 -34.36 13.12 -29.88
N ASP C 467 -35.59 13.30 -29.40
CA ASP C 467 -36.72 12.43 -29.75
C ASP C 467 -37.88 13.32 -30.19
N ILE C 468 -38.08 13.42 -31.51
CA ILE C 468 -39.16 14.22 -32.07
C ILE C 468 -40.34 13.35 -32.52
N SER C 469 -40.41 12.12 -32.04
CA SER C 469 -41.51 11.23 -32.42
C SER C 469 -42.83 11.78 -31.92
N THR C 470 -43.84 11.77 -32.80
CA THR C 470 -45.17 12.26 -32.48
C THR C 470 -46.19 11.14 -32.38
N GLU C 471 -45.76 9.88 -32.49
CA GLU C 471 -46.69 8.76 -32.41
C GLU C 471 -47.30 8.68 -31.01
N ILE C 472 -48.56 8.23 -30.95
CA ILE C 472 -49.25 8.15 -29.68
C ILE C 472 -48.55 7.15 -28.78
N TYR C 473 -48.18 7.60 -27.58
CA TYR C 473 -47.52 6.72 -26.63
C TYR C 473 -48.51 5.71 -26.07
N GLN C 474 -48.04 4.47 -25.90
CA GLN C 474 -48.87 3.37 -25.40
C GLN C 474 -48.21 2.80 -24.15
N ALA C 475 -48.85 2.99 -23.00
CA ALA C 475 -48.36 2.46 -21.74
C ALA C 475 -48.86 1.07 -21.44
N GLY C 476 -49.78 0.54 -22.24
CA GLY C 476 -50.31 -0.79 -22.02
C GLY C 476 -50.07 -1.72 -23.20
N SER C 477 -50.77 -2.85 -23.23
CA SER C 477 -50.64 -3.84 -24.30
C SER C 477 -51.74 -3.73 -25.34
N THR C 478 -52.60 -2.71 -25.25
CA THR C 478 -53.68 -2.54 -26.20
C THR C 478 -53.21 -1.68 -27.37
N PRO C 479 -53.16 -2.19 -28.59
CA PRO C 479 -52.73 -1.36 -29.71
C PRO C 479 -53.62 -0.14 -29.88
N CYS C 480 -52.98 1.00 -30.20
CA CYS C 480 -53.74 2.23 -30.41
C CYS C 480 -54.45 2.24 -31.76
N ASN C 481 -53.81 1.71 -32.80
CA ASN C 481 -54.39 1.67 -34.14
C ASN C 481 -54.78 3.08 -34.58
N GLY C 482 -53.94 4.05 -34.26
CA GLY C 482 -54.22 5.42 -34.65
C GLY C 482 -55.30 6.10 -33.84
N VAL C 483 -55.63 5.57 -32.67
CA VAL C 483 -56.67 6.12 -31.80
C VAL C 483 -56.06 6.44 -30.45
N GLU C 484 -56.31 7.64 -29.95
CA GLU C 484 -55.79 8.08 -28.66
C GLU C 484 -56.88 7.96 -27.60
N GLY C 485 -56.51 7.41 -26.45
CA GLY C 485 -57.46 7.21 -25.38
C GLY C 485 -56.88 6.36 -24.25
N PHE C 486 -57.64 5.36 -23.82
CA PHE C 486 -57.16 4.46 -22.77
C PHE C 486 -55.90 3.75 -23.24
N ASN C 487 -54.87 3.76 -22.41
CA ASN C 487 -53.57 3.17 -22.73
C ASN C 487 -52.96 3.76 -24.00
N CYS C 488 -53.40 4.96 -24.39
CA CYS C 488 -52.90 5.60 -25.61
C CYS C 488 -53.00 7.11 -25.40
N TYR C 489 -51.87 7.74 -25.11
CA TYR C 489 -51.80 9.18 -24.86
C TYR C 489 -50.66 9.79 -25.67
N PHE C 490 -50.84 11.05 -26.03
CA PHE C 490 -49.82 11.75 -26.80
C PHE C 490 -48.55 11.90 -25.96
N PRO C 491 -47.38 11.52 -26.48
CA PRO C 491 -46.15 11.66 -25.68
C PRO C 491 -45.85 13.09 -25.29
N LEU C 492 -46.25 14.06 -26.11
CA LEU C 492 -45.95 15.47 -25.87
C LEU C 492 -47.16 16.13 -25.19
N GLN C 493 -46.88 16.87 -24.12
CA GLN C 493 -47.90 17.63 -23.41
C GLN C 493 -47.45 19.09 -23.31
N SER C 494 -48.44 19.99 -23.30
CA SER C 494 -48.18 21.42 -23.31
C SER C 494 -48.03 21.95 -21.89
N TYR C 495 -47.50 23.16 -21.80
CA TYR C 495 -47.29 23.84 -20.53
C TYR C 495 -48.26 25.02 -20.40
N GLY C 496 -48.62 25.34 -19.16
CA GLY C 496 -49.47 26.48 -18.88
C GLY C 496 -48.67 27.73 -18.60
N PHE C 497 -47.74 28.07 -19.49
CA PHE C 497 -46.89 29.24 -19.29
C PHE C 497 -47.72 30.51 -19.36
N GLN C 498 -47.89 31.16 -18.23
CA GLN C 498 -48.65 32.40 -18.13
C GLN C 498 -47.86 33.43 -17.33
N PRO C 499 -48.10 34.72 -17.55
CA PRO C 499 -47.39 35.74 -16.76
C PRO C 499 -47.67 35.63 -15.27
N THR C 500 -48.87 35.20 -14.88
CA THR C 500 -49.22 35.06 -13.47
C THR C 500 -48.70 33.75 -12.87
N ASN C 501 -48.25 32.81 -13.70
CA ASN C 501 -47.75 31.54 -13.18
C ASN C 501 -46.50 31.77 -12.33
N GLY C 502 -46.34 30.93 -11.31
CA GLY C 502 -45.22 31.05 -10.41
C GLY C 502 -43.90 30.80 -11.09
N VAL C 503 -42.82 31.11 -10.37
CA VAL C 503 -41.47 30.95 -10.92
C VAL C 503 -41.23 29.49 -11.30
N GLY C 504 -41.71 28.56 -10.48
CA GLY C 504 -41.53 27.15 -10.77
C GLY C 504 -42.27 26.68 -12.01
N TYR C 505 -43.31 27.39 -12.42
CA TYR C 505 -44.08 27.04 -13.61
C TYR C 505 -43.80 27.94 -14.80
N GLN C 506 -43.08 29.05 -14.62
CA GLN C 506 -42.82 29.97 -15.70
C GLN C 506 -41.81 29.37 -16.68
N PRO C 507 -41.81 29.83 -17.93
CA PRO C 507 -40.85 29.31 -18.91
C PRO C 507 -39.49 29.96 -18.76
N TYR C 508 -38.44 29.15 -18.97
CA TYR C 508 -37.07 29.61 -18.88
C TYR C 508 -36.35 29.23 -20.17
N ARG C 509 -35.74 30.22 -20.83
CA ARG C 509 -34.93 29.96 -22.01
C ARG C 509 -33.56 29.45 -21.57
N VAL C 510 -33.14 28.34 -22.15
CA VAL C 510 -31.90 27.66 -21.75
C VAL C 510 -31.05 27.45 -23.00
N VAL C 511 -29.78 27.83 -22.91
CA VAL C 511 -28.78 27.58 -23.94
C VAL C 511 -27.66 26.77 -23.33
N VAL C 512 -27.35 25.63 -23.94
CA VAL C 512 -26.29 24.74 -23.50
C VAL C 512 -25.22 24.71 -24.57
N LEU C 513 -24.00 25.12 -24.22
CA LEU C 513 -22.88 25.14 -25.15
C LEU C 513 -21.92 24.03 -24.75
N SER C 514 -21.72 23.07 -25.65
CA SER C 514 -20.81 21.95 -25.44
C SER C 514 -19.63 22.09 -26.39
N PHE C 515 -18.42 22.17 -25.85
CA PHE C 515 -17.23 22.39 -26.64
C PHE C 515 -16.62 21.05 -27.06
N GLU C 516 -15.76 21.10 -28.09
CA GLU C 516 -15.11 19.89 -28.58
C GLU C 516 -13.88 20.26 -29.38
N LEU C 517 -12.74 19.69 -28.99
CA LEU C 517 -11.45 19.92 -29.62
C LEU C 517 -10.91 18.58 -30.11
N LEU C 518 -10.94 18.36 -31.42
CA LEU C 518 -10.46 17.14 -32.03
C LEU C 518 -9.24 17.44 -32.91
N HIS C 519 -8.71 16.39 -33.54
CA HIS C 519 -7.55 16.50 -34.42
C HIS C 519 -7.97 17.11 -35.75
N ALA C 520 -8.25 18.42 -35.71
CA ALA C 520 -8.65 19.17 -36.88
C ALA C 520 -8.27 20.62 -36.67
N PRO C 521 -8.19 21.41 -37.75
CA PRO C 521 -7.82 22.83 -37.60
C PRO C 521 -8.78 23.55 -36.66
N ALA C 522 -8.24 24.05 -35.56
CA ALA C 522 -9.04 24.79 -34.59
C ALA C 522 -9.51 26.10 -35.18
N THR C 523 -10.72 26.52 -34.81
CA THR C 523 -11.31 27.75 -35.33
C THR C 523 -11.90 28.67 -34.25
N VAL C 524 -12.17 28.16 -33.05
CA VAL C 524 -12.75 28.95 -31.97
C VAL C 524 -11.66 29.25 -30.95
N CYS C 525 -11.41 30.53 -30.72
CA CYS C 525 -10.37 30.95 -29.79
C CYS C 525 -10.67 32.37 -29.32
N GLY C 526 -9.84 32.86 -28.41
CA GLY C 526 -9.97 34.18 -27.86
C GLY C 526 -9.00 35.18 -28.49
N PRO C 527 -8.51 36.14 -27.68
CA PRO C 527 -7.59 37.15 -28.23
C PRO C 527 -6.20 36.62 -28.51
N LYS C 528 -6.01 36.03 -29.68
CA LYS C 528 -4.75 35.41 -30.07
C LYS C 528 -3.80 36.44 -30.69
N LYS C 529 -3.38 37.40 -29.87
CA LYS C 529 -2.48 38.47 -30.33
C LYS C 529 -1.20 38.45 -29.51
N SER C 530 -0.26 37.56 -29.86
CA SER C 530 1.13 37.73 -29.45
C SER C 530 2.10 37.34 -30.56
N THR C 531 1.66 36.47 -31.47
CA THR C 531 2.50 35.99 -32.56
C THR C 531 3.85 35.48 -32.12
N ASN C 532 4.92 36.04 -32.70
CA ASN C 532 6.29 35.75 -32.29
C ASN C 532 6.76 34.36 -32.67
N LEU C 533 8.05 34.24 -33.02
CA LEU C 533 8.71 32.96 -33.26
C LEU C 533 10.06 32.91 -32.56
N VAL C 534 10.09 33.29 -31.28
CA VAL C 534 11.33 33.31 -30.52
C VAL C 534 11.97 31.93 -30.59
N LYS C 535 13.21 31.87 -31.06
CA LYS C 535 13.91 30.62 -31.30
C LYS C 535 15.13 30.51 -30.39
N ASN C 536 15.41 29.30 -29.94
CA ASN C 536 16.52 29.04 -29.02
C ASN C 536 16.38 29.88 -27.75
N LYS C 537 15.18 29.90 -27.20
CA LYS C 537 14.89 30.72 -26.03
C LYS C 537 13.61 30.24 -25.34
N CYS C 538 13.72 29.86 -24.08
CA CYS C 538 12.57 29.30 -23.37
C CYS C 538 11.46 30.34 -23.25
N VAL C 539 10.22 29.86 -23.41
CA VAL C 539 9.05 30.74 -23.43
C VAL C 539 7.80 29.95 -23.10
N ASN C 540 6.79 30.63 -22.53
CA ASN C 540 5.49 30.02 -22.26
C ASN C 540 4.75 29.87 -23.57
N PHE C 541 4.97 28.71 -24.21
CA PHE C 541 4.44 28.51 -25.56
C PHE C 541 2.99 28.07 -25.51
N ASN C 542 2.25 28.48 -26.54
CA ASN C 542 0.85 28.09 -26.75
C ASN C 542 0.60 27.67 -28.19
N PHE C 543 1.60 27.07 -28.85
CA PHE C 543 1.49 26.70 -30.26
C PHE C 543 0.19 25.95 -30.56
N ASN C 544 -0.62 26.50 -31.45
CA ASN C 544 -1.83 25.86 -31.91
C ASN C 544 -2.70 25.41 -30.74
N GLY C 545 -2.73 26.22 -29.68
CA GLY C 545 -3.56 25.92 -28.52
C GLY C 545 -2.83 25.14 -27.45
N LEU C 546 -1.93 24.25 -27.86
CA LEU C 546 -1.18 23.43 -26.90
C LEU C 546 -0.33 24.32 -25.99
N THR C 547 -0.64 24.33 -24.70
CA THR C 547 0.09 25.15 -23.75
C THR C 547 1.30 24.37 -23.23
N GLY C 548 2.29 25.12 -22.73
CA GLY C 548 3.44 24.54 -22.07
C GLY C 548 4.63 25.47 -22.10
N THR C 549 5.82 24.88 -21.93
CA THR C 549 7.07 25.61 -22.05
C THR C 549 8.15 24.67 -22.57
N GLY C 550 9.10 25.23 -23.29
CA GLY C 550 10.20 24.45 -23.83
C GLY C 550 11.14 25.33 -24.62
N VAL C 551 12.33 24.78 -24.86
CA VAL C 551 13.37 25.45 -25.64
C VAL C 551 13.31 24.92 -27.06
N LEU C 552 13.27 25.83 -28.04
CA LEU C 552 13.11 25.47 -29.44
C LEU C 552 14.46 25.52 -30.14
N THR C 553 14.77 24.45 -30.87
CA THR C 553 16.01 24.37 -31.64
C THR C 553 15.70 23.88 -33.04
N GLU C 554 16.53 24.31 -33.99
CA GLU C 554 16.35 23.90 -35.37
C GLU C 554 16.65 22.41 -35.53
N SER C 555 15.89 21.76 -36.43
CA SER C 555 16.02 20.33 -36.66
C SER C 555 16.23 20.08 -38.14
N ASN C 556 17.09 19.10 -38.45
CA ASN C 556 17.37 18.70 -39.82
C ASN C 556 16.48 17.59 -40.32
N LYS C 557 15.57 17.09 -39.49
CA LYS C 557 14.69 16.01 -39.89
C LYS C 557 13.73 16.46 -40.99
N LYS C 558 13.41 15.52 -41.88
CA LYS C 558 12.46 15.77 -42.96
C LYS C 558 11.12 15.16 -42.56
N PHE C 559 10.07 15.98 -42.59
CA PHE C 559 8.75 15.60 -42.11
C PHE C 559 7.75 15.59 -43.26
N LEU C 560 6.73 14.75 -43.13
CA LEU C 560 5.68 14.69 -44.14
C LEU C 560 4.96 16.05 -44.20
N PRO C 561 4.49 16.47 -45.37
CA PRO C 561 3.94 17.83 -45.50
C PRO C 561 2.54 18.01 -44.95
N PHE C 562 2.00 17.08 -44.15
CA PHE C 562 0.62 17.15 -43.70
C PHE C 562 0.50 17.36 -42.19
N GLN C 563 1.09 16.49 -41.38
CA GLN C 563 0.92 16.56 -39.95
C GLN C 563 1.60 17.81 -39.37
N GLN C 564 1.38 18.04 -38.08
CA GLN C 564 1.91 19.23 -37.43
C GLN C 564 2.60 18.93 -36.11
N PHE C 565 2.20 17.85 -35.45
CA PHE C 565 2.69 17.52 -34.12
C PHE C 565 4.07 16.84 -34.22
N GLY C 566 4.52 16.23 -33.14
CA GLY C 566 5.70 15.39 -33.18
C GLY C 566 5.88 14.59 -31.91
N ARG C 567 6.04 13.28 -32.03
CA ARG C 567 6.05 12.38 -30.89
C ARG C 567 7.19 11.39 -31.02
N ASP C 568 7.61 10.86 -29.87
CA ASP C 568 8.69 9.88 -29.78
C ASP C 568 8.15 8.60 -29.13
N ILE C 569 9.06 7.68 -28.83
CA ILE C 569 8.66 6.41 -28.21
C ILE C 569 8.02 6.64 -26.85
N ALA C 570 8.44 7.70 -26.15
CA ALA C 570 7.93 7.98 -24.81
C ALA C 570 6.55 8.63 -24.82
N ASP C 571 6.01 8.95 -26.00
CA ASP C 571 4.70 9.58 -26.11
C ASP C 571 4.69 10.96 -25.46
N THR C 572 5.71 11.76 -25.79
CA THR C 572 5.81 13.13 -25.33
C THR C 572 6.18 14.01 -26.51
N THR C 573 5.68 15.25 -26.48
CA THR C 573 5.94 16.18 -27.57
C THR C 573 7.43 16.39 -27.75
N ASP C 574 7.90 16.23 -28.98
CA ASP C 574 9.31 16.38 -29.29
C ASP C 574 9.56 17.34 -30.45
N ALA C 575 8.71 17.32 -31.47
CA ALA C 575 8.87 18.19 -32.63
C ALA C 575 7.53 18.81 -32.98
N VAL C 576 7.57 19.97 -33.64
CA VAL C 576 6.37 20.69 -34.04
C VAL C 576 6.64 21.35 -35.38
N ARG C 577 5.61 21.37 -36.24
CA ARG C 577 5.68 22.04 -37.52
C ARG C 577 4.99 23.39 -37.41
N ASP C 578 5.71 24.46 -37.76
CA ASP C 578 5.14 25.79 -37.66
C ASP C 578 3.97 25.93 -38.64
N PRO C 579 2.79 26.36 -38.18
CA PRO C 579 1.65 26.43 -39.11
C PRO C 579 1.89 27.36 -40.29
N GLN C 580 2.65 28.44 -40.10
CA GLN C 580 2.85 29.40 -41.18
C GLN C 580 4.00 28.98 -42.10
N THR C 581 5.12 28.57 -41.52
CA THR C 581 6.30 28.18 -42.27
C THR C 581 6.49 26.67 -42.20
N LEU C 582 6.83 26.07 -43.34
CA LEU C 582 7.01 24.63 -43.43
C LEU C 582 8.41 24.26 -42.92
N GLU C 583 8.57 24.41 -41.60
CA GLU C 583 9.81 24.10 -40.92
C GLU C 583 9.52 23.33 -39.65
N ILE C 584 10.48 22.52 -39.21
CA ILE C 584 10.35 21.66 -38.05
C ILE C 584 11.19 22.23 -36.92
N LEU C 585 10.59 22.34 -35.73
CA LEU C 585 11.24 22.87 -34.55
C LEU C 585 11.20 21.81 -33.45
N ASP C 586 12.36 21.52 -32.85
CA ASP C 586 12.45 20.53 -31.79
C ASP C 586 12.37 21.21 -30.43
N ILE C 587 11.52 20.68 -29.56
CA ILE C 587 11.31 21.23 -28.22
C ILE C 587 12.05 20.36 -27.23
N THR C 588 12.85 21.00 -26.37
CA THR C 588 13.68 20.33 -25.38
C THR C 588 13.46 20.97 -24.02
N PRO C 589 13.74 20.25 -22.94
CA PRO C 589 13.61 20.83 -21.60
C PRO C 589 14.54 22.02 -21.44
N CYS C 590 14.29 22.81 -20.40
CA CYS C 590 15.02 24.06 -20.23
C CYS C 590 16.41 23.82 -19.65
N SER C 591 16.48 23.37 -18.39
CA SER C 591 17.76 23.05 -17.78
C SER C 591 17.80 21.70 -17.09
N PHE C 592 16.74 21.33 -16.38
CA PHE C 592 16.73 20.13 -15.54
C PHE C 592 18.01 20.13 -14.69
N GLY C 593 18.44 18.97 -14.23
CA GLY C 593 19.68 18.86 -13.48
C GLY C 593 19.58 19.35 -12.06
N GLY C 594 20.40 18.78 -11.16
CA GLY C 594 20.44 19.17 -9.78
C GLY C 594 21.71 19.95 -9.43
N VAL C 595 21.78 20.36 -8.17
CA VAL C 595 22.91 21.12 -7.64
C VAL C 595 23.53 20.31 -6.52
N SER C 596 24.85 20.16 -6.57
CA SER C 596 25.61 19.47 -5.54
C SER C 596 26.63 20.43 -4.95
N VAL C 597 26.79 20.38 -3.63
CA VAL C 597 27.71 21.25 -2.91
C VAL C 597 28.92 20.42 -2.52
N ILE C 598 30.06 20.67 -3.17
CA ILE C 598 31.31 20.00 -2.86
C ILE C 598 32.03 20.86 -1.82
N THR C 599 32.10 20.37 -0.59
CA THR C 599 32.70 21.12 0.50
C THR C 599 33.53 20.18 1.37
N PRO C 600 34.74 20.59 1.78
CA PRO C 600 35.45 19.81 2.80
C PRO C 600 34.77 19.93 4.15
N GLY C 601 35.25 19.19 5.14
CA GLY C 601 34.68 19.28 6.46
C GLY C 601 34.69 20.69 6.99
N THR C 602 33.56 21.16 7.53
CA THR C 602 33.49 22.51 8.06
C THR C 602 34.57 22.75 9.12
N ASN C 603 34.94 21.70 9.86
CA ASN C 603 36.05 21.81 10.79
C ASN C 603 37.35 22.10 10.06
N THR C 604 37.45 21.70 8.78
CA THR C 604 38.65 21.95 8.00
C THR C 604 38.67 23.37 7.46
N SER C 605 37.67 23.72 6.65
CA SER C 605 37.60 25.04 6.05
C SER C 605 36.14 25.36 5.73
N ASN C 606 35.92 26.49 5.06
CA ASN C 606 34.58 26.95 4.73
C ASN C 606 34.33 27.09 3.23
N GLN C 607 35.37 27.09 2.40
CA GLN C 607 35.17 27.24 0.96
C GLN C 607 34.37 26.07 0.41
N VAL C 608 33.52 26.37 -0.56
CA VAL C 608 32.65 25.37 -1.18
C VAL C 608 32.64 25.57 -2.68
N ALA C 609 32.20 24.54 -3.41
CA ALA C 609 32.05 24.59 -4.84
C ALA C 609 30.67 24.05 -5.22
N VAL C 610 30.16 24.50 -6.37
CA VAL C 610 28.82 24.16 -6.82
C VAL C 610 28.94 23.38 -8.13
N LEU C 611 28.31 22.21 -8.18
CA LEU C 611 28.29 21.36 -9.37
C LEU C 611 26.85 21.28 -9.86
N TYR C 612 26.61 21.83 -11.05
CA TYR C 612 25.31 21.74 -11.70
C TYR C 612 25.34 20.56 -12.66
N GLN C 613 24.48 19.57 -12.40
CA GLN C 613 24.54 18.32 -13.14
C GLN C 613 24.15 18.52 -14.60
N ASP C 614 24.91 17.89 -15.48
CA ASP C 614 24.61 17.76 -16.92
C ASP C 614 23.93 19.02 -17.48
N VAL C 615 24.57 20.15 -17.25
CA VAL C 615 24.11 21.43 -17.80
C VAL C 615 25.32 22.20 -18.31
N ASN C 616 25.16 22.85 -19.46
CA ASN C 616 26.24 23.65 -20.02
C ASN C 616 26.59 24.79 -19.08
N CYS C 617 27.88 25.15 -19.04
CA CYS C 617 28.35 26.18 -18.12
C CYS C 617 27.81 27.56 -18.47
N THR C 618 27.25 27.75 -19.66
CA THR C 618 26.72 29.05 -20.06
C THR C 618 25.33 29.31 -19.50
N GLU C 619 24.65 28.29 -18.98
CA GLU C 619 23.29 28.43 -18.46
C GLU C 619 23.24 28.56 -16.94
N VAL C 620 24.39 28.53 -16.26
CA VAL C 620 24.39 28.61 -14.80
C VAL C 620 23.85 29.94 -14.29
N PRO C 621 24.22 31.10 -14.85
CA PRO C 621 23.80 32.36 -14.21
C PRO C 621 22.29 32.59 -14.24
N VAL C 622 21.57 31.90 -15.13
CA VAL C 622 20.12 32.08 -15.23
C VAL C 622 19.35 31.06 -14.39
N ALA C 623 20.03 30.05 -13.83
CA ALA C 623 19.36 29.02 -13.07
C ALA C 623 18.94 29.53 -11.70
N ILE C 624 17.69 30.00 -11.60
CA ILE C 624 17.11 30.52 -10.37
C ILE C 624 18.15 31.33 -9.59
N HIS C 625 18.85 32.22 -10.28
CA HIS C 625 19.86 33.08 -9.67
C HIS C 625 19.47 34.54 -9.90
N ALA C 626 20.37 35.44 -9.50
CA ALA C 626 20.18 36.89 -9.58
C ALA C 626 19.08 37.39 -8.66
N ASP C 627 18.61 36.56 -7.73
CA ASP C 627 17.59 36.97 -6.77
C ASP C 627 17.91 36.57 -5.33
N GLN C 628 18.99 35.83 -5.10
CA GLN C 628 19.35 35.40 -3.76
C GLN C 628 20.31 36.44 -3.15
N LEU C 629 20.93 36.09 -2.03
CA LEU C 629 21.85 37.02 -1.37
C LEU C 629 22.96 37.42 -2.33
N THR C 630 23.16 38.74 -2.47
CA THR C 630 24.11 39.24 -3.44
C THR C 630 25.55 38.84 -3.13
N PRO C 631 26.05 38.93 -1.90
CA PRO C 631 27.48 38.72 -1.65
C PRO C 631 27.89 37.26 -1.51
N THR C 632 27.00 36.31 -1.72
CA THR C 632 27.32 34.90 -1.51
C THR C 632 27.02 34.01 -2.71
N TRP C 633 25.95 34.30 -3.45
CA TRP C 633 25.53 33.41 -4.53
C TRP C 633 26.17 33.76 -5.86
N ARG C 634 26.35 35.05 -6.15
CA ARG C 634 26.93 35.44 -7.43
C ARG C 634 28.36 34.92 -7.58
N VAL C 635 29.14 34.95 -6.50
CA VAL C 635 30.51 34.47 -6.56
C VAL C 635 30.55 33.00 -6.94
N TYR C 636 29.61 32.22 -6.42
CA TYR C 636 29.52 30.80 -6.73
C TYR C 636 28.69 30.50 -7.97
N SER C 637 28.09 31.51 -8.58
CA SER C 637 27.31 31.32 -9.80
C SER C 637 28.10 31.61 -11.08
N THR C 638 29.05 32.54 -11.02
CA THR C 638 29.86 32.87 -12.18
C THR C 638 31.13 33.53 -11.70
N GLY C 639 32.28 32.89 -11.96
CA GLY C 639 33.55 33.43 -11.55
C GLY C 639 34.70 33.02 -12.45
N SER C 640 35.93 33.14 -11.96
CA SER C 640 37.09 32.76 -12.77
C SER C 640 37.23 31.24 -12.85
N ASN C 641 36.75 30.51 -11.85
CA ASN C 641 36.86 29.05 -11.81
C ASN C 641 35.55 28.47 -12.32
N VAL C 642 35.52 28.16 -13.62
CA VAL C 642 34.37 27.53 -14.26
C VAL C 642 34.90 26.41 -15.13
N PHE C 643 34.64 25.17 -14.73
CA PHE C 643 35.13 23.98 -15.43
C PHE C 643 33.96 23.20 -16.00
N GLN C 644 34.16 22.64 -17.20
CA GLN C 644 33.14 21.84 -17.87
C GLN C 644 33.59 20.38 -17.84
N THR C 645 32.71 19.51 -17.31
CA THR C 645 32.99 18.09 -17.22
C THR C 645 31.77 17.31 -17.66
N ARG C 646 32.00 16.05 -18.04
CA ARG C 646 30.89 15.21 -18.48
C ARG C 646 29.81 15.10 -17.42
N ALA C 647 30.18 15.19 -16.14
CA ALA C 647 29.20 15.12 -15.07
C ALA C 647 28.38 16.39 -14.94
N GLY C 648 28.86 17.50 -15.47
CA GLY C 648 28.15 18.76 -15.39
C GLY C 648 29.14 19.92 -15.44
N CYS C 649 28.74 21.02 -14.80
CA CYS C 649 29.55 22.22 -14.73
C CYS C 649 29.94 22.50 -13.29
N LEU C 650 31.22 22.70 -13.05
CA LEU C 650 31.75 22.95 -11.72
C LEU C 650 32.17 24.41 -11.59
N ILE C 651 31.81 25.04 -10.48
CA ILE C 651 32.13 26.43 -10.21
C ILE C 651 32.73 26.52 -8.81
N GLY C 652 33.80 27.31 -8.69
CA GLY C 652 34.50 27.45 -7.43
C GLY C 652 35.68 26.52 -7.23
N ALA C 653 35.94 25.63 -8.19
CA ALA C 653 37.06 24.70 -8.11
C ALA C 653 38.01 24.98 -9.27
N GLU C 654 39.30 25.06 -8.96
CA GLU C 654 40.32 25.34 -9.95
C GLU C 654 40.82 24.02 -10.56
N HIS C 655 40.75 23.92 -11.88
CA HIS C 655 41.19 22.71 -12.56
C HIS C 655 42.71 22.68 -12.63
N VAL C 656 43.27 21.48 -12.45
CA VAL C 656 44.72 21.27 -12.50
C VAL C 656 45.00 20.05 -13.37
N ASN C 657 46.23 19.99 -13.87
CA ASN C 657 46.66 18.91 -14.74
C ASN C 657 47.34 17.76 -13.99
N ASN C 658 47.40 17.83 -12.66
CA ASN C 658 48.00 16.77 -11.87
C ASN C 658 47.04 15.60 -11.75
N SER C 659 47.44 14.59 -10.99
CA SER C 659 46.62 13.39 -10.80
C SER C 659 46.93 12.82 -9.42
N TYR C 660 45.99 12.95 -8.50
CA TYR C 660 46.11 12.43 -7.15
C TYR C 660 44.99 11.44 -6.88
N GLU C 661 45.08 10.78 -5.73
CA GLU C 661 44.04 9.84 -5.33
C GLU C 661 42.72 10.57 -5.14
N CYS C 662 41.63 9.92 -5.53
CA CYS C 662 40.31 10.53 -5.41
C CYS C 662 39.97 10.82 -3.96
N ASP C 663 39.48 12.03 -3.71
CA ASP C 663 39.02 12.44 -2.38
C ASP C 663 37.53 12.71 -2.34
N ILE C 664 37.04 13.57 -3.22
CA ILE C 664 35.61 13.84 -3.37
C ILE C 664 35.20 13.44 -4.78
N PRO C 665 34.60 12.27 -4.97
CA PRO C 665 34.29 11.82 -6.33
C PRO C 665 33.19 12.63 -6.98
N ILE C 666 33.54 13.43 -8.00
CA ILE C 666 32.55 14.18 -8.74
C ILE C 666 31.89 13.29 -9.79
N GLY C 667 32.69 12.64 -10.63
CA GLY C 667 32.16 11.75 -11.63
C GLY C 667 32.92 11.81 -12.94
N ALA C 668 32.66 10.85 -13.83
CA ALA C 668 33.32 10.78 -15.13
C ALA C 668 34.83 10.75 -14.96
N GLY C 669 35.30 10.08 -13.91
CA GLY C 669 36.72 10.00 -13.66
C GLY C 669 37.34 11.30 -13.19
N ILE C 670 36.55 12.21 -12.63
CA ILE C 670 37.03 13.48 -12.13
C ILE C 670 36.66 13.59 -10.65
N CYS C 671 37.63 13.97 -9.83
CA CYS C 671 37.44 14.13 -8.39
C CYS C 671 37.87 15.52 -7.99
N ALA C 672 37.65 15.84 -6.71
CA ALA C 672 37.98 17.14 -6.16
C ALA C 672 38.71 16.97 -4.83
N SER C 673 39.53 17.96 -4.49
CA SER C 673 40.30 17.94 -3.26
C SER C 673 40.50 19.36 -2.77
N TYR C 674 41.02 19.49 -1.56
CA TYR C 674 41.26 20.77 -0.91
C TYR C 674 42.75 20.99 -0.64
N GLN C 675 43.59 20.64 -1.62
CA GLN C 675 45.02 20.84 -1.48
C GLN C 675 45.37 22.30 -1.75
N THR C 676 46.62 22.66 -1.42
CA THR C 676 47.11 24.02 -1.64
C THR C 676 47.00 24.41 -3.10
N SER C 689 45.70 30.82 -0.08
CA SER C 689 46.53 29.68 -0.40
C SER C 689 45.69 28.43 -0.65
N GLN C 690 45.18 27.85 0.44
CA GLN C 690 44.36 26.66 0.32
C GLN C 690 43.06 26.97 -0.42
N SER C 691 42.64 26.04 -1.28
CA SER C 691 41.43 26.20 -2.06
C SER C 691 40.97 24.82 -2.51
N ILE C 692 39.88 24.80 -3.28
CA ILE C 692 39.31 23.56 -3.82
C ILE C 692 39.74 23.43 -5.27
N ILE C 693 40.24 22.25 -5.64
CA ILE C 693 40.69 21.97 -6.99
C ILE C 693 39.99 20.72 -7.49
N ALA C 694 39.84 20.63 -8.81
CA ALA C 694 39.26 19.47 -9.48
C ALA C 694 40.29 18.89 -10.43
N TYR C 695 40.48 17.57 -10.36
CA TYR C 695 41.49 16.89 -11.15
C TYR C 695 40.96 15.54 -11.59
N THR C 696 41.80 14.79 -12.29
CA THR C 696 41.48 13.43 -12.73
C THR C 696 42.10 12.43 -11.77
N MET C 697 41.29 11.47 -11.31
CA MET C 697 41.76 10.50 -10.35
C MET C 697 42.88 9.66 -10.94
N SER C 698 43.88 9.36 -10.11
CA SER C 698 45.01 8.53 -10.50
C SER C 698 44.75 7.10 -10.05
N LEU C 699 44.75 6.16 -11.00
CA LEU C 699 44.43 4.76 -10.70
C LEU C 699 45.70 4.04 -10.24
N GLY C 700 46.18 4.44 -9.07
CA GLY C 700 47.34 3.82 -8.46
C GLY C 700 48.64 4.37 -8.99
N ALA C 701 49.72 3.86 -8.43
CA ALA C 701 51.08 4.28 -8.80
C ALA C 701 51.62 3.38 -9.91
N GLU C 702 52.32 3.99 -10.86
CA GLU C 702 52.90 3.25 -11.96
C GLU C 702 53.99 2.31 -11.46
N ASN C 703 54.08 1.13 -12.08
CA ASN C 703 55.09 0.15 -11.73
C ASN C 703 55.42 -0.69 -12.96
N SER C 704 56.60 -1.29 -12.94
CA SER C 704 57.05 -2.13 -14.06
C SER C 704 57.91 -3.25 -13.49
N VAL C 705 57.47 -4.49 -13.67
CA VAL C 705 58.21 -5.65 -13.19
C VAL C 705 59.30 -5.98 -14.18
N ALA C 706 60.53 -6.15 -13.69
CA ALA C 706 61.69 -6.48 -14.52
C ALA C 706 61.62 -7.96 -14.91
N TYR C 707 60.61 -8.29 -15.72
CA TYR C 707 60.41 -9.66 -16.13
C TYR C 707 61.53 -10.14 -17.04
N SER C 708 61.95 -11.38 -16.84
CA SER C 708 62.96 -12.00 -17.68
C SER C 708 62.73 -13.50 -17.69
N ASN C 709 63.27 -14.16 -18.72
CA ASN C 709 63.08 -15.60 -18.90
C ASN C 709 64.07 -16.44 -18.11
N ASN C 710 65.03 -15.82 -17.42
CA ASN C 710 66.00 -16.58 -16.64
C ASN C 710 66.31 -15.93 -15.29
N SER C 711 65.40 -15.11 -14.76
CA SER C 711 65.58 -14.45 -13.47
C SER C 711 64.34 -14.64 -12.62
N ILE C 712 64.56 -14.93 -11.33
CA ILE C 712 63.48 -15.15 -10.38
C ILE C 712 63.79 -14.39 -9.10
N ALA C 713 62.79 -13.73 -8.54
CA ALA C 713 62.93 -12.99 -7.30
C ALA C 713 62.41 -13.84 -6.14
N ILE C 714 63.26 -14.04 -5.14
CA ILE C 714 62.91 -14.83 -3.96
C ILE C 714 62.97 -13.92 -2.74
N PRO C 715 62.05 -14.05 -1.78
CA PRO C 715 62.14 -13.23 -0.58
C PRO C 715 63.35 -13.60 0.26
N THR C 716 63.88 -12.60 0.97
CA THR C 716 64.96 -12.79 1.92
C THR C 716 64.57 -12.42 3.34
N ASN C 717 63.34 -11.97 3.55
CA ASN C 717 62.85 -11.62 4.87
C ASN C 717 61.34 -11.77 4.86
N PHE C 718 60.70 -11.46 5.99
CA PHE C 718 59.26 -11.62 6.11
C PHE C 718 58.72 -10.66 7.16
N THR C 719 57.40 -10.48 7.14
CA THR C 719 56.71 -9.62 8.08
C THR C 719 55.38 -10.26 8.44
N ILE C 720 54.93 -9.98 9.66
CA ILE C 720 53.62 -10.43 10.14
C ILE C 720 52.69 -9.23 10.14
N SER C 721 51.67 -9.28 9.29
CA SER C 721 50.74 -8.19 9.11
C SER C 721 49.40 -8.52 9.75
N VAL C 722 48.88 -7.60 10.56
CA VAL C 722 47.59 -7.75 11.22
C VAL C 722 46.64 -6.73 10.63
N THR C 723 45.50 -7.20 10.14
CA THR C 723 44.50 -6.36 9.51
C THR C 723 43.15 -6.55 10.19
N THR C 724 42.34 -5.50 10.18
CA THR C 724 41.04 -5.50 10.83
C THR C 724 39.93 -5.49 9.79
N GLU C 725 38.92 -6.32 9.99
CA GLU C 725 37.76 -6.39 9.11
C GLU C 725 36.50 -6.33 9.95
N ILE C 726 35.65 -5.33 9.68
CA ILE C 726 34.40 -5.13 10.41
C ILE C 726 33.26 -5.74 9.62
N LEU C 727 32.30 -6.35 10.31
CA LEU C 727 31.17 -6.95 9.63
C LEU C 727 29.90 -6.85 10.50
N PRO C 728 28.86 -6.17 10.03
CA PRO C 728 27.59 -6.18 10.77
C PRO C 728 27.04 -7.59 10.88
N VAL C 729 26.36 -7.86 12.00
CA VAL C 729 25.88 -9.20 12.29
C VAL C 729 24.37 -9.22 12.51
N SER C 730 23.80 -8.09 12.94
CA SER C 730 22.38 -8.05 13.25
C SER C 730 21.90 -6.62 13.26
N MET C 731 20.58 -6.47 13.18
CA MET C 731 19.90 -5.18 13.28
C MET C 731 19.27 -5.04 14.66
N THR C 732 18.51 -3.96 14.84
CA THR C 732 17.72 -3.76 16.06
C THR C 732 16.34 -4.36 15.87
N LYS C 733 15.93 -5.21 16.81
CA LYS C 733 14.65 -5.91 16.71
C LYS C 733 13.51 -4.95 17.07
N THR C 734 13.22 -4.06 16.13
CA THR C 734 12.15 -3.08 16.31
C THR C 734 10.80 -3.69 15.96
N SER C 735 9.80 -3.39 16.78
CA SER C 735 8.43 -3.86 16.58
C SER C 735 7.49 -2.66 16.60
N VAL C 736 6.48 -2.71 15.75
CA VAL C 736 5.51 -1.62 15.61
C VAL C 736 4.11 -2.22 15.68
N ASP C 737 3.25 -1.62 16.50
CA ASP C 737 1.85 -2.03 16.60
C ASP C 737 1.07 -1.27 15.53
N CYS C 738 0.67 -1.98 14.48
CA CYS C 738 0.00 -1.32 13.36
C CYS C 738 -1.29 -0.66 13.79
N THR C 739 -2.11 -1.37 14.59
CA THR C 739 -3.38 -0.79 15.02
C THR C 739 -3.17 0.48 15.83
N MET C 740 -2.22 0.45 16.76
CA MET C 740 -1.96 1.64 17.57
C MET C 740 -1.36 2.75 16.72
N TYR C 741 -0.42 2.42 15.84
CA TYR C 741 0.24 3.45 15.03
C TYR C 741 -0.75 4.15 14.12
N ILE C 742 -1.61 3.38 13.44
CA ILE C 742 -2.57 3.98 12.52
C ILE C 742 -3.61 4.78 13.30
N CYS C 743 -4.14 4.21 14.38
CA CYS C 743 -5.18 4.82 15.18
C CYS C 743 -4.74 4.90 16.63
N GLY C 744 -4.78 6.10 17.20
CA GLY C 744 -4.43 6.29 18.60
C GLY C 744 -5.65 6.28 19.50
N ASP C 745 -5.91 5.13 20.13
CA ASP C 745 -7.03 4.96 21.07
C ASP C 745 -8.29 5.66 20.55
N SER C 746 -8.64 5.36 19.30
CA SER C 746 -9.82 5.90 18.65
C SER C 746 -10.70 4.75 18.20
N THR C 747 -11.88 4.62 18.80
CA THR C 747 -12.77 3.51 18.47
C THR C 747 -13.23 3.59 17.02
N GLU C 748 -13.62 4.79 16.56
CA GLU C 748 -14.07 4.93 15.18
C GLU C 748 -12.95 4.63 14.20
N CYS C 749 -11.74 5.13 14.48
CA CYS C 749 -10.61 4.87 13.60
C CYS C 749 -10.29 3.39 13.55
N SER C 750 -10.32 2.71 14.71
CA SER C 750 -10.06 1.27 14.74
C SER C 750 -11.12 0.52 13.95
N ASN C 751 -12.39 0.89 14.10
CA ASN C 751 -13.45 0.23 13.36
C ASN C 751 -13.27 0.41 11.87
N LEU C 752 -12.91 1.63 11.44
CA LEU C 752 -12.66 1.86 10.02
C LEU C 752 -11.47 1.03 9.53
N LEU C 753 -10.41 0.94 10.33
CA LEU C 753 -9.24 0.17 9.95
C LEU C 753 -9.57 -1.30 9.79
N LEU C 754 -10.42 -1.84 10.68
CA LEU C 754 -10.81 -3.24 10.57
C LEU C 754 -11.41 -3.55 9.21
N GLN C 755 -12.05 -2.57 8.57
CA GLN C 755 -12.65 -2.78 7.26
C GLN C 755 -11.62 -2.86 6.14
N TYR C 756 -10.36 -2.53 6.42
CA TYR C 756 -9.32 -2.51 5.39
C TYR C 756 -8.66 -3.86 5.20
N GLY C 757 -9.00 -4.87 5.99
CA GLY C 757 -8.43 -6.19 5.83
C GLY C 757 -7.53 -6.59 6.98
N SER C 758 -6.44 -7.29 6.66
CA SER C 758 -5.49 -7.80 7.64
C SER C 758 -4.08 -7.31 7.35
N PHE C 759 -3.95 -6.05 6.93
CA PHE C 759 -2.63 -5.49 6.69
C PHE C 759 -1.81 -5.44 7.97
N CYS C 760 -2.44 -5.09 9.08
CA CYS C 760 -1.72 -5.00 10.34
C CYS C 760 -1.12 -6.35 10.73
N THR C 761 -1.89 -7.43 10.55
CA THR C 761 -1.38 -8.75 10.87
C THR C 761 -0.17 -9.09 10.01
N GLN C 762 -0.23 -8.78 8.71
CA GLN C 762 0.90 -9.06 7.83
C GLN C 762 2.13 -8.27 8.25
N LEU C 763 1.96 -6.99 8.59
CA LEU C 763 3.10 -6.17 8.99
C LEU C 763 3.70 -6.68 10.30
N ASN C 764 2.86 -7.05 11.26
CA ASN C 764 3.36 -7.58 12.52
C ASN C 764 4.11 -8.89 12.31
N ARG C 765 3.58 -9.76 11.43
CA ARG C 765 4.26 -11.01 11.13
C ARG C 765 5.60 -10.75 10.48
N ALA C 766 5.66 -9.78 9.56
CA ALA C 766 6.93 -9.45 8.92
C ALA C 766 7.95 -8.94 9.94
N LEU C 767 7.52 -8.08 10.85
CA LEU C 767 8.44 -7.57 11.87
C LEU C 767 8.92 -8.68 12.79
N THR C 768 8.02 -9.58 13.19
CA THR C 768 8.43 -10.71 14.03
C THR C 768 9.42 -11.60 13.29
N GLY C 769 9.17 -11.85 12.00
CA GLY C 769 10.11 -12.63 11.23
C GLY C 769 11.47 -11.96 11.12
N ILE C 770 11.48 -10.63 10.98
CA ILE C 770 12.75 -9.92 10.93
C ILE C 770 13.49 -10.07 12.25
N ALA C 771 12.79 -9.94 13.37
CA ALA C 771 13.43 -10.10 14.68
C ALA C 771 13.99 -11.50 14.85
N VAL C 772 13.23 -12.52 14.47
CA VAL C 772 13.70 -13.90 14.57
C VAL C 772 14.91 -14.09 13.65
N GLU C 773 14.88 -13.47 12.48
CA GLU C 773 16.02 -13.55 11.56
C GLU C 773 17.27 -12.95 12.18
N GLN C 774 17.14 -11.80 12.84
CA GLN C 774 18.28 -11.18 13.50
C GLN C 774 18.82 -12.09 14.60
N ASP C 775 17.93 -12.67 15.40
CA ASP C 775 18.37 -13.58 16.46
C ASP C 775 19.12 -14.77 15.88
N LYS C 776 18.57 -15.36 14.81
CA LYS C 776 19.21 -16.51 14.18
C LYS C 776 20.57 -16.14 13.61
N ASN C 777 20.67 -14.96 12.99
CA ASN C 777 21.94 -14.51 12.44
C ASN C 777 22.98 -14.36 13.53
N THR C 778 22.60 -13.72 14.64
CA THR C 778 23.54 -13.57 15.75
C THR C 778 23.97 -14.92 16.29
N GLN C 779 23.02 -15.83 16.47
CA GLN C 779 23.35 -17.15 17.01
C GLN C 779 24.32 -17.88 16.09
N GLU C 780 24.04 -17.91 14.80
CA GLU C 780 24.89 -18.64 13.87
C GLU C 780 26.28 -18.02 13.78
N VAL C 781 26.36 -16.69 13.76
CA VAL C 781 27.66 -16.03 13.65
C VAL C 781 28.49 -16.27 14.90
N PHE C 782 27.89 -16.15 16.08
CA PHE C 782 28.65 -16.22 17.32
C PHE C 782 28.64 -17.59 17.98
N ALA C 783 27.49 -18.26 18.04
CA ALA C 783 27.39 -19.56 18.71
C ALA C 783 27.83 -20.64 17.73
N GLN C 784 29.15 -20.86 17.69
CA GLN C 784 29.75 -21.87 16.83
C GLN C 784 30.60 -22.89 17.57
N VAL C 785 30.86 -22.68 18.87
CA VAL C 785 31.66 -23.59 19.68
C VAL C 785 30.75 -24.25 20.70
N LYS C 786 30.81 -25.58 20.75
CA LYS C 786 29.94 -26.32 21.67
C LYS C 786 30.38 -26.14 23.12
N GLN C 787 31.69 -26.12 23.37
CA GLN C 787 32.22 -26.00 24.71
C GLN C 787 32.68 -24.56 24.96
N ILE C 788 33.16 -24.33 26.18
CA ILE C 788 33.65 -23.02 26.61
C ILE C 788 35.07 -23.23 27.13
N TYR C 789 36.06 -22.98 26.28
CA TYR C 789 37.46 -23.16 26.66
C TYR C 789 37.96 -21.94 27.42
N LYS C 790 38.95 -22.18 28.27
CA LYS C 790 39.55 -21.13 29.09
C LYS C 790 41.07 -21.17 28.93
N THR C 791 41.67 -19.99 28.89
CA THR C 791 43.12 -19.90 28.76
C THR C 791 43.81 -20.36 30.04
N PRO C 792 45.06 -20.82 29.94
CA PRO C 792 45.76 -21.26 31.15
C PRO C 792 46.00 -20.09 32.09
N PRO C 793 46.11 -20.34 33.39
CA PRO C 793 46.33 -19.23 34.33
C PRO C 793 47.59 -18.43 34.05
N ILE C 794 48.63 -19.07 33.53
CA ILE C 794 49.90 -18.41 33.22
C ILE C 794 49.99 -18.25 31.71
N LYS C 795 50.22 -17.02 31.27
CA LYS C 795 50.31 -16.71 29.83
C LYS C 795 51.77 -16.84 29.41
N ASP C 796 52.14 -18.02 28.94
CA ASP C 796 53.49 -18.31 28.45
C ASP C 796 53.35 -19.09 27.15
N PHE C 797 53.36 -18.36 26.03
CA PHE C 797 53.17 -18.93 24.71
C PHE C 797 54.41 -18.74 23.84
N GLY C 798 55.58 -18.94 24.43
CA GLY C 798 56.82 -18.80 23.69
C GLY C 798 57.16 -17.38 23.31
N GLY C 799 56.70 -16.40 24.10
CA GLY C 799 56.96 -15.00 23.86
C GLY C 799 55.82 -14.26 23.20
N PHE C 800 54.86 -14.97 22.61
CA PHE C 800 53.71 -14.31 22.00
C PHE C 800 52.82 -13.71 23.08
N ASN C 801 52.32 -12.50 22.82
CA ASN C 801 51.55 -11.73 23.78
C ASN C 801 50.14 -11.54 23.24
N PHE C 802 49.15 -11.97 24.02
CA PHE C 802 47.73 -11.83 23.64
C PHE C 802 46.95 -11.03 24.68
N SER C 803 47.64 -10.23 25.51
CA SER C 803 46.94 -9.47 26.53
C SER C 803 45.98 -8.46 25.93
N GLN C 804 46.27 -7.97 24.72
CA GLN C 804 45.42 -6.97 24.08
C GLN C 804 44.13 -7.56 23.54
N ILE C 805 44.01 -8.89 23.46
CA ILE C 805 42.81 -9.53 22.95
C ILE C 805 42.15 -10.45 23.96
N LEU C 806 42.87 -10.95 24.96
CA LEU C 806 42.26 -11.80 25.97
C LEU C 806 41.51 -10.96 27.01
N PRO C 807 40.46 -11.51 27.60
CA PRO C 807 39.73 -10.75 28.63
C PRO C 807 40.58 -10.54 29.88
N ASP C 808 40.31 -9.42 30.56
CA ASP C 808 41.00 -9.08 31.80
C ASP C 808 39.96 -8.96 32.92
N PRO C 809 40.03 -9.78 33.98
CA PRO C 809 39.02 -9.66 35.05
C PRO C 809 39.06 -8.33 35.77
N SER C 810 40.12 -7.54 35.62
CA SER C 810 40.22 -6.29 36.37
C SER C 810 39.03 -5.39 36.11
N LYS C 811 38.65 -5.23 34.83
CA LYS C 811 37.51 -4.40 34.50
C LYS C 811 36.21 -5.07 34.97
N PRO C 812 35.18 -4.27 35.26
CA PRO C 812 33.91 -4.88 35.68
C PRO C 812 33.32 -5.82 34.65
N SER C 813 33.53 -5.54 33.37
CA SER C 813 33.03 -6.38 32.28
C SER C 813 34.17 -7.20 31.71
N LYS C 814 33.95 -8.50 31.56
CA LYS C 814 34.97 -9.42 31.06
C LYS C 814 35.11 -9.24 29.55
N ARG C 815 35.76 -8.14 29.18
CA ARG C 815 36.02 -7.81 27.78
C ARG C 815 37.47 -7.41 27.61
N SER C 816 38.01 -7.70 26.43
CA SER C 816 39.39 -7.34 26.13
C SER C 816 39.51 -5.85 25.88
N PHE C 817 40.75 -5.37 25.83
CA PHE C 817 40.98 -3.94 25.61
C PHE C 817 40.41 -3.49 24.27
N ILE C 818 40.63 -4.29 23.22
CA ILE C 818 40.10 -3.93 21.90
C ILE C 818 38.58 -3.94 21.93
N GLU C 819 37.98 -4.93 22.59
CA GLU C 819 36.52 -4.98 22.68
C GLU C 819 35.98 -3.75 23.42
N ASP C 820 36.63 -3.37 24.52
CA ASP C 820 36.19 -2.18 25.25
C ASP C 820 36.33 -0.93 24.40
N LEU C 821 37.42 -0.81 23.66
CA LEU C 821 37.60 0.34 22.78
C LEU C 821 36.51 0.39 21.73
N LEU C 822 36.18 -0.77 21.13
CA LEU C 822 35.13 -0.80 20.12
C LEU C 822 33.79 -0.41 20.72
N PHE C 823 33.48 -0.92 21.91
CA PHE C 823 32.21 -0.59 22.55
C PHE C 823 32.13 0.90 22.86
N ASN C 824 33.22 1.49 23.35
CA ASN C 824 33.22 2.91 23.69
C ASN C 824 33.23 3.80 22.45
N LYS C 825 33.71 3.28 21.32
CA LYS C 825 33.79 4.08 20.10
C LYS C 825 32.48 4.18 19.35
N VAL C 826 31.48 3.37 19.69
CA VAL C 826 30.19 3.36 19.01
C VAL C 826 29.15 3.92 19.96
N THR C 827 28.42 4.94 19.50
CA THR C 827 27.39 5.57 20.30
C THR C 827 26.00 5.19 19.81
N LEU C 849 15.67 9.22 19.06
CA LEU C 849 16.50 8.12 19.52
C LEU C 849 15.66 6.86 19.68
N ILE C 850 16.32 5.71 19.77
CA ILE C 850 15.61 4.44 19.91
C ILE C 850 14.80 4.43 21.20
N CYS C 851 15.40 4.88 22.30
CA CYS C 851 14.72 4.91 23.58
C CYS C 851 13.72 6.06 23.68
N ALA C 852 13.83 7.07 22.82
CA ALA C 852 12.95 8.22 22.85
C ALA C 852 11.78 8.09 21.88
N GLN C 853 11.64 6.96 21.20
CA GLN C 853 10.59 6.75 20.22
C GLN C 853 9.50 5.81 20.73
N LYS C 854 9.52 5.46 22.02
CA LYS C 854 8.52 4.55 22.58
C LYS C 854 7.25 5.31 22.97
N PHE C 855 6.62 5.90 21.95
CA PHE C 855 5.41 6.70 22.14
C PHE C 855 4.25 6.28 21.25
N ASN C 856 4.47 5.54 20.17
CA ASN C 856 3.43 5.13 19.24
C ASN C 856 3.46 3.63 19.03
N GLY C 857 3.60 2.87 20.12
CA GLY C 857 3.68 1.43 20.03
C GLY C 857 5.01 0.90 19.57
N LEU C 858 6.02 1.75 19.43
CA LEU C 858 7.34 1.32 18.97
C LEU C 858 8.07 0.65 20.13
N THR C 859 8.09 -0.68 20.14
CA THR C 859 8.72 -1.47 21.18
C THR C 859 9.98 -2.10 20.61
N VAL C 860 11.13 -1.78 21.20
CA VAL C 860 12.41 -2.35 20.78
C VAL C 860 12.68 -3.51 21.72
N LEU C 861 12.35 -4.72 21.27
CA LEU C 861 12.52 -5.90 22.11
C LEU C 861 14.02 -6.18 22.32
N PRO C 862 14.39 -6.75 23.46
CA PRO C 862 15.80 -6.94 23.76
C PRO C 862 16.40 -8.07 22.94
N PRO C 863 17.72 -8.06 22.73
CA PRO C 863 18.35 -9.19 22.04
C PRO C 863 18.42 -10.41 22.94
N LEU C 864 18.32 -11.59 22.32
CA LEU C 864 18.35 -12.83 23.09
C LEU C 864 19.68 -13.04 23.77
N LEU C 865 20.78 -12.73 23.09
CA LEU C 865 22.13 -12.91 23.62
C LEU C 865 22.66 -11.58 24.11
N THR C 866 22.95 -11.50 25.41
CA THR C 866 23.49 -10.27 25.98
C THR C 866 24.94 -10.08 25.52
N ASP C 867 25.39 -8.82 25.59
CA ASP C 867 26.77 -8.52 25.20
C ASP C 867 27.77 -9.33 26.01
N GLU C 868 27.45 -9.60 27.28
CA GLU C 868 28.35 -10.42 28.09
C GLU C 868 28.47 -11.83 27.54
N MET C 869 27.35 -12.40 27.08
CA MET C 869 27.40 -13.75 26.51
C MET C 869 28.21 -13.77 25.22
N ILE C 870 28.06 -12.74 24.39
CA ILE C 870 28.85 -12.67 23.16
C ILE C 870 30.33 -12.54 23.48
N ALA C 871 30.66 -11.71 24.48
CA ALA C 871 32.06 -11.58 24.90
C ALA C 871 32.60 -12.92 25.40
N GLN C 872 31.78 -13.65 26.17
CA GLN C 872 32.21 -14.96 26.65
C GLN C 872 32.45 -15.92 25.49
N TYR C 873 31.56 -15.89 24.48
CA TYR C 873 31.75 -16.76 23.32
C TYR C 873 33.03 -16.42 22.58
N THR C 874 33.31 -15.12 22.39
CA THR C 874 34.53 -14.72 21.71
C THR C 874 35.76 -15.13 22.51
N SER C 875 35.71 -14.97 23.84
CA SER C 875 36.84 -15.38 24.67
C SER C 875 37.06 -16.88 24.59
N ALA C 876 35.98 -17.66 24.59
CA ALA C 876 36.10 -19.11 24.46
C ALA C 876 36.72 -19.49 23.13
N LEU C 877 36.29 -18.83 22.05
CA LEU C 877 36.87 -19.11 20.74
C LEU C 877 38.35 -18.76 20.73
N LEU C 878 38.72 -17.62 21.31
CA LEU C 878 40.13 -17.22 21.34
C LEU C 878 40.96 -18.22 22.12
N ALA C 879 40.46 -18.66 23.28
CA ALA C 879 41.19 -19.64 24.08
C ALA C 879 41.34 -20.95 23.32
N GLY C 880 40.26 -21.40 22.67
CA GLY C 880 40.33 -22.64 21.93
C GLY C 880 41.35 -22.59 20.80
N THR C 881 41.33 -21.50 20.02
CA THR C 881 42.27 -21.40 18.91
C THR C 881 43.70 -21.23 19.41
N ILE C 882 43.90 -20.55 20.54
CA ILE C 882 45.24 -20.36 21.06
C ILE C 882 45.81 -21.67 21.58
N THR C 883 45.02 -22.43 22.35
CA THR C 883 45.53 -23.60 23.03
C THR C 883 45.38 -24.89 22.23
N SER C 884 44.66 -24.87 21.11
CA SER C 884 44.46 -26.08 20.32
C SER C 884 44.52 -25.86 18.82
N GLY C 885 44.81 -24.65 18.36
CA GLY C 885 44.84 -24.41 16.93
C GLY C 885 43.48 -24.69 16.31
N TRP C 886 43.49 -25.43 15.19
CA TRP C 886 42.26 -25.77 14.49
C TRP C 886 41.68 -27.10 14.91
N THR C 887 42.34 -27.82 15.83
CA THR C 887 41.84 -29.14 16.23
C THR C 887 40.48 -29.03 16.91
N PHE C 888 40.31 -28.03 17.79
CA PHE C 888 39.06 -27.89 18.52
C PHE C 888 37.89 -27.60 17.59
N GLY C 889 38.15 -27.04 16.41
CA GLY C 889 37.10 -26.71 15.47
C GLY C 889 36.64 -27.86 14.59
N ALA C 890 37.23 -29.04 14.74
CA ALA C 890 36.87 -30.20 13.93
C ALA C 890 36.67 -31.46 14.78
N GLY C 891 36.56 -31.33 16.09
CA GLY C 891 36.39 -32.48 16.96
C GLY C 891 36.89 -32.18 18.36
N ALA C 892 37.37 -33.22 19.03
CA ALA C 892 37.90 -33.06 20.37
C ALA C 892 39.09 -32.12 20.36
N ALA C 893 39.13 -31.22 21.35
CA ALA C 893 40.21 -30.25 21.45
C ALA C 893 41.51 -30.95 21.83
N LEU C 894 42.58 -30.64 21.13
CA LEU C 894 43.89 -31.23 21.36
C LEU C 894 44.89 -30.11 21.68
N GLN C 895 45.59 -30.26 22.79
CA GLN C 895 46.57 -29.25 23.19
C GLN C 895 47.82 -29.34 22.32
N ILE C 896 48.51 -28.21 22.18
CA ILE C 896 49.74 -28.13 21.41
C ILE C 896 50.43 -26.81 21.73
N PRO C 897 51.75 -26.78 21.86
CA PRO C 897 52.43 -25.50 22.11
C PRO C 897 52.15 -24.50 20.99
N PHE C 898 52.01 -23.23 21.36
CA PHE C 898 51.73 -22.20 20.37
C PHE C 898 52.83 -22.11 19.34
N ALA C 899 54.08 -22.35 19.74
CA ALA C 899 55.17 -22.34 18.77
C ALA C 899 54.98 -23.41 17.72
N MET C 900 54.58 -24.61 18.13
CA MET C 900 54.35 -25.68 17.17
C MET C 900 53.16 -25.36 16.26
N GLN C 901 52.12 -24.74 16.82
CA GLN C 901 50.98 -24.35 16.01
C GLN C 901 51.39 -23.32 14.95
N MET C 902 52.19 -22.33 15.35
CA MET C 902 52.68 -21.35 14.38
C MET C 902 53.55 -22.02 13.33
N ALA C 903 54.38 -22.98 13.74
CA ALA C 903 55.21 -23.69 12.78
C ALA C 903 54.35 -24.46 11.78
N TYR C 904 53.29 -25.11 12.26
CA TYR C 904 52.39 -25.83 11.35
C TYR C 904 51.73 -24.87 10.37
N ARG C 905 51.28 -23.71 10.86
CA ARG C 905 50.63 -22.75 9.99
C ARG C 905 51.61 -22.18 8.97
N PHE C 906 52.86 -21.98 9.37
CA PHE C 906 53.89 -21.57 8.42
C PHE C 906 54.11 -22.64 7.35
N ASN C 907 54.15 -23.91 7.77
CA ASN C 907 54.27 -24.99 6.81
C ASN C 907 53.07 -25.02 5.86
N GLY C 908 51.90 -24.59 6.34
CA GLY C 908 50.74 -24.56 5.48
C GLY C 908 50.88 -23.61 4.31
N ILE C 909 51.62 -22.51 4.50
CA ILE C 909 51.78 -21.50 3.46
C ILE C 909 53.06 -21.78 2.66
N GLY C 910 53.62 -22.99 2.81
CA GLY C 910 54.77 -23.39 2.04
C GLY C 910 56.11 -22.96 2.59
N VAL C 911 56.16 -22.46 3.82
CA VAL C 911 57.41 -22.05 4.45
C VAL C 911 57.85 -23.17 5.38
N THR C 912 59.10 -23.62 5.21
CA THR C 912 59.60 -24.74 5.99
C THR C 912 59.49 -24.45 7.49
N GLN C 913 59.50 -25.54 8.26
CA GLN C 913 59.29 -25.43 9.71
C GLN C 913 60.39 -24.62 10.37
N ASN C 914 61.65 -24.93 10.05
CA ASN C 914 62.77 -24.31 10.74
C ASN C 914 62.71 -22.79 10.67
N VAL C 915 62.16 -22.25 9.58
CA VAL C 915 62.12 -20.80 9.40
C VAL C 915 61.52 -20.11 10.62
N LEU C 916 60.63 -20.80 11.34
CA LEU C 916 60.07 -20.21 12.55
C LEU C 916 61.04 -20.32 13.72
N TYR C 917 61.55 -21.52 13.99
CA TYR C 917 62.38 -21.72 15.17
C TYR C 917 63.65 -20.87 15.09
N GLU C 918 64.28 -20.81 13.92
CA GLU C 918 65.48 -20.00 13.76
C GLU C 918 65.20 -18.52 13.95
N ASN C 919 63.95 -18.09 13.83
CA ASN C 919 63.57 -16.70 13.99
C ASN C 919 62.29 -16.58 14.80
N GLN C 920 62.16 -17.42 15.84
CA GLN C 920 60.94 -17.44 16.64
C GLN C 920 60.70 -16.11 17.34
N LYS C 921 61.60 -15.76 18.27
CA LYS C 921 61.36 -14.58 19.11
C LYS C 921 61.14 -13.34 18.25
N LEU C 922 62.01 -13.12 17.27
CA LEU C 922 61.83 -12.00 16.36
C LEU C 922 60.39 -11.93 15.86
N ILE C 923 59.90 -13.04 15.28
CA ILE C 923 58.54 -13.05 14.75
C ILE C 923 57.57 -12.65 15.85
N ALA C 924 57.71 -13.28 17.03
CA ALA C 924 56.83 -12.95 18.14
C ALA C 924 56.81 -11.45 18.37
N ASN C 925 57.98 -10.83 18.46
CA ASN C 925 58.03 -9.39 18.67
C ASN C 925 57.18 -8.67 17.63
N GLN C 926 57.41 -8.97 16.35
CA GLN C 926 56.62 -8.35 15.30
C GLN C 926 55.14 -8.51 15.60
N PHE C 927 54.70 -9.74 15.87
CA PHE C 927 53.31 -9.98 16.22
C PHE C 927 52.85 -8.97 17.25
N ASN C 928 53.52 -8.95 18.40
CA ASN C 928 53.13 -8.02 19.46
C ASN C 928 53.02 -6.61 18.92
N SER C 929 54.07 -6.15 18.23
CA SER C 929 54.05 -4.79 17.69
C SER C 929 52.80 -4.59 16.85
N ALA C 930 52.55 -5.49 15.91
CA ALA C 930 51.37 -5.35 15.05
C ALA C 930 50.12 -5.18 15.89
N ILE C 931 49.97 -6.03 16.92
CA ILE C 931 48.77 -5.95 17.75
C ILE C 931 48.61 -4.54 18.31
N GLY C 932 49.69 -3.98 18.83
CA GLY C 932 49.61 -2.63 19.36
C GLY C 932 49.12 -1.65 18.32
N LYS C 933 49.69 -1.74 17.11
CA LYS C 933 49.28 -0.83 16.04
C LYS C 933 47.78 -0.90 15.84
N ILE C 934 47.20 -2.09 15.94
CA ILE C 934 45.75 -2.23 15.73
C ILE C 934 45.00 -1.29 16.66
N GLN C 935 45.37 -1.29 17.95
CA GLN C 935 44.72 -0.37 18.87
C GLN C 935 44.86 1.06 18.38
N ASP C 936 46.07 1.46 18.00
CA ASP C 936 46.26 2.80 17.45
C ASP C 936 45.40 2.99 16.21
N SER C 937 45.36 1.97 15.34
CA SER C 937 44.57 2.08 14.12
C SER C 937 43.11 2.38 14.43
N LEU C 938 42.65 2.00 15.62
CA LEU C 938 41.32 2.38 16.08
C LEU C 938 41.33 3.62 16.95
N SER C 939 42.38 3.83 17.75
CA SER C 939 42.39 4.97 18.66
C SER C 939 42.42 6.28 17.89
N SER C 940 43.23 6.37 16.85
CA SER C 940 43.40 7.60 16.10
C SER C 940 42.42 7.76 14.94
N THR C 941 41.62 6.73 14.64
CA THR C 941 40.67 6.77 13.54
C THR C 941 39.27 6.52 14.09
N ALA C 942 38.35 7.43 13.77
CA ALA C 942 36.95 7.30 14.17
C ALA C 942 36.08 6.68 13.10
N SER C 943 36.61 6.45 11.90
CA SER C 943 35.85 5.87 10.79
C SER C 943 36.02 4.36 10.69
N ALA C 944 36.76 3.74 11.60
CA ALA C 944 36.96 2.30 11.54
C ALA C 944 35.65 1.54 11.68
N LEU C 945 34.69 2.09 12.42
CA LEU C 945 33.40 1.46 12.66
C LEU C 945 32.32 2.03 11.76
N GLY C 946 32.69 2.35 10.51
CA GLY C 946 31.75 3.01 9.62
C GLY C 946 30.51 2.17 9.34
N LYS C 947 30.68 0.86 9.20
CA LYS C 947 29.55 0.01 8.80
C LYS C 947 28.48 -0.03 9.89
N LEU C 948 28.88 -0.31 11.13
CA LEU C 948 27.91 -0.40 12.21
C LEU C 948 27.25 0.96 12.47
N GLN C 949 28.04 2.03 12.44
CA GLN C 949 27.48 3.36 12.63
C GLN C 949 26.47 3.70 11.53
N ASP C 950 26.80 3.35 10.28
CA ASP C 950 25.88 3.61 9.18
C ASP C 950 24.60 2.81 9.34
N VAL C 951 24.70 1.55 9.76
CA VAL C 951 23.50 0.73 9.96
C VAL C 951 22.62 1.35 11.05
N VAL C 952 23.23 1.74 12.17
CA VAL C 952 22.47 2.33 13.26
C VAL C 952 21.82 3.64 12.81
N ASN C 953 22.57 4.46 12.06
CA ASN C 953 22.02 5.73 11.59
C ASN C 953 20.84 5.49 10.64
N GLN C 954 20.97 4.50 9.75
CA GLN C 954 19.88 4.20 8.84
C GLN C 954 18.64 3.75 9.59
N ASN C 955 18.81 2.87 10.59
CA ASN C 955 17.66 2.43 11.37
C ASN C 955 17.02 3.60 12.11
N ALA C 956 17.84 4.46 12.72
CA ALA C 956 17.30 5.60 13.45
C ALA C 956 16.56 6.55 12.51
N GLN C 957 17.12 6.80 11.32
CA GLN C 957 16.46 7.69 10.37
C GLN C 957 15.14 7.10 9.90
N ALA C 958 15.10 5.79 9.65
CA ALA C 958 13.85 5.16 9.25
C ALA C 958 12.79 5.29 10.34
N LEU C 959 13.18 5.03 11.59
CA LEU C 959 12.23 5.16 12.69
C LEU C 959 11.76 6.61 12.84
N ASN C 960 12.68 7.57 12.72
CA ASN C 960 12.30 8.97 12.85
C ASN C 960 11.34 9.39 11.74
N THR C 961 11.59 8.94 10.52
CA THR C 961 10.68 9.26 9.42
C THR C 961 9.32 8.64 9.64
N LEU C 962 9.28 7.39 10.12
CA LEU C 962 8.01 6.74 10.39
C LEU C 962 7.23 7.51 11.45
N VAL C 963 7.91 7.95 12.52
CA VAL C 963 7.23 8.70 13.56
C VAL C 963 6.74 10.05 13.02
N LYS C 964 7.57 10.73 12.24
CA LYS C 964 7.21 12.05 11.72
C LYS C 964 6.05 11.97 10.74
N GLN C 965 5.90 10.84 10.05
CA GLN C 965 4.80 10.71 9.09
C GLN C 965 3.44 10.83 9.75
N LEU C 966 3.37 10.64 11.08
CA LEU C 966 2.10 10.77 11.77
C LEU C 966 1.58 12.20 11.78
N SER C 967 2.45 13.18 11.56
CA SER C 967 2.07 14.60 11.59
C SER C 967 1.83 15.16 10.19
N SER C 968 1.31 14.35 9.28
CA SER C 968 1.00 14.77 7.92
C SER C 968 -0.50 14.70 7.70
N ASN C 969 -1.07 15.76 7.13
CA ASN C 969 -2.51 15.79 6.90
C ASN C 969 -2.93 14.77 5.86
N PHE C 970 -2.10 14.52 4.86
CA PHE C 970 -2.43 13.60 3.76
C PHE C 970 -3.71 14.04 3.07
N GLY C 971 -3.91 15.35 2.95
CA GLY C 971 -5.10 15.91 2.35
C GLY C 971 -6.29 16.04 3.29
N ALA C 972 -6.16 15.63 4.54
CA ALA C 972 -7.24 15.74 5.50
C ALA C 972 -7.24 17.13 6.15
N ILE C 973 -8.28 17.39 6.93
CA ILE C 973 -8.40 18.69 7.59
C ILE C 973 -7.26 18.88 8.59
N SER C 974 -6.95 17.86 9.37
CA SER C 974 -5.89 17.95 10.37
C SER C 974 -5.28 16.57 10.57
N SER C 975 -4.18 16.54 11.33
CA SER C 975 -3.45 15.32 11.61
C SER C 975 -3.73 14.77 13.00
N VAL C 976 -4.71 15.33 13.71
CA VAL C 976 -5.06 14.90 15.06
C VAL C 976 -6.45 14.27 15.01
N LEU C 977 -6.55 13.05 15.50
CA LEU C 977 -7.83 12.32 15.44
C LEU C 977 -8.91 13.08 16.20
N ASN C 978 -8.59 13.57 17.39
CA ASN C 978 -9.58 14.26 18.20
C ASN C 978 -10.09 15.52 17.51
N ASP C 979 -9.20 16.23 16.80
CA ASP C 979 -9.61 17.46 16.12
C ASP C 979 -10.72 17.19 15.11
N ILE C 980 -10.49 16.22 14.21
CA ILE C 980 -11.52 15.89 13.23
C ILE C 980 -12.75 15.30 13.90
N LEU C 981 -12.56 14.47 14.94
CA LEU C 981 -13.70 13.85 15.59
C LEU C 981 -14.63 14.91 16.19
N SER C 982 -14.07 15.88 16.90
CA SER C 982 -14.88 16.90 17.55
C SER C 982 -15.42 17.92 16.55
N ARG C 983 -14.57 18.38 15.62
CA ARG C 983 -14.98 19.48 14.76
C ARG C 983 -16.01 19.05 13.73
N LEU C 984 -15.87 17.87 13.16
CA LEU C 984 -16.70 17.43 12.04
C LEU C 984 -17.63 16.31 12.47
N ASP C 985 -18.83 16.30 11.89
CA ASP C 985 -19.82 15.27 12.16
C ASP C 985 -19.41 13.97 11.46
N PRO C 986 -20.03 12.85 11.85
CA PRO C 986 -19.62 11.55 11.30
C PRO C 986 -19.65 11.52 9.78
N PRO C 987 -20.66 12.14 9.14
CA PRO C 987 -20.71 12.11 7.66
C PRO C 987 -19.37 12.34 6.98
N GLU C 988 -18.72 13.46 7.25
CA GLU C 988 -17.42 13.75 6.65
C GLU C 988 -16.26 13.23 7.49
N ALA C 989 -16.47 13.04 8.79
CA ALA C 989 -15.42 12.46 9.62
C ALA C 989 -15.03 11.08 9.13
N GLU C 990 -15.98 10.31 8.61
CA GLU C 990 -15.66 8.98 8.09
C GLU C 990 -14.63 9.07 6.98
N VAL C 991 -14.87 9.96 6.00
CA VAL C 991 -13.94 10.06 4.87
C VAL C 991 -12.61 10.65 5.33
N GLN C 992 -12.64 11.61 6.26
CA GLN C 992 -11.39 12.17 6.76
C GLN C 992 -10.54 11.09 7.43
N ILE C 993 -11.16 10.29 8.30
CA ILE C 993 -10.43 9.22 8.98
C ILE C 993 -9.97 8.19 7.97
N ASP C 994 -10.77 7.91 6.94
CA ASP C 994 -10.35 6.96 5.92
C ASP C 994 -9.10 7.46 5.19
N ARG C 995 -9.06 8.74 4.84
CA ARG C 995 -7.89 9.30 4.19
C ARG C 995 -6.66 9.23 5.09
N LEU C 996 -6.83 9.59 6.37
CA LEU C 996 -5.71 9.51 7.30
C LEU C 996 -5.21 8.08 7.44
N ILE C 997 -6.14 7.11 7.54
CA ILE C 997 -5.75 5.72 7.66
C ILE C 997 -5.00 5.27 6.42
N THR C 998 -5.48 5.65 5.23
CA THR C 998 -4.81 5.26 4.00
C THR C 998 -3.38 5.80 3.97
N GLY C 999 -3.21 7.08 4.32
CA GLY C 999 -1.87 7.65 4.31
C GLY C 999 -0.94 6.97 5.30
N ARG C 1000 -1.42 6.77 6.54
CA ARG C 1000 -0.59 6.14 7.55
C ARG C 1000 -0.25 4.70 7.19
N LEU C 1001 -1.21 3.97 6.62
CA LEU C 1001 -0.95 2.60 6.19
C LEU C 1001 0.07 2.55 5.07
N GLN C 1002 -0.01 3.49 4.11
CA GLN C 1002 0.98 3.54 3.05
C GLN C 1002 2.36 3.80 3.63
N SER C 1003 2.47 4.75 4.56
CA SER C 1003 3.76 5.03 5.17
C SER C 1003 4.30 3.80 5.91
N LEU C 1004 3.43 3.12 6.65
CA LEU C 1004 3.87 1.94 7.40
C LEU C 1004 4.31 0.83 6.45
N GLN C 1005 3.60 0.65 5.34
CA GLN C 1005 4.00 -0.37 4.37
C GLN C 1005 5.35 -0.04 3.76
N THR C 1006 5.58 1.23 3.42
CA THR C 1006 6.88 1.62 2.89
C THR C 1006 7.98 1.35 3.91
N TYR C 1007 7.74 1.71 5.18
CA TYR C 1007 8.74 1.47 6.22
C TYR C 1007 9.01 -0.03 6.37
N VAL C 1008 7.97 -0.86 6.32
CA VAL C 1008 8.16 -2.30 6.49
C VAL C 1008 8.93 -2.87 5.31
N THR C 1009 8.66 -2.40 4.09
CA THR C 1009 9.41 -2.87 2.94
C THR C 1009 10.88 -2.50 3.06
N GLN C 1010 11.16 -1.26 3.46
CA GLN C 1010 12.55 -0.85 3.64
C GLN C 1010 13.24 -1.69 4.72
N GLN C 1011 12.52 -1.96 5.82
CA GLN C 1011 13.08 -2.79 6.88
C GLN C 1011 13.36 -4.20 6.39
N LEU C 1012 12.47 -4.76 5.57
CA LEU C 1012 12.68 -6.09 5.02
C LEU C 1012 13.92 -6.12 4.13
N ILE C 1013 14.09 -5.11 3.29
CA ILE C 1013 15.27 -5.07 2.42
C ILE C 1013 16.54 -4.97 3.26
N ARG C 1014 16.54 -4.10 4.27
CA ARG C 1014 17.70 -3.97 5.15
C ARG C 1014 17.98 -5.27 5.88
N ALA C 1015 16.93 -5.96 6.33
CA ALA C 1015 17.11 -7.23 7.02
C ALA C 1015 17.71 -8.28 6.09
N ALA C 1016 17.29 -8.31 4.83
CA ALA C 1016 17.90 -9.24 3.88
C ALA C 1016 19.37 -8.92 3.69
N GLU C 1017 19.71 -7.65 3.52
CA GLU C 1017 21.12 -7.28 3.36
C GLU C 1017 21.94 -7.67 4.58
N ILE C 1018 21.40 -7.42 5.78
CA ILE C 1018 22.12 -7.75 7.00
C ILE C 1018 22.23 -9.25 7.17
N ARG C 1019 21.23 -10.01 6.71
CA ARG C 1019 21.33 -11.46 6.74
C ARG C 1019 22.45 -11.95 5.83
N ALA C 1020 22.58 -11.34 4.64
CA ALA C 1020 23.70 -11.70 3.77
C ALA C 1020 25.03 -11.38 4.44
N SER C 1021 25.13 -10.20 5.06
CA SER C 1021 26.36 -9.84 5.75
C SER C 1021 26.67 -10.80 6.89
N ALA C 1022 25.65 -11.19 7.65
CA ALA C 1022 25.85 -12.12 8.76
C ALA C 1022 26.26 -13.50 8.27
N ASN C 1023 25.70 -13.94 7.15
CA ASN C 1023 26.14 -15.21 6.56
C ASN C 1023 27.60 -15.14 6.15
N LEU C 1024 28.01 -14.03 5.53
CA LEU C 1024 29.42 -13.86 5.18
C LEU C 1024 30.30 -13.89 6.43
N ALA C 1025 29.87 -13.20 7.48
CA ALA C 1025 30.65 -13.17 8.72
C ALA C 1025 30.75 -14.57 9.34
N ALA C 1026 29.65 -15.33 9.31
CA ALA C 1026 29.67 -16.68 9.85
C ALA C 1026 30.61 -17.57 9.05
N THR C 1027 30.59 -17.44 7.72
CA THR C 1027 31.52 -18.21 6.90
C THR C 1027 32.96 -17.84 7.21
N LYS C 1028 33.23 -16.54 7.39
CA LYS C 1028 34.59 -16.11 7.72
C LYS C 1028 35.01 -16.68 9.08
N MET C 1029 34.11 -16.66 10.06
CA MET C 1029 34.43 -17.24 11.36
C MET C 1029 34.71 -18.73 11.25
N SER C 1030 33.90 -19.44 10.46
CA SER C 1030 34.08 -20.89 10.33
C SER C 1030 35.40 -21.22 9.66
N GLU C 1031 35.78 -20.46 8.63
CA GLU C 1031 36.95 -20.81 7.83
C GLU C 1031 38.24 -20.21 8.39
N CYS C 1032 38.29 -18.87 8.48
CA CYS C 1032 39.53 -18.21 8.84
C CYS C 1032 39.91 -18.47 10.30
N VAL C 1033 38.94 -18.43 11.20
CA VAL C 1033 39.25 -18.51 12.63
C VAL C 1033 39.48 -19.95 13.06
N LEU C 1034 38.55 -20.84 12.73
CA LEU C 1034 38.67 -22.24 13.16
C LEU C 1034 39.72 -23.01 12.38
N GLY C 1035 40.26 -22.44 11.30
CA GLY C 1035 41.28 -23.13 10.54
C GLY C 1035 41.99 -22.18 9.61
N GLN C 1036 42.96 -22.72 8.88
CA GLN C 1036 43.73 -21.95 7.92
C GLN C 1036 43.09 -22.08 6.54
N SER C 1037 42.80 -20.95 5.90
CA SER C 1037 42.14 -20.90 4.61
C SER C 1037 43.15 -20.51 3.54
N LYS C 1038 43.17 -21.27 2.44
CA LYS C 1038 44.03 -20.98 1.32
C LYS C 1038 43.42 -19.98 0.35
N ARG C 1039 42.17 -19.57 0.56
CA ARG C 1039 41.55 -18.59 -0.32
C ARG C 1039 42.31 -17.28 -0.26
N VAL C 1040 42.51 -16.68 -1.43
CA VAL C 1040 43.32 -15.46 -1.54
C VAL C 1040 42.45 -14.26 -1.22
N ASP C 1041 42.97 -13.35 -0.40
CA ASP C 1041 42.32 -12.09 -0.05
C ASP C 1041 40.99 -12.32 0.67
N PHE C 1042 40.76 -13.52 1.18
CA PHE C 1042 39.55 -13.80 1.95
C PHE C 1042 39.76 -13.46 3.43
N CYS C 1043 40.77 -14.06 4.05
CA CYS C 1043 41.09 -13.79 5.44
C CYS C 1043 42.22 -12.77 5.51
N GLY C 1044 41.91 -11.55 5.04
CA GLY C 1044 42.89 -10.49 5.00
C GLY C 1044 43.78 -10.57 3.78
N LYS C 1045 44.73 -9.63 3.72
CA LYS C 1045 45.66 -9.54 2.61
C LYS C 1045 46.96 -10.25 2.95
N GLY C 1046 47.49 -11.00 1.99
CA GLY C 1046 48.71 -11.74 2.17
C GLY C 1046 48.43 -13.22 2.44
N TYR C 1047 49.50 -13.92 2.80
CA TYR C 1047 49.41 -15.34 3.11
C TYR C 1047 48.81 -15.49 4.50
N HIS C 1048 47.55 -15.93 4.57
CA HIS C 1048 46.84 -16.01 5.83
C HIS C 1048 47.54 -16.98 6.78
N LEU C 1049 47.73 -16.54 8.02
CA LEU C 1049 48.26 -17.38 9.08
C LEU C 1049 47.20 -17.77 10.10
N MET C 1050 46.41 -16.82 10.58
CA MET C 1050 45.34 -17.12 11.54
C MET C 1050 44.45 -15.90 11.67
N SER C 1051 43.44 -16.01 12.54
CA SER C 1051 42.51 -14.92 12.76
C SER C 1051 42.02 -14.95 14.20
N PHE C 1052 41.59 -13.79 14.68
CA PHE C 1052 41.08 -13.63 16.04
C PHE C 1052 39.76 -12.89 15.98
N PRO C 1053 38.71 -13.39 16.64
CA PRO C 1053 37.43 -12.67 16.64
C PRO C 1053 37.28 -11.73 17.84
N GLN C 1054 36.52 -10.66 17.61
CA GLN C 1054 36.16 -9.70 18.64
C GLN C 1054 34.73 -9.25 18.42
N SER C 1055 34.06 -8.88 19.50
CA SER C 1055 32.67 -8.45 19.42
C SER C 1055 32.60 -6.93 19.26
N ALA C 1056 31.44 -6.47 18.79
CA ALA C 1056 31.14 -5.05 18.68
C ALA C 1056 29.63 -4.88 18.62
N PRO C 1057 29.11 -3.68 18.90
CA PRO C 1057 27.65 -3.53 18.91
C PRO C 1057 27.03 -3.96 17.60
N HIS C 1058 26.27 -5.06 17.65
CA HIS C 1058 25.62 -5.61 16.47
C HIS C 1058 26.62 -5.84 15.34
N GLY C 1059 27.79 -6.37 15.68
CA GLY C 1059 28.80 -6.62 14.68
C GLY C 1059 29.98 -7.40 15.24
N VAL C 1060 30.82 -7.84 14.31
CA VAL C 1060 32.02 -8.61 14.64
C VAL C 1060 33.22 -7.95 13.98
N VAL C 1061 34.39 -8.15 14.59
CA VAL C 1061 35.66 -7.63 14.08
C VAL C 1061 36.65 -8.79 14.02
N PHE C 1062 37.19 -9.03 12.83
CA PHE C 1062 38.16 -10.10 12.62
C PHE C 1062 39.54 -9.47 12.48
N LEU C 1063 40.48 -9.92 13.31
CA LEU C 1063 41.88 -9.54 13.20
C LEU C 1063 42.60 -10.67 12.49
N HIS C 1064 42.94 -10.45 11.23
CA HIS C 1064 43.63 -11.44 10.41
C HIS C 1064 45.14 -11.22 10.52
N VAL C 1065 45.86 -12.25 10.96
CA VAL C 1065 47.31 -12.25 11.02
C VAL C 1065 47.81 -13.05 9.82
N THR C 1066 48.68 -12.45 9.01
CA THR C 1066 49.12 -13.03 7.76
C THR C 1066 50.62 -12.83 7.60
N TYR C 1067 51.19 -13.63 6.71
CA TYR C 1067 52.62 -13.61 6.42
C TYR C 1067 52.84 -12.89 5.09
N VAL C 1068 53.75 -11.92 5.08
CA VAL C 1068 54.00 -11.11 3.88
C VAL C 1068 55.49 -11.04 3.60
N PRO C 1069 55.94 -11.39 2.39
CA PRO C 1069 57.36 -11.18 2.07
C PRO C 1069 57.72 -9.70 2.18
N ALA C 1070 58.94 -9.44 2.67
CA ALA C 1070 59.40 -8.09 2.93
C ALA C 1070 60.53 -7.67 1.99
N GLN C 1071 61.62 -8.43 1.94
CA GLN C 1071 62.77 -8.11 1.11
C GLN C 1071 62.96 -9.21 0.07
N GLU C 1072 63.11 -8.81 -1.19
CA GLU C 1072 63.23 -9.73 -2.30
C GLU C 1072 64.55 -9.50 -3.04
N LYS C 1073 65.21 -10.59 -3.40
CA LYS C 1073 66.45 -10.55 -4.17
C LYS C 1073 66.28 -11.42 -5.40
N ASN C 1074 66.78 -10.95 -6.54
CA ASN C 1074 66.60 -11.64 -7.81
C ASN C 1074 67.88 -12.38 -8.19
N PHE C 1075 67.73 -13.64 -8.59
CA PHE C 1075 68.83 -14.49 -8.97
C PHE C 1075 68.52 -15.19 -10.28
N THR C 1076 69.57 -15.56 -11.01
CA THR C 1076 69.39 -16.35 -12.21
C THR C 1076 68.84 -17.73 -11.85
N THR C 1077 67.93 -18.23 -12.69
CA THR C 1077 67.25 -19.50 -12.42
C THR C 1077 67.22 -20.34 -13.68
N ALA C 1078 67.13 -21.65 -13.48
CA ALA C 1078 67.04 -22.62 -14.56
C ALA C 1078 65.90 -23.59 -14.27
N PRO C 1079 65.30 -24.18 -15.31
CA PRO C 1079 64.18 -25.09 -15.08
C PRO C 1079 64.61 -26.45 -14.54
N ALA C 1080 65.83 -26.87 -14.88
CA ALA C 1080 66.33 -28.18 -14.47
C ALA C 1080 67.85 -28.19 -14.59
N ILE C 1081 68.45 -29.26 -14.10
CA ILE C 1081 69.89 -29.44 -14.08
C ILE C 1081 70.23 -30.75 -14.79
N CYS C 1082 71.21 -30.69 -15.69
CA CYS C 1082 71.73 -31.88 -16.35
C CYS C 1082 73.10 -32.19 -15.78
N HIS C 1083 73.27 -33.41 -15.26
CA HIS C 1083 74.51 -33.83 -14.63
C HIS C 1083 75.22 -34.92 -15.42
N ASP C 1084 74.53 -36.03 -15.70
CA ASP C 1084 75.07 -37.15 -16.47
C ASP C 1084 74.13 -37.50 -17.61
N GLY C 1085 73.67 -36.49 -18.34
CA GLY C 1085 72.70 -36.68 -19.39
C GLY C 1085 71.28 -36.90 -18.92
N LYS C 1086 71.00 -36.65 -17.64
CA LYS C 1086 69.67 -36.82 -17.07
C LYS C 1086 69.21 -35.52 -16.45
N ALA C 1087 67.99 -35.11 -16.77
CA ALA C 1087 67.43 -33.88 -16.24
C ALA C 1087 67.02 -34.08 -14.78
N HIS C 1088 67.26 -33.06 -13.97
CA HIS C 1088 66.91 -33.07 -12.55
C HIS C 1088 65.96 -31.92 -12.25
N PHE C 1089 64.90 -32.21 -11.50
CA PHE C 1089 63.93 -31.19 -11.11
C PHE C 1089 63.78 -31.20 -9.59
N PRO C 1090 63.63 -30.03 -8.96
CA PRO C 1090 63.55 -30.00 -7.50
C PRO C 1090 62.32 -30.75 -7.00
N ARG C 1091 62.49 -31.46 -5.88
CA ARG C 1091 61.34 -32.06 -5.22
C ARG C 1091 60.36 -30.98 -4.75
N GLU C 1092 60.88 -29.91 -4.15
CA GLU C 1092 60.09 -28.74 -3.82
C GLU C 1092 61.04 -27.56 -3.66
N GLY C 1093 60.68 -26.42 -4.27
CA GLY C 1093 61.51 -25.24 -4.24
C GLY C 1093 61.82 -24.75 -5.65
N VAL C 1094 63.04 -24.25 -5.83
CA VAL C 1094 63.44 -23.67 -7.10
C VAL C 1094 64.96 -23.59 -7.13
N PHE C 1095 65.53 -23.67 -8.33
CA PHE C 1095 66.96 -23.51 -8.54
C PHE C 1095 67.30 -22.04 -8.71
N VAL C 1096 68.33 -21.59 -8.00
CA VAL C 1096 68.80 -20.21 -8.09
C VAL C 1096 70.32 -20.24 -8.24
N SER C 1097 70.87 -19.11 -8.69
CA SER C 1097 72.30 -18.98 -8.90
C SER C 1097 72.75 -17.60 -8.43
N ASN C 1098 73.73 -17.58 -7.53
CA ASN C 1098 74.32 -16.33 -7.06
C ASN C 1098 75.50 -15.93 -7.95
N GLY C 1099 75.27 -15.91 -9.25
CA GLY C 1099 76.31 -15.58 -10.21
C GLY C 1099 77.29 -16.69 -10.53
N THR C 1100 77.86 -17.33 -9.51
CA THR C 1100 78.87 -18.35 -9.71
C THR C 1100 78.32 -19.76 -9.56
N HIS C 1101 77.70 -20.07 -8.42
CA HIS C 1101 77.26 -21.42 -8.09
C HIS C 1101 75.75 -21.54 -8.24
N TRP C 1102 75.25 -22.75 -8.01
CA TRP C 1102 73.83 -23.06 -8.10
C TRP C 1102 73.37 -23.70 -6.79
N PHE C 1103 72.17 -23.33 -6.36
CA PHE C 1103 71.58 -23.84 -5.13
C PHE C 1103 70.09 -24.07 -5.35
N VAL C 1104 69.48 -24.78 -4.40
CA VAL C 1104 68.04 -25.02 -4.40
C VAL C 1104 67.46 -24.41 -3.13
N THR C 1105 66.43 -23.59 -3.28
CA THR C 1105 65.84 -22.87 -2.16
C THR C 1105 64.33 -22.92 -2.24
N GLN C 1106 63.70 -22.81 -1.08
CA GLN C 1106 62.24 -22.80 -1.02
C GLN C 1106 61.69 -21.54 -1.70
N ARG C 1107 60.49 -21.67 -2.26
CA ARG C 1107 59.92 -20.59 -3.06
C ARG C 1107 59.65 -19.35 -2.22
N ASN C 1108 59.11 -19.53 -1.02
CA ASN C 1108 58.65 -18.41 -0.21
C ASN C 1108 59.73 -17.83 0.69
N PHE C 1109 60.95 -18.37 0.66
CA PHE C 1109 62.02 -17.87 1.50
C PHE C 1109 63.35 -18.28 0.88
N TYR C 1110 64.35 -17.41 1.05
CA TYR C 1110 65.68 -17.65 0.48
C TYR C 1110 66.48 -18.49 1.47
N GLU C 1111 66.54 -19.80 1.23
CA GLU C 1111 67.31 -20.72 2.05
C GLU C 1111 68.17 -21.57 1.12
N PRO C 1112 69.26 -21.00 0.60
CA PRO C 1112 70.09 -21.74 -0.37
C PRO C 1112 70.64 -23.02 0.24
N GLN C 1113 70.70 -24.06 -0.59
CA GLN C 1113 71.22 -25.35 -0.16
C GLN C 1113 71.90 -26.02 -1.34
N ILE C 1114 72.81 -26.95 -1.02
CA ILE C 1114 73.53 -27.68 -2.06
C ILE C 1114 72.57 -28.59 -2.78
N ILE C 1115 72.65 -28.60 -4.11
CA ILE C 1115 71.79 -29.44 -4.93
C ILE C 1115 72.28 -30.89 -4.82
N THR C 1116 71.42 -31.77 -4.34
CA THR C 1116 71.77 -33.18 -4.15
C THR C 1116 70.63 -34.04 -4.66
N THR C 1117 70.91 -35.35 -4.75
CA THR C 1117 69.88 -36.28 -5.22
C THR C 1117 68.68 -36.32 -4.28
N ASP C 1118 68.89 -35.97 -3.00
CA ASP C 1118 67.77 -35.96 -2.07
C ASP C 1118 66.80 -34.81 -2.34
N ASN C 1119 67.32 -33.66 -2.78
CA ASN C 1119 66.50 -32.48 -3.02
C ASN C 1119 65.96 -32.43 -4.45
N THR C 1120 66.35 -33.36 -5.31
CA THR C 1120 65.92 -33.34 -6.71
C THR C 1120 65.61 -34.76 -7.16
N PHE C 1121 64.81 -34.86 -8.21
CA PHE C 1121 64.45 -36.15 -8.80
C PHE C 1121 64.72 -36.11 -10.30
N VAL C 1122 65.06 -37.26 -10.85
CA VAL C 1122 65.44 -37.39 -12.25
C VAL C 1122 64.21 -37.78 -13.06
N SER C 1123 64.10 -37.23 -14.27
CA SER C 1123 63.00 -37.55 -15.17
C SER C 1123 63.50 -37.36 -16.60
N GLY C 1124 63.87 -38.47 -17.24
CA GLY C 1124 64.31 -38.42 -18.61
C GLY C 1124 65.67 -37.77 -18.78
N ASN C 1125 66.06 -37.60 -20.03
CA ASN C 1125 67.31 -36.96 -20.38
C ASN C 1125 67.13 -35.44 -20.42
N CYS C 1126 68.23 -34.72 -20.65
CA CYS C 1126 68.23 -33.26 -20.67
C CYS C 1126 68.30 -32.71 -22.08
N ASP C 1127 67.84 -33.46 -23.08
CA ASP C 1127 67.81 -33.01 -24.46
C ASP C 1127 66.46 -32.45 -24.87
N VAL C 1128 65.49 -32.40 -23.97
CA VAL C 1128 64.15 -31.92 -24.27
C VAL C 1128 63.83 -30.63 -23.51
N VAL C 1129 64.29 -30.52 -22.27
CA VAL C 1129 64.01 -29.33 -21.47
C VAL C 1129 64.72 -28.13 -22.08
N ILE C 1130 63.99 -27.02 -22.22
CA ILE C 1130 64.52 -25.81 -22.82
C ILE C 1130 65.15 -24.96 -21.72
N GLY C 1131 66.37 -24.50 -21.95
CA GLY C 1131 67.06 -23.66 -20.99
C GLY C 1131 67.73 -24.41 -19.86
N ILE C 1132 67.90 -25.73 -19.99
CA ILE C 1132 68.55 -26.51 -18.94
C ILE C 1132 70.00 -26.07 -18.81
N VAL C 1133 70.51 -26.14 -17.58
CA VAL C 1133 71.88 -25.75 -17.28
C VAL C 1133 72.69 -27.01 -17.02
N ASN C 1134 74.02 -26.87 -17.07
CA ASN C 1134 74.94 -27.99 -16.97
C ASN C 1134 75.61 -28.05 -15.60
N ASN C 1135 74.90 -27.67 -14.54
CA ASN C 1135 75.47 -27.69 -13.21
C ASN C 1135 75.62 -29.12 -12.70
N THR C 1136 76.50 -29.30 -11.73
CA THR C 1136 76.77 -30.60 -11.15
C THR C 1136 75.80 -30.88 -10.01
N VAL C 1137 75.51 -32.16 -9.80
CA VAL C 1137 74.62 -32.62 -8.73
C VAL C 1137 75.45 -33.46 -7.78
N TYR C 1138 75.44 -33.08 -6.50
CA TYR C 1138 76.21 -33.79 -5.48
C TYR C 1138 75.48 -35.04 -5.04
N ASP C 1139 76.25 -36.10 -4.80
CA ASP C 1139 75.70 -37.38 -4.35
C ASP C 1139 76.03 -37.58 -2.89
N PRO C 1140 75.03 -37.64 -1.99
CA PRO C 1140 75.35 -37.85 -0.56
C PRO C 1140 76.11 -39.14 -0.31
N LEU C 1141 75.88 -40.18 -1.11
CA LEU C 1141 76.57 -41.46 -0.94
C LEU C 1141 78.01 -41.42 -1.41
N GLN C 1142 78.42 -40.40 -2.15
CA GLN C 1142 79.78 -40.37 -2.71
C GLN C 1142 80.84 -40.48 -1.63
N PRO C 1143 80.84 -39.67 -0.56
CA PRO C 1143 81.90 -39.81 0.44
C PRO C 1143 81.95 -41.17 1.11
N GLU C 1144 80.87 -41.93 1.08
CA GLU C 1144 80.85 -43.26 1.68
C GLU C 1144 81.41 -44.33 0.76
N LEU C 1145 81.79 -43.98 -0.48
CA LEU C 1145 82.36 -44.97 -1.39
C LEU C 1145 83.75 -45.44 -0.96
N ASP C 1146 84.38 -44.74 -0.01
CA ASP C 1146 85.71 -45.16 0.44
C ASP C 1146 85.67 -46.54 1.07
N SER C 1147 84.64 -46.81 1.88
CA SER C 1147 84.51 -48.10 2.54
C SER C 1147 83.95 -49.15 1.57
N ASN D 1 -50.71 40.30 13.29
CA ASN D 1 -49.71 40.11 12.25
C ASN D 1 -48.31 40.33 12.81
N SER D 2 -48.19 41.27 13.75
CA SER D 2 -46.92 41.58 14.38
C SER D 2 -46.83 41.16 15.83
N GLN D 3 -47.96 40.86 16.48
CA GLN D 3 -48.00 40.42 17.87
C GLN D 3 -48.27 38.93 17.91
N VAL D 4 -47.45 38.19 18.66
CA VAL D 4 -47.55 36.73 18.72
C VAL D 4 -48.57 36.40 19.82
N GLN D 5 -49.83 36.32 19.43
CA GLN D 5 -50.89 35.93 20.35
C GLN D 5 -50.95 34.41 20.45
N LEU D 6 -50.93 33.90 21.68
CA LEU D 6 -50.87 32.47 21.94
C LEU D 6 -52.15 32.03 22.66
N VAL D 7 -52.73 30.94 22.20
CA VAL D 7 -53.95 30.39 22.78
C VAL D 7 -53.73 28.91 23.06
N GLU D 8 -54.03 28.49 24.28
CA GLU D 8 -53.86 27.11 24.72
C GLU D 8 -55.19 26.36 24.65
N SER D 9 -55.11 25.07 24.39
CA SER D 9 -56.30 24.23 24.33
C SER D 9 -55.89 22.78 24.54
N GLY D 10 -56.88 21.94 24.83
CA GLY D 10 -56.68 20.51 25.00
C GLY D 10 -56.61 20.05 26.44
N GLY D 11 -56.44 20.97 27.39
CA GLY D 11 -56.36 20.57 28.78
C GLY D 11 -57.67 19.98 29.26
N GLY D 12 -57.56 19.01 30.15
CA GLY D 12 -58.75 18.37 30.70
C GLY D 12 -58.36 17.23 31.63
N LEU D 13 -59.39 16.58 32.17
CA LEU D 13 -59.17 15.47 33.07
C LEU D 13 -58.56 14.28 32.31
N VAL D 14 -57.63 13.59 32.96
CA VAL D 14 -56.97 12.44 32.36
C VAL D 14 -56.49 11.53 33.49
N GLN D 15 -56.51 10.23 33.24
CA GLN D 15 -56.06 9.27 34.23
C GLN D 15 -54.55 9.37 34.43
N THR D 16 -54.11 9.15 35.66
CA THR D 16 -52.68 9.16 35.96
C THR D 16 -51.97 8.06 35.20
N GLY D 17 -50.83 8.40 34.60
CA GLY D 17 -50.08 7.44 33.82
C GLY D 17 -50.59 7.24 32.40
N GLY D 18 -51.59 7.99 31.98
CA GLY D 18 -52.16 7.86 30.65
C GLY D 18 -51.46 8.74 29.64
N SER D 19 -52.21 9.11 28.59
CA SER D 19 -51.70 9.94 27.51
C SER D 19 -52.62 11.13 27.30
N LEU D 20 -52.02 12.28 26.99
CA LEU D 20 -52.78 13.49 26.74
C LEU D 20 -51.95 14.40 25.85
N ARG D 21 -52.61 15.41 25.27
CA ARG D 21 -51.93 16.37 24.42
C ARG D 21 -52.50 17.76 24.63
N LEU D 22 -51.62 18.75 24.63
CA LEU D 22 -51.99 20.16 24.74
C LEU D 22 -51.49 20.90 23.51
N SER D 23 -52.34 21.72 22.92
CA SER D 23 -52.01 22.45 21.70
C SER D 23 -51.99 23.94 22.00
N CYS D 24 -50.87 24.59 21.70
CA CYS D 24 -50.74 26.04 21.79
C CYS D 24 -50.61 26.59 20.38
N ALA D 25 -51.55 27.44 20.00
CA ALA D 25 -51.58 28.04 18.67
C ALA D 25 -51.10 29.48 18.75
N ALA D 26 -50.17 29.83 17.86
CA ALA D 26 -49.58 31.17 17.81
C ALA D 26 -50.00 31.85 16.52
N SER D 27 -50.52 33.07 16.64
CA SER D 27 -50.96 33.86 15.50
C SER D 27 -50.27 35.21 15.53
N GLY D 28 -49.84 35.68 14.36
CA GLY D 28 -49.16 36.96 14.25
C GLY D 28 -47.90 36.90 13.41
N ARG D 29 -46.77 37.21 14.02
CA ARG D 29 -45.50 37.27 13.31
C ARG D 29 -45.01 35.86 13.01
N THR D 30 -43.79 35.75 12.46
CA THR D 30 -43.23 34.46 12.08
C THR D 30 -42.98 33.63 13.34
N PHE D 31 -43.78 32.57 13.51
CA PHE D 31 -43.59 31.69 14.66
C PHE D 31 -42.32 30.85 14.52
N SER D 32 -41.90 30.55 13.30
CA SER D 32 -40.73 29.70 13.09
C SER D 32 -39.48 30.29 13.72
N ASN D 33 -39.44 31.60 13.92
CA ASN D 33 -38.30 32.28 14.52
C ASN D 33 -38.44 32.44 16.03
N TYR D 34 -39.48 31.88 16.63
CA TYR D 34 -39.78 32.08 18.05
C TYR D 34 -39.55 30.77 18.80
N VAL D 35 -38.68 30.83 19.82
CA VAL D 35 -38.56 29.71 20.76
C VAL D 35 -39.85 29.59 21.55
N MET D 36 -40.19 28.36 21.93
CA MET D 36 -41.46 28.09 22.58
C MET D 36 -41.22 27.44 23.93
N GLY D 37 -42.04 27.81 24.91
CA GLY D 37 -41.88 27.27 26.26
C GLY D 37 -43.19 27.01 26.96
N TRP D 38 -43.32 25.81 27.53
CA TRP D 38 -44.50 25.42 28.29
C TRP D 38 -44.16 25.43 29.78
N PHE D 39 -44.97 26.14 30.56
CA PHE D 39 -44.82 26.25 32.00
C PHE D 39 -46.10 25.77 32.68
N ARG D 40 -45.99 25.47 33.97
CA ARG D 40 -47.13 25.02 34.76
C ARG D 40 -47.28 25.91 35.99
N GLN D 41 -48.53 26.15 36.38
CA GLN D 41 -48.83 26.93 37.58
C GLN D 41 -50.06 26.33 38.25
N ALA D 42 -49.91 25.92 39.50
CA ALA D 42 -51.03 25.38 40.24
C ALA D 42 -51.89 26.51 40.79
N PRO D 43 -53.18 26.23 41.05
CA PRO D 43 -54.06 27.29 41.59
C PRO D 43 -53.49 27.93 42.84
N GLY D 44 -53.19 29.22 42.77
CA GLY D 44 -52.62 29.93 43.90
C GLY D 44 -51.13 29.71 44.12
N LYS D 45 -50.44 29.17 43.13
CA LYS D 45 -49.00 28.91 43.21
C LYS D 45 -48.27 29.70 42.14
N GLU D 46 -46.97 29.48 42.04
CA GLU D 46 -46.12 30.18 41.10
C GLU D 46 -46.00 29.38 39.80
N ARG D 47 -45.40 30.03 38.79
CA ARG D 47 -45.20 29.40 37.49
C ARG D 47 -43.89 28.62 37.50
N GLU D 48 -43.95 27.36 37.08
CA GLU D 48 -42.80 26.46 37.08
C GLU D 48 -42.54 25.96 35.67
N PHE D 49 -41.26 25.92 35.29
CA PHE D 49 -40.88 25.49 33.95
C PHE D 49 -41.21 24.01 33.75
N VAL D 50 -41.78 23.70 32.58
CA VAL D 50 -42.13 22.33 32.21
C VAL D 50 -41.28 21.84 31.04
N SER D 51 -41.31 22.56 29.92
CA SER D 51 -40.58 22.12 28.75
C SER D 51 -40.28 23.32 27.85
N SER D 52 -39.36 23.12 26.92
CA SER D 52 -38.97 24.16 25.98
C SER D 52 -38.52 23.53 24.68
N ILE D 53 -38.91 24.14 23.56
CA ILE D 53 -38.50 23.70 22.23
C ILE D 53 -37.97 24.91 21.47
N GLU D 54 -37.02 24.66 20.59
CA GLU D 54 -36.29 25.72 19.92
C GLU D 54 -37.03 26.21 18.67
N TRP D 55 -36.64 27.39 18.21
CA TRP D 55 -37.30 27.99 17.06
C TRP D 55 -37.12 27.13 15.81
N ASN D 56 -35.92 26.57 15.61
CA ASN D 56 -35.63 25.75 14.44
C ASN D 56 -35.96 24.28 14.66
N SER D 57 -36.52 23.92 15.81
CA SER D 57 -36.91 22.54 16.09
C SER D 57 -35.69 21.60 15.99
N GLU D 58 -34.64 21.95 16.72
CA GLU D 58 -33.40 21.17 16.73
C GLU D 58 -33.30 20.28 17.98
N ASN D 59 -33.54 20.84 19.15
CA ASN D 59 -33.46 20.10 20.41
C ASN D 59 -34.60 20.52 21.32
N THR D 60 -34.92 19.64 22.27
CA THR D 60 -35.97 19.89 23.25
C THR D 60 -35.39 19.71 24.65
N PHE D 61 -35.94 20.47 25.60
CA PHE D 61 -35.46 20.45 26.98
C PHE D 61 -36.64 20.38 27.93
N TYR D 62 -36.39 19.81 29.11
CA TYR D 62 -37.42 19.62 30.11
C TYR D 62 -36.83 19.83 31.50
N ALA D 63 -37.71 20.02 32.47
CA ALA D 63 -37.29 20.26 33.85
C ALA D 63 -36.94 18.93 34.52
N ASN D 64 -36.66 18.98 35.82
CA ASN D 64 -36.18 17.80 36.53
C ASN D 64 -37.24 16.71 36.60
N SER D 65 -38.45 17.06 37.03
CA SER D 65 -39.50 16.08 37.30
C SER D 65 -40.41 15.83 36.11
N VAL D 66 -40.13 16.44 34.95
CA VAL D 66 -40.95 16.27 33.77
C VAL D 66 -40.18 15.75 32.57
N LYS D 67 -38.86 15.59 32.67
CA LYS D 67 -38.08 15.09 31.54
C LYS D 67 -38.40 13.62 31.28
N GLY D 68 -38.39 13.26 30.00
CA GLY D 68 -38.69 11.89 29.59
C GLY D 68 -40.17 11.57 29.56
N ARG D 69 -40.89 11.86 30.65
CA ARG D 69 -42.32 11.59 30.67
C ARG D 69 -43.06 12.42 29.63
N PHE D 70 -42.67 13.68 29.46
CA PHE D 70 -43.35 14.61 28.57
C PHE D 70 -42.48 14.87 27.34
N THR D 71 -43.15 15.16 26.22
CA THR D 71 -42.49 15.47 24.97
C THR D 71 -43.05 16.76 24.39
N ILE D 72 -42.26 17.42 23.56
CA ILE D 72 -42.64 18.69 22.95
C ILE D 72 -42.29 18.65 21.47
N SER D 73 -43.18 19.17 20.63
CA SER D 73 -42.93 19.28 19.20
C SER D 73 -43.65 20.53 18.69
N ARG D 74 -43.22 21.00 17.52
CA ARG D 74 -43.82 22.19 16.95
C ARG D 74 -43.84 22.08 15.43
N ASP D 75 -44.87 22.69 14.83
CA ASP D 75 -45.00 22.78 13.38
C ASP D 75 -45.06 24.26 13.01
N ASN D 76 -44.10 24.69 12.18
CA ASN D 76 -44.05 26.09 11.75
C ASN D 76 -45.12 26.39 10.70
N ALA D 77 -45.37 25.44 9.79
CA ALA D 77 -46.40 25.66 8.78
C ALA D 77 -47.77 25.86 9.43
N LYS D 78 -48.08 25.05 10.44
CA LYS D 78 -49.31 25.23 11.21
C LYS D 78 -49.18 26.32 12.27
N ASN D 79 -47.97 26.79 12.54
CA ASN D 79 -47.74 27.78 13.59
C ASN D 79 -48.32 27.30 14.92
N THR D 80 -48.09 26.01 15.23
CA THR D 80 -48.66 25.38 16.40
C THR D 80 -47.59 24.59 17.14
N VAL D 81 -47.83 24.34 18.42
CA VAL D 81 -46.93 23.55 19.25
C VAL D 81 -47.76 22.54 20.03
N TYR D 82 -47.34 21.28 20.01
CA TYR D 82 -48.02 20.20 20.68
C TYR D 82 -47.13 19.65 21.79
N LEU D 83 -47.65 19.63 23.01
CA LEU D 83 -46.97 19.04 24.16
C LEU D 83 -47.70 17.77 24.54
N GLN D 84 -46.99 16.65 24.48
CA GLN D 84 -47.56 15.33 24.73
C GLN D 84 -47.22 14.91 26.16
N MET D 85 -48.25 14.69 26.96
CA MET D 85 -48.11 14.20 28.32
C MET D 85 -48.20 12.68 28.30
N ASN D 86 -47.11 12.01 28.66
CA ASN D 86 -47.06 10.56 28.74
C ASN D 86 -46.58 10.15 30.12
N SER D 87 -47.20 9.11 30.67
CA SER D 87 -46.91 8.65 32.03
C SER D 87 -47.12 9.78 33.04
N LEU D 88 -48.34 10.30 33.04
CA LEU D 88 -48.67 11.46 33.86
C LEU D 88 -48.69 11.08 35.34
N LYS D 89 -48.51 12.10 36.18
CA LYS D 89 -48.55 11.96 37.62
C LYS D 89 -49.62 12.87 38.20
N ALA D 90 -50.10 12.49 39.39
CA ALA D 90 -51.17 13.26 40.04
C ALA D 90 -50.75 14.69 40.35
N GLU D 91 -49.44 14.97 40.40
CA GLU D 91 -48.95 16.30 40.71
C GLU D 91 -49.06 17.26 39.53
N ASP D 92 -49.42 16.77 38.34
CA ASP D 92 -49.52 17.60 37.15
C ASP D 92 -50.86 18.32 37.02
N THR D 93 -51.63 18.41 38.11
CA THR D 93 -52.91 19.10 38.09
C THR D 93 -52.65 20.60 38.24
N ALA D 94 -52.79 21.34 37.14
CA ALA D 94 -52.48 22.76 37.14
C ALA D 94 -52.84 23.40 35.81
N VAL D 95 -52.66 24.71 35.69
CA VAL D 95 -52.86 25.42 34.43
C VAL D 95 -51.51 25.47 33.71
N TYR D 96 -51.49 24.96 32.48
CA TYR D 96 -50.31 24.99 31.63
C TYR D 96 -50.38 26.20 30.73
N TYR D 97 -49.37 27.05 30.80
CA TYR D 97 -49.26 28.25 29.98
C TYR D 97 -48.21 28.04 28.91
N CYS D 98 -48.44 28.63 27.74
CA CYS D 98 -47.54 28.50 26.60
C CYS D 98 -47.06 29.88 26.21
N ALA D 99 -45.73 30.03 26.09
CA ALA D 99 -45.11 31.33 25.88
C ALA D 99 -44.18 31.28 24.69
N ALA D 100 -44.11 32.38 23.96
CA ALA D 100 -43.22 32.54 22.81
C ALA D 100 -42.18 33.60 23.11
N ASP D 101 -40.91 33.26 22.88
CA ASP D 101 -39.80 34.18 23.11
C ASP D 101 -38.83 34.03 21.95
N ARG D 102 -38.60 35.13 21.23
CA ARG D 102 -37.79 35.10 20.01
C ARG D 102 -36.33 34.92 20.41
N GLY D 103 -35.92 33.66 20.53
CA GLY D 103 -34.57 33.32 20.93
C GLY D 103 -33.94 32.33 19.97
N SER D 104 -32.70 31.96 20.28
CA SER D 104 -31.94 31.02 19.48
C SER D 104 -32.28 29.58 19.92
N SER D 105 -31.49 28.62 19.47
CA SER D 105 -31.77 27.20 19.65
C SER D 105 -31.05 26.60 20.85
N TYR D 106 -30.92 27.35 21.94
CA TYR D 106 -30.26 26.88 23.15
C TYR D 106 -31.27 26.69 24.27
N TYR D 107 -30.82 25.98 25.31
CA TYR D 107 -31.58 25.80 26.54
C TYR D 107 -32.29 27.08 26.97
N TYR D 108 -33.55 26.93 27.38
CA TYR D 108 -34.33 28.05 27.90
C TYR D 108 -35.30 27.49 28.94
N THR D 109 -35.03 27.75 30.21
CA THR D 109 -35.82 27.17 31.30
C THR D 109 -36.51 28.20 32.17
N ARG D 110 -35.80 29.24 32.61
CA ARG D 110 -36.37 30.18 33.57
C ARG D 110 -37.51 30.96 32.94
N ALA D 111 -38.54 31.24 33.75
CA ALA D 111 -39.66 32.03 33.27
C ALA D 111 -39.22 33.43 32.85
N SER D 112 -38.20 33.98 33.52
CA SER D 112 -37.68 35.29 33.15
C SER D 112 -37.06 35.29 31.76
N GLU D 113 -36.75 34.11 31.21
CA GLU D 113 -36.18 33.99 29.89
C GLU D 113 -37.25 33.98 28.79
N TYR D 114 -38.48 34.38 29.10
CA TYR D 114 -39.55 34.44 28.13
C TYR D 114 -40.26 35.78 28.26
N THR D 115 -40.83 36.24 27.13
CA THR D 115 -41.48 37.54 27.06
C THR D 115 -43.00 37.44 27.14
N TYR D 116 -43.61 36.61 26.29
CA TYR D 116 -45.06 36.52 26.22
C TYR D 116 -45.58 35.44 27.16
N TRP D 117 -46.90 35.41 27.32
CA TRP D 117 -47.57 34.42 28.14
C TRP D 117 -48.98 34.20 27.60
N GLY D 118 -49.36 32.94 27.44
CA GLY D 118 -50.66 32.60 26.92
C GLY D 118 -51.74 32.59 27.98
N GLN D 119 -52.98 32.36 27.52
CA GLN D 119 -54.10 32.31 28.44
C GLN D 119 -53.97 31.15 29.42
N GLY D 120 -53.56 29.99 28.94
CA GLY D 120 -53.37 28.82 29.77
C GLY D 120 -54.56 27.88 29.70
N THR D 121 -54.27 26.58 29.80
CA THR D 121 -55.28 25.54 29.76
C THR D 121 -55.16 24.68 31.02
N GLN D 122 -56.30 24.41 31.65
CA GLN D 122 -56.31 23.63 32.88
C GLN D 122 -56.22 22.14 32.57
N VAL D 123 -55.31 21.44 33.23
CA VAL D 123 -55.14 20.00 33.08
C VAL D 123 -55.24 19.38 34.47
N THR D 124 -56.05 18.33 34.58
CA THR D 124 -56.27 17.63 35.84
C THR D 124 -55.87 16.18 35.68
N VAL D 125 -55.09 15.66 36.65
CA VAL D 125 -54.63 14.28 36.65
C VAL D 125 -55.08 13.64 37.96
N SER D 126 -55.74 12.49 37.86
CA SER D 126 -56.23 11.77 39.03
C SER D 126 -55.24 10.68 39.44
C1 NAG E . -3.01 30.30 41.96
C2 NAG E . -1.70 30.83 42.54
C3 NAG E . -1.38 30.11 43.84
C4 NAG E . -2.55 30.21 44.80
C5 NAG E . -3.84 29.74 44.14
C6 NAG E . -5.06 29.96 45.00
C7 NAG E . -0.17 31.68 40.81
C8 NAG E . 0.96 31.35 39.89
N2 NAG E . -0.61 30.68 41.59
O3 NAG E . -0.21 30.68 44.42
O4 NAG E . -2.31 29.41 45.96
O5 NAG E . -4.06 30.46 42.91
O6 NAG E . -4.88 31.03 45.91
O7 NAG E . -0.68 32.79 40.86
C1 NAG E . -1.48 30.13 46.88
C2 NAG E . -1.67 29.54 48.28
C3 NAG E . -0.76 30.24 49.29
C4 NAG E . 0.69 30.20 48.81
C5 NAG E . 0.79 30.76 47.39
C6 NAG E . 2.18 30.64 46.81
C7 NAG E . -4.01 28.76 48.33
C8 NAG E . -5.39 29.03 48.85
N2 NAG E . -3.06 29.64 48.69
O3 NAG E . -0.87 29.60 50.56
O4 NAG E . 1.50 30.96 49.68
O5 NAG E . -0.10 30.04 46.51
O6 NAG E . 2.78 29.40 47.15
O7 NAG E . -3.75 27.80 47.61
C1 NAG F . 58.82 -24.95 28.81
C2 NAG F . 60.19 -24.33 28.52
C3 NAG F . 61.22 -24.81 29.55
C4 NAG F . 60.70 -24.55 30.96
C5 NAG F . 59.31 -25.16 31.14
C6 NAG F . 58.69 -24.84 32.49
C7 NAG F . 60.87 -25.86 26.70
C8 NAG F . 60.63 -27.00 27.64
N2 NAG F . 60.64 -24.63 27.17
O3 NAG F . 62.44 -24.12 29.35
O4 NAG F . 61.59 -25.13 31.92
O5 NAG F . 58.43 -24.64 30.14
O6 NAG F . 58.04 -23.59 32.46
O7 NAG F . 61.25 -26.04 25.54
C1 NAG F . 62.60 -24.17 32.27
C2 NAG F . 62.84 -24.27 33.79
C3 NAG F . 63.96 -23.31 34.20
C4 NAG F . 65.21 -23.56 33.36
C5 NAG F . 64.87 -23.49 31.88
C6 NAG F . 66.04 -23.84 30.98
C7 NAG F . 60.88 -24.94 35.10
C8 NAG F . 59.66 -24.47 35.83
N2 NAG F . 61.62 -23.99 34.53
O3 NAG F . 64.25 -23.49 35.57
O4 NAG F . 66.21 -22.61 33.67
O5 NAG F . 63.82 -24.42 31.57
O6 NAG F . 66.28 -25.24 30.96
O7 NAG F . 61.19 -26.13 35.03
C1 BMA F . 67.08 -23.18 34.68
C2 BMA F . 68.54 -22.75 34.39
C3 BMA F . 69.45 -23.26 35.50
C4 BMA F . 68.90 -22.92 36.92
C5 BMA F . 67.44 -23.39 37.03
C6 BMA F . 66.80 -23.03 38.36
O2 BMA F . 68.63 -21.33 34.36
O3 BMA F . 70.83 -22.84 35.34
O4 BMA F . 69.68 -23.56 37.90
O5 BMA F . 66.68 -22.77 35.98
O6 BMA F . 67.18 -24.02 39.31
C1 MAN F . 71.09 -21.48 35.79
C2 MAN F . 71.69 -21.56 37.23
C3 MAN F . 71.53 -20.23 37.93
C4 MAN F . 71.41 -19.10 36.89
C5 MAN F . 70.10 -19.27 36.10
C6 MAN F . 70.04 -18.43 34.84
O2 MAN F . 73.09 -21.82 37.20
O3 MAN F . 72.60 -19.97 38.83
O4 MAN F . 71.42 -17.84 37.54
O5 MAN F . 69.92 -20.67 35.73
O6 MAN F . 70.43 -17.10 35.18
C1 MAN F . 66.18 -25.06 39.31
C2 MAN F . 66.38 -25.91 40.60
C3 MAN F . 67.65 -26.76 40.48
C4 MAN F . 67.66 -27.54 39.16
C5 MAN F . 67.52 -26.56 37.99
C6 MAN F . 67.49 -27.26 36.64
O2 MAN F . 65.30 -26.83 40.79
O3 MAN F . 67.78 -27.65 41.58
O4 MAN F . 68.87 -28.27 39.04
O5 MAN F . 66.28 -25.84 38.14
O6 MAN F . 68.61 -28.14 36.57
C1 NAG G . 38.80 -47.59 17.99
C2 NAG G . 39.29 -48.84 18.72
C3 NAG G . 38.53 -50.07 18.25
C4 NAG G . 37.02 -49.84 18.40
C5 NAG G . 36.62 -48.56 17.68
C6 NAG G . 35.17 -48.21 17.86
C7 NAG G . 41.64 -48.65 19.43
C8 NAG G . 43.07 -48.91 19.06
N2 NAG G . 40.72 -49.02 18.52
O3 NAG G . 38.91 -51.20 19.02
O4 NAG G . 36.31 -50.95 17.84
O5 NAG G . 37.38 -47.46 18.18
O6 NAG G . 34.91 -46.85 17.54
O7 NAG G . 41.33 -48.12 20.49
C1 NAG G . 35.25 -51.31 18.74
C2 NAG G . 34.17 -52.05 17.96
C3 NAG G . 33.05 -52.49 18.90
C4 NAG G . 33.62 -53.28 20.08
C5 NAG G . 34.73 -52.50 20.77
C6 NAG G . 35.42 -53.27 21.85
C7 NAG G . 33.13 -51.74 15.77
C8 NAG G . 32.63 -50.75 14.76
N2 NAG G . 33.65 -51.24 16.89
O3 NAG G . 32.12 -53.29 18.18
O4 NAG G . 32.58 -53.56 21.02
O5 NAG G . 35.74 -52.14 19.81
O6 NAG G . 36.45 -54.11 21.33
O7 NAG G . 33.08 -52.95 15.57
C1 BMA G . 32.63 -54.95 21.37
C2 BMA G . 31.77 -55.14 22.65
C3 BMA G . 31.62 -56.62 22.98
C4 BMA G . 31.20 -57.43 21.74
C5 BMA G . 32.16 -57.17 20.58
C6 BMA G . 31.80 -57.91 19.31
O2 BMA G . 30.46 -54.63 22.45
O3 BMA G . 30.69 -56.84 24.03
O4 BMA G . 31.19 -58.82 22.05
O5 BMA G . 32.14 -55.76 20.30
O6 BMA G . 30.43 -58.29 19.41
C1 MAN G . 31.33 -57.61 25.06
C2 MAN G . 31.20 -56.81 26.39
C3 MAN G . 32.26 -57.27 27.38
C4 MAN G . 32.72 -58.68 27.03
C5 MAN G . 33.44 -58.66 25.67
C6 MAN G . 33.64 -60.04 25.06
O2 MAN G . 29.94 -57.06 27.03
O3 MAN G . 31.81 -57.21 28.72
O4 MAN G . 33.61 -59.17 28.02
O5 MAN G . 32.69 -57.86 24.73
O6 MAN G . 34.49 -59.90 23.93
C1 MAN G . 29.86 -58.33 18.08
C2 MAN G . 30.34 -57.06 17.32
C3 MAN G . 29.64 -55.82 17.87
C4 MAN G . 28.12 -56.02 17.92
C5 MAN G . 27.80 -57.27 18.77
C6 MAN G . 26.32 -57.57 18.84
O2 MAN G . 29.99 -57.14 15.94
O3 MAN G . 29.96 -54.67 17.09
O4 MAN G . 27.50 -54.89 18.50
O5 MAN G . 28.45 -58.40 18.16
O6 MAN G . 25.65 -56.37 19.23
C1 NAG H . 23.07 -53.20 2.94
C2 NAG H . 23.12 -54.72 3.16
C3 NAG H . 21.77 -55.35 2.82
C4 NAG H . 20.65 -54.66 3.59
C5 NAG H . 20.70 -53.16 3.35
C6 NAG H . 19.69 -52.39 4.17
C7 NAG H . 24.29 -55.32 1.06
C8 NAG H . 23.19 -54.60 0.32
N2 NAG H . 24.19 -55.33 2.39
O3 NAG H . 21.81 -56.73 3.15
O4 NAG H . 19.39 -55.17 3.16
O5 NAG H . 21.99 -52.65 3.71
O6 NAG H . 20.21 -52.05 5.45
O7 NAG H . 25.22 -55.84 0.46
C1 NAG H . 18.66 -55.70 4.29
C2 NAG H . 19.51 -56.80 4.91
C3 NAG H . 19.02 -57.10 6.33
C4 NAG H . 17.61 -56.59 6.56
C5 NAG H . 17.47 -55.09 6.25
C6 NAG H . 17.71 -54.21 7.45
C7 NAG H . 18.38 -58.63 3.74
C8 NAG H . 18.56 -59.86 2.89
N2 NAG H . 19.50 -58.00 4.10
O3 NAG H . 19.92 -56.52 7.28
O4 NAG H . 16.68 -57.32 5.77
O5 NAG H . 18.42 -54.69 5.24
O6 NAG H . 17.40 -54.88 8.65
O7 NAG H . 17.28 -58.23 4.07
C1 BMA H . 15.35 -57.06 6.28
C2 BMA H . 14.33 -57.52 5.22
C3 BMA H . 12.91 -57.39 5.78
C4 BMA H . 12.79 -58.07 7.16
C5 BMA H . 13.87 -57.52 8.11
C6 BMA H . 13.84 -58.17 9.47
O2 BMA H . 14.52 -58.88 4.88
O3 BMA H . 11.94 -57.94 4.89
O4 BMA H . 11.51 -57.83 7.70
O5 BMA H . 15.15 -57.75 7.52
O6 BMA H . 15.15 -58.11 10.02
C1 MAN H . 11.02 -56.93 4.40
C2 MAN H . 11.84 -55.86 3.56
C3 MAN H . 12.35 -54.69 4.40
C4 MAN H . 11.25 -54.16 5.30
C5 MAN H . 10.83 -55.27 6.26
C6 MAN H . 9.81 -54.81 7.27
O2 MAN H . 11.05 -55.27 2.53
O3 MAN H . 12.88 -53.65 3.58
O4 MAN H . 11.73 -53.06 6.06
O5 MAN H . 10.23 -56.33 5.48
O6 MAN H . 10.30 -53.64 7.91
C1 MAN H . 15.72 -59.45 9.99
C2 MAN H . 17.25 -59.30 10.19
C3 MAN H . 17.93 -60.67 10.13
C4 MAN H . 17.00 -61.71 9.50
C5 MAN H . 16.32 -61.08 8.29
C6 MAN H . 15.55 -62.07 7.44
O2 MAN H . 17.56 -58.78 11.48
O3 MAN H . 18.38 -61.10 11.40
O4 MAN H . 17.74 -62.84 9.09
O5 MAN H . 15.37 -60.09 8.76
O6 MAN H . 14.41 -62.49 8.18
C1 NAG I . 46.04 -35.36 29.74
C2 NAG I . 44.91 -36.18 30.35
C3 NAG I . 43.74 -35.27 30.71
C4 NAG I . 44.22 -34.11 31.59
C5 NAG I . 45.43 -33.41 30.98
C6 NAG I . 46.06 -32.39 31.89
C7 NAG I . 44.01 -36.98 28.21
C8 NAG I . 43.60 -38.17 27.40
N2 NAG I . 44.48 -37.22 29.43
O3 NAG I . 42.75 -36.02 31.39
O4 NAG I . 43.16 -33.17 31.72
O5 NAG I . 46.45 -34.37 30.66
O6 NAG I . 45.96 -32.78 33.25
O7 NAG I . 43.91 -35.83 27.76
C1 FUC I . 46.84 -33.91 33.48
C2 FUC I . 48.21 -33.56 32.89
C3 FUC I . 49.17 -34.73 33.07
C4 FUC I . 49.26 -35.20 34.54
C5 FUC I . 47.86 -35.24 35.24
C6 FUC I . 47.11 -36.55 35.03
O2 FUC I . 48.75 -32.37 33.45
O3 FUC I . 48.76 -35.84 32.28
O4 FUC I . 49.84 -36.49 34.61
O5 FUC I . 46.96 -34.17 34.86
C1 GAL I . 51.10 -36.47 33.92
C2 GAL I . 52.14 -37.21 34.77
C3 GAL I . 53.24 -37.87 33.89
C4 GAL I . 53.48 -37.11 32.57
C5 GAL I . 52.16 -36.84 31.84
C6 GAL I . 51.95 -37.67 30.58
O2 GAL I . 52.80 -36.35 35.69
O3 GAL I . 52.89 -39.22 33.57
O4 GAL I . 54.34 -37.86 31.73
O5 GAL I . 51.02 -37.10 32.67
O6 GAL I . 50.65 -37.49 30.05
C1 FUC I . 54.03 -36.98 36.13
C2 FUC I . 54.77 -35.97 37.04
C3 FUC I . 53.98 -35.73 38.33
C4 FUC I . 53.71 -37.07 39.03
C5 FUC I . 53.03 -38.04 38.07
C6 FUC I . 52.90 -39.46 38.63
O2 FUC I . 55.04 -34.74 36.38
O3 FUC I . 54.74 -34.92 39.22
O4 FUC I . 54.93 -37.63 39.49
O5 FUC I . 53.76 -38.17 36.82
C1 NAG I . 42.99 -32.72 33.09
C2 NAG I . 43.33 -33.86 34.06
C3 NAG I . 43.21 -33.38 35.49
C4 NAG I . 44.03 -32.12 35.71
C5 NAG I . 43.67 -31.06 34.68
C6 NAG I . 44.56 -29.84 34.76
C7 NAG I . 41.14 -34.98 33.97
C8 NAG I . 40.41 -36.27 33.69
N2 NAG I . 42.47 -35.02 33.82
O3 NAG I . 43.64 -34.41 36.37
O4 NAG I . 43.88 -31.60 37.03
O5 NAG I . 43.83 -31.60 33.36
O6 NAG I . 44.28 -28.92 33.71
O7 NAG I . 40.55 -33.96 34.31
C1 BMA I . 42.57 -31.69 37.69
C2 BMA I . 41.45 -30.92 36.87
C3 BMA I . 40.17 -30.97 37.68
C4 BMA I . 39.80 -32.43 38.02
C5 BMA I . 40.97 -33.12 38.75
C6 BMA I . 40.69 -34.59 39.04
O2 BMA I . 41.16 -31.56 35.64
O3 BMA I . 39.10 -30.34 36.97
O4 BMA I . 38.64 -32.45 38.85
O5 BMA I . 42.15 -33.04 37.92
O6 BMA I . 39.42 -34.68 39.70
C1 NAG J . 58.11 -46.38 25.42
C2 NAG J . 57.85 -47.42 26.50
C3 NAG J . 58.98 -48.45 26.52
C4 NAG J . 59.18 -49.05 25.14
C5 NAG J . 59.41 -47.94 24.12
C6 NAG J . 59.51 -48.45 22.71
C7 NAG J . 56.50 -46.48 28.32
C8 NAG J . 56.53 -45.84 29.68
N2 NAG J . 57.69 -46.80 27.81
O3 NAG J . 58.67 -49.47 27.46
O4 NAG J . 60.29 -49.93 25.14
O5 NAG J . 58.30 -47.02 24.15
O6 NAG J . 58.32 -49.10 22.30
O7 NAG J . 55.46 -46.70 27.72
C1 NAG J . 59.86 -51.20 24.61
C2 NAG J . 61.06 -52.10 24.38
C3 NAG J . 60.61 -53.46 23.86
C4 NAG J . 59.57 -54.07 24.78
C5 NAG J . 58.43 -53.09 25.01
C6 NAG J . 57.42 -53.57 26.03
C7 NAG J . 63.11 -50.86 23.86
C8 NAG J . 63.97 -50.27 22.77
N2 NAG J . 62.00 -51.49 23.46
O3 NAG J . 61.75 -54.32 23.77
O4 NAG J . 59.04 -55.25 24.20
O5 NAG J . 58.94 -51.84 25.51
O6 NAG J . 57.30 -52.67 27.13
O7 NAG J . 63.41 -50.75 25.04
C1 BMA J . 59.60 -56.41 24.87
C2 BMA J . 58.49 -57.49 24.90
C3 BMA J . 59.08 -58.84 25.35
C4 BMA J . 60.37 -59.18 24.59
C5 BMA J . 61.36 -58.03 24.75
C6 BMA J . 62.68 -58.28 24.04
O2 BMA J . 57.93 -57.67 23.61
O3 BMA J . 58.14 -59.92 25.27
O4 BMA J . 60.94 -60.38 25.09
O5 BMA J . 60.76 -56.85 24.18
O6 BMA J . 62.62 -57.68 22.75
C1 MAN J . 58.06 -60.43 23.91
C2 MAN J . 56.58 -60.84 23.67
C3 MAN J . 56.53 -61.87 22.56
C4 MAN J . 57.72 -61.72 21.62
C5 MAN J . 59.01 -62.06 22.38
C6 MAN J . 60.27 -61.53 21.72
O2 MAN J . 55.82 -59.72 23.19
O3 MAN J . 55.31 -61.80 21.83
O4 MAN J . 57.58 -62.59 20.51
O5 MAN J . 58.95 -61.52 23.73
O6 MAN J . 61.40 -62.08 22.39
C1 MAN J . 63.88 -57.88 22.08
C2 MAN J . 65.02 -57.79 23.14
C3 MAN J . 65.23 -56.35 23.59
C4 MAN J . 65.36 -55.41 22.37
C5 MAN J . 64.13 -55.55 21.48
C6 MAN J . 64.19 -54.68 20.25
O2 MAN J . 66.27 -58.22 22.61
O3 MAN J . 66.36 -56.21 24.44
O4 MAN J . 65.49 -54.07 22.81
O5 MAN J . 64.04 -56.93 21.05
O6 MAN J . 65.05 -55.31 19.31
C1 NAG K . 72.92 -32.23 24.69
C2 NAG K . 72.97 -31.49 26.02
C3 NAG K . 74.01 -30.38 25.97
C4 NAG K . 75.36 -30.93 25.55
C5 NAG K . 75.21 -31.70 24.22
C6 NAG K . 76.49 -32.37 23.79
C7 NAG K . 70.89 -31.47 27.33
C8 NAG K . 69.58 -30.79 27.55
N2 NAG K . 71.66 -30.96 26.37
O3 NAG K . 74.13 -29.79 27.27
O4 NAG K . 76.28 -29.88 25.38
O5 NAG K . 74.22 -32.73 24.36
O6 NAG K . 76.66 -33.63 24.45
O7 NAG K . 71.24 -32.45 27.98
C1 NAG K . 77.33 -30.01 26.36
C2 NAG K . 78.23 -28.78 26.30
C3 NAG K . 79.32 -28.86 27.37
C4 NAG K . 78.70 -29.09 28.74
C5 NAG K . 77.78 -30.32 28.69
C6 NAG K . 77.05 -30.54 30.00
C7 NAG K . 79.63 -29.49 24.38
C8 NAG K . 79.94 -30.74 25.15
N2 NAG K . 78.81 -28.61 24.97
O3 NAG K . 80.06 -27.64 27.37
O4 NAG K . 79.72 -29.30 29.70
O5 NAG K . 76.79 -30.14 27.68
O6 NAG K . 76.51 -31.85 30.07
O7 NAG K . 80.09 -29.29 23.26
C1 NAG L . 53.00 -64.14 -1.75
C2 NAG L . 52.01 -65.28 -1.97
C3 NAG L . 51.75 -66.03 -0.66
C4 NAG L . 53.06 -66.48 -0.04
C5 NAG L . 54.01 -65.29 0.10
C6 NAG L . 55.38 -65.68 0.61
C7 NAG L . 50.29 -65.17 -3.73
C8 NAG L . 48.99 -64.57 -4.15
N2 NAG L . 50.75 -64.80 -2.53
O3 NAG L . 50.92 -67.16 -0.91
O4 NAG L . 52.82 -67.05 1.24
O5 NAG L . 54.19 -64.66 -1.16
O6 NAG L . 56.29 -65.85 -0.47
O7 NAG L . 50.90 -65.96 -4.44
C1 NAG L . 52.72 -68.48 1.09
C2 NAG L . 53.60 -69.14 2.14
C3 NAG L . 53.47 -70.67 2.04
C4 NAG L . 52.02 -71.09 2.11
C5 NAG L . 51.20 -70.34 1.06
C6 NAG L . 49.72 -70.62 1.15
C7 NAG L . 55.71 -68.97 0.91
C8 NAG L . 57.12 -68.47 0.93
N2 NAG L . 54.99 -68.74 2.00
O3 NAG L . 54.20 -71.27 3.10
O4 NAG L . 51.90 -72.49 1.87
O5 NAG L . 51.36 -68.92 1.23
O6 NAG L . 48.97 -69.77 0.27
O7 NAG L . 55.24 -69.54 -0.07
C1 BMA L . 51.61 -73.15 3.12
C2 BMA L . 52.24 -74.56 3.08
C3 BMA L . 52.12 -75.25 4.44
C4 BMA L . 52.58 -74.32 5.57
C5 BMA L . 51.84 -72.99 5.49
C6 BMA L . 52.26 -72.00 6.58
O2 BMA L . 53.64 -74.47 2.78
O3 BMA L . 52.83 -76.47 4.47
O4 BMA L . 52.34 -74.94 6.82
O5 BMA L . 52.11 -72.39 4.22
O6 BMA L . 53.59 -71.59 6.29
C1 NAG M . 54.44 -54.27 -19.72
C2 NAG M . 54.60 -54.97 -21.06
C3 NAG M . 55.95 -55.69 -21.11
C4 NAG M . 57.08 -54.72 -20.78
C5 NAG M . 56.80 -54.00 -19.46
C6 NAG M . 57.81 -52.94 -19.14
C7 NAG M . 52.43 -55.60 -22.02
C8 NAG M . 51.41 -56.69 -22.17
N2 NAG M . 53.52 -55.90 -21.30
O3 NAG M . 56.14 -56.24 -22.41
O4 NAG M . 58.30 -55.43 -20.67
O5 NAG M . 55.52 -53.36 -19.51
O6 NAG M . 57.89 -51.97 -20.19
O7 NAG M . 52.29 -54.50 -22.54
C1 NAG M . 59.34 -54.71 -21.35
C2 NAG M . 60.62 -55.55 -21.31
C3 NAG M . 61.74 -54.83 -22.07
C4 NAG M . 61.29 -54.48 -23.47
C5 NAG M . 59.98 -53.68 -23.43
C6 NAG M . 59.41 -53.41 -24.80
C7 NAG M . 61.34 -54.87 -19.06
C8 NAG M . 61.74 -55.35 -17.70
N2 NAG M . 61.02 -55.82 -19.94
O3 NAG M . 62.89 -55.68 -22.11
O4 NAG M . 62.28 -53.68 -24.12
O5 NAG M . 58.98 -54.44 -22.71
O6 NAG M . 58.65 -54.51 -25.28
O7 NAG M . 61.32 -53.69 -19.36
C1 BMA M . 63.27 -54.54 -24.70
C2 BMA M . 63.09 -54.52 -26.24
C3 BMA M . 64.27 -55.27 -26.92
C4 BMA M . 65.64 -54.88 -26.35
C5 BMA M . 65.61 -54.98 -24.81
C6 BMA M . 66.92 -54.55 -24.17
O2 BMA M . 63.07 -53.20 -26.73
O3 BMA M . 64.24 -55.18 -28.37
O4 BMA M . 66.64 -55.74 -26.87
O5 BMA M . 64.57 -54.12 -24.33
O6 BMA M . 66.72 -54.51 -22.76
C1 MAN M . 64.69 -53.92 -28.95
C2 MAN M . 66.22 -54.16 -29.43
C3 MAN M . 67.24 -53.34 -28.65
C4 MAN M . 66.72 -51.95 -28.40
C5 MAN M . 65.58 -52.08 -27.41
C6 MAN M . 65.07 -50.75 -26.91
O2 MAN M . 66.38 -53.78 -30.79
O3 MAN M . 68.49 -53.28 -29.33
O4 MAN M . 67.73 -51.14 -27.83
O5 MAN M . 64.47 -52.77 -28.05
O6 MAN M . 66.19 -49.98 -26.46
C1 MAN M . 67.83 -55.16 -22.11
C2 MAN M . 68.21 -56.42 -22.95
C3 MAN M . 67.15 -57.51 -22.79
C4 MAN M . 66.84 -57.76 -21.31
C5 MAN M . 66.41 -56.45 -20.65
C6 MAN M . 66.12 -56.61 -19.17
O2 MAN M . 69.43 -57.01 -22.49
O3 MAN M . 67.53 -58.72 -23.43
O4 MAN M . 65.80 -58.72 -21.19
O5 MAN M . 67.49 -55.50 -20.78
O6 MAN M . 65.47 -55.43 -18.71
C1 NAG N . 39.06 -50.73 -20.20
C2 NAG N . 38.82 -52.23 -20.02
C3 NAG N . 38.17 -52.81 -21.27
C4 NAG N . 36.90 -52.04 -21.62
C5 NAG N . 37.24 -50.55 -21.76
C6 NAG N . 36.02 -49.69 -22.01
C7 NAG N . 40.55 -53.05 -18.48
C8 NAG N . 41.83 -53.81 -18.35
N2 NAG N . 40.06 -52.94 -19.72
O3 NAG N . 37.86 -54.19 -21.05
O4 NAG N . 36.34 -52.53 -22.83
O5 NAG N . 37.84 -50.08 -20.54
O6 NAG N . 36.06 -48.50 -21.24
O7 NAG N . 39.97 -52.58 -17.50
C1 NAG N . 34.90 -52.63 -22.73
C2 NAG N . 34.47 -52.79 -21.27
C3 NAG N . 32.94 -52.78 -21.15
C4 NAG N . 32.36 -51.55 -21.83
C5 NAG N . 32.86 -51.49 -23.28
C6 NAG N . 32.39 -50.25 -24.00
C7 NAG N . 34.77 -55.25 -21.09
C8 NAG N . 33.85 -55.38 -22.26
N2 NAG N . 35.02 -54.00 -20.67
O3 NAG N . 32.57 -52.79 -19.78
O4 NAG N . 30.94 -51.61 -21.83
O5 NAG N . 34.29 -51.47 -23.30
O6 NAG N . 31.16 -49.76 -23.48
O7 NAG N . 35.27 -56.23 -20.54
C1 BMA N . 30.50 -52.64 -22.74
C2 BMA N . 29.86 -53.77 -21.91
C3 BMA N . 29.21 -54.80 -22.83
C4 BMA N . 28.31 -54.14 -23.87
C5 BMA N . 29.11 -53.07 -24.64
C6 BMA N . 28.29 -52.34 -25.69
O2 BMA N . 28.83 -53.26 -21.08
O3 BMA N . 28.46 -55.77 -22.09
O4 BMA N . 27.82 -55.10 -24.79
O5 BMA N . 29.59 -52.10 -23.69
O6 BMA N . 29.16 -51.54 -26.48
C1 FUC N . 38.83 -54.99 -21.76
C2 FUC N . 39.27 -56.14 -20.84
C3 FUC N . 38.11 -57.13 -20.61
C4 FUC N . 37.58 -57.62 -21.95
C5 FUC N . 37.21 -56.43 -22.84
C6 FUC N . 36.83 -56.84 -24.26
O2 FUC N . 39.79 -55.68 -19.59
O3 FUC N . 38.57 -58.26 -19.87
O4 FUC N . 38.57 -58.42 -22.59
O5 FUC N . 38.29 -55.49 -22.97
C1 NAG O . 49.46 -14.15 -31.02
C2 NAG O . 50.62 -13.84 -31.97
C3 NAG O . 50.23 -12.71 -32.92
C4 NAG O . 48.93 -13.04 -33.63
C5 NAG O . 47.85 -13.38 -32.62
C6 NAG O . 46.56 -13.83 -33.26
C7 NAG O . 53.05 -13.86 -31.63
C8 NAG O . 53.11 -14.65 -32.90
N2 NAG O . 51.82 -13.50 -31.24
O3 NAG O . 51.27 -12.52 -33.87
O4 NAG O . 48.51 -11.92 -34.41
O5 NAG O . 48.29 -14.45 -31.77
O6 NAG O . 45.65 -14.36 -32.29
O7 NAG O . 54.05 -13.57 -30.99
C1 NAG O . 49.03 -12.07 -35.75
C2 NAG O . 47.89 -11.81 -36.74
C3 NAG O . 48.42 -11.89 -38.17
C4 NAG O . 49.61 -10.97 -38.36
C5 NAG O . 50.67 -11.26 -37.30
C6 NAG O . 51.83 -10.30 -37.35
C7 NAG O . 45.61 -12.38 -36.04
C8 NAG O . 44.59 -13.48 -35.91
N2 NAG O . 46.80 -12.75 -36.54
O3 NAG O . 47.38 -11.54 -39.07
O4 NAG O . 50.18 -11.15 -39.65
O5 NAG O . 50.09 -11.14 -35.98
O6 NAG O . 51.49 -9.04 -36.76
O7 NAG O . 45.37 -11.22 -35.73
C1 BMA O . 49.76 -10.06 -40.50
C2 BMA O . 48.88 -10.66 -41.63
C3 BMA O . 48.29 -9.53 -42.46
C4 BMA O . 47.61 -8.47 -41.58
C5 BMA O . 48.61 -7.97 -40.54
C6 BMA O . 48.01 -6.94 -39.59
O2 BMA O . 47.79 -11.38 -41.08
O3 BMA O . 47.35 -10.02 -43.43
O4 BMA O . 47.17 -7.39 -42.37
O5 BMA O . 49.05 -9.09 -39.75
O6 BMA O . 46.91 -6.32 -40.27
C1 MAN O . 47.84 -11.28 -43.96
C2 MAN O . 48.97 -10.96 -44.98
C3 MAN O . 49.16 -12.15 -45.90
C4 MAN O . 48.64 -13.43 -45.24
C5 MAN O . 47.12 -13.32 -45.06
C6 MAN O . 46.55 -14.36 -44.13
O2 MAN O . 50.23 -10.78 -44.32
O3 MAN O . 50.52 -12.30 -46.30
O4 MAN O . 48.95 -14.55 -46.05
O5 MAN O . 46.78 -12.01 -44.54
O6 MAN O . 46.93 -14.01 -42.80
C1 MAN O . 45.84 -6.09 -39.32
C2 MAN O . 45.90 -7.20 -38.24
C3 MAN O . 45.39 -8.55 -38.79
C4 MAN O . 44.04 -8.37 -39.50
C5 MAN O . 44.20 -7.31 -40.61
C6 MAN O . 42.91 -7.07 -41.37
O2 MAN O . 45.04 -6.90 -37.14
O3 MAN O . 45.28 -9.53 -37.76
O4 MAN O . 43.64 -9.60 -40.08
O5 MAN O . 44.59 -6.07 -40.00
O6 MAN O . 42.39 -8.33 -41.79
C1 NAG P . 48.26 -35.69 -26.81
C2 NAG P . 49.08 -36.56 -27.76
C3 NAG P . 49.83 -35.69 -28.77
C4 NAG P . 48.85 -34.75 -29.48
C5 NAG P . 48.05 -33.96 -28.46
C6 NAG P . 46.99 -33.10 -29.09
C7 NAG P . 49.94 -38.74 -27.00
C8 NAG P . 50.98 -39.44 -26.18
N2 NAG P . 50.00 -37.40 -27.02
O3 NAG P . 50.49 -36.52 -29.71
O4 NAG P . 49.58 -33.86 -30.31
O5 NAG P . 47.37 -34.85 -27.56
O6 NAG P . 45.92 -32.84 -28.19
O7 NAG P . 49.06 -39.34 -27.62
C1 NAG P . 48.88 -33.72 -31.56
C2 NAG P . 49.54 -32.61 -32.38
C3 NAG P . 48.85 -32.47 -33.74
C4 NAG P . 48.81 -33.81 -34.46
C5 NAG P . 48.19 -34.88 -33.55
C6 NAG P . 48.25 -36.27 -34.16
C7 NAG P . 48.37 -30.73 -31.32
C8 NAG P . 48.52 -29.43 -30.58
N2 NAG P . 49.50 -31.35 -31.66
O3 NAG P . 49.55 -31.51 -34.52
O4 NAG P . 48.05 -33.71 -35.65
O5 NAG P . 48.90 -34.95 -32.32
O6 NAG P . 49.57 -36.63 -34.51
O7 NAG P . 47.26 -31.19 -31.60
C1 BMA P . 48.92 -33.89 -36.78
C2 BMA P . 48.13 -34.66 -37.87
C3 BMA P . 48.95 -34.72 -39.16
C4 BMA P . 49.49 -33.34 -39.56
C5 BMA P . 50.28 -32.73 -38.39
C6 BMA P . 50.82 -31.35 -38.69
O2 BMA P . 46.92 -33.98 -38.19
O3 BMA P . 48.19 -35.27 -40.23
O4 BMA P . 50.34 -33.46 -40.69
O5 BMA P . 49.38 -32.63 -37.26
O6 BMA P . 51.72 -30.99 -37.65
C1 NAG Q . 37.84 -58.36 -6.36
C2 NAG Q . 38.39 -59.01 -5.09
C3 NAG Q . 38.86 -60.43 -5.38
C4 NAG Q . 37.75 -61.23 -6.04
C5 NAG Q . 37.23 -60.49 -7.27
C6 NAG Q . 36.05 -61.17 -7.91
C7 NAG Q . 40.60 -57.94 -5.17
C8 NAG Q . 41.61 -57.10 -4.44
N2 NAG Q . 39.47 -58.20 -4.52
O3 NAG Q . 39.26 -61.05 -4.16
O4 NAG Q . 38.24 -62.50 -6.43
O5 NAG Q . 36.81 -59.17 -6.90
O6 NAG Q . 35.43 -60.35 -8.88
O7 NAG Q . 40.81 -58.35 -6.31
C1 NAG Q . 37.94 -63.46 -5.40
C2 NAG Q . 37.58 -64.79 -6.06
C3 NAG Q . 37.30 -65.85 -5.00
C4 NAG Q . 38.48 -65.95 -4.02
C5 NAG Q . 38.81 -64.57 -3.45
C6 NAG Q . 40.04 -64.58 -2.58
C7 NAG Q . 36.52 -64.75 -8.27
C8 NAG Q . 35.24 -64.57 -9.03
N2 NAG Q . 36.44 -64.64 -6.95
O3 NAG Q . 37.08 -67.10 -5.62
O4 NAG Q . 38.15 -66.83 -2.96
O5 NAG Q . 39.06 -63.65 -4.53
O6 NAG Q . 41.21 -64.86 -3.33
O7 NAG Q . 37.59 -64.99 -8.84
C1 BMA Q . 38.50 -68.18 -3.34
C2 BMA Q . 39.86 -68.13 -4.09
C3 BMA Q . 40.34 -69.56 -4.38
C4 BMA Q . 40.30 -70.42 -3.12
C5 BMA Q . 38.90 -70.39 -2.50
C6 BMA Q . 38.79 -71.19 -1.22
O2 BMA Q . 40.86 -67.52 -3.30
O3 BMA Q . 41.65 -69.56 -4.94
O4 BMA Q . 40.63 -71.77 -3.44
O5 BMA Q . 38.59 -69.02 -2.19
O6 BMA Q . 39.55 -70.54 -0.21
C1 NAG R . -41.51 -31.64 -6.36
C2 NAG R . -41.58 -32.23 -7.77
C3 NAG R . -42.55 -33.41 -7.82
C4 NAG R . -42.17 -34.44 -6.77
C5 NAG R . -42.17 -33.77 -5.40
C6 NAG R . -41.76 -34.71 -4.29
C7 NAG R . -43.10 -30.53 -8.75
C8 NAG R . -44.07 -30.86 -7.65
N2 NAG R . -41.95 -31.22 -8.75
O3 NAG R . -42.51 -34.00 -9.12
O4 NAG R . -43.07 -35.55 -6.79
O5 NAG R . -41.24 -32.69 -5.41
O6 NAG R . -40.59 -34.24 -3.63
O7 NAG R . -43.35 -29.69 -9.61
C1 NAG R . -42.48 -36.53 -7.68
C2 NAG R . -41.80 -37.61 -6.85
C3 NAG R . -41.20 -38.68 -7.76
C4 NAG R . -42.25 -39.21 -8.72
C5 NAG R . -42.94 -38.06 -9.46
C6 NAG R . -44.08 -38.52 -10.34
C7 NAG R . -39.68 -36.46 -6.44
C8 NAG R . -38.74 -35.92 -5.39
N2 NAG R . -40.79 -37.04 -5.98
O3 NAG R . -40.68 -39.74 -6.96
O4 NAG R . -41.63 -40.07 -9.68
O5 NAG R . -43.49 -37.12 -8.53
O6 NAG R . -44.47 -37.51 -11.25
O7 NAG R . -39.45 -36.35 -7.64
C1 BMA R . -41.66 -41.43 -9.20
C2 BMA R . -40.42 -42.15 -9.79
C3 BMA R . -40.29 -43.56 -9.19
C4 BMA R . -40.41 -43.52 -7.66
C5 BMA R . -41.71 -42.82 -7.26
C6 BMA R . -41.89 -42.73 -5.76
O2 BMA R . -39.24 -41.45 -9.45
O3 BMA R . -39.07 -44.17 -9.58
O4 BMA R . -40.41 -44.85 -7.15
O5 BMA R . -41.67 -41.49 -7.78
O6 BMA R . -40.92 -41.84 -5.24
C1 NAG S . -1.69 34.39 -42.96
C2 NAG S . -0.70 35.50 -42.58
C3 NAG S . 0.50 35.48 -43.53
C4 NAG S . 1.12 34.10 -43.57
C5 NAG S . 0.07 33.05 -43.90
C6 NAG S . 0.59 31.64 -43.85
C7 NAG S . -1.90 37.39 -43.65
C8 NAG S . -1.86 36.61 -44.93
N2 NAG S . -1.34 36.80 -42.58
O3 NAG S . 1.46 36.44 -43.08
O4 NAG S . 2.16 34.05 -44.55
O5 NAG S . -1.02 33.13 -42.96
O6 NAG S . 0.00 30.82 -44.86
O7 NAG S . -2.43 38.50 -43.59
C1 NAG S . 1.61 34.47 -45.81
C2 NAG S . 2.31 35.78 -46.22
C3 NAG S . 3.78 35.52 -46.53
C4 NAG S . 3.94 34.42 -47.57
C5 NAG S . 3.14 33.16 -47.21
C6 NAG S . 3.73 32.36 -46.09
C7 NAG S . 0.96 37.52 -47.30
C8 NAG S . 0.89 38.16 -45.95
N2 NAG S . 1.66 36.37 -47.37
O3 NAG S . 4.45 35.15 -45.33
O4 NAG S . 3.53 34.90 -48.84
O5 NAG S . 1.79 33.48 -46.84
O6 NAG S . 4.04 33.17 -44.96
O7 NAG S . 0.42 38.02 -48.29
C1 NAG T . 27.19 23.22 -24.79
C2 NAG T . 28.10 24.37 -25.19
C3 NAG T . 28.98 23.96 -26.37
C4 NAG T . 29.72 22.67 -26.05
C5 NAG T . 28.74 21.58 -25.60
C6 NAG T . 29.42 20.32 -25.14
C7 NAG T . 27.14 26.57 -24.66
C8 NAG T . 26.33 27.72 -25.16
N2 NAG T . 27.34 25.57 -25.53
O3 NAG T . 29.91 24.99 -26.66
O4 NAG T . 30.43 22.21 -27.20
O5 NAG T . 27.96 22.06 -24.49
O6 NAG T . 30.26 20.56 -24.02
O7 NAG T . 27.59 26.54 -23.52
C1 NAG T . 29.50 21.61 -28.12
C2 NAG T . 29.85 22.09 -29.54
C3 NAG T . 28.93 21.42 -30.56
C4 NAG T . 28.96 19.91 -30.40
C5 NAG T . 28.65 19.52 -28.96
C6 NAG T . 28.79 18.04 -28.70
C7 NAG T . 28.61 24.21 -29.54
C8 NAG T . 28.71 25.70 -29.66
N2 NAG T . 29.75 23.53 -29.64
O3 NAG T . 29.33 21.78 -31.87
O4 NAG T . 28.00 19.30 -31.26
O5 NAG T . 29.58 20.17 -28.08
O6 NAG T . 28.97 17.32 -29.91
O7 NAG T . 27.54 23.64 -29.35
C1 NAG U . 66.13 -16.41 -22.68
C2 NAG U . 66.58 -17.81 -23.12
C3 NAG U . 67.96 -17.75 -23.77
C4 NAG U . 67.97 -16.71 -24.90
C5 NAG U . 67.47 -15.37 -24.38
C6 NAG U . 67.34 -14.33 -25.47
C7 NAG U . 65.52 -19.48 -21.66
C8 NAG U . 65.71 -20.37 -20.47
N2 NAG U . 66.58 -18.74 -22.00
O3 NAG U . 68.31 -19.03 -24.28
O4 NAG U . 69.29 -16.56 -25.40
O5 NAG U . 66.16 -15.52 -23.80
O6 NAG U . 67.32 -13.02 -24.94
O7 NAG U . 64.47 -19.43 -22.29
C1 NAG U . 69.35 -17.15 -26.72
C2 NAG U . 70.38 -16.39 -27.54
C3 NAG U . 70.50 -17.01 -28.94
C4 NAG U . 70.78 -18.50 -28.83
C5 NAG U . 69.74 -19.17 -27.95
C6 NAG U . 70.03 -20.64 -27.70
C7 NAG U . 70.59 -14.04 -26.86
C8 NAG U . 70.12 -12.64 -27.10
N2 NAG U . 70.04 -14.98 -27.64
O3 NAG U . 71.56 -16.36 -29.64
O4 NAG U . 70.76 -19.09 -30.12
O5 NAG U . 69.70 -18.53 -26.67
O6 NAG U . 70.85 -20.81 -26.56
O7 NAG U . 71.42 -14.31 -26.01
C1 BMA U . 72.11 -19.11 -30.65
C2 BMA U . 72.39 -20.55 -31.17
C3 BMA U . 73.74 -20.58 -31.89
C4 BMA U . 73.85 -19.45 -32.93
C5 BMA U . 73.57 -18.10 -32.26
C6 BMA U . 73.62 -16.93 -33.22
O2 BMA U . 71.41 -20.95 -32.09
O3 BMA U . 73.95 -21.84 -32.53
O4 BMA U . 75.14 -19.44 -33.51
O5 BMA U . 72.24 -18.15 -31.69
O6 BMA U . 74.84 -17.03 -33.96
C1 NAG V . 64.14 -8.64 8.59
C2 NAG V . 65.60 -8.52 9.03
C3 NAG V . 65.67 -8.24 10.52
C4 NAG V . 64.83 -7.02 10.88
C5 NAG V . 63.41 -7.19 10.34
C6 NAG V . 62.55 -5.95 10.54
C7 NAG V . 67.18 -9.82 7.67
C8 NAG V . 67.86 -11.15 7.48
N2 NAG V . 66.35 -9.73 8.70
O3 NAG V . 67.03 -8.00 10.90
O4 NAG V . 64.77 -6.87 12.29
O5 NAG V . 63.44 -7.45 8.93
O6 NAG V . 61.23 -6.16 10.06
O7 NAG V . 67.38 -8.88 6.91
C1 NAG V . 65.55 -5.75 12.72
C2 NAG V . 65.36 -5.60 14.23
C3 NAG V . 66.23 -4.46 14.76
C4 NAG V . 67.68 -4.66 14.35
C5 NAG V . 67.77 -4.85 12.84
C6 NAG V . 69.18 -5.16 12.36
C7 NAG V . 63.21 -6.25 15.19
C8 NAG V . 61.79 -5.84 15.44
N2 NAG V . 63.96 -5.36 14.55
O3 NAG V . 66.13 -4.45 16.18
O4 NAG V . 68.48 -3.54 14.72
O5 NAG V . 66.94 -5.95 12.44
O6 NAG V . 70.07 -5.32 13.46
O7 NAG V . 63.65 -7.34 15.57
C1 BMA V . 67.65 -2.40 15.05
C2 BMA V . 67.78 -2.15 16.57
C3 BMA V . 67.05 -0.87 16.96
C4 BMA V . 67.46 0.30 16.06
C5 BMA V . 67.27 -0.09 14.58
C6 BMA V . 67.71 1.01 13.62
O2 BMA V . 69.14 -1.98 16.94
O3 BMA V . 67.30 -0.52 18.32
O4 BMA V . 66.67 1.44 16.35
O5 BMA V . 68.06 -1.25 14.31
O6 BMA V . 69.13 0.96 13.50
C1 MAN V . 66.39 -1.26 19.16
C2 MAN V . 67.15 -2.49 19.72
C3 MAN V . 66.16 -3.58 20.10
C4 MAN V . 64.81 -2.97 20.44
C5 MAN V . 64.20 -2.35 19.17
C6 MAN V . 63.07 -1.38 19.45
O2 MAN V . 67.85 -2.17 20.92
O3 MAN V . 66.63 -4.36 21.20
O4 MAN V . 63.93 -3.96 20.95
O5 MAN V . 65.23 -1.64 18.43
O6 MAN V . 62.45 -1.05 18.20
C1 MAN V . 69.72 1.85 14.47
C2 MAN V . 70.78 2.72 13.74
C3 MAN V . 72.01 1.89 13.39
C4 MAN V . 72.51 1.11 14.62
C5 MAN V . 71.38 0.25 15.17
C6 MAN V . 71.78 -0.54 16.41
O2 MAN V . 71.25 3.78 14.58
O3 MAN V . 73.06 2.68 12.85
O4 MAN V . 73.60 0.28 14.26
O5 MAN V . 70.29 1.11 15.53
O6 MAN V . 71.93 0.38 17.49
C1 NAG W . 51.76 -7.71 26.68
C2 NAG W . 52.66 -7.85 27.89
C3 NAG W . 52.19 -6.93 29.02
C4 NAG W . 52.06 -5.50 28.51
C5 NAG W . 51.17 -5.46 27.28
C6 NAG W . 51.08 -4.08 26.66
C7 NAG W . 53.72 -9.71 29.08
C8 NAG W . 53.60 -11.17 29.47
N2 NAG W . 52.71 -9.23 28.35
O3 NAG W . 53.11 -6.99 30.10
O4 NAG W . 51.50 -4.67 29.53
O5 NAG W . 51.69 -6.33 26.27
O6 NAG W . 51.12 -4.16 25.24
O7 NAG W . 54.66 -9.03 29.42
C1 NAG W . 52.32 -3.50 29.67
C2 NAG W . 51.42 -2.30 29.96
C3 NAG W . 52.26 -1.04 30.17
C4 NAG W . 53.31 -1.28 31.24
C5 NAG W . 54.13 -2.51 30.90
C6 NAG W . 55.14 -2.88 31.98
C7 NAG W . 49.14 -2.32 29.03
C8 NAG W . 48.30 -2.06 27.83
N2 NAG W . 50.45 -2.10 28.89
O3 NAG W . 51.40 0.03 30.55
O4 NAG W . 54.16 -0.14 31.34
O5 NAG W . 53.28 -3.65 30.72
O6 NAG W . 54.55 -3.74 32.95
O7 NAG W . 48.66 -2.72 30.09
C1 BMA W . 54.43 0.10 32.75
C2 BMA W . 55.00 1.56 32.89
C3 BMA W . 54.06 2.53 33.65
C4 BMA W . 53.27 1.89 34.84
C5 BMA W . 53.41 0.36 34.85
C6 BMA W . 52.35 -0.30 35.70
O2 BMA W . 55.23 2.13 31.60
O3 BMA W . 53.16 3.24 32.77
O4 BMA W . 53.74 2.43 36.08
O5 BMA W . 53.27 -0.08 33.51
O6 BMA W . 52.26 0.38 36.94
C1 MAN W . 52.30 2.33 32.08
C2 MAN W . 51.85 3.01 30.76
C3 MAN W . 50.85 4.13 31.04
C4 MAN W . 49.71 3.62 31.94
C5 MAN W . 50.29 3.05 33.23
C6 MAN W . 49.24 2.49 34.16
O2 MAN W . 51.17 2.09 29.90
O3 MAN W . 50.32 4.68 29.85
O4 MAN W . 48.82 4.69 32.25
O5 MAN W . 51.19 1.97 32.89
O6 MAN W . 48.71 1.31 33.58
C1 NAG X . 67.55 -7.33 -10.09
C2 NAG X . 68.47 -7.47 -11.30
C3 NAG X . 69.21 -6.15 -11.53
C4 NAG X . 68.22 -5.01 -11.67
C5 NAG X . 67.32 -4.96 -10.44
C6 NAG X . 66.24 -3.91 -10.53
C7 NAG X . 69.48 -9.62 -11.92
C8 NAG X . 68.51 -9.63 -13.07
N2 NAG X . 69.41 -8.56 -11.10
O3 NAG X . 70.01 -6.26 -12.71
O4 NAG X . 68.93 -3.77 -11.81
O5 NAG X . 66.66 -6.22 -10.28
O6 NAG X . 65.19 -4.32 -11.41
O7 NAG X . 70.28 -10.52 -11.75
C1 FUC X . 71.37 -6.56 -12.31
C2 FUC X . 72.13 -7.09 -13.56
C3 FUC X . 72.32 -5.97 -14.59
C4 FUC X . 73.01 -4.76 -13.94
C5 FUC X . 72.22 -4.31 -12.70
C6 FUC X . 72.93 -3.22 -11.91
O2 FUC X . 71.49 -8.22 -14.15
O3 FUC X . 73.16 -6.43 -15.65
O4 FUC X . 74.33 -5.10 -13.57
O5 FUC X . 71.99 -5.40 -11.79
C1 NAG X . 68.27 -2.87 -12.73
C2 NAG X . 67.33 -3.64 -13.68
C3 NAG X . 66.55 -2.67 -14.55
C4 NAG X . 65.85 -1.62 -13.71
C5 NAG X . 66.84 -0.93 -12.80
C6 NAG X . 66.20 0.07 -11.86
C7 NAG X . 68.95 -4.21 -15.42
C8 NAG X . 69.62 -5.33 -16.18
N2 NAG X . 68.07 -4.58 -14.49
O3 NAG X . 65.59 -3.40 -15.33
O4 NAG X . 65.22 -0.66 -14.55
O5 NAG X . 67.51 -1.90 -11.99
O6 NAG X . 64.88 -0.33 -11.52
O7 NAG X . 69.21 -3.03 -15.64
C1 NAG Y . 78.09 -17.74 -4.37
C2 NAG Y . 79.30 -16.85 -4.13
C3 NAG Y . 80.54 -17.71 -3.89
C4 NAG Y . 80.29 -18.70 -2.77
C5 NAG Y . 79.03 -19.51 -3.05
C6 NAG Y . 78.65 -20.43 -1.91
C7 NAG Y . 79.06 -14.69 -5.28
C8 NAG Y . 79.37 -13.91 -6.51
N2 NAG Y . 79.52 -15.95 -5.26
O3 NAG Y . 81.65 -16.86 -3.57
O4 NAG Y . 81.40 -19.58 -2.65
O5 NAG Y . 77.92 -18.62 -3.26
O6 NAG Y . 78.32 -19.69 -0.73
O7 NAG Y . 78.44 -14.22 -4.34
C1 NAG Y . 81.72 -19.75 -1.25
C2 NAG Y . 82.95 -20.64 -1.13
C3 NAG Y . 83.33 -20.81 0.34
C4 NAG Y . 83.51 -19.44 0.99
C5 NAG Y . 82.26 -18.59 0.78
C6 NAG Y . 82.41 -17.19 1.31
C7 NAG Y . 83.23 -22.30 -2.92
C8 NAG Y . 82.88 -23.67 -3.41
N2 NAG Y . 82.71 -21.95 -1.75
O3 NAG Y . 84.56 -21.55 0.42
O4 NAG Y . 83.74 -19.61 2.39
O5 NAG Y . 81.97 -18.48 -0.62
O6 NAG Y . 83.25 -16.41 0.46
O7 NAG Y . 83.96 -21.55 -3.56
C1 BMA Y . 85.16 -19.60 2.63
C2 BMA Y . 85.46 -18.50 3.68
C3 BMA Y . 86.93 -18.57 4.10
C4 BMA Y . 87.33 -20.00 4.48
C5 BMA Y . 87.00 -20.96 3.33
C6 BMA Y . 87.36 -22.40 3.63
O2 BMA Y . 84.69 -18.70 4.85
O3 BMA Y . 87.20 -17.69 5.19
O4 BMA Y . 88.73 -20.06 4.76
O5 BMA Y . 85.59 -20.89 3.08
O6 BMA Y . 87.23 -23.16 2.44
C1 NAG Z . 76.98 -30.20 -20.90
C2 NAG Z . 76.91 -29.74 -22.36
C3 NAG Z . 77.00 -30.93 -23.29
C4 NAG Z . 78.24 -31.75 -22.99
C5 NAG Z . 78.28 -32.12 -21.50
C6 NAG Z . 79.56 -32.82 -21.10
C7 NAG Z . 75.60 -27.66 -22.49
C8 NAG Z . 74.26 -27.07 -22.78
N2 NAG Z . 75.68 -28.99 -22.60
O3 NAG Z . 77.05 -30.47 -24.63
O4 NAG Z . 78.25 -32.94 -23.75
O5 NAG Z . 78.18 -30.94 -20.69
O6 NAG Z . 80.35 -32.02 -20.23
O7 NAG Z . 76.56 -26.98 -22.17
C1 NAG Z . 78.86 -32.67 -25.04
C2 NAG Z . 77.80 -32.89 -26.12
C3 NAG Z . 78.36 -32.55 -27.50
C4 NAG Z . 78.97 -31.16 -27.50
C5 NAG Z . 79.97 -30.99 -26.36
C6 NAG Z . 80.49 -29.59 -26.22
C7 NAG Z . 78.07 -35.33 -26.26
C8 NAG Z . 77.39 -36.66 -26.20
N2 NAG Z . 77.29 -34.25 -26.09
O3 NAG Z . 77.34 -32.65 -28.47
O4 NAG Z . 79.58 -30.83 -28.74
O5 NAG Z . 79.34 -31.32 -25.11
O6 NAG Z . 80.95 -29.08 -27.48
O7 NAG Z . 79.28 -35.22 -26.47
C1 BMA Z . 80.24 -31.89 -29.51
C2 BMA Z . 81.45 -32.51 -28.70
C3 BMA Z . 82.13 -33.55 -29.60
C4 BMA Z . 81.11 -34.59 -30.11
C5 BMA Z . 79.94 -33.88 -30.83
C6 BMA Z . 78.87 -34.85 -31.30
O2 BMA Z . 81.01 -33.24 -27.56
O3 BMA Z . 83.19 -34.20 -28.91
O4 BMA Z . 81.75 -35.48 -31.01
O5 BMA Z . 79.33 -32.94 -29.93
O6 BMA Z . 78.21 -35.36 -30.16
C1 NAG AA . -52.83 -15.42 42.84
C2 NAG AA . -53.40 -15.28 41.43
C3 NAG AA . -53.23 -13.84 40.93
C4 NAG AA . -53.85 -12.87 41.94
C5 NAG AA . -53.28 -13.11 43.32
C6 NAG AA . -53.92 -12.26 44.39
C7 NAG AA . -53.12 -17.49 40.38
C8 NAG AA . -52.34 -18.30 39.39
N2 NAG AA . -52.74 -16.20 40.52
O3 NAG AA . -53.87 -13.70 39.67
O4 NAG AA . -53.58 -11.53 41.54
O5 NAG AA . -53.48 -14.48 43.71
O6 NAG AA . -53.37 -10.95 44.42
O7 NAG AA . -54.05 -17.96 41.02
C1 NAG BA . -20.04 -20.27 40.01
C2 NAG BA . -18.76 -20.14 39.17
C3 NAG BA . -18.11 -18.80 39.43
C4 NAG BA . -19.10 -17.66 39.22
C5 NAG BA . -20.35 -17.90 40.05
C6 NAG BA . -21.44 -16.87 39.79
C7 NAG BA . -17.10 -21.82 38.51
C8 NAG BA . -17.27 -21.29 37.11
N2 NAG BA . -17.85 -21.23 39.45
O3 NAG BA . -16.99 -18.64 38.55
O4 NAG BA . -18.51 -16.42 39.59
O5 NAG BA . -20.91 -19.18 39.74
O6 NAG BA . -22.01 -16.41 41.01
O7 NAG BA . -16.32 -22.73 38.76
C1 NAG CA . -54.91 -29.29 24.36
C2 NAG CA . -56.12 -29.57 23.48
C3 NAG CA . -57.35 -28.88 24.04
C4 NAG CA . -57.56 -29.26 25.50
C5 NAG CA . -56.29 -28.99 26.29
C6 NAG CA . -56.38 -29.46 27.74
C7 NAG CA . -55.56 -30.01 21.13
C8 NAG CA . -55.35 -29.41 19.77
N2 NAG CA . -55.88 -29.16 22.10
O3 NAG CA . -58.49 -29.24 23.27
O4 NAG CA . -58.63 -28.49 26.05
O5 NAG CA . -55.19 -29.69 25.70
O6 NAG CA . -56.40 -30.88 27.82
O7 NAG CA . -55.45 -31.22 21.33
C1 NAG DA . -62.81 -42.21 32.62
C2 NAG DA . -63.23 -41.08 33.56
C3 NAG DA . -64.71 -40.77 33.40
C4 NAG DA . -65.04 -40.50 31.94
C5 NAG DA . -64.56 -41.66 31.07
C6 NAG DA . -64.74 -41.39 29.58
C7 NAG DA . -61.87 -40.92 35.60
C8 NAG DA . -61.71 -41.37 37.02
N2 NAG DA . -62.92 -41.41 34.94
O3 NAG DA . -65.05 -39.64 34.19
O4 NAG DA . -66.45 -40.35 31.77
O5 NAG DA . -63.15 -41.86 31.28
O6 NAG DA . -64.48 -40.04 29.26
O7 NAG DA . -61.07 -40.14 35.06
C1 NAG EA . -53.38 -5.74 18.02
C2 NAG EA . -54.22 -4.54 17.57
C3 NAG EA . -53.43 -3.71 16.57
C4 NAG EA . -52.07 -3.33 17.14
C5 NAG EA . -51.33 -4.58 17.62
C6 NAG EA . -50.02 -4.26 18.32
C7 NAG EA . -56.65 -4.88 17.64
C8 NAG EA . -57.85 -5.37 16.90
N2 NAG EA . -55.48 -4.97 17.00
O3 NAG EA . -54.16 -2.53 16.24
O4 NAG EA . -51.28 -2.67 16.16
O5 NAG EA . -52.13 -5.29 18.57
O6 NAG EA . -50.16 -3.14 19.18
O7 NAG EA . -56.72 -4.42 18.78
C1 NAG FA . -37.75 -4.26 20.84
C2 NAG FA . -38.56 -4.24 19.55
C3 NAG FA . -38.15 -3.06 18.67
C4 NAG FA . -38.22 -1.77 19.47
C5 NAG FA . -37.42 -1.88 20.75
C6 NAG FA . -37.55 -0.67 21.65
C7 NAG FA . -39.45 -6.29 18.53
C8 NAG FA . -40.80 -5.82 19.00
N2 NAG FA . -38.42 -5.50 18.83
O3 NAG FA . -39.00 -3.00 17.54
O4 NAG FA . -37.70 -0.69 18.69
O5 NAG FA . -37.88 -3.00 21.52
O6 NAG FA . -38.37 -0.94 22.77
O7 NAG FA . -39.31 -7.34 17.92
C1 NAG GA . -19.12 -40.86 8.63
C2 NAG GA . -18.32 -41.51 9.74
C3 NAG GA . -17.86 -42.90 9.33
C4 NAG GA . -19.04 -43.73 8.88
C5 NAG GA . -19.84 -42.99 7.80
C6 NAG GA . -21.09 -43.71 7.39
C7 NAG GA . -17.13 -39.95 11.23
C8 NAG GA . -15.88 -39.16 11.45
N2 NAG GA . -17.17 -40.68 10.12
O3 NAG GA . -17.20 -43.53 10.42
O4 NAG GA . -18.59 -44.98 8.34
O5 NAG GA . -20.23 -41.70 8.28
O6 NAG GA . -20.81 -44.89 6.64
O7 NAG GA . -18.05 -39.94 12.04
C1 NAG HA . -24.29 43.88 43.95
C2 NAG HA . -25.53 44.04 43.07
C3 NAG HA . -25.98 42.68 42.55
C4 NAG HA . -24.83 41.95 41.87
C5 NAG HA . -23.62 41.89 42.80
C6 NAG HA . -22.40 41.29 42.14
C7 NAG HA . -27.76 45.05 43.23
C8 NAG HA . -28.75 45.71 44.14
N2 NAG HA . -26.60 44.69 43.79
O3 NAG HA . -27.06 42.84 41.63
O4 NAG HA . -25.23 40.62 41.53
O5 NAG HA . -23.25 43.21 43.22
O6 NAG HA . -21.77 40.34 42.99
O7 NAG HA . -28.00 44.85 42.05
C1 NAG IA . 4.99 -35.70 23.58
C2 NAG IA . 5.08 -36.89 22.61
C3 NAG IA . 6.30 -37.74 22.94
C4 NAG IA . 7.56 -36.88 22.95
C5 NAG IA . 7.37 -35.69 23.90
C6 NAG IA . 8.54 -34.73 23.86
C7 NAG IA . 2.83 -37.50 21.86
C8 NAG IA . 1.66 -38.42 22.06
N2 NAG IA . 3.87 -37.70 22.67
O3 NAG IA . 6.43 -38.77 21.97
O4 NAG IA . 8.68 -37.65 23.39
O5 NAG IA . 6.21 -34.94 23.51
O6 NAG IA . 8.83 -34.31 22.54
O7 NAG IA . 2.83 -36.63 21.00
C1 NAG JA . 8.62 -0.96 39.11
C2 NAG JA . 9.99 -0.45 38.67
C3 NAG JA . 10.95 -0.41 39.86
C4 NAG JA . 10.34 0.39 40.99
C5 NAG JA . 8.95 -0.14 41.34
C6 NAG JA . 8.24 0.70 42.38
C7 NAG JA . 10.48 -0.94 36.31
C8 NAG JA . 11.09 -1.92 35.35
N2 NAG JA . 10.53 -1.29 37.60
O3 NAG JA . 12.18 0.17 39.45
O4 NAG JA . 11.17 0.31 42.14
O5 NAG JA . 8.12 -0.14 40.18
O6 NAG JA . 6.83 0.54 42.30
O7 NAG JA . 9.96 0.10 35.94
C1 NAG KA . 19.51 -17.05 43.87
C2 NAG KA . 18.54 -17.44 44.96
C3 NAG KA . 18.10 -16.20 45.74
C4 NAG KA . 19.32 -15.43 46.25
C5 NAG KA . 20.27 -15.14 45.09
C6 NAG KA . 21.57 -14.49 45.54
C7 NAG KA . 17.24 -19.46 44.45
C8 NAG KA . 15.98 -20.00 43.84
N2 NAG KA . 17.38 -18.13 44.43
O3 NAG KA . 17.28 -16.59 46.84
O4 NAG KA . 18.92 -14.21 46.84
O5 NAG KA . 20.63 -16.36 44.43
O6 NAG KA . 21.99 -15.01 46.79
O7 NAG KA . 18.09 -20.19 44.95
O3 AH2 LA . 81.90 -24.83 30.94
C4 AH2 LA . 82.98 -25.88 29.04
C5 AH2 LA . 83.08 -27.21 28.27
O4 AH2 LA . 82.55 -24.86 28.16
C6 AH2 LA . 84.08 -27.15 27.13
O5 AH2 LA . 83.51 -28.22 29.19
O6 AH2 LA . 83.93 -28.33 26.35
C3 AH2 LA . 81.97 -26.04 30.19
C2 AH2 LA . 82.32 -27.23 31.09
O2 AH2 LA . 83.48 -26.86 31.82
C1 AH2 LA . 82.59 -28.47 30.23
C1 NAG MA . 4.66 -44.07 -28.95
C2 NAG MA . 4.08 -44.35 -30.34
C3 NAG MA . 2.63 -44.78 -30.22
C4 NAG MA . 2.48 -45.95 -29.26
C5 NAG MA . 3.13 -45.61 -27.92
C6 NAG MA . 3.14 -46.78 -26.95
C7 NAG MA . 5.26 -42.99 -32.00
C8 NAG MA . 5.23 -41.73 -32.82
N2 NAG MA . 4.22 -43.19 -31.20
O3 NAG MA . 2.14 -45.15 -31.51
O4 NAG MA . 1.11 -46.25 -29.06
O5 NAG MA . 4.50 -45.23 -28.12
O6 NAG MA . 3.20 -46.33 -25.61
O7 NAG MA . 6.19 -43.78 -32.06
C1 NAG NA . -9.23 -34.43 -18.54
C2 NAG NA . -9.98 -35.75 -18.72
C3 NAG NA . -9.64 -36.71 -17.59
C4 NAG NA . -8.13 -36.88 -17.48
C5 NAG NA . -7.45 -35.51 -17.36
C6 NAG NA . -5.94 -35.61 -17.36
C7 NAG NA . -12.09 -35.42 -19.93
C8 NAG NA . -13.57 -35.20 -19.82
N2 NAG NA . -11.41 -35.53 -18.79
O3 NAG NA . -10.25 -37.97 -17.83
O4 NAG NA . -7.81 -37.67 -16.34
O5 NAG NA . -7.82 -34.69 -18.46
O6 NAG NA . -5.35 -34.38 -16.95
O7 NAG NA . -11.53 -35.51 -21.03
C1 NAG OA . 16.59 -12.52 -39.60
C2 NAG OA . 17.94 -12.32 -38.94
C3 NAG OA . 18.56 -10.98 -39.34
C4 NAG OA . 17.51 -9.97 -39.78
C5 NAG OA . 16.56 -10.52 -40.85
C6 NAG OA . 16.91 -10.04 -42.23
C7 NAG OA . 16.99 -11.67 -36.75
C8 NAG OA . 17.03 -11.91 -35.27
N2 NAG OA . 17.84 -12.41 -37.49
O3 NAG OA . 19.49 -11.20 -40.41
O4 NAG OA . 16.74 -9.55 -38.65
O5 NAG OA . 16.62 -11.95 -40.88
O6 NAG OA . 17.55 -11.06 -43.00
O7 NAG OA . 16.23 -10.86 -37.27
C1 NAG PA . -61.50 -28.10 -6.59
C2 NAG PA . -61.08 -27.78 -8.03
C3 NAG PA . -61.45 -28.95 -8.95
C4 NAG PA . -60.88 -30.25 -8.42
C5 NAG PA . -61.30 -30.45 -6.97
C6 NAG PA . -60.65 -31.68 -6.34
C7 NAG PA . -60.99 -25.46 -8.82
C8 NAG PA . -61.78 -24.27 -9.28
N2 NAG PA . -61.70 -26.55 -8.50
O3 NAG PA . -60.96 -28.68 -10.26
O4 NAG PA . -61.34 -31.34 -9.20
O5 NAG PA . -60.90 -29.33 -6.18
O6 NAG PA . -59.69 -32.26 -7.21
O7 NAG PA . -59.76 -25.44 -8.75
C1 NAG QA . 11.65 10.63 -47.13
C2 NAG QA . 12.49 11.78 -46.57
C3 NAG QA . 13.72 12.03 -47.45
C4 NAG QA . 14.50 10.74 -47.65
C5 NAG QA . 13.58 9.64 -48.17
C6 NAG QA . 14.27 8.29 -48.29
C7 NAG QA . 11.10 13.64 -47.42
C8 NAG QA . 11.28 13.06 -48.80
N2 NAG QA . 11.70 13.00 -46.42
O3 NAG QA . 14.55 13.02 -46.84
O4 NAG QA . 15.56 10.95 -48.59
O5 NAG QA . 12.47 9.46 -47.26
O6 NAG QA . 13.44 7.25 -47.82
O7 NAG QA . 10.46 14.67 -47.24
C1 NAG RA . -32.00 6.98 -35.33
C2 NAG RA . -31.65 5.49 -35.19
C3 NAG RA . -32.20 4.95 -33.88
C4 NAG RA . -31.73 5.80 -32.70
C5 NAG RA . -32.07 7.28 -32.96
C6 NAG RA . -31.53 8.19 -31.89
C7 NAG RA . -31.43 4.46 -37.40
C8 NAG RA . -32.10 3.65 -38.47
N2 NAG RA . -32.16 4.73 -36.32
O3 NAG RA . -31.77 3.60 -33.70
O4 NAG RA . -32.36 5.37 -31.51
O5 NAG RA . -31.50 7.70 -34.20
O6 NAG RA . -32.57 8.88 -31.20
O7 NAG RA . -30.26 4.83 -37.52
C1 NAG SA . -37.52 21.95 -44.31
C2 NAG SA . -37.09 21.10 -43.12
C3 NAG SA . -38.24 20.19 -42.67
C4 NAG SA . -39.49 21.02 -42.42
C5 NAG SA . -39.83 21.87 -43.65
C6 NAG SA . -40.99 22.80 -43.42
C7 NAG SA . -34.68 20.64 -43.01
C8 NAG SA . -34.58 21.88 -42.16
N2 NAG SA . -35.91 20.32 -43.43
O3 NAG SA . -37.86 19.51 -41.49
O4 NAG SA . -40.59 20.14 -42.15
O5 NAG SA . -38.70 22.69 -43.98
O6 NAG SA . -41.31 23.54 -44.59
O7 NAG SA . -33.70 19.97 -43.28
C1 NAG TA . -23.67 19.75 -78.59
C2 NAG TA . -24.90 18.89 -78.76
C3 NAG TA . -26.16 19.76 -78.85
C4 NAG TA . -26.23 20.70 -77.65
C5 NAG TA . -24.93 21.48 -77.51
C6 NAG TA . -24.89 22.35 -76.27
C7 NAG TA . -25.27 16.79 -79.99
C8 NAG TA . -25.96 16.30 -78.76
N2 NAG TA . -24.80 18.04 -79.94
O3 NAG TA . -27.31 18.94 -78.90
O4 NAG TA . -27.31 21.61 -77.80
O5 NAG TA . -23.81 20.59 -77.42
O6 NAG TA . -25.16 23.71 -76.58
O7 NAG TA . -25.17 16.10 -81.00
C1 NAG UA . -23.27 21.05 -59.23
C2 NAG UA . -23.99 22.09 -60.09
C3 NAG UA . -25.17 22.68 -59.32
C4 NAG UA . -26.08 21.57 -58.80
C5 NAG UA . -25.27 20.56 -58.01
C6 NAG UA . -26.09 19.36 -57.56
C7 NAG UA . -22.39 23.08 -61.66
C8 NAG UA . -21.50 24.25 -61.95
N2 NAG UA . -23.08 23.14 -60.52
O3 NAG UA . -25.90 23.56 -60.18
O4 NAG UA . -27.09 22.13 -57.98
O5 NAG UA . -24.20 20.05 -58.81
O6 NAG UA . -27.41 19.41 -58.10
O7 NAG UA . -22.48 22.12 -62.43
C1 NAG VA . -15.54 -15.40 -48.40
C2 NAG VA . -14.88 -16.41 -47.47
C3 NAG VA . -14.62 -17.71 -48.22
C4 NAG VA . -15.91 -18.23 -48.86
C5 NAG VA . -16.53 -17.14 -49.73
C6 NAG VA . -17.88 -17.53 -50.29
C7 NAG VA . -13.43 -15.70 -45.62
C8 NAG VA . -12.10 -15.15 -45.24
N2 NAG VA . -13.63 -15.89 -46.93
O3 NAG VA . -14.11 -18.69 -47.32
O4 NAG VA . -15.63 -19.36 -49.67
O5 NAG VA . -16.74 -15.96 -48.95
O6 NAG VA . -18.93 -17.27 -49.37
O7 NAG VA . -14.30 -15.96 -44.79
C1 NAG WA . -40.28 2.89 -60.60
C2 NAG WA . -41.45 3.83 -60.89
C3 NAG WA . -42.24 4.12 -59.61
C4 NAG WA . -42.63 2.82 -58.93
C5 NAG WA . -41.41 1.93 -58.71
C6 NAG WA . -41.75 0.58 -58.15
C7 NAG WA . -40.18 5.95 -60.98
C8 NAG WA . -39.66 5.61 -59.60
N2 NAG WA . -41.02 5.05 -61.53
O3 NAG WA . -43.39 4.88 -59.93
O4 NAG WA . -43.23 3.10 -57.66
O5 NAG WA . -40.75 1.70 -59.98
O6 NAG WA . -42.84 -0.02 -58.84
O7 NAG WA . -39.84 6.97 -61.56
C1 NAG XA . 0.54 70.94 9.41
C2 NAG XA . -0.56 71.99 9.35
C3 NAG XA . -1.82 71.41 8.70
C4 NAG XA . -1.47 70.82 7.33
C5 NAG XA . -0.33 69.82 7.47
C6 NAG XA . 0.15 69.28 6.14
C7 NAG XA . -0.26 73.56 11.22
C8 NAG XA . -0.71 73.94 12.60
N2 NAG XA . -0.87 72.50 10.68
O3 NAG XA . -2.79 72.44 8.55
O4 NAG XA . -2.61 70.17 6.79
O5 NAG XA . 0.80 70.45 8.09
O6 NAG XA . 0.08 70.28 5.13
O7 NAG XA . 0.60 74.19 10.62
C1 NAG YA . 22.60 47.98 0.45
C2 NAG YA . 22.73 47.43 -0.97
C3 NAG YA . 24.05 47.86 -1.59
C4 NAG YA . 24.20 49.37 -1.50
C5 NAG YA . 24.01 49.84 -0.06
C6 NAG YA . 24.03 51.35 0.07
C7 NAG YA . 21.44 45.33 -1.11
C8 NAG YA . 21.51 43.84 -1.10
N2 NAG YA . 22.61 45.97 -0.97
O3 NAG YA . 24.10 47.44 -2.95
O4 NAG YA . 25.50 49.76 -1.96
O5 NAG YA . 22.74 49.40 0.43
O6 NAG YA . 22.91 51.94 -0.58
O7 NAG YA . 20.38 45.93 -1.22
C1 NAG ZA . -0.49 61.01 28.47
C2 NAG ZA . -1.95 60.76 28.82
C3 NAG ZA . -2.81 61.96 28.43
C4 NAG ZA . -2.24 63.24 29.03
C5 NAG ZA . -0.77 63.38 28.68
C6 NAG ZA . -0.11 64.56 29.35
C7 NAG ZA . -2.84 58.47 28.87
C8 NAG ZA . -2.75 58.57 30.36
N2 NAG ZA . -2.46 59.54 28.18
O3 NAG ZA . -4.14 61.76 28.87
O4 NAG ZA . -2.95 64.37 28.54
O5 NAG ZA . -0.04 62.21 29.09
O6 NAG ZA . -0.71 65.79 28.95
O7 NAG ZA . -3.26 57.46 28.30
C1 NAG AB . 7.13 72.47 38.74
C2 NAG AB . 6.73 72.04 37.33
C3 NAG AB . 5.30 72.44 37.03
C4 NAG AB . 4.56 72.86 38.30
C5 NAG AB . 4.89 71.93 39.48
C6 NAG AB . 4.36 70.53 39.29
C7 NAG AB . 7.78 73.87 36.04
C8 NAG AB . 6.96 74.83 36.85
N2 NAG AB . 7.64 72.57 36.32
O3 NAG AB . 4.62 71.36 36.41
O4 NAG AB . 4.89 74.20 38.66
O5 NAG AB . 6.31 71.82 39.68
O6 NAG AB . 3.45 70.46 38.21
O7 NAG AB . 8.56 74.26 35.17
C1 NAG BB . -17.00 52.21 13.68
C2 NAG BB . -18.52 51.99 13.79
C3 NAG BB . -18.88 50.58 13.35
C4 NAG BB . -18.32 50.29 11.95
C5 NAG BB . -16.82 50.58 11.93
C6 NAG BB . -16.22 50.43 10.54
C7 NAG BB . -19.69 53.32 15.48
C8 NAG BB . -20.10 53.42 16.92
N2 NAG BB . -18.99 52.24 15.14
O3 NAG BB . -20.30 50.44 13.33
O4 NAG BB . -18.54 48.93 11.60
O5 NAG BB . -16.57 51.93 12.35
O6 NAG BB . -16.32 49.10 10.07
O7 NAG BB . -19.99 54.19 14.66
C1 NAG CB . -7.90 45.17 4.47
C2 NAG CB . -7.12 46.26 3.72
C3 NAG CB . -6.90 45.85 2.27
C4 NAG CB . -6.25 44.47 2.21
C5 NAG CB . -7.05 43.46 3.01
C6 NAG CB . -6.40 42.10 3.08
C7 NAG CB . -7.19 48.71 3.78
C8 NAG CB . -8.06 49.92 3.86
N2 NAG CB . -7.82 47.54 3.79
O3 NAG CB . -6.09 46.82 1.63
O4 NAG CB . -6.17 44.04 0.85
O5 NAG CB . -7.21 43.91 4.37
O6 NAG CB . -7.28 41.08 2.63
O7 NAG CB . -5.96 48.79 3.70
C1 NAG DB . 21.47 26.42 31.70
C2 NAG DB . 22.68 27.34 31.69
C3 NAG DB . 23.59 27.04 32.88
C4 NAG DB . 22.80 27.09 34.18
C5 NAG DB . 21.58 26.18 34.09
C6 NAG DB . 20.68 26.27 35.31
C7 NAG DB . 23.95 26.08 30.02
C8 NAG DB . 24.67 26.14 28.71
N2 NAG DB . 23.41 27.23 30.44
O3 NAG DB . 24.65 27.99 32.92
O4 NAG DB . 23.62 26.67 35.27
O5 NAG DB . 20.78 26.54 32.96
O6 NAG DB . 20.30 27.62 35.57
O7 NAG DB . 23.86 25.04 30.66
C1 NAG EB . -29.43 41.67 -26.89
C2 NAG EB . -29.95 40.60 -25.94
C3 NAG EB . -29.07 40.53 -24.69
C4 NAG EB . -27.60 40.36 -25.08
C5 NAG EB . -27.19 41.43 -26.08
C6 NAG EB . -25.78 41.25 -26.60
C7 NAG EB . -32.13 39.89 -25.07
C8 NAG EB . -33.53 40.33 -24.74
N2 NAG EB . -31.33 40.85 -25.56
O3 NAG EB . -29.48 39.45 -23.87
O4 NAG EB . -26.78 40.43 -23.93
O5 NAG EB . -28.05 41.42 -27.21
O6 NAG EB . -24.89 42.23 -26.06
O7 NAG EB . -31.74 38.74 -24.89
C1 NAG FB . 39.28 18.41 11.79
C2 NAG FB . 40.23 18.77 10.65
C3 NAG FB . 41.62 18.22 10.93
C4 NAG FB . 42.12 18.66 12.29
C5 NAG FB . 41.09 18.31 13.37
C6 NAG FB . 41.46 18.82 14.74
C7 NAG FB . 39.51 16.99 9.13
C8 NAG FB . 38.99 16.66 7.76
N2 NAG FB . 39.72 18.29 9.38
O3 NAG FB . 42.51 18.66 9.91
O4 NAG FB . 43.35 18.02 12.59
O5 NAG FB . 39.82 18.89 13.03
O6 NAG FB . 40.42 18.62 15.67
O7 NAG FB . 39.75 16.12 9.96
C1 NAG GB . 47.04 21.44 -18.97
C2 NAG GB . 47.34 22.93 -18.94
C3 NAG GB . 46.68 23.63 -20.12
C4 NAG GB . 47.08 22.96 -21.42
C5 NAG GB . 46.79 21.46 -21.35
C6 NAG GB . 47.29 20.70 -22.57
C7 NAG GB . 47.70 23.68 -16.63
C8 NAG GB . 47.09 24.32 -15.41
N2 NAG GB . 46.91 23.53 -17.68
O3 NAG GB . 47.07 25.00 -20.14
O4 NAG GB . 46.35 23.53 -22.51
O5 NAG GB . 47.46 20.89 -20.22
O6 NAG GB . 48.70 20.69 -22.64
O7 NAG GB . 48.88 23.31 -16.64
#